data_3UK6
#
_entry.id   3UK6
#
_cell.length_a   113.070
_cell.length_b   186.280
_cell.length_c   129.860
_cell.angle_alpha   90.00
_cell.angle_beta   108.95
_cell.angle_gamma   90.00
#
_symmetry.space_group_name_H-M   'P 1 21 1'
#
loop_
_entity.id
_entity.type
_entity.pdbx_description
1 polymer 'RuvB-like 2'
2 non-polymer "ADENOSINE-5'-DIPHOSPHATE"
#
_entity_poly.entity_id   1
_entity_poly.type   'polypeptide(L)'
_entity_poly.pdbx_seq_one_letter_code
;MATVTATTKVPEIRDVTRIERIGAHSHIRGLGLDDALEPRQASQGMVGQLAARRAAGVVLEMIREGKIAGRAVLIAGQPG
TGKTAIAMGMAQALGPDTPFTAIAGSEIFSLEMSKTEALTQAFRRSIGVRIKAGAVHTVSLHEIDVINSRTQGFLALFSG
DTGEIKSEVREQINAKVAEWREEGKAEIIPGVLFIDEVHMLDIESFSFLNRALESDMAPVLIMATNRGITRIRGTSYQSP
HGIPIDLLDRLLIVSTTPYSEKDTKQILRIRCEEEDVEMSEDAYTVLTRIGLETSLRYAIQLITAASLVCRKRKGTEVQV
DDIKRVYSLFLDESRSTQYMKEYQDAFLFNELKGETMDTSLEHHHHHH
;
_entity_poly.pdbx_strand_id   A,B,C,D,E,F,G,H,I,J,K,L
#
# COMPACT_ATOMS: atom_id res chain seq x y z
N ALA A 24 -25.16 -32.98 -43.74
CA ALA A 24 -24.92 -31.54 -43.49
C ALA A 24 -23.78 -30.94 -44.34
N HIS A 25 -22.75 -31.75 -44.69
CA HIS A 25 -21.61 -31.27 -45.49
C HIS A 25 -21.37 -32.13 -46.75
N SER A 26 -22.46 -32.75 -47.25
CA SER A 26 -22.50 -33.59 -48.44
C SER A 26 -21.86 -32.94 -49.65
N HIS A 27 -22.16 -31.66 -49.86
CA HIS A 27 -21.66 -30.83 -50.96
C HIS A 27 -20.17 -30.49 -50.90
N ILE A 28 -19.61 -30.35 -49.66
CA ILE A 28 -18.20 -30.01 -49.45
C ILE A 28 -17.32 -31.13 -50.01
N ARG A 29 -16.66 -30.84 -51.15
CA ARG A 29 -15.80 -31.76 -51.89
C ARG A 29 -14.33 -31.31 -51.90
N GLY A 30 -14.04 -30.22 -51.19
CA GLY A 30 -12.73 -29.62 -51.07
C GLY A 30 -12.82 -28.14 -50.71
N LEU A 31 -11.67 -27.45 -50.67
CA LEU A 31 -11.67 -26.01 -50.33
C LEU A 31 -11.91 -25.06 -51.55
N GLY A 32 -11.96 -25.61 -52.76
CA GLY A 32 -12.24 -24.88 -54.01
C GLY A 32 -11.28 -23.76 -54.35
N LEU A 33 -9.96 -24.03 -54.21
CA LEU A 33 -8.90 -23.05 -54.47
C LEU A 33 -8.15 -23.36 -55.77
N ASP A 34 -7.63 -22.31 -56.45
CA ASP A 34 -6.87 -22.49 -57.69
C ASP A 34 -5.43 -22.95 -57.44
N ASP A 35 -4.59 -22.98 -58.50
CA ASP A 35 -3.19 -23.39 -58.45
C ASP A 35 -2.34 -22.55 -57.47
N ALA A 36 -2.65 -21.24 -57.38
CA ALA A 36 -1.96 -20.29 -56.51
C ALA A 36 -2.56 -20.24 -55.09
N LEU A 37 -3.31 -21.29 -54.70
CA LEU A 37 -4.01 -21.45 -53.42
C LEU A 37 -5.04 -20.30 -53.12
N GLU A 38 -5.58 -19.69 -54.21
CA GLU A 38 -6.57 -18.61 -54.18
C GLU A 38 -8.01 -19.14 -54.41
N PRO A 39 -8.96 -18.81 -53.51
CA PRO A 39 -10.31 -19.34 -53.65
C PRO A 39 -11.17 -18.73 -54.77
N ARG A 40 -11.89 -19.60 -55.48
CA ARG A 40 -12.86 -19.22 -56.49
C ARG A 40 -14.18 -19.06 -55.71
N GLN A 41 -14.97 -18.00 -56.01
CA GLN A 41 -16.25 -17.67 -55.35
C GLN A 41 -17.14 -18.88 -55.02
N ALA A 42 -17.27 -19.84 -55.94
CA ALA A 42 -18.04 -21.07 -55.71
C ALA A 42 -17.38 -22.23 -56.44
N SER A 43 -16.81 -23.18 -55.69
CA SER A 43 -16.16 -24.41 -56.22
C SER A 43 -15.99 -25.45 -55.14
N GLN A 44 -16.10 -26.74 -55.54
CA GLN A 44 -16.00 -27.93 -54.67
C GLN A 44 -17.01 -27.89 -53.50
N GLY A 45 -18.16 -27.27 -53.76
CA GLY A 45 -19.24 -27.14 -52.79
C GLY A 45 -19.18 -25.86 -51.97
N MET A 46 -17.96 -25.30 -51.76
CA MET A 46 -17.69 -24.09 -50.97
C MET A 46 -18.14 -22.81 -51.68
N VAL A 47 -18.90 -21.95 -50.98
CA VAL A 47 -19.47 -20.69 -51.47
C VAL A 47 -18.98 -19.51 -50.63
N GLY A 48 -18.45 -18.48 -51.30
CA GLY A 48 -17.92 -17.27 -50.66
C GLY A 48 -16.85 -17.57 -49.63
N GLN A 49 -16.90 -16.92 -48.44
CA GLN A 49 -15.94 -17.11 -47.33
C GLN A 49 -14.49 -17.17 -47.88
N LEU A 50 -14.15 -16.17 -48.74
CA LEU A 50 -12.86 -16.14 -49.44
C LEU A 50 -11.62 -16.16 -48.53
N ALA A 51 -11.51 -15.23 -47.56
CA ALA A 51 -10.37 -15.13 -46.64
C ALA A 51 -10.07 -16.41 -45.86
N ALA A 52 -11.09 -16.99 -45.18
CA ALA A 52 -10.94 -18.22 -44.40
C ALA A 52 -10.53 -19.40 -45.27
N ARG A 53 -11.10 -19.48 -46.49
CA ARG A 53 -10.77 -20.54 -47.45
C ARG A 53 -9.34 -20.35 -47.96
N ARG A 54 -8.92 -19.07 -48.15
CA ARG A 54 -7.56 -18.69 -48.56
C ARG A 54 -6.55 -19.12 -47.45
N ALA A 55 -6.85 -18.77 -46.18
CA ALA A 55 -6.07 -19.12 -44.99
C ALA A 55 -5.98 -20.64 -44.84
N ALA A 56 -7.11 -21.36 -45.03
CA ALA A 56 -7.19 -22.81 -44.95
C ALA A 56 -6.28 -23.44 -46.02
N GLY A 57 -6.14 -22.77 -47.17
CA GLY A 57 -5.30 -23.17 -48.29
C GLY A 57 -3.85 -23.20 -47.87
N VAL A 58 -3.39 -22.14 -47.17
CA VAL A 58 -2.02 -22.03 -46.64
C VAL A 58 -1.78 -23.15 -45.62
N VAL A 59 -2.78 -23.42 -44.77
CA VAL A 59 -2.73 -24.49 -43.77
C VAL A 59 -2.58 -25.87 -44.45
N LEU A 60 -3.38 -26.13 -45.53
CA LEU A 60 -3.32 -27.38 -46.31
C LEU A 60 -1.91 -27.59 -46.88
N GLU A 61 -1.32 -26.56 -47.52
CA GLU A 61 0.02 -26.64 -48.07
C GLU A 61 1.06 -26.80 -46.95
N MET A 62 0.81 -26.21 -45.75
CA MET A 62 1.66 -26.37 -44.56
C MET A 62 1.64 -27.83 -44.09
N ILE A 63 0.43 -28.46 -44.03
CA ILE A 63 0.22 -29.87 -43.71
C ILE A 63 0.91 -30.78 -44.76
N ARG A 64 0.72 -30.47 -46.06
CA ARG A 64 1.32 -31.21 -47.18
C ARG A 64 2.85 -31.14 -47.21
N GLU A 65 3.43 -29.94 -47.03
CA GLU A 65 4.89 -29.75 -46.99
C GLU A 65 5.51 -30.16 -45.63
N GLY A 66 4.70 -30.75 -44.75
CA GLY A 66 5.10 -31.23 -43.43
C GLY A 66 5.49 -30.19 -42.39
N LYS A 67 5.05 -28.94 -42.58
CA LYS A 67 5.35 -27.81 -41.70
C LYS A 67 4.33 -27.59 -40.55
N ILE A 68 3.10 -28.17 -40.65
CA ILE A 68 2.05 -28.03 -39.62
C ILE A 68 2.36 -28.82 -38.33
N ALA A 69 3.41 -29.66 -38.34
CA ALA A 69 3.88 -30.50 -37.25
C ALA A 69 4.03 -29.79 -35.92
N GLY A 70 3.28 -30.27 -34.92
CA GLY A 70 3.26 -29.73 -33.56
C GLY A 70 2.22 -28.64 -33.34
N ARG A 71 1.63 -28.13 -34.41
CA ARG A 71 0.63 -27.07 -34.42
C ARG A 71 -0.79 -27.57 -34.75
N ALA A 72 -1.80 -26.78 -34.38
CA ALA A 72 -3.21 -27.07 -34.65
C ALA A 72 -3.89 -25.82 -35.21
N VAL A 73 -5.18 -25.91 -35.54
CA VAL A 73 -5.92 -24.80 -36.13
C VAL A 73 -7.07 -24.39 -35.20
N LEU A 74 -7.34 -23.08 -35.13
CA LEU A 74 -8.50 -22.57 -34.42
C LEU A 74 -9.29 -21.73 -35.42
N ILE A 75 -10.57 -22.07 -35.64
CA ILE A 75 -11.43 -21.29 -36.54
C ILE A 75 -12.38 -20.52 -35.63
N ALA A 76 -12.19 -19.20 -35.54
CA ALA A 76 -13.00 -18.34 -34.67
C ALA A 76 -14.01 -17.61 -35.52
N GLY A 77 -15.28 -17.80 -35.20
CA GLY A 77 -16.35 -17.17 -35.95
C GLY A 77 -17.73 -17.38 -35.34
N GLN A 78 -18.68 -16.48 -35.70
CA GLN A 78 -20.06 -16.55 -35.22
C GLN A 78 -20.70 -17.85 -35.70
N PRO A 79 -21.73 -18.42 -35.04
CA PRO A 79 -22.31 -19.69 -35.51
C PRO A 79 -22.86 -19.63 -36.94
N GLY A 80 -22.71 -20.74 -37.65
CA GLY A 80 -23.17 -20.86 -39.03
C GLY A 80 -22.36 -20.09 -40.03
N THR A 81 -21.03 -20.00 -39.83
CA THR A 81 -20.13 -19.31 -40.76
C THR A 81 -19.16 -20.28 -41.49
N GLY A 82 -19.58 -21.54 -41.63
CA GLY A 82 -18.80 -22.56 -42.32
C GLY A 82 -17.53 -23.04 -41.64
N LYS A 83 -17.44 -22.90 -40.31
CA LYS A 83 -16.29 -23.38 -39.54
C LYS A 83 -16.17 -24.91 -39.73
N THR A 84 -17.29 -25.65 -39.55
CA THR A 84 -17.33 -27.10 -39.78
C THR A 84 -17.08 -27.43 -41.26
N ALA A 85 -17.68 -26.64 -42.18
CA ALA A 85 -17.54 -26.80 -43.64
C ALA A 85 -16.08 -26.69 -44.08
N ILE A 86 -15.34 -25.67 -43.56
CA ILE A 86 -13.91 -25.49 -43.85
C ILE A 86 -13.11 -26.68 -43.31
N ALA A 87 -13.46 -27.21 -42.12
CA ALA A 87 -12.81 -28.39 -41.56
C ALA A 87 -13.07 -29.61 -42.46
N MET A 88 -14.31 -29.78 -42.94
CA MET A 88 -14.70 -30.84 -43.87
C MET A 88 -13.96 -30.70 -45.22
N GLY A 89 -13.82 -29.45 -45.69
CA GLY A 89 -13.11 -29.11 -46.92
C GLY A 89 -11.63 -29.44 -46.84
N MET A 90 -11.00 -29.20 -45.65
CA MET A 90 -9.59 -29.51 -45.39
C MET A 90 -9.36 -31.03 -45.46
N ALA A 91 -10.31 -31.83 -44.92
CA ALA A 91 -10.26 -33.30 -44.93
C ALA A 91 -10.31 -33.80 -46.37
N GLN A 92 -11.29 -33.31 -47.17
CA GLN A 92 -11.50 -33.65 -48.59
C GLN A 92 -10.26 -33.30 -49.42
N ALA A 93 -9.65 -32.13 -49.16
CA ALA A 93 -8.45 -31.62 -49.82
C ALA A 93 -7.23 -32.48 -49.49
N LEU A 94 -7.15 -33.01 -48.26
CA LEU A 94 -6.03 -33.87 -47.83
C LEU A 94 -6.07 -35.24 -48.56
N GLY A 95 -7.26 -35.65 -49.00
CA GLY A 95 -7.47 -36.90 -49.71
C GLY A 95 -8.89 -37.42 -49.60
N PRO A 96 -9.32 -38.33 -50.51
CA PRO A 96 -10.71 -38.83 -50.43
C PRO A 96 -10.95 -39.84 -49.31
N ASP A 97 -9.93 -40.62 -48.96
CA ASP A 97 -10.06 -41.63 -47.91
C ASP A 97 -9.80 -41.09 -46.47
N THR A 98 -9.28 -39.84 -46.36
CA THR A 98 -8.93 -39.15 -45.09
C THR A 98 -10.08 -39.08 -44.08
N PRO A 99 -9.96 -39.79 -42.91
CA PRO A 99 -11.06 -39.77 -41.93
C PRO A 99 -11.34 -38.38 -41.37
N PHE A 100 -12.62 -38.05 -41.22
CA PHE A 100 -13.01 -36.75 -40.66
C PHE A 100 -14.04 -36.99 -39.58
N THR A 101 -13.71 -36.58 -38.35
CA THR A 101 -14.65 -36.67 -37.24
C THR A 101 -14.83 -35.33 -36.57
N ALA A 102 -16.10 -34.92 -36.42
CA ALA A 102 -16.46 -33.65 -35.81
C ALA A 102 -17.21 -33.90 -34.50
N ILE A 103 -16.68 -33.35 -33.42
CA ILE A 103 -17.26 -33.48 -32.08
C ILE A 103 -17.40 -32.10 -31.47
N ALA A 104 -18.21 -31.98 -30.42
CA ALA A 104 -18.39 -30.73 -29.68
C ALA A 104 -17.69 -30.94 -28.33
N GLY A 105 -17.14 -29.85 -27.78
CA GLY A 105 -16.44 -29.89 -26.48
C GLY A 105 -17.24 -30.57 -25.39
N SER A 106 -18.56 -30.24 -25.32
CA SER A 106 -19.53 -30.78 -24.37
C SER A 106 -19.66 -32.32 -24.41
N GLU A 107 -19.42 -32.94 -25.60
CA GLU A 107 -19.48 -34.41 -25.80
C GLU A 107 -18.54 -35.19 -24.92
N ILE A 108 -17.40 -34.59 -24.49
CA ILE A 108 -16.40 -35.22 -23.63
C ILE A 108 -16.99 -35.57 -22.24
N PHE A 109 -17.98 -34.78 -21.78
CA PHE A 109 -18.68 -34.95 -20.48
C PHE A 109 -19.85 -35.95 -20.65
N SER A 110 -19.61 -37.22 -20.29
CA SER A 110 -20.56 -38.30 -20.52
C SER A 110 -20.83 -39.16 -19.31
N LEU A 111 -22.10 -39.61 -19.19
CA LEU A 111 -22.55 -40.51 -18.14
C LEU A 111 -22.05 -41.96 -18.53
N GLU A 112 -21.96 -42.20 -19.85
CA GLU A 112 -21.57 -43.42 -20.54
C GLU A 112 -20.08 -43.72 -20.55
N MET A 113 -19.18 -42.71 -20.49
CA MET A 113 -17.70 -42.89 -20.51
C MET A 113 -16.89 -41.71 -19.94
N SER A 114 -15.62 -41.96 -19.58
CA SER A 114 -14.69 -40.94 -19.06
C SER A 114 -14.30 -39.94 -20.16
N LYS A 115 -13.73 -38.77 -19.76
CA LYS A 115 -13.29 -37.75 -20.72
C LYS A 115 -12.11 -38.34 -21.53
N THR A 116 -11.24 -39.16 -20.88
CA THR A 116 -10.11 -39.83 -21.55
C THR A 116 -10.64 -40.71 -22.65
N GLU A 117 -11.69 -41.51 -22.33
CA GLU A 117 -12.32 -42.42 -23.29
C GLU A 117 -12.93 -41.64 -24.44
N ALA A 118 -13.76 -40.63 -24.11
CA ALA A 118 -14.41 -39.76 -25.08
C ALA A 118 -13.37 -39.19 -26.05
N LEU A 119 -12.25 -38.66 -25.51
CA LEU A 119 -11.15 -38.11 -26.31
C LEU A 119 -10.38 -39.17 -27.10
N THR A 120 -9.95 -40.31 -26.46
CA THR A 120 -9.24 -41.37 -27.18
C THR A 120 -10.09 -41.90 -28.36
N GLN A 121 -11.42 -42.01 -28.17
CA GLN A 121 -12.33 -42.46 -29.22
C GLN A 121 -12.39 -41.46 -30.36
N ALA A 122 -12.50 -40.16 -30.06
CA ALA A 122 -12.52 -39.09 -31.08
C ALA A 122 -11.23 -39.12 -31.91
N PHE A 123 -10.08 -39.34 -31.22
CA PHE A 123 -8.78 -39.46 -31.90
C PHE A 123 -8.68 -40.73 -32.73
N ARG A 124 -9.08 -41.89 -32.19
CA ARG A 124 -9.03 -43.17 -32.90
C ARG A 124 -10.04 -43.26 -34.08
N ARG A 125 -11.11 -42.44 -34.06
CA ARG A 125 -12.07 -42.34 -35.14
C ARG A 125 -11.43 -41.52 -36.29
N SER A 126 -10.41 -40.69 -35.95
CA SER A 126 -9.69 -39.80 -36.88
C SER A 126 -8.40 -40.37 -37.45
N ILE A 127 -7.98 -41.60 -37.04
CA ILE A 127 -6.78 -42.25 -37.60
C ILE A 127 -7.29 -43.42 -38.44
N GLY A 128 -7.06 -43.35 -39.76
CA GLY A 128 -7.46 -44.42 -40.68
C GLY A 128 -6.39 -45.48 -40.92
N VAL A 129 -6.83 -46.72 -41.23
CA VAL A 129 -5.98 -47.87 -41.56
C VAL A 129 -6.43 -48.41 -42.93
N ARG A 130 -5.58 -48.25 -43.98
CA ARG A 130 -5.90 -48.73 -45.34
C ARG A 130 -5.43 -50.19 -45.50
N ILE A 131 -6.41 -51.11 -45.48
CA ILE A 131 -6.22 -52.56 -45.54
C ILE A 131 -5.55 -53.02 -46.82
N THR A 138 -10.01 -47.88 -46.59
CA THR A 138 -9.64 -47.22 -45.35
C THR A 138 -10.74 -47.39 -44.29
N VAL A 139 -10.34 -47.82 -43.08
CA VAL A 139 -11.22 -48.03 -41.91
C VAL A 139 -10.57 -47.38 -40.66
N SER A 140 -11.37 -46.75 -39.80
CA SER A 140 -10.80 -46.08 -38.61
C SER A 140 -10.33 -47.08 -37.54
N LEU A 141 -9.35 -46.65 -36.70
CA LEU A 141 -8.84 -47.44 -35.58
C LEU A 141 -9.97 -47.79 -34.60
N HIS A 142 -10.89 -46.84 -34.38
CA HIS A 142 -12.06 -47.00 -33.51
C HIS A 142 -13.01 -48.08 -34.05
N GLU A 143 -13.24 -48.10 -35.40
CA GLU A 143 -14.11 -49.07 -36.07
C GLU A 143 -13.54 -50.47 -35.86
N ILE A 144 -12.20 -50.62 -35.95
CA ILE A 144 -11.46 -51.86 -35.70
C ILE A 144 -11.64 -52.26 -34.20
N ASP A 145 -11.65 -51.26 -33.28
CA ASP A 145 -11.82 -51.48 -31.84
C ASP A 145 -13.22 -52.04 -31.54
N VAL A 146 -14.27 -51.42 -32.16
CA VAL A 146 -15.67 -51.83 -32.00
C VAL A 146 -15.91 -53.25 -32.52
N ILE A 147 -15.46 -53.56 -33.77
CA ILE A 147 -15.62 -54.87 -34.41
C ILE A 147 -15.00 -56.01 -33.61
N ASN A 148 -13.83 -55.76 -32.98
CA ASN A 148 -13.13 -56.78 -32.17
C ASN A 148 -13.43 -56.66 -30.66
N SER A 149 -14.65 -56.19 -30.31
CA SER A 149 -15.15 -56.03 -28.93
C SER A 149 -16.49 -56.79 -28.77
N PHE A 154 -26.78 -54.74 -29.88
CA PHE A 154 -28.14 -54.75 -30.42
C PHE A 154 -28.84 -53.42 -30.15
N LEU A 155 -28.57 -52.80 -28.99
CA LEU A 155 -29.14 -51.53 -28.55
C LEU A 155 -28.30 -50.92 -27.44
N ALA A 156 -28.16 -49.57 -27.44
CA ALA A 156 -27.40 -48.83 -26.42
C ALA A 156 -28.23 -48.61 -25.11
N LEU A 157 -28.88 -49.71 -24.66
CA LEU A 157 -29.68 -49.87 -23.45
C LEU A 157 -29.07 -51.03 -22.62
N PHE A 158 -27.73 -51.23 -22.74
CA PHE A 158 -26.95 -52.24 -22.03
C PHE A 158 -27.08 -52.12 -20.51
N LYS A 166 -12.16 -51.62 -23.94
CA LYS A 166 -11.17 -52.32 -23.12
C LYS A 166 -9.74 -52.05 -23.60
N SER A 167 -8.83 -51.71 -22.66
CA SER A 167 -7.41 -51.39 -22.90
C SER A 167 -6.72 -52.53 -23.65
N GLU A 168 -7.03 -53.80 -23.25
CA GLU A 168 -6.48 -55.02 -23.83
C GLU A 168 -6.85 -55.14 -25.32
N VAL A 169 -8.13 -54.83 -25.67
CA VAL A 169 -8.63 -54.87 -27.04
C VAL A 169 -7.85 -53.88 -27.93
N ARG A 170 -7.60 -52.68 -27.40
CA ARG A 170 -6.85 -51.61 -28.07
C ARG A 170 -5.38 -51.94 -28.21
N GLU A 171 -4.81 -52.64 -27.19
CA GLU A 171 -3.42 -53.08 -27.16
C GLU A 171 -3.18 -54.13 -28.25
N GLN A 172 -4.17 -55.04 -28.47
CA GLN A 172 -4.12 -56.08 -29.50
C GLN A 172 -4.28 -55.45 -30.89
N ILE A 173 -5.27 -54.51 -31.05
CA ILE A 173 -5.53 -53.81 -32.32
C ILE A 173 -4.31 -52.98 -32.75
N ASN A 174 -3.67 -52.30 -31.79
CA ASN A 174 -2.47 -51.48 -32.04
C ASN A 174 -1.28 -52.35 -32.46
N ALA A 175 -1.19 -53.57 -31.89
CA ALA A 175 -0.13 -54.55 -32.18
C ALA A 175 -0.24 -55.07 -33.61
N LYS A 176 -1.46 -55.53 -34.02
CA LYS A 176 -1.75 -56.08 -35.36
C LYS A 176 -1.52 -55.03 -36.46
N VAL A 177 -1.94 -53.76 -36.19
CA VAL A 177 -1.77 -52.63 -37.10
C VAL A 177 -0.28 -52.31 -37.29
N ALA A 178 0.51 -52.40 -36.18
CA ALA A 178 1.97 -52.20 -36.20
C ALA A 178 2.65 -53.29 -37.04
N GLU A 179 2.17 -54.56 -36.92
CA GLU A 179 2.68 -55.72 -37.65
C GLU A 179 2.41 -55.55 -39.15
N TRP A 180 1.14 -55.23 -39.51
CA TRP A 180 0.70 -55.02 -40.90
C TRP A 180 1.43 -53.84 -41.57
N ARG A 181 1.64 -52.73 -40.84
CA ARG A 181 2.36 -51.54 -41.34
C ARG A 181 3.83 -51.88 -41.64
N GLU A 182 4.47 -52.69 -40.77
CA GLU A 182 5.86 -53.13 -40.91
C GLU A 182 6.03 -54.07 -42.11
N GLU A 183 5.01 -54.93 -42.38
CA GLU A 183 4.98 -55.88 -43.50
C GLU A 183 4.71 -55.16 -44.81
N GLY A 184 3.99 -54.04 -44.74
CA GLY A 184 3.61 -53.25 -45.91
C GLY A 184 2.26 -53.68 -46.47
N LYS A 185 1.34 -54.12 -45.58
CA LYS A 185 -0.01 -54.56 -45.95
C LYS A 185 -1.03 -53.44 -45.73
N ILE A 189 -3.33 -43.75 -42.23
CA ILE A 189 -3.75 -42.46 -42.78
C ILE A 189 -4.39 -41.53 -41.69
N PRO A 190 -3.61 -40.61 -41.05
CA PRO A 190 -4.21 -39.73 -40.03
C PRO A 190 -5.08 -38.66 -40.70
N GLY A 191 -6.33 -38.57 -40.24
CA GLY A 191 -7.30 -37.65 -40.81
C GLY A 191 -7.37 -36.29 -40.16
N VAL A 192 -8.59 -35.81 -39.95
CA VAL A 192 -8.90 -34.49 -39.37
C VAL A 192 -9.85 -34.69 -38.19
N LEU A 193 -9.57 -34.04 -37.05
CA LEU A 193 -10.43 -34.07 -35.87
C LEU A 193 -10.90 -32.65 -35.61
N PHE A 194 -12.21 -32.44 -35.76
CA PHE A 194 -12.82 -31.14 -35.54
C PHE A 194 -13.49 -31.09 -34.17
N ILE A 195 -13.08 -30.14 -33.30
CA ILE A 195 -13.65 -29.94 -31.98
C ILE A 195 -14.34 -28.58 -31.93
N ASP A 196 -15.68 -28.59 -32.05
CA ASP A 196 -16.52 -27.41 -31.97
C ASP A 196 -16.74 -27.07 -30.48
N GLU A 197 -17.21 -25.83 -30.17
CA GLU A 197 -17.50 -25.39 -28.79
C GLU A 197 -16.35 -25.74 -27.84
N VAL A 198 -15.11 -25.48 -28.29
CA VAL A 198 -13.87 -25.82 -27.59
C VAL A 198 -13.70 -25.23 -26.16
N HIS A 199 -14.35 -24.08 -25.91
CA HIS A 199 -14.38 -23.36 -24.65
C HIS A 199 -15.13 -24.16 -23.56
N MET A 200 -15.73 -25.32 -23.93
CA MET A 200 -16.41 -26.22 -23.01
C MET A 200 -15.40 -27.17 -22.39
N LEU A 201 -14.24 -27.35 -23.02
CA LEU A 201 -13.24 -28.26 -22.49
C LEU A 201 -12.58 -27.63 -21.27
N ASP A 202 -12.18 -28.47 -20.29
CA ASP A 202 -11.49 -28.01 -19.11
C ASP A 202 -9.97 -28.10 -19.31
N ILE A 203 -9.20 -27.57 -18.35
CA ILE A 203 -7.75 -27.58 -18.36
C ILE A 203 -7.11 -28.98 -18.55
N GLU A 204 -7.70 -30.03 -17.95
CA GLU A 204 -7.18 -31.41 -18.08
C GLU A 204 -7.34 -31.93 -19.50
N SER A 205 -8.47 -31.60 -20.16
CA SER A 205 -8.77 -32.00 -21.53
C SER A 205 -7.80 -31.31 -22.49
N PHE A 206 -7.50 -30.02 -22.24
CA PHE A 206 -6.56 -29.26 -23.05
C PHE A 206 -5.18 -29.86 -22.99
N SER A 207 -4.77 -30.36 -21.80
CA SER A 207 -3.49 -31.04 -21.62
C SER A 207 -3.44 -32.30 -22.49
N PHE A 208 -4.58 -33.03 -22.60
CA PHE A 208 -4.69 -34.24 -23.44
C PHE A 208 -4.46 -33.87 -24.91
N LEU A 209 -5.12 -32.79 -25.40
CA LEU A 209 -4.96 -32.30 -26.78
C LEU A 209 -3.52 -31.91 -27.09
N ASN A 210 -2.89 -31.22 -26.12
CA ASN A 210 -1.51 -30.75 -26.18
C ASN A 210 -0.55 -31.94 -26.33
N ARG A 211 -0.71 -32.98 -25.50
CA ARG A 211 0.13 -34.17 -25.55
C ARG A 211 -0.13 -34.97 -26.83
N ALA A 212 -1.37 -34.94 -27.34
CA ALA A 212 -1.76 -35.61 -28.58
C ALA A 212 -1.01 -35.04 -29.78
N LEU A 213 -0.82 -33.69 -29.83
CA LEU A 213 -0.10 -32.94 -30.86
C LEU A 213 1.40 -33.34 -30.95
N GLU A 214 1.94 -33.99 -29.92
CA GLU A 214 3.33 -34.45 -29.89
C GLU A 214 3.55 -35.76 -30.70
N SER A 215 2.46 -36.48 -31.02
CA SER A 215 2.51 -37.73 -31.79
C SER A 215 2.57 -37.51 -33.30
N ASP A 216 3.33 -38.38 -34.00
CA ASP A 216 3.49 -38.34 -35.46
C ASP A 216 2.23 -38.82 -36.20
N MET A 217 1.56 -39.87 -35.64
CA MET A 217 0.36 -40.47 -36.22
C MET A 217 -0.94 -39.74 -35.84
N ALA A 218 -0.83 -38.61 -35.12
CA ALA A 218 -1.97 -37.77 -34.70
C ALA A 218 -2.71 -37.12 -35.89
N PRO A 219 -4.04 -36.95 -35.84
CA PRO A 219 -4.74 -36.27 -36.95
C PRO A 219 -4.55 -34.75 -36.88
N VAL A 220 -4.99 -34.02 -37.91
CA VAL A 220 -4.90 -32.56 -37.88
C VAL A 220 -5.99 -32.09 -36.92
N LEU A 221 -5.61 -31.36 -35.87
CA LEU A 221 -6.58 -30.88 -34.89
C LEU A 221 -7.12 -29.52 -35.33
N ILE A 222 -8.43 -29.43 -35.53
CA ILE A 222 -9.07 -28.17 -35.91
C ILE A 222 -10.13 -27.87 -34.84
N MET A 223 -9.90 -26.82 -34.04
CA MET A 223 -10.85 -26.41 -33.01
C MET A 223 -11.65 -25.21 -33.50
N ALA A 224 -12.84 -24.99 -32.90
CA ALA A 224 -13.65 -23.84 -33.24
C ALA A 224 -14.44 -23.30 -32.06
N THR A 225 -14.60 -21.96 -32.03
CA THR A 225 -15.35 -21.22 -31.02
C THR A 225 -15.91 -19.93 -31.60
N ASN A 226 -16.88 -19.35 -30.89
CA ASN A 226 -17.50 -18.07 -31.23
C ASN A 226 -17.25 -17.07 -30.10
N ARG A 227 -16.50 -17.51 -29.07
CA ARG A 227 -16.19 -16.75 -27.87
C ARG A 227 -14.89 -16.00 -27.97
N GLY A 228 -14.85 -14.81 -27.36
CA GLY A 228 -13.65 -14.00 -27.23
C GLY A 228 -12.97 -14.46 -25.96
N ILE A 229 -12.77 -13.56 -24.99
CA ILE A 229 -12.18 -13.95 -23.71
C ILE A 229 -13.23 -14.73 -22.86
N THR A 230 -12.83 -15.84 -22.24
CA THR A 230 -13.69 -16.66 -21.35
C THR A 230 -12.82 -17.37 -20.36
N ARG A 231 -13.42 -17.83 -19.26
CA ARG A 231 -12.67 -18.57 -18.24
C ARG A 231 -12.30 -19.91 -18.80
N ILE A 232 -11.11 -20.43 -18.44
CA ILE A 232 -10.68 -21.78 -18.79
C ILE A 232 -11.45 -22.63 -17.75
N ARG A 233 -12.27 -23.59 -18.16
CA ARG A 233 -13.01 -24.44 -17.21
C ARG A 233 -12.01 -25.19 -16.30
N GLY A 234 -12.34 -25.23 -15.02
CA GLY A 234 -11.52 -25.85 -14.00
C GLY A 234 -10.44 -24.89 -13.53
N THR A 235 -10.67 -23.58 -13.79
CA THR A 235 -9.70 -22.51 -13.54
C THR A 235 -10.45 -21.23 -13.25
N SER A 236 -9.79 -20.31 -12.55
CA SER A 236 -10.34 -19.00 -12.18
C SER A 236 -9.79 -17.91 -13.11
N TYR A 237 -9.02 -18.30 -14.16
CA TYR A 237 -8.41 -17.38 -15.14
C TYR A 237 -9.17 -17.30 -16.42
N GLN A 238 -9.22 -16.10 -16.99
CA GLN A 238 -9.83 -15.82 -18.28
C GLN A 238 -8.73 -15.94 -19.32
N SER A 239 -9.08 -16.25 -20.56
CA SER A 239 -8.11 -16.44 -21.64
C SER A 239 -8.80 -16.33 -22.99
N PRO A 240 -8.10 -15.88 -24.06
CA PRO A 240 -8.74 -15.86 -25.39
C PRO A 240 -9.29 -17.22 -25.76
N HIS A 241 -10.58 -17.26 -26.09
CA HIS A 241 -11.33 -18.43 -26.54
C HIS A 241 -11.48 -19.53 -25.49
N GLY A 242 -11.06 -19.24 -24.26
CA GLY A 242 -11.08 -20.18 -23.15
C GLY A 242 -10.05 -21.28 -23.28
N ILE A 243 -8.97 -21.03 -24.05
CA ILE A 243 -7.86 -21.95 -24.32
C ILE A 243 -6.61 -21.51 -23.53
N PRO A 244 -5.88 -22.41 -22.84
CA PRO A 244 -4.65 -22.02 -22.14
C PRO A 244 -3.55 -21.47 -23.07
N ILE A 245 -2.67 -20.57 -22.54
CA ILE A 245 -1.58 -19.96 -23.31
C ILE A 245 -0.69 -21.01 -23.98
N ASP A 246 -0.37 -22.14 -23.30
CA ASP A 246 0.44 -23.23 -23.85
C ASP A 246 -0.07 -23.77 -25.16
N LEU A 247 -1.39 -24.01 -25.28
CA LEU A 247 -2.01 -24.48 -26.52
C LEU A 247 -2.19 -23.33 -27.52
N LEU A 248 -2.68 -22.16 -27.06
CA LEU A 248 -2.88 -20.98 -27.90
C LEU A 248 -1.62 -20.62 -28.70
N ASP A 249 -0.44 -20.68 -28.05
CA ASP A 249 0.85 -20.39 -28.65
C ASP A 249 1.22 -21.36 -29.77
N ARG A 250 0.52 -22.53 -29.87
CA ARG A 250 0.75 -23.57 -30.88
C ARG A 250 -0.34 -23.58 -31.95
N LEU A 251 -1.31 -22.65 -31.90
CA LEU A 251 -2.44 -22.57 -32.84
C LEU A 251 -2.27 -21.56 -33.96
N LEU A 252 -2.88 -21.86 -35.12
CA LEU A 252 -2.98 -20.95 -36.25
C LEU A 252 -4.44 -20.51 -36.26
N ILE A 253 -4.69 -19.25 -35.85
CA ILE A 253 -6.07 -18.71 -35.75
C ILE A 253 -6.60 -18.17 -37.10
N VAL A 254 -7.72 -18.74 -37.56
CA VAL A 254 -8.42 -18.37 -38.79
C VAL A 254 -9.80 -17.82 -38.38
N SER A 255 -10.28 -16.73 -38.99
CA SER A 255 -11.60 -16.20 -38.64
C SER A 255 -12.57 -16.26 -39.80
N THR A 256 -13.85 -16.54 -39.51
CA THR A 256 -14.91 -16.59 -40.51
C THR A 256 -15.87 -15.43 -40.31
N THR A 257 -16.18 -14.71 -41.40
CA THR A 257 -17.10 -13.57 -41.40
C THR A 257 -18.53 -14.08 -41.69
N PRO A 258 -19.61 -13.40 -41.22
CA PRO A 258 -20.97 -13.90 -41.53
C PRO A 258 -21.31 -13.67 -43.00
N TYR A 259 -22.19 -14.51 -43.56
CA TYR A 259 -22.58 -14.45 -44.97
C TYR A 259 -23.54 -13.34 -45.35
N SER A 260 -23.40 -12.87 -46.60
CA SER A 260 -24.25 -11.85 -47.20
C SER A 260 -25.59 -12.50 -47.61
N GLU A 261 -26.54 -11.69 -48.10
CA GLU A 261 -27.83 -12.19 -48.60
C GLU A 261 -27.59 -13.14 -49.79
N LYS A 262 -26.69 -12.74 -50.72
CA LYS A 262 -26.35 -13.51 -51.92
C LYS A 262 -25.64 -14.83 -51.58
N ASP A 263 -24.73 -14.82 -50.60
CA ASP A 263 -24.01 -16.02 -50.17
C ASP A 263 -24.93 -17.01 -49.43
N THR A 264 -25.81 -16.49 -48.54
CA THR A 264 -26.79 -17.27 -47.77
C THR A 264 -27.72 -18.04 -48.72
N LYS A 265 -28.20 -17.35 -49.77
CA LYS A 265 -29.09 -17.93 -50.78
C LYS A 265 -28.40 -19.07 -51.50
N GLN A 266 -27.13 -18.88 -51.88
CA GLN A 266 -26.36 -19.91 -52.60
C GLN A 266 -26.17 -21.17 -51.77
N ILE A 267 -25.77 -21.03 -50.49
CA ILE A 267 -25.61 -22.14 -49.55
C ILE A 267 -26.94 -22.88 -49.38
N LEU A 268 -28.06 -22.13 -49.24
CA LEU A 268 -29.41 -22.69 -49.10
C LEU A 268 -29.83 -23.45 -50.34
N ARG A 269 -29.49 -22.94 -51.56
CA ARG A 269 -29.81 -23.61 -52.83
C ARG A 269 -29.05 -24.94 -52.94
N ILE A 270 -27.79 -24.97 -52.45
CA ILE A 270 -26.93 -26.16 -52.43
C ILE A 270 -27.52 -27.22 -51.47
N ARG A 271 -28.01 -26.78 -50.28
CA ARG A 271 -28.60 -27.70 -49.30
C ARG A 271 -29.89 -28.35 -49.80
N CYS A 272 -30.73 -27.57 -50.53
CA CYS A 272 -31.96 -28.04 -51.14
C CYS A 272 -31.68 -29.15 -52.14
N GLU A 273 -30.61 -28.99 -52.96
CA GLU A 273 -30.16 -30.00 -53.93
C GLU A 273 -29.73 -31.26 -53.20
N GLU A 274 -28.94 -31.11 -52.12
CA GLU A 274 -28.44 -32.23 -51.31
C GLU A 274 -29.57 -33.07 -50.73
N GLU A 275 -30.64 -32.41 -50.23
CA GLU A 275 -31.85 -33.04 -49.68
C GLU A 275 -32.91 -33.38 -50.78
N ASP A 276 -32.59 -33.10 -52.06
CA ASP A 276 -33.47 -33.31 -53.24
C ASP A 276 -34.83 -32.63 -53.04
N VAL A 277 -34.76 -31.31 -52.81
CA VAL A 277 -35.91 -30.43 -52.57
C VAL A 277 -35.86 -29.30 -53.62
N GLU A 278 -36.98 -29.03 -54.29
CA GLU A 278 -37.06 -27.94 -55.26
C GLU A 278 -37.89 -26.79 -54.68
N MET A 279 -37.34 -25.56 -54.75
CA MET A 279 -37.99 -24.36 -54.23
C MET A 279 -38.26 -23.28 -55.30
N SER A 280 -39.26 -22.42 -55.06
CA SER A 280 -39.55 -21.28 -55.94
C SER A 280 -38.50 -20.20 -55.65
N GLU A 281 -38.17 -19.34 -56.64
CA GLU A 281 -37.17 -18.28 -56.45
C GLU A 281 -37.56 -17.30 -55.32
N ASP A 282 -38.88 -17.07 -55.18
CA ASP A 282 -39.49 -16.22 -54.14
C ASP A 282 -39.38 -16.92 -52.77
N ALA A 283 -39.50 -18.28 -52.72
CA ALA A 283 -39.35 -19.06 -51.49
C ALA A 283 -37.90 -19.00 -51.02
N TYR A 284 -36.94 -18.98 -51.97
CA TYR A 284 -35.51 -18.87 -51.67
C TYR A 284 -35.22 -17.50 -51.05
N THR A 285 -35.89 -16.43 -51.55
CA THR A 285 -35.77 -15.07 -51.03
C THR A 285 -36.26 -15.00 -49.57
N VAL A 286 -37.45 -15.60 -49.29
CA VAL A 286 -38.02 -15.67 -47.94
C VAL A 286 -37.05 -16.42 -47.01
N LEU A 287 -36.56 -17.62 -47.42
CA LEU A 287 -35.64 -18.44 -46.63
C LEU A 287 -34.33 -17.71 -46.35
N THR A 288 -33.76 -17.01 -47.36
CA THR A 288 -32.53 -16.23 -47.17
C THR A 288 -32.78 -15.10 -46.14
N ARG A 289 -33.99 -14.50 -46.14
CA ARG A 289 -34.35 -13.48 -45.14
C ARG A 289 -34.45 -14.14 -43.75
N ILE A 290 -35.19 -15.30 -43.64
CA ILE A 290 -35.36 -16.05 -42.40
C ILE A 290 -34.01 -16.47 -41.82
N GLY A 291 -33.09 -16.84 -42.70
CA GLY A 291 -31.73 -17.24 -42.32
C GLY A 291 -30.89 -16.09 -41.79
N LEU A 292 -30.99 -14.92 -42.45
CA LEU A 292 -30.25 -13.72 -42.05
C LEU A 292 -30.77 -13.14 -40.71
N GLU A 293 -32.08 -13.25 -40.46
CA GLU A 293 -32.72 -12.73 -39.24
C GLU A 293 -32.57 -13.70 -38.06
N THR A 294 -32.44 -15.01 -38.30
CA THR A 294 -32.30 -16.03 -37.26
C THR A 294 -30.89 -16.63 -37.30
N SER A 295 -30.72 -17.76 -38.00
CA SER A 295 -29.45 -18.47 -38.20
C SER A 295 -29.53 -19.34 -39.49
N LEU A 296 -28.35 -19.67 -40.07
CA LEU A 296 -28.28 -20.51 -41.26
C LEU A 296 -28.77 -21.91 -40.92
N ARG A 297 -28.47 -22.39 -39.67
CA ARG A 297 -28.92 -23.71 -39.16
C ARG A 297 -30.47 -23.80 -39.11
N TYR A 298 -31.15 -22.73 -38.60
CA TYR A 298 -32.63 -22.71 -38.52
C TYR A 298 -33.23 -22.68 -39.93
N ALA A 299 -32.65 -21.88 -40.84
CA ALA A 299 -33.13 -21.84 -42.22
C ALA A 299 -33.00 -23.23 -42.85
N ILE A 300 -31.85 -23.93 -42.61
CA ILE A 300 -31.58 -25.29 -43.13
C ILE A 300 -32.56 -26.32 -42.53
N GLN A 301 -32.92 -26.14 -41.24
CA GLN A 301 -33.87 -27.02 -40.54
C GLN A 301 -35.23 -26.96 -41.20
N LEU A 302 -35.63 -25.75 -41.69
CA LEU A 302 -36.92 -25.53 -42.33
C LEU A 302 -37.07 -26.20 -43.69
N ILE A 303 -35.97 -26.36 -44.48
CA ILE A 303 -35.96 -27.01 -45.81
C ILE A 303 -36.72 -28.36 -45.79
N THR A 304 -36.37 -29.25 -44.84
CA THR A 304 -36.99 -30.57 -44.68
C THR A 304 -38.48 -30.50 -44.31
N ALA A 305 -38.85 -29.63 -43.35
CA ALA A 305 -40.22 -29.43 -42.88
C ALA A 305 -41.12 -28.83 -43.98
N ALA A 306 -40.61 -27.80 -44.70
CA ALA A 306 -41.32 -27.15 -45.80
C ALA A 306 -41.57 -28.12 -46.96
N SER A 307 -40.62 -29.04 -47.22
CA SER A 307 -40.72 -30.09 -48.25
C SER A 307 -41.81 -31.08 -47.87
N LEU A 308 -41.94 -31.40 -46.56
CA LEU A 308 -42.96 -32.31 -46.04
C LEU A 308 -44.36 -31.70 -46.22
N VAL A 309 -44.53 -30.41 -45.88
CA VAL A 309 -45.77 -29.63 -46.03
C VAL A 309 -46.16 -29.57 -47.51
N CYS A 310 -45.18 -29.29 -48.40
CA CYS A 310 -45.34 -29.23 -49.85
C CYS A 310 -45.80 -30.60 -50.40
N ARG A 311 -45.17 -31.71 -49.94
CA ARG A 311 -45.53 -33.07 -50.34
C ARG A 311 -46.94 -33.43 -49.84
N LYS A 312 -47.32 -32.96 -48.62
CA LYS A 312 -48.66 -33.18 -48.05
C LYS A 312 -49.76 -32.47 -48.89
N ARG A 313 -49.42 -31.25 -49.40
CA ARG A 313 -50.28 -30.41 -50.25
C ARG A 313 -50.38 -31.00 -51.66
N LYS A 314 -49.73 -32.18 -51.88
CA LYS A 314 -49.61 -32.92 -53.15
C LYS A 314 -48.92 -32.02 -54.18
N GLY A 315 -47.84 -31.37 -53.73
CA GLY A 315 -47.07 -30.40 -54.50
C GLY A 315 -45.71 -30.85 -54.97
N THR A 316 -45.15 -30.08 -55.92
CA THR A 316 -43.86 -30.33 -56.57
C THR A 316 -42.77 -29.38 -56.10
N GLU A 317 -43.00 -28.05 -56.22
CA GLU A 317 -42.04 -27.01 -55.83
C GLU A 317 -42.51 -26.27 -54.59
N VAL A 318 -41.63 -26.16 -53.58
CA VAL A 318 -41.85 -25.47 -52.30
C VAL A 318 -42.03 -23.97 -52.58
N GLN A 319 -43.22 -23.41 -52.28
CA GLN A 319 -43.54 -21.99 -52.50
C GLN A 319 -43.45 -21.21 -51.17
N VAL A 320 -43.49 -19.84 -51.22
CA VAL A 320 -43.40 -18.95 -50.05
C VAL A 320 -44.33 -19.33 -48.89
N ASP A 321 -45.58 -19.73 -49.20
CA ASP A 321 -46.57 -20.16 -48.20
C ASP A 321 -46.16 -21.40 -47.41
N ASP A 322 -45.38 -22.33 -48.01
CA ASP A 322 -44.87 -23.52 -47.33
C ASP A 322 -43.80 -23.12 -46.31
N ILE A 323 -42.81 -22.28 -46.72
CA ILE A 323 -41.75 -21.76 -45.84
C ILE A 323 -42.39 -20.91 -44.74
N LYS A 324 -43.45 -20.12 -45.09
CA LYS A 324 -44.20 -19.26 -44.15
C LYS A 324 -44.90 -20.07 -43.04
N ARG A 325 -45.64 -21.14 -43.41
CA ARG A 325 -46.35 -22.01 -42.48
C ARG A 325 -45.39 -22.65 -41.49
N VAL A 326 -44.34 -23.26 -42.03
CA VAL A 326 -43.30 -23.96 -41.30
C VAL A 326 -42.50 -23.06 -40.33
N TYR A 327 -42.32 -21.77 -40.70
CA TYR A 327 -41.65 -20.78 -39.87
C TYR A 327 -42.49 -20.47 -38.64
N SER A 328 -43.82 -20.31 -38.82
CA SER A 328 -44.71 -20.02 -37.71
C SER A 328 -44.94 -21.25 -36.80
N LEU A 329 -44.77 -22.47 -37.35
CA LEU A 329 -44.95 -23.72 -36.60
C LEU A 329 -43.76 -24.06 -35.73
N PHE A 330 -42.56 -24.12 -36.33
CA PHE A 330 -41.32 -24.48 -35.66
C PHE A 330 -40.49 -23.25 -35.35
N LEU A 331 -40.36 -22.95 -34.05
CA LEU A 331 -39.64 -21.77 -33.55
C LEU A 331 -38.15 -21.92 -33.54
N ASP A 332 -37.48 -20.77 -33.57
CA ASP A 332 -36.03 -20.64 -33.48
C ASP A 332 -35.73 -20.18 -32.04
N GLU A 333 -34.46 -20.36 -31.59
CA GLU A 333 -34.01 -19.99 -30.23
C GLU A 333 -34.49 -18.60 -29.77
N SER A 334 -34.39 -17.55 -30.64
CA SER A 334 -34.81 -16.16 -30.31
C SER A 334 -36.27 -16.04 -29.94
N ARG A 335 -37.19 -16.62 -30.74
CA ARG A 335 -38.63 -16.60 -30.48
C ARG A 335 -39.01 -17.47 -29.28
N SER A 336 -38.49 -18.72 -29.20
CA SER A 336 -38.83 -19.61 -28.09
C SER A 336 -38.42 -19.05 -26.70
N THR A 337 -37.23 -18.45 -26.61
CA THR A 337 -36.78 -17.84 -25.36
C THR A 337 -37.58 -16.57 -25.03
N GLN A 338 -37.96 -15.77 -26.05
CA GLN A 338 -38.74 -14.56 -25.82
C GLN A 338 -40.17 -14.87 -25.41
N TYR A 339 -40.78 -15.93 -25.98
CA TYR A 339 -42.15 -16.37 -25.64
C TYR A 339 -42.21 -16.87 -24.18
N MET A 340 -41.11 -17.50 -23.69
CA MET A 340 -40.97 -17.99 -22.32
C MET A 340 -40.83 -16.85 -21.29
N LYS A 341 -40.25 -15.71 -21.72
CA LYS A 341 -40.09 -14.51 -20.89
C LYS A 341 -41.31 -13.58 -21.09
N GLY B 23 11.90 -26.67 -31.96
CA GLY B 23 13.16 -26.00 -32.19
C GLY B 23 13.16 -24.47 -32.12
N ALA B 24 12.28 -23.88 -31.29
CA ALA B 24 12.16 -22.42 -31.09
C ALA B 24 13.41 -21.75 -30.53
N HIS B 25 14.32 -22.53 -29.90
CA HIS B 25 15.53 -22.00 -29.25
C HIS B 25 16.80 -22.64 -29.81
N SER B 26 16.74 -23.07 -31.09
CA SER B 26 17.82 -23.69 -31.86
C SER B 26 19.10 -22.87 -31.76
N HIS B 27 18.97 -21.54 -31.90
CA HIS B 27 20.07 -20.58 -31.87
C HIS B 27 20.74 -20.42 -30.51
N ILE B 28 19.97 -20.57 -29.40
CA ILE B 28 20.49 -20.41 -28.05
C ILE B 28 21.54 -21.49 -27.76
N ARG B 29 22.82 -21.07 -27.75
CA ARG B 29 24.00 -21.91 -27.53
C ARG B 29 24.73 -21.57 -26.21
N GLY B 30 24.17 -20.63 -25.44
CA GLY B 30 24.69 -20.16 -24.16
C GLY B 30 24.15 -18.78 -23.84
N LEU B 31 24.61 -18.20 -22.71
CA LEU B 31 24.16 -16.86 -22.31
C LEU B 31 24.94 -15.67 -23.00
N GLY B 32 26.01 -16.00 -23.75
CA GLY B 32 26.85 -15.05 -24.48
C GLY B 32 27.52 -13.99 -23.62
N LEU B 33 28.14 -14.42 -22.52
CA LEU B 33 28.76 -13.53 -21.52
C LEU B 33 30.25 -13.67 -21.54
N ASP B 34 30.97 -12.57 -21.23
CA ASP B 34 32.43 -12.61 -21.17
C ASP B 34 32.96 -13.29 -19.89
N ASP B 35 34.28 -13.25 -19.69
CA ASP B 35 34.97 -13.82 -18.53
C ASP B 35 34.47 -13.25 -17.19
N ALA B 36 34.15 -11.94 -17.18
CA ALA B 36 33.64 -11.19 -16.02
C ALA B 36 32.13 -11.31 -15.82
N LEU B 37 31.51 -12.34 -16.46
CA LEU B 37 30.07 -12.65 -16.44
C LEU B 37 29.19 -11.52 -17.00
N GLU B 38 29.76 -10.67 -17.89
CA GLU B 38 29.12 -9.52 -18.53
C GLU B 38 28.64 -9.85 -19.96
N PRO B 39 27.34 -9.60 -20.27
CA PRO B 39 26.83 -9.95 -21.59
C PRO B 39 27.27 -9.05 -22.75
N ARG B 40 27.66 -9.68 -23.87
CA ARG B 40 27.99 -9.02 -25.14
C ARG B 40 26.61 -8.90 -25.86
N GLN B 41 26.30 -7.72 -26.47
CA GLN B 41 25.02 -7.42 -27.14
C GLN B 41 24.42 -8.59 -27.93
N ALA B 42 25.26 -9.30 -28.70
CA ALA B 42 24.83 -10.46 -29.49
C ALA B 42 25.91 -11.53 -29.52
N SER B 43 25.68 -12.68 -28.84
CA SER B 43 26.59 -13.83 -28.78
C SER B 43 25.90 -15.09 -28.28
N GLN B 44 26.36 -16.25 -28.77
CA GLN B 44 25.84 -17.59 -28.49
C GLN B 44 24.33 -17.72 -28.75
N GLY B 45 23.84 -16.95 -29.72
CA GLY B 45 22.44 -16.92 -30.11
C GLY B 45 21.62 -15.85 -29.42
N MET B 46 22.02 -15.46 -28.19
CA MET B 46 21.34 -14.44 -27.38
C MET B 46 21.57 -13.02 -27.91
N VAL B 47 20.47 -12.24 -28.04
CA VAL B 47 20.46 -10.86 -28.51
C VAL B 47 19.81 -9.94 -27.44
N GLY B 48 20.53 -8.87 -27.11
CA GLY B 48 20.09 -7.88 -26.13
C GLY B 48 19.81 -8.50 -24.77
N GLN B 49 18.72 -8.03 -24.10
CA GLN B 49 18.27 -8.48 -22.78
C GLN B 49 19.48 -8.57 -21.84
N LEU B 50 20.28 -7.49 -21.81
CA LEU B 50 21.53 -7.41 -21.07
C LEU B 50 21.44 -7.69 -19.57
N ALA B 51 20.56 -6.96 -18.84
CA ALA B 51 20.38 -7.14 -17.40
C ALA B 51 19.98 -8.55 -16.98
N ALA B 52 18.94 -9.13 -17.56
CA ALA B 52 18.48 -10.49 -17.25
C ALA B 52 19.56 -11.53 -17.53
N ARG B 53 20.31 -11.36 -18.63
CA ARG B 53 21.41 -12.27 -19.01
C ARG B 53 22.56 -12.13 -18.01
N ARG B 54 22.81 -10.88 -17.55
CA ARG B 54 23.83 -10.54 -16.55
C ARG B 54 23.44 -11.24 -15.24
N ALA B 55 22.16 -11.10 -14.80
CA ALA B 55 21.61 -11.70 -13.58
C ALA B 55 21.70 -13.22 -13.63
N ALA B 56 21.36 -13.83 -14.79
CA ALA B 56 21.45 -15.28 -15.04
C ALA B 56 22.92 -15.77 -14.88
N GLY B 57 23.87 -14.89 -15.23
CA GLY B 57 25.29 -15.15 -15.10
C GLY B 57 25.70 -15.32 -13.65
N VAL B 58 25.23 -14.39 -12.79
CA VAL B 58 25.48 -14.38 -11.34
C VAL B 58 24.88 -15.65 -10.74
N VAL B 59 23.67 -16.06 -11.19
CA VAL B 59 23.00 -17.29 -10.76
C VAL B 59 23.85 -18.52 -11.11
N LEU B 60 24.37 -18.59 -12.35
CA LEU B 60 25.20 -19.70 -12.82
C LEU B 60 26.43 -19.84 -11.91
N GLU B 61 27.15 -18.72 -11.65
CA GLU B 61 28.34 -18.71 -10.79
C GLU B 61 27.95 -19.06 -9.34
N MET B 62 26.74 -18.67 -8.90
CA MET B 62 26.21 -19.02 -7.57
C MET B 62 26.00 -20.52 -7.47
N ILE B 63 25.43 -21.14 -8.55
CA ILE B 63 25.23 -22.60 -8.66
C ILE B 63 26.60 -23.33 -8.66
N ARG B 64 27.55 -22.82 -9.47
CA ARG B 64 28.91 -23.36 -9.59
C ARG B 64 29.71 -23.27 -8.27
N GLU B 65 29.69 -22.11 -7.60
CA GLU B 65 30.38 -21.90 -6.33
C GLU B 65 29.62 -22.49 -5.12
N GLY B 66 28.55 -23.25 -5.40
CA GLY B 66 27.72 -23.93 -4.40
C GLY B 66 26.91 -23.07 -3.46
N LYS B 67 26.63 -21.82 -3.86
CA LYS B 67 25.84 -20.87 -3.06
C LYS B 67 24.31 -20.90 -3.34
N ILE B 68 23.88 -21.45 -4.50
CA ILE B 68 22.45 -21.51 -4.88
C ILE B 68 21.67 -22.60 -4.11
N ALA B 69 22.35 -23.34 -3.21
CA ALA B 69 21.82 -24.44 -2.41
C ALA B 69 20.53 -24.11 -1.68
N GLY B 70 19.46 -24.85 -2.02
CA GLY B 70 18.11 -24.74 -1.49
C GLY B 70 17.25 -23.67 -2.17
N ARG B 71 17.82 -22.90 -3.12
CA ARG B 71 17.19 -21.80 -3.84
C ARG B 71 16.88 -22.13 -5.29
N ALA B 72 15.91 -21.40 -5.87
CA ALA B 72 15.45 -21.53 -7.25
C ALA B 72 15.38 -20.14 -7.90
N VAL B 73 15.00 -20.08 -9.19
CA VAL B 73 14.95 -18.82 -9.93
C VAL B 73 13.51 -18.52 -10.36
N LEU B 74 13.14 -17.23 -10.38
CA LEU B 74 11.87 -16.78 -10.90
C LEU B 74 12.18 -15.72 -11.92
N ILE B 75 11.75 -15.91 -13.19
CA ILE B 75 11.93 -14.91 -14.23
C ILE B 75 10.57 -14.28 -14.44
N ALA B 76 10.41 -13.01 -14.00
CA ALA B 76 9.14 -12.27 -14.15
C ALA B 76 9.22 -11.34 -15.36
N GLY B 77 8.34 -11.54 -16.31
CA GLY B 77 8.32 -10.74 -17.52
C GLY B 77 7.12 -10.98 -18.41
N GLN B 78 6.80 -9.97 -19.26
CA GLN B 78 5.67 -10.02 -20.19
C GLN B 78 5.96 -11.12 -21.22
N PRO B 79 4.93 -11.72 -21.88
CA PRO B 79 5.24 -12.81 -22.85
C PRO B 79 6.14 -12.41 -24.01
N GLY B 80 6.99 -13.35 -24.41
CA GLY B 80 7.96 -13.19 -25.47
C GLY B 80 9.13 -12.29 -25.15
N THR B 81 9.58 -12.30 -23.90
CA THR B 81 10.74 -11.50 -23.48
C THR B 81 11.99 -12.36 -23.18
N GLY B 82 12.08 -13.53 -23.82
CA GLY B 82 13.21 -14.44 -23.65
C GLY B 82 13.32 -15.15 -22.32
N LYS B 83 12.21 -15.30 -21.55
CA LYS B 83 12.24 -16.01 -20.25
C LYS B 83 12.68 -17.46 -20.49
N THR B 84 12.05 -18.13 -21.50
CA THR B 84 12.40 -19.50 -21.91
C THR B 84 13.82 -19.55 -22.50
N ALA B 85 14.19 -18.52 -23.32
CA ALA B 85 15.49 -18.41 -23.95
C ALA B 85 16.61 -18.32 -22.92
N ILE B 86 16.44 -17.49 -21.88
CA ILE B 86 17.39 -17.36 -20.77
C ILE B 86 17.53 -18.70 -20.00
N ALA B 87 16.42 -19.42 -19.78
CA ALA B 87 16.44 -20.74 -19.16
C ALA B 87 17.23 -21.72 -20.03
N MET B 88 17.02 -21.68 -21.38
CA MET B 88 17.74 -22.52 -22.38
C MET B 88 19.23 -22.17 -22.38
N GLY B 89 19.54 -20.88 -22.29
CA GLY B 89 20.90 -20.35 -22.24
C GLY B 89 21.63 -20.78 -21.00
N MET B 90 20.94 -20.81 -19.84
CA MET B 90 21.51 -21.25 -18.56
C MET B 90 21.90 -22.74 -18.63
N ALA B 91 21.03 -23.59 -19.27
CA ALA B 91 21.28 -25.01 -19.46
C ALA B 91 22.54 -25.21 -20.31
N GLN B 92 22.62 -24.54 -21.49
CA GLN B 92 23.74 -24.56 -22.42
C GLN B 92 25.06 -24.13 -21.74
N ALA B 93 25.00 -23.08 -20.91
CA ALA B 93 26.12 -22.53 -20.15
C ALA B 93 26.62 -23.50 -19.10
N LEU B 94 25.70 -24.26 -18.47
CA LEU B 94 26.02 -25.25 -17.42
C LEU B 94 26.79 -26.43 -18.02
N GLY B 95 26.62 -26.66 -19.32
CA GLY B 95 27.30 -27.73 -20.05
C GLY B 95 26.56 -28.20 -21.30
N PRO B 96 27.26 -28.91 -22.19
CA PRO B 96 26.60 -29.38 -23.43
C PRO B 96 25.67 -30.59 -23.24
N ASP B 97 26.00 -31.45 -22.25
CA ASP B 97 25.22 -32.65 -21.91
C ASP B 97 23.99 -32.34 -21.03
N THR B 98 23.97 -31.17 -20.37
CA THR B 98 22.92 -30.74 -19.43
C THR B 98 21.48 -30.80 -19.94
N PRO B 99 20.64 -31.71 -19.36
CA PRO B 99 19.25 -31.81 -19.84
C PRO B 99 18.45 -30.55 -19.55
N PHE B 100 17.57 -30.18 -20.49
CA PHE B 100 16.72 -29.02 -20.31
C PHE B 100 15.28 -29.40 -20.68
N THR B 101 14.35 -29.26 -19.72
CA THR B 101 12.93 -29.50 -19.96
C THR B 101 12.11 -28.30 -19.57
N ALA B 102 11.28 -27.81 -20.49
CA ALA B 102 10.43 -26.66 -20.28
C ALA B 102 8.95 -27.10 -20.34
N ILE B 103 8.21 -26.85 -19.26
CA ILE B 103 6.81 -27.21 -19.16
C ILE B 103 6.04 -25.99 -18.69
N ALA B 104 4.69 -26.03 -18.84
CA ALA B 104 3.79 -24.97 -18.38
C ALA B 104 3.08 -25.52 -17.14
N GLY B 105 2.77 -24.66 -16.17
CA GLY B 105 2.09 -25.06 -14.94
C GLY B 105 0.86 -25.89 -15.20
N SER B 106 0.05 -25.48 -16.20
CA SER B 106 -1.20 -26.13 -16.62
C SER B 106 -1.01 -27.62 -17.03
N GLU B 107 0.20 -27.98 -17.56
CA GLU B 107 0.56 -29.34 -17.99
C GLU B 107 0.47 -30.37 -16.87
N ILE B 108 0.63 -29.95 -15.59
CA ILE B 108 0.55 -30.83 -14.41
C ILE B 108 -0.88 -31.42 -14.25
N PHE B 109 -1.93 -30.70 -14.74
CA PHE B 109 -3.34 -31.10 -14.69
C PHE B 109 -3.67 -31.96 -15.93
N SER B 110 -3.65 -33.28 -15.76
CA SER B 110 -3.82 -34.23 -16.86
C SER B 110 -4.89 -35.29 -16.59
N LEU B 111 -5.58 -35.69 -17.66
CA LEU B 111 -6.60 -36.74 -17.59
C LEU B 111 -5.86 -38.09 -17.64
N GLU B 112 -4.64 -38.09 -18.23
CA GLU B 112 -3.73 -39.21 -18.44
C GLU B 112 -2.89 -39.61 -17.18
N MET B 113 -2.60 -38.67 -16.25
CA MET B 113 -1.80 -38.93 -15.03
C MET B 113 -1.98 -37.88 -13.90
N SER B 114 -1.60 -38.27 -12.67
CA SER B 114 -1.66 -37.44 -11.47
C SER B 114 -0.67 -36.30 -11.53
N LYS B 115 -0.86 -35.27 -10.66
CA LYS B 115 0.04 -34.12 -10.60
C LYS B 115 1.43 -34.59 -10.15
N THR B 116 1.47 -35.60 -9.22
CA THR B 116 2.70 -36.20 -8.72
C THR B 116 3.46 -36.81 -9.88
N GLU B 117 2.74 -37.56 -10.73
CA GLU B 117 3.35 -38.22 -11.88
C GLU B 117 3.87 -37.19 -12.86
N ALA B 118 3.00 -36.21 -13.21
CA ALA B 118 3.33 -35.12 -14.13
C ALA B 118 4.64 -34.43 -13.68
N LEU B 119 4.74 -34.11 -12.38
CA LEU B 119 5.90 -33.47 -11.78
C LEU B 119 7.11 -34.39 -11.69
N THR B 120 6.94 -35.66 -11.21
CA THR B 120 8.09 -36.59 -11.12
C THR B 120 8.71 -36.80 -12.51
N GLN B 121 7.85 -36.85 -13.57
CA GLN B 121 8.29 -37.03 -14.96
C GLN B 121 9.07 -35.82 -15.42
N ALA B 122 8.58 -34.59 -15.15
CA ALA B 122 9.26 -33.33 -15.50
C ALA B 122 10.63 -33.27 -14.81
N PHE B 123 10.71 -33.73 -13.55
CA PHE B 123 11.97 -33.76 -12.82
C PHE B 123 12.93 -34.84 -13.38
N ARG B 124 12.41 -36.06 -13.65
CA ARG B 124 13.24 -37.15 -14.16
C ARG B 124 13.70 -36.94 -15.63
N ARG B 125 13.01 -36.07 -16.37
CA ARG B 125 13.37 -35.66 -17.72
C ARG B 125 14.55 -34.67 -17.62
N SER B 126 14.68 -34.02 -16.46
CA SER B 126 15.71 -33.00 -16.16
C SER B 126 16.98 -33.53 -15.46
N ILE B 127 17.04 -34.84 -15.11
CA ILE B 127 18.21 -35.44 -14.47
C ILE B 127 18.84 -36.38 -15.48
N GLY B 128 20.04 -36.03 -15.95
CA GLY B 128 20.77 -36.82 -16.93
C GLY B 128 21.67 -37.88 -16.32
N VAL B 129 21.90 -38.96 -17.08
CA VAL B 129 22.80 -40.04 -16.70
C VAL B 129 23.80 -40.18 -17.85
N ARG B 130 25.09 -39.82 -17.65
CA ARG B 130 26.12 -39.91 -18.73
C ARG B 130 26.75 -41.29 -18.70
N ILE B 131 26.32 -42.17 -19.63
CA ILE B 131 26.79 -43.54 -19.74
C ILE B 131 28.27 -43.66 -20.13
N VAL B 136 30.61 -42.35 -24.77
CA VAL B 136 30.03 -41.57 -23.69
C VAL B 136 28.84 -40.78 -24.20
N HIS B 137 27.66 -40.96 -23.57
CA HIS B 137 26.42 -40.26 -23.95
C HIS B 137 25.46 -39.97 -22.77
N THR B 138 24.86 -38.78 -22.74
CA THR B 138 23.93 -38.45 -21.68
C THR B 138 22.53 -38.84 -22.11
N VAL B 139 21.75 -39.42 -21.18
CA VAL B 139 20.36 -39.87 -21.36
C VAL B 139 19.56 -39.53 -20.08
N SER B 140 18.31 -39.02 -20.21
CA SER B 140 17.51 -38.66 -19.03
C SER B 140 17.01 -39.88 -18.28
N LEU B 141 16.75 -39.72 -16.95
CA LEU B 141 16.21 -40.78 -16.09
C LEU B 141 14.85 -41.25 -16.60
N HIS B 142 14.02 -40.30 -17.12
CA HIS B 142 12.70 -40.55 -17.71
C HIS B 142 12.82 -41.42 -18.99
N GLU B 143 13.82 -41.14 -19.85
CA GLU B 143 14.07 -41.90 -21.09
C GLU B 143 14.40 -43.36 -20.73
N ILE B 144 15.20 -43.57 -19.66
CA ILE B 144 15.55 -44.88 -19.12
C ILE B 144 14.27 -45.57 -18.58
N ASP B 145 13.36 -44.80 -17.94
CA ASP B 145 12.09 -45.30 -17.39
C ASP B 145 11.17 -45.78 -18.52
N VAL B 146 11.04 -44.99 -19.62
CA VAL B 146 10.20 -45.31 -20.77
C VAL B 146 10.70 -46.57 -21.48
N ILE B 147 12.01 -46.65 -21.80
CA ILE B 147 12.64 -47.79 -22.48
C ILE B 147 12.44 -49.11 -21.74
N ASN B 148 12.54 -49.09 -20.39
CA ASN B 148 12.39 -50.28 -19.54
C ASN B 148 10.95 -50.46 -18.99
N SER B 149 9.94 -49.99 -19.75
CA SER B 149 8.50 -50.07 -19.41
C SER B 149 7.72 -50.79 -20.51
N ARG B 150 6.69 -51.59 -20.14
CA ARG B 150 5.86 -52.44 -21.02
C ARG B 150 5.55 -51.93 -22.42
N PHE B 154 3.59 -47.36 -30.30
CA PHE B 154 2.61 -47.01 -31.32
C PHE B 154 1.20 -47.48 -30.90
N LEU B 155 0.18 -46.59 -30.80
CA LEU B 155 0.20 -45.12 -30.78
C LEU B 155 -0.23 -44.92 -29.33
N ALA B 156 0.77 -44.98 -28.43
CA ALA B 156 0.64 -44.94 -26.98
C ALA B 156 -0.21 -43.82 -26.39
N LEU B 157 -0.17 -42.58 -26.98
CA LEU B 157 -1.00 -41.48 -26.49
C LEU B 157 -2.50 -41.72 -26.76
N PHE B 158 -2.80 -42.51 -27.83
CA PHE B 158 -4.16 -42.88 -28.29
C PHE B 158 -4.51 -44.36 -28.03
N SER B 159 -3.59 -45.15 -27.44
CA SER B 159 -3.79 -46.57 -27.18
C SER B 159 -4.92 -46.90 -26.19
N GLY B 160 -4.77 -46.45 -24.95
CA GLY B 160 -5.73 -46.69 -23.88
C GLY B 160 -5.98 -45.46 -23.05
N ASP B 161 -5.07 -45.10 -22.09
CA ASP B 161 -3.85 -45.81 -21.69
C ASP B 161 -3.42 -45.61 -20.22
N THR B 162 -2.95 -44.36 -19.83
CA THR B 162 -2.27 -43.92 -18.58
C THR B 162 -0.85 -44.52 -18.72
N GLY B 163 0.20 -43.76 -19.01
CA GLY B 163 0.48 -42.34 -18.85
C GLY B 163 1.62 -42.33 -17.85
N GLU B 164 1.32 -42.94 -16.69
CA GLU B 164 2.18 -43.14 -15.54
C GLU B 164 3.13 -44.33 -15.72
N ILE B 165 4.36 -44.22 -15.18
CA ILE B 165 5.39 -45.27 -15.18
C ILE B 165 5.28 -46.02 -13.83
N LYS B 166 5.31 -47.36 -13.85
CA LYS B 166 5.24 -48.20 -12.64
C LYS B 166 6.34 -47.87 -11.61
N SER B 167 5.95 -47.74 -10.33
CA SER B 167 6.85 -47.40 -9.21
C SER B 167 8.02 -48.39 -9.10
N GLU B 168 7.73 -49.70 -9.33
CA GLU B 168 8.69 -50.80 -9.31
C GLU B 168 9.77 -50.60 -10.37
N VAL B 169 9.36 -50.20 -11.62
CA VAL B 169 10.26 -49.94 -12.74
C VAL B 169 11.24 -48.80 -12.38
N ARG B 170 10.74 -47.74 -11.74
CA ARG B 170 11.55 -46.60 -11.31
C ARG B 170 12.48 -46.96 -10.17
N GLU B 171 12.03 -47.86 -9.26
CA GLU B 171 12.79 -48.34 -8.12
C GLU B 171 13.99 -49.16 -8.60
N GLN B 172 13.80 -49.97 -9.66
CA GLN B 172 14.86 -50.77 -10.28
C GLN B 172 15.85 -49.87 -11.04
N ILE B 173 15.33 -48.90 -11.86
CA ILE B 173 16.13 -47.94 -12.64
C ILE B 173 17.00 -47.10 -11.71
N ASN B 174 16.42 -46.60 -10.59
CA ASN B 174 17.13 -45.79 -9.59
C ASN B 174 18.23 -46.59 -8.90
N ALA B 175 17.99 -47.89 -8.67
CA ALA B 175 18.94 -48.81 -8.04
C ALA B 175 20.16 -49.06 -8.92
N LYS B 176 19.94 -49.42 -10.21
CA LYS B 176 21.02 -49.69 -11.18
C LYS B 176 21.88 -48.44 -11.45
N VAL B 177 21.23 -47.24 -11.55
CA VAL B 177 21.90 -45.95 -11.74
C VAL B 177 22.78 -45.63 -10.51
N ALA B 178 22.28 -45.94 -9.28
CA ALA B 178 23.01 -45.76 -8.02
C ALA B 178 24.22 -46.67 -7.97
N GLU B 179 24.08 -47.92 -8.46
CA GLU B 179 25.16 -48.93 -8.53
C GLU B 179 26.25 -48.48 -9.50
N TRP B 180 25.86 -48.06 -10.72
CA TRP B 180 26.75 -47.59 -11.78
C TRP B 180 27.37 -46.24 -11.38
N ILE B 188 25.74 -38.77 -12.73
CA ILE B 188 24.46 -38.03 -12.71
C ILE B 188 24.66 -36.53 -12.98
N ILE B 189 24.08 -36.06 -14.09
CA ILE B 189 24.18 -34.67 -14.49
C ILE B 189 22.81 -33.98 -14.33
N PRO B 190 22.55 -33.27 -13.18
CA PRO B 190 21.23 -32.62 -13.03
C PRO B 190 21.16 -31.39 -13.93
N GLY B 191 20.11 -31.32 -14.73
CA GLY B 191 19.94 -30.25 -15.69
C GLY B 191 19.17 -29.05 -15.19
N VAL B 192 18.28 -28.53 -16.04
CA VAL B 192 17.44 -27.37 -15.76
C VAL B 192 15.97 -27.72 -16.03
N LEU B 193 15.07 -27.36 -15.10
CA LEU B 193 13.63 -27.57 -15.25
C LEU B 193 12.95 -26.21 -15.26
N PHE B 194 12.36 -25.86 -16.39
CA PHE B 194 11.71 -24.58 -16.58
C PHE B 194 10.21 -24.78 -16.50
N ILE B 195 9.57 -24.06 -15.54
CA ILE B 195 8.13 -24.10 -15.33
C ILE B 195 7.54 -22.74 -15.63
N ASP B 196 6.94 -22.62 -16.81
CA ASP B 196 6.27 -21.41 -17.27
C ASP B 196 4.86 -21.38 -16.65
N GLU B 197 4.18 -20.21 -16.68
CA GLU B 197 2.81 -20.06 -16.14
C GLU B 197 2.67 -20.69 -14.76
N VAL B 198 3.65 -20.42 -13.88
CA VAL B 198 3.76 -20.99 -12.55
C VAL B 198 2.55 -20.75 -11.59
N HIS B 199 1.83 -19.63 -11.81
CA HIS B 199 0.65 -19.22 -11.08
C HIS B 199 -0.54 -20.19 -11.33
N MET B 200 -0.36 -21.17 -12.23
CA MET B 200 -1.35 -22.20 -12.53
C MET B 200 -1.22 -23.35 -11.52
N LEU B 201 -0.06 -23.49 -10.88
CA LEU B 201 0.16 -24.56 -9.92
C LEU B 201 -0.61 -24.23 -8.64
N ASP B 202 -1.05 -25.28 -7.96
CA ASP B 202 -1.75 -25.15 -6.68
C ASP B 202 -0.77 -25.32 -5.55
N ILE B 203 -1.25 -25.08 -4.33
CA ILE B 203 -0.46 -25.17 -3.10
C ILE B 203 0.23 -26.54 -2.92
N GLU B 204 -0.43 -27.64 -3.32
CA GLU B 204 0.14 -29.00 -3.20
C GLU B 204 1.34 -29.19 -4.12
N SER B 205 1.25 -28.65 -5.34
CA SER B 205 2.32 -28.71 -6.36
C SER B 205 3.50 -27.89 -5.86
N PHE B 206 3.24 -26.70 -5.24
CA PHE B 206 4.32 -25.85 -4.72
C PHE B 206 5.08 -26.56 -3.58
N SER B 207 4.35 -27.37 -2.75
CA SER B 207 4.96 -28.15 -1.68
C SER B 207 5.90 -29.21 -2.28
N PHE B 208 5.50 -29.82 -3.43
CA PHE B 208 6.32 -30.78 -4.17
C PHE B 208 7.64 -30.09 -4.62
N LEU B 209 7.57 -28.90 -5.25
CA LEU B 209 8.73 -28.14 -5.72
C LEU B 209 9.66 -27.81 -4.56
N ASN B 210 9.08 -27.41 -3.42
CA ASN B 210 9.77 -27.04 -2.21
C ASN B 210 10.59 -28.20 -1.68
N ARG B 211 9.97 -29.39 -1.58
CA ARG B 211 10.65 -30.58 -1.08
C ARG B 211 11.69 -31.08 -2.11
N ALA B 212 11.45 -30.84 -3.42
CA ALA B 212 12.36 -31.21 -4.50
C ALA B 212 13.67 -30.44 -4.40
N LEU B 213 13.61 -29.16 -3.99
CA LEU B 213 14.77 -28.27 -3.78
C LEU B 213 15.72 -28.75 -2.65
N GLU B 214 15.23 -29.64 -1.77
CA GLU B 214 16.01 -30.20 -0.68
C GLU B 214 16.98 -31.30 -1.16
N SER B 215 16.73 -31.89 -2.36
CA SER B 215 17.58 -32.95 -2.93
C SER B 215 18.86 -32.40 -3.61
N ASP B 216 19.98 -33.12 -3.44
CA ASP B 216 21.27 -32.75 -4.04
C ASP B 216 21.29 -33.01 -5.56
N MET B 217 20.65 -34.12 -6.00
CA MET B 217 20.60 -34.51 -7.41
C MET B 217 19.46 -33.84 -8.21
N ALA B 218 18.72 -32.90 -7.57
CA ALA B 218 17.64 -32.10 -8.17
C ALA B 218 18.14 -31.15 -9.25
N PRO B 219 17.38 -30.87 -10.33
CA PRO B 219 17.85 -29.91 -11.34
C PRO B 219 17.69 -28.46 -10.88
N VAL B 220 18.22 -27.50 -11.62
CA VAL B 220 18.04 -26.09 -11.28
C VAL B 220 16.56 -25.76 -11.65
N LEU B 221 15.79 -25.29 -10.68
CA LEU B 221 14.39 -24.96 -10.93
C LEU B 221 14.31 -23.49 -11.37
N ILE B 222 13.77 -23.27 -12.56
CA ILE B 222 13.55 -21.92 -13.08
C ILE B 222 12.08 -21.76 -13.37
N MET B 223 11.39 -20.94 -12.59
CA MET B 223 9.97 -20.69 -12.81
C MET B 223 9.76 -19.35 -13.52
N ALA B 224 8.63 -19.17 -14.19
CA ALA B 224 8.35 -17.92 -14.86
C ALA B 224 6.87 -17.56 -14.81
N THR B 225 6.58 -16.25 -14.74
CA THR B 225 5.24 -15.69 -14.74
C THR B 225 5.26 -14.28 -15.31
N ASN B 226 4.08 -13.79 -15.68
CA ASN B 226 3.86 -12.43 -16.18
C ASN B 226 2.87 -11.73 -15.25
N ARG B 227 2.51 -12.39 -14.14
CA ARG B 227 1.54 -11.93 -13.15
C ARG B 227 2.18 -11.26 -11.94
N GLY B 228 1.49 -10.25 -11.40
CA GLY B 228 1.83 -9.58 -10.15
C GLY B 228 1.18 -10.34 -9.02
N ILE B 229 0.36 -9.69 -8.20
CA ILE B 229 -0.36 -10.39 -7.13
C ILE B 229 -1.52 -11.25 -7.69
N THR B 230 -1.66 -12.50 -7.23
CA THR B 230 -2.72 -13.43 -7.65
C THR B 230 -3.00 -14.39 -6.53
N ARG B 231 -4.16 -15.05 -6.58
CA ARG B 231 -4.51 -16.05 -5.57
C ARG B 231 -3.62 -17.27 -5.76
N ILE B 232 -3.24 -17.92 -4.66
CA ILE B 232 -2.53 -19.18 -4.73
C ILE B 232 -3.67 -20.18 -4.99
N ARG B 233 -3.63 -20.99 -6.08
CA ARG B 233 -4.69 -21.98 -6.36
C ARG B 233 -4.78 -22.95 -5.17
N GLY B 234 -6.01 -23.27 -4.78
CA GLY B 234 -6.26 -24.16 -3.65
C GLY B 234 -6.21 -23.40 -2.34
N THR B 235 -6.32 -22.05 -2.44
CA THR B 235 -6.18 -21.13 -1.34
C THR B 235 -7.06 -19.92 -1.59
N SER B 236 -7.44 -19.25 -0.50
CA SER B 236 -8.26 -18.02 -0.52
C SER B 236 -7.37 -16.77 -0.34
N TYR B 237 -6.02 -16.95 -0.30
CA TYR B 237 -5.03 -15.89 -0.11
C TYR B 237 -4.36 -15.47 -1.39
N GLN B 238 -4.11 -14.17 -1.53
CA GLN B 238 -3.42 -13.59 -2.67
C GLN B 238 -1.94 -13.56 -2.29
N SER B 239 -1.04 -13.53 -3.29
CA SER B 239 0.40 -13.53 -3.07
C SER B 239 1.13 -13.08 -4.31
N PRO B 240 2.35 -12.44 -4.20
CA PRO B 240 3.12 -12.10 -5.40
C PRO B 240 3.36 -13.34 -6.26
N HIS B 241 2.96 -13.22 -7.54
CA HIS B 241 3.12 -14.21 -8.59
C HIS B 241 2.34 -15.49 -8.38
N GLY B 242 1.47 -15.50 -7.37
CA GLY B 242 0.66 -16.66 -7.00
C GLY B 242 1.48 -17.77 -6.37
N ILE B 243 2.65 -17.43 -5.79
CA ILE B 243 3.61 -18.34 -5.15
C ILE B 243 3.53 -18.14 -3.63
N PRO B 244 3.47 -19.22 -2.82
CA PRO B 244 3.44 -19.03 -1.37
C PRO B 244 4.72 -18.35 -0.83
N ILE B 245 4.61 -17.61 0.31
CA ILE B 245 5.75 -16.92 0.95
C ILE B 245 6.93 -17.85 1.21
N ASP B 246 6.67 -19.09 1.67
CA ASP B 246 7.70 -20.11 1.94
C ASP B 246 8.65 -20.32 0.74
N LEU B 247 8.10 -20.46 -0.49
CA LEU B 247 8.87 -20.67 -1.71
C LEU B 247 9.44 -19.34 -2.19
N LEU B 248 8.64 -18.24 -2.20
CA LEU B 248 9.08 -16.92 -2.64
C LEU B 248 10.37 -16.47 -1.92
N ASP B 249 10.43 -16.69 -0.59
CA ASP B 249 11.58 -16.35 0.22
C ASP B 249 12.84 -17.14 -0.13
N ARG B 250 12.71 -18.20 -0.98
CA ARG B 250 13.81 -19.04 -1.44
C ARG B 250 14.16 -18.79 -2.92
N LEU B 251 13.48 -17.82 -3.56
CA LEU B 251 13.68 -17.51 -4.99
C LEU B 251 14.54 -16.31 -5.25
N LEU B 252 15.24 -16.33 -6.37
CA LEU B 252 16.04 -15.20 -6.88
C LEU B 252 15.25 -14.67 -8.05
N ILE B 253 14.57 -13.51 -7.86
CA ILE B 253 13.71 -12.91 -8.88
C ILE B 253 14.46 -12.06 -9.91
N VAL B 254 14.39 -12.47 -11.18
CA VAL B 254 15.01 -11.83 -12.34
C VAL B 254 13.86 -11.27 -13.22
N SER B 255 14.00 -10.05 -13.78
CA SER B 255 12.95 -9.50 -14.64
C SER B 255 13.43 -9.29 -16.06
N THR B 256 12.52 -9.50 -17.06
CA THR B 256 12.82 -9.29 -18.47
C THR B 256 11.99 -8.15 -18.99
N THR B 257 12.63 -7.20 -19.67
CA THR B 257 12.01 -6.01 -20.26
C THR B 257 11.62 -6.33 -21.70
N PRO B 258 10.58 -5.70 -22.30
CA PRO B 258 10.27 -5.99 -23.71
C PRO B 258 11.35 -5.43 -24.67
N TYR B 259 11.53 -6.08 -25.82
CA TYR B 259 12.53 -5.73 -26.82
C TYR B 259 12.26 -4.48 -27.66
N SER B 260 13.36 -3.81 -28.05
CA SER B 260 13.33 -2.60 -28.89
C SER B 260 13.11 -3.04 -30.36
N GLU B 261 12.96 -2.07 -31.28
CA GLU B 261 12.79 -2.34 -32.70
C GLU B 261 14.03 -3.07 -33.20
N LYS B 262 15.25 -2.57 -32.84
CA LYS B 262 16.55 -3.14 -33.24
C LYS B 262 16.77 -4.57 -32.70
N ASP B 263 16.37 -4.83 -31.45
CA ASP B 263 16.50 -6.15 -30.83
C ASP B 263 15.54 -7.18 -31.45
N THR B 264 14.26 -6.77 -31.67
CA THR B 264 13.20 -7.58 -32.29
C THR B 264 13.63 -8.05 -33.68
N LYS B 265 14.18 -7.12 -34.49
CA LYS B 265 14.64 -7.39 -35.84
C LYS B 265 15.71 -8.44 -35.83
N GLN B 266 16.71 -8.30 -34.91
CA GLN B 266 17.84 -9.22 -34.80
C GLN B 266 17.38 -10.64 -34.47
N ILE B 267 16.48 -10.79 -33.47
CA ILE B 267 15.92 -12.09 -33.07
C ILE B 267 15.19 -12.72 -34.26
N LEU B 268 14.39 -11.90 -35.00
CA LEU B 268 13.65 -12.36 -36.19
C LEU B 268 14.61 -12.79 -37.32
N ARG B 269 15.71 -12.08 -37.50
CA ARG B 269 16.69 -12.45 -38.54
C ARG B 269 17.36 -13.79 -38.19
N ILE B 270 17.62 -14.05 -36.90
CA ILE B 270 18.21 -15.29 -36.39
C ILE B 270 17.25 -16.46 -36.63
N ARG B 271 15.93 -16.24 -36.37
CA ARG B 271 14.92 -17.27 -36.56
C ARG B 271 14.73 -17.68 -38.01
N CYS B 272 14.81 -16.68 -38.93
CA CYS B 272 14.70 -16.89 -40.37
C CYS B 272 15.83 -17.79 -40.85
N GLU B 273 17.07 -17.56 -40.34
CA GLU B 273 18.25 -18.36 -40.66
C GLU B 273 18.05 -19.79 -40.16
N GLU B 274 17.56 -19.95 -38.92
CA GLU B 274 17.32 -21.25 -38.29
C GLU B 274 16.31 -22.08 -39.10
N GLU B 275 15.26 -21.43 -39.64
CA GLU B 275 14.22 -22.06 -40.46
C GLU B 275 14.57 -22.07 -41.95
N ASP B 276 15.78 -21.59 -42.31
CA ASP B 276 16.33 -21.48 -43.67
C ASP B 276 15.35 -20.73 -44.59
N VAL B 277 15.01 -19.49 -44.18
CA VAL B 277 14.08 -18.57 -44.85
C VAL B 277 14.81 -17.25 -45.13
N GLU B 278 14.74 -16.77 -46.38
CA GLU B 278 15.35 -15.52 -46.80
C GLU B 278 14.28 -14.44 -46.97
N MET B 279 14.49 -13.28 -46.33
CA MET B 279 13.58 -12.14 -46.38
C MET B 279 14.22 -10.87 -46.94
N SER B 280 13.39 -9.96 -47.47
CA SER B 280 13.83 -8.65 -47.95
C SER B 280 14.03 -7.76 -46.71
N GLU B 281 14.94 -6.77 -46.77
CA GLU B 281 15.19 -5.86 -45.63
C GLU B 281 13.91 -5.09 -45.22
N ASP B 282 13.05 -4.77 -46.23
CA ASP B 282 11.77 -4.10 -46.06
C ASP B 282 10.75 -5.04 -45.39
N ALA B 283 10.82 -6.36 -45.72
CA ALA B 283 9.95 -7.39 -45.11
C ALA B 283 10.31 -7.56 -43.65
N TYR B 284 11.62 -7.45 -43.31
CA TYR B 284 12.11 -7.52 -41.93
C TYR B 284 11.57 -6.34 -41.12
N THR B 285 11.51 -5.14 -41.74
CA THR B 285 10.97 -3.92 -41.12
C THR B 285 9.47 -4.10 -40.78
N VAL B 286 8.68 -4.64 -41.74
CA VAL B 286 7.25 -4.93 -41.55
C VAL B 286 7.08 -5.94 -40.42
N LEU B 287 7.84 -7.07 -40.45
CA LEU B 287 7.77 -8.11 -39.41
C LEU B 287 8.13 -7.56 -38.03
N THR B 288 9.19 -6.72 -37.94
CA THR B 288 9.60 -6.10 -36.68
C THR B 288 8.45 -5.21 -36.16
N ARG B 289 7.73 -4.50 -37.06
CA ARG B 289 6.58 -3.69 -36.67
C ARG B 289 5.44 -4.59 -36.16
N ILE B 290 5.09 -5.66 -36.95
CA ILE B 290 4.05 -6.63 -36.59
C ILE B 290 4.34 -7.28 -35.23
N GLY B 291 5.62 -7.58 -34.97
CA GLY B 291 6.08 -8.16 -33.72
C GLY B 291 5.95 -7.22 -32.53
N LEU B 292 6.29 -5.93 -32.72
CA LEU B 292 6.20 -4.90 -31.68
C LEU B 292 4.75 -4.58 -31.32
N GLU B 293 3.84 -4.60 -32.33
CA GLU B 293 2.43 -4.29 -32.14
C GLU B 293 1.63 -5.48 -31.57
N THR B 294 2.07 -6.73 -31.85
CA THR B 294 1.42 -7.94 -31.35
C THR B 294 2.31 -8.64 -30.31
N SER B 295 3.09 -9.63 -30.73
CA SER B 295 4.03 -10.40 -29.91
C SER B 295 5.15 -10.96 -30.80
N LEU B 296 6.31 -11.28 -30.17
CA LEU B 296 7.45 -11.87 -30.87
C LEU B 296 7.09 -13.29 -31.35
N ARG B 297 6.27 -14.00 -30.57
CA ARG B 297 5.81 -15.34 -30.92
C ARG B 297 4.94 -15.32 -32.20
N TYR B 298 4.03 -14.34 -32.31
CA TYR B 298 3.17 -14.22 -33.49
C TYR B 298 4.00 -13.85 -34.72
N ALA B 299 4.97 -12.93 -34.56
CA ALA B 299 5.86 -12.55 -35.65
C ALA B 299 6.64 -13.80 -36.14
N ILE B 300 7.14 -14.65 -35.19
CA ILE B 300 7.86 -15.90 -35.48
C ILE B 300 6.97 -16.93 -36.17
N GLN B 301 5.68 -17.00 -35.79
CA GLN B 301 4.69 -17.90 -36.40
C GLN B 301 4.51 -17.57 -37.88
N LEU B 302 4.55 -16.27 -38.21
CA LEU B 302 4.38 -15.78 -39.58
C LEU B 302 5.52 -16.16 -40.53
N ILE B 303 6.79 -16.24 -40.05
CA ILE B 303 7.98 -16.59 -40.84
C ILE B 303 7.76 -17.82 -41.73
N THR B 304 7.26 -18.92 -41.14
CA THR B 304 6.98 -20.19 -41.84
C THR B 304 5.86 -20.07 -42.90
N ALA B 305 4.74 -19.41 -42.55
CA ALA B 305 3.59 -19.17 -43.44
C ALA B 305 3.95 -18.24 -44.62
N ALA B 306 4.72 -17.15 -44.34
CA ALA B 306 5.16 -16.19 -45.37
C ALA B 306 6.09 -16.87 -46.37
N SER B 307 6.94 -17.81 -45.89
CA SER B 307 7.87 -18.60 -46.71
C SER B 307 7.09 -19.53 -47.64
N LEU B 308 5.98 -20.11 -47.14
CA LEU B 308 5.11 -20.99 -47.90
C LEU B 308 4.41 -20.23 -49.03
N VAL B 309 3.88 -19.02 -48.74
CA VAL B 309 3.22 -18.12 -49.69
C VAL B 309 4.21 -17.70 -50.78
N CYS B 310 5.45 -17.35 -50.37
CA CYS B 310 6.55 -16.97 -51.26
C CYS B 310 6.91 -18.14 -52.20
N ARG B 311 7.02 -19.37 -51.66
CA ARG B 311 7.32 -20.57 -52.46
C ARG B 311 6.13 -20.93 -53.36
N GLU B 317 12.97 -14.86 -52.25
CA GLU B 317 13.07 -13.99 -51.09
C GLU B 317 11.69 -13.45 -50.73
N VAL B 318 11.30 -13.64 -49.45
CA VAL B 318 10.03 -13.21 -48.88
C VAL B 318 10.02 -11.67 -48.88
N GLN B 319 9.03 -11.07 -49.59
CA GLN B 319 8.89 -9.61 -49.69
C GLN B 319 7.73 -9.13 -48.80
N VAL B 320 7.59 -7.79 -48.59
CA VAL B 320 6.55 -7.18 -47.72
C VAL B 320 5.13 -7.68 -47.99
N ASP B 321 4.76 -7.87 -49.28
CA ASP B 321 3.45 -8.38 -49.67
C ASP B 321 3.14 -9.81 -49.17
N ASP B 322 4.18 -10.66 -49.00
CA ASP B 322 4.05 -12.01 -48.46
C ASP B 322 3.73 -11.93 -46.97
N ILE B 323 4.50 -11.12 -46.19
CA ILE B 323 4.28 -10.91 -44.75
C ILE B 323 2.91 -10.25 -44.54
N LYS B 324 2.52 -9.32 -45.46
CA LYS B 324 1.24 -8.61 -45.42
C LYS B 324 0.05 -9.55 -45.59
N ARG B 325 0.09 -10.45 -46.60
CA ARG B 325 -0.97 -11.43 -46.89
C ARG B 325 -1.18 -12.34 -45.69
N VAL B 326 -0.09 -12.91 -45.19
CA VAL B 326 -0.04 -13.85 -44.09
C VAL B 326 -0.54 -13.25 -42.76
N TYR B 327 -0.31 -11.94 -42.55
CA TYR B 327 -0.75 -11.20 -41.36
C TYR B 327 -2.27 -11.08 -41.38
N SER B 328 -2.84 -10.78 -42.56
CA SER B 328 -4.29 -10.65 -42.69
C SER B 328 -5.00 -12.01 -42.63
N LEU B 329 -4.31 -13.10 -43.01
CA LEU B 329 -4.87 -14.46 -43.01
C LEU B 329 -4.88 -15.11 -41.61
N PHE B 330 -3.73 -15.13 -40.93
CA PHE B 330 -3.56 -15.74 -39.63
C PHE B 330 -3.56 -14.68 -38.55
N LEU B 331 -4.61 -14.68 -37.73
CA LEU B 331 -4.81 -13.70 -36.66
C LEU B 331 -4.01 -14.00 -35.44
N ASP B 332 -3.80 -12.95 -34.64
CA ASP B 332 -3.14 -12.98 -33.34
C ASP B 332 -4.26 -12.87 -32.29
N GLU B 333 -3.97 -13.26 -31.02
CA GLU B 333 -4.93 -13.25 -29.92
C GLU B 333 -5.78 -11.97 -29.84
N SER B 334 -5.16 -10.77 -29.97
CA SER B 334 -5.83 -9.46 -29.91
C SER B 334 -6.93 -9.30 -30.94
N ARG B 335 -6.64 -9.59 -32.20
CA ARG B 335 -7.61 -9.49 -33.29
C ARG B 335 -8.70 -10.56 -33.20
N SER B 336 -8.33 -11.83 -32.99
CA SER B 336 -9.30 -12.94 -32.91
C SER B 336 -10.34 -12.75 -31.80
N THR B 337 -9.91 -12.32 -30.62
CA THR B 337 -10.82 -12.08 -29.51
C THR B 337 -11.70 -10.86 -29.75
N GLN B 338 -11.15 -9.78 -30.36
CA GLN B 338 -11.91 -8.57 -30.66
C GLN B 338 -12.96 -8.82 -31.73
N TYR B 339 -12.63 -9.62 -32.79
CA TYR B 339 -13.55 -9.97 -33.89
C TYR B 339 -14.74 -10.77 -33.36
N MET B 340 -14.51 -11.65 -32.37
CA MET B 340 -15.54 -12.48 -31.73
C MET B 340 -16.50 -11.65 -30.83
N LYS B 341 -16.00 -10.54 -30.28
CA LYS B 341 -16.80 -9.63 -29.45
C LYS B 341 -17.41 -8.53 -30.34
N THR C 8 16.65 -55.42 13.96
CA THR C 8 17.85 -54.58 14.06
C THR C 8 17.56 -53.11 13.72
N LYS C 9 17.02 -52.33 14.70
CA LYS C 9 16.73 -50.90 14.54
C LYS C 9 18.07 -50.16 14.51
N VAL C 10 18.31 -49.32 13.47
CA VAL C 10 19.60 -48.66 13.30
C VAL C 10 19.66 -47.10 13.37
N PRO C 11 20.19 -46.50 14.48
CA PRO C 11 20.34 -45.04 14.51
C PRO C 11 21.68 -44.59 13.88
N GLU C 12 21.78 -43.29 13.53
CA GLU C 12 22.98 -42.68 12.95
C GLU C 12 24.07 -42.49 14.04
N ASP C 15 23.65 -37.70 12.85
CA ASP C 15 22.60 -36.70 12.54
C ASP C 15 22.66 -36.19 11.08
N VAL C 16 21.76 -35.26 10.73
CA VAL C 16 21.64 -34.64 9.40
C VAL C 16 21.39 -33.13 9.55
N THR C 17 21.87 -32.32 8.57
CA THR C 17 21.67 -30.86 8.57
C THR C 17 20.19 -30.47 8.27
N ARG C 18 19.59 -29.67 9.18
CA ARG C 18 18.20 -29.25 9.19
C ARG C 18 17.93 -27.95 8.40
N ILE C 19 17.64 -26.81 9.13
CA ILE C 19 17.40 -25.43 8.63
C ILE C 19 18.80 -24.78 8.52
N GLU C 20 19.82 -25.56 8.93
CA GLU C 20 21.24 -25.27 8.91
C GLU C 20 21.73 -25.27 7.46
N ARG C 21 21.02 -26.02 6.57
CA ARG C 21 21.30 -26.13 5.13
C ARG C 21 21.14 -24.77 4.42
N ILE C 22 20.07 -23.99 4.76
CA ILE C 22 19.85 -22.63 4.23
C ILE C 22 20.70 -21.61 5.04
N GLY C 23 21.06 -21.99 6.28
CA GLY C 23 21.91 -21.29 7.24
C GLY C 23 21.57 -19.90 7.68
N ALA C 24 20.33 -19.43 7.47
CA ALA C 24 19.86 -18.09 7.82
C ALA C 24 19.93 -17.73 9.32
N HIS C 25 20.06 -18.74 10.23
CA HIS C 25 20.10 -18.52 11.67
C HIS C 25 21.35 -19.10 12.32
N SER C 26 22.45 -19.19 11.53
CA SER C 26 23.77 -19.69 11.92
C SER C 26 24.26 -19.05 13.21
N HIS C 27 24.11 -17.72 13.30
CA HIS C 27 24.53 -16.89 14.42
C HIS C 27 23.73 -17.10 15.70
N ILE C 28 22.41 -17.42 15.59
CA ILE C 28 21.54 -17.63 16.76
C ILE C 28 22.05 -18.81 17.60
N ARG C 29 22.67 -18.49 18.74
CA ARG C 29 23.31 -19.44 19.67
C ARG C 29 22.62 -19.48 21.04
N GLY C 30 21.52 -18.73 21.15
CA GLY C 30 20.69 -18.61 22.34
C GLY C 30 19.88 -17.34 22.32
N LEU C 31 19.11 -17.07 23.41
CA LEU C 31 18.28 -15.86 23.46
C LEU C 31 19.01 -14.61 23.97
N GLY C 32 20.27 -14.79 24.40
CA GLY C 32 21.16 -13.74 24.89
C GLY C 32 20.61 -12.95 26.07
N LEU C 33 20.13 -13.66 27.09
CA LEU C 33 19.53 -13.06 28.28
C LEU C 33 20.46 -13.25 29.47
N ASP C 34 20.42 -12.31 30.43
CA ASP C 34 21.23 -12.42 31.65
C ASP C 34 20.63 -13.42 32.66
N ASP C 35 21.21 -13.51 33.87
CA ASP C 35 20.77 -14.40 34.95
C ASP C 35 19.31 -14.14 35.37
N ALA C 36 18.87 -12.87 35.34
CA ALA C 36 17.51 -12.46 35.69
C ALA C 36 16.52 -12.57 34.51
N LEU C 37 16.89 -13.35 33.47
CA LEU C 37 16.11 -13.60 32.23
C LEU C 37 15.83 -12.29 31.43
N GLU C 38 16.71 -11.27 31.59
CA GLU C 38 16.63 -9.97 30.93
C GLU C 38 17.56 -9.89 29.70
N PRO C 39 17.04 -9.51 28.50
CA PRO C 39 17.89 -9.48 27.30
C PRO C 39 18.94 -8.36 27.25
N ARG C 40 20.16 -8.73 26.83
CA ARG C 40 21.27 -7.83 26.58
C ARG C 40 21.10 -7.44 25.12
N GLN C 41 21.23 -6.13 24.77
CA GLN C 41 21.05 -5.57 23.41
C GLN C 41 21.57 -6.47 22.27
N ALA C 42 22.78 -7.04 22.44
CA ALA C 42 23.38 -7.97 21.47
C ALA C 42 24.19 -9.05 22.19
N SER C 43 23.71 -10.31 22.13
CA SER C 43 24.36 -11.48 22.73
C SER C 43 23.81 -12.79 22.16
N GLN C 44 24.70 -13.82 22.05
CA GLN C 44 24.44 -15.16 21.51
C GLN C 44 23.82 -15.09 20.09
N GLY C 45 24.21 -14.06 19.34
CA GLY C 45 23.72 -13.83 17.99
C GLY C 45 22.50 -12.94 17.88
N MET C 46 21.67 -12.87 18.94
CA MET C 46 20.44 -12.06 18.95
C MET C 46 20.71 -10.58 19.12
N VAL C 47 20.07 -9.74 18.30
CA VAL C 47 20.21 -8.27 18.29
C VAL C 47 18.86 -7.56 18.47
N GLY C 48 18.79 -6.63 19.43
CA GLY C 48 17.59 -5.86 19.73
C GLY C 48 16.41 -6.76 20.10
N GLN C 49 15.18 -6.43 19.59
CA GLN C 49 13.94 -7.17 19.84
C GLN C 49 13.83 -7.56 21.33
N LEU C 50 14.06 -6.56 22.22
CA LEU C 50 14.13 -6.76 23.67
C LEU C 50 12.89 -7.37 24.31
N ALA C 51 11.69 -6.80 24.10
CA ALA C 51 10.43 -7.31 24.68
C ALA C 51 10.10 -8.76 24.33
N ALA C 52 10.13 -9.13 23.03
CA ALA C 52 9.85 -10.50 22.58
C ALA C 52 10.86 -11.49 23.15
N ARG C 53 12.15 -11.09 23.23
CA ARG C 53 13.20 -11.93 23.78
C ARG C 53 13.01 -12.07 25.29
N ARG C 54 12.53 -10.99 25.96
CA ARG C 54 12.22 -10.97 27.40
C ARG C 54 11.06 -11.96 27.67
N ALA C 55 9.97 -11.89 26.84
CA ALA C 55 8.80 -12.77 26.90
C ALA C 55 9.22 -14.21 26.69
N ALA C 56 10.09 -14.47 25.69
CA ALA C 56 10.63 -15.80 25.35
C ALA C 56 11.41 -16.38 26.56
N GLY C 57 12.02 -15.48 27.34
CA GLY C 57 12.75 -15.82 28.55
C GLY C 57 11.85 -16.40 29.61
N VAL C 58 10.69 -15.76 29.82
CA VAL C 58 9.65 -16.20 30.77
C VAL C 58 9.12 -17.56 30.34
N VAL C 59 8.93 -17.76 29.02
CA VAL C 59 8.47 -19.04 28.42
C VAL C 59 9.52 -20.13 28.67
N LEU C 60 10.84 -19.83 28.49
CA LEU C 60 11.96 -20.75 28.75
C LEU C 60 11.92 -21.23 30.21
N GLU C 61 11.79 -20.28 31.18
CA GLU C 61 11.71 -20.62 32.61
C GLU C 61 10.46 -21.43 32.90
N MET C 62 9.34 -21.13 32.18
CA MET C 62 8.08 -21.87 32.30
C MET C 62 8.28 -23.32 31.83
N ILE C 63 8.97 -23.52 30.68
CA ILE C 63 9.30 -24.83 30.12
C ILE C 63 10.24 -25.57 31.07
N ARG C 64 11.28 -24.89 31.59
CA ARG C 64 12.27 -25.44 32.54
C ARG C 64 11.63 -25.88 33.86
N GLU C 65 10.79 -25.02 34.47
CA GLU C 65 10.09 -25.33 35.72
C GLU C 65 8.85 -26.23 35.51
N GLY C 66 8.70 -26.76 34.30
CA GLY C 66 7.61 -27.68 33.92
C GLY C 66 6.20 -27.13 33.92
N LYS C 67 6.06 -25.79 33.84
CA LYS C 67 4.77 -25.08 33.86
C LYS C 67 4.14 -24.87 32.46
N ILE C 68 4.93 -25.02 31.35
CA ILE C 68 4.44 -24.83 29.99
C ILE C 68 3.48 -25.94 29.52
N ALA C 69 3.34 -27.01 30.34
CA ALA C 69 2.52 -28.21 30.12
C ALA C 69 1.10 -27.94 29.67
N GLY C 70 0.81 -28.42 28.45
CA GLY C 70 -0.47 -28.27 27.79
C GLY C 70 -0.64 -27.00 26.99
N ARG C 71 0.33 -26.08 27.06
CA ARG C 71 0.30 -24.78 26.40
C ARG C 71 1.34 -24.69 25.27
N ALA C 72 1.16 -23.73 24.35
CA ALA C 72 2.05 -23.52 23.21
C ALA C 72 2.29 -22.02 23.08
N VAL C 73 3.12 -21.59 22.09
CA VAL C 73 3.50 -20.18 21.90
C VAL C 73 3.03 -19.68 20.56
N LEU C 74 2.60 -18.42 20.49
CA LEU C 74 2.23 -17.79 19.22
C LEU C 74 3.05 -16.51 19.13
N ILE C 75 3.87 -16.37 18.09
CA ILE C 75 4.66 -15.16 17.90
C ILE C 75 4.00 -14.39 16.77
N ALA C 76 3.33 -13.27 17.08
CA ALA C 76 2.64 -12.46 16.08
C ALA C 76 3.49 -11.26 15.71
N GLY C 77 3.81 -11.12 14.44
CA GLY C 77 4.63 -10.02 13.95
C GLY C 77 4.75 -9.96 12.45
N GLN C 78 5.07 -8.76 11.92
CA GLN C 78 5.23 -8.52 10.49
C GLN C 78 6.41 -9.36 9.96
N PRO C 79 6.48 -9.72 8.65
CA PRO C 79 7.60 -10.55 8.16
C PRO C 79 8.99 -10.00 8.42
N GLY C 80 9.93 -10.88 8.71
CA GLY C 80 11.32 -10.50 8.97
C GLY C 80 11.57 -9.77 10.27
N THR C 81 10.81 -10.11 11.33
CA THR C 81 10.97 -9.50 12.67
C THR C 81 11.55 -10.49 13.70
N GLY C 82 12.30 -11.49 13.23
CA GLY C 82 12.94 -12.46 14.07
C GLY C 82 12.05 -13.47 14.77
N LYS C 83 10.84 -13.73 14.22
CA LYS C 83 9.93 -14.74 14.78
C LYS C 83 10.66 -16.10 14.72
N THR C 84 11.25 -16.47 13.55
CA THR C 84 12.01 -17.71 13.40
C THR C 84 13.26 -17.69 14.25
N ALA C 85 13.97 -16.52 14.29
CA ALA C 85 15.19 -16.34 15.10
C ALA C 85 14.93 -16.61 16.59
N ILE C 86 13.82 -16.05 17.16
CA ILE C 86 13.41 -16.28 18.56
C ILE C 86 13.11 -17.76 18.80
N ALA C 87 12.46 -18.43 17.84
CA ALA C 87 12.20 -19.87 17.94
C ALA C 87 13.52 -20.66 17.95
N MET C 88 14.48 -20.28 17.08
CA MET C 88 15.81 -20.89 16.98
C MET C 88 16.60 -20.66 18.29
N GLY C 89 16.49 -19.45 18.83
CA GLY C 89 17.11 -19.05 20.07
C GLY C 89 16.58 -19.82 21.27
N MET C 90 15.24 -20.11 21.28
CA MET C 90 14.58 -20.86 22.35
C MET C 90 15.10 -22.30 22.37
N ALA C 91 15.31 -22.89 21.18
CA ALA C 91 15.84 -24.25 21.02
C ALA C 91 17.24 -24.33 21.59
N GLN C 92 18.13 -23.38 21.17
CA GLN C 92 19.53 -23.27 21.62
C GLN C 92 19.61 -23.10 23.13
N ALA C 93 18.70 -22.28 23.71
CA ALA C 93 18.62 -22.00 25.13
C ALA C 93 18.20 -23.21 25.92
N LEU C 94 17.30 -24.04 25.35
CA LEU C 94 16.80 -25.27 26.00
C LEU C 94 17.93 -26.32 26.12
N GLY C 95 18.93 -26.24 25.24
CA GLY C 95 20.08 -27.13 25.21
C GLY C 95 20.74 -27.24 23.85
N PRO C 96 22.00 -27.75 23.79
CA PRO C 96 22.69 -27.86 22.49
C PRO C 96 22.21 -29.02 21.60
N ASP C 97 21.77 -30.13 22.23
CA ASP C 97 21.27 -31.31 21.54
C ASP C 97 19.79 -31.17 21.08
N THR C 98 19.03 -30.17 21.65
CA THR C 98 17.59 -29.95 21.39
C THR C 98 17.21 -29.81 19.92
N PRO C 99 16.45 -30.79 19.35
CA PRO C 99 16.09 -30.67 17.93
C PRO C 99 15.20 -29.47 17.63
N PHE C 100 15.46 -28.82 16.51
CA PHE C 100 14.65 -27.68 16.08
C PHE C 100 14.25 -27.86 14.62
N THR C 101 12.92 -27.89 14.38
CA THR C 101 12.40 -27.99 13.02
C THR C 101 11.42 -26.87 12.78
N ALA C 102 11.63 -26.14 11.69
CA ALA C 102 10.80 -25.02 11.26
C ALA C 102 10.11 -25.35 9.95
N ILE C 103 8.79 -25.30 9.94
CA ILE C 103 7.97 -25.57 8.76
C ILE C 103 6.99 -24.41 8.56
N ALA C 104 6.38 -24.33 7.38
CA ALA C 104 5.35 -23.35 7.09
C ALA C 104 4.02 -24.12 7.01
N GLY C 105 2.92 -23.49 7.40
CA GLY C 105 1.59 -24.11 7.38
C GLY C 105 1.26 -24.75 6.06
N SER C 106 1.59 -24.07 4.95
CA SER C 106 1.37 -24.50 3.55
C SER C 106 2.03 -25.85 3.21
N GLU C 107 3.18 -26.17 3.85
CA GLU C 107 3.94 -27.42 3.69
C GLU C 107 3.12 -28.69 4.05
N ILE C 108 2.10 -28.58 4.91
CA ILE C 108 1.24 -29.70 5.31
C ILE C 108 0.44 -30.23 4.11
N PHE C 109 0.13 -29.35 3.14
CA PHE C 109 -0.62 -29.68 1.91
C PHE C 109 0.33 -30.23 0.84
N SER C 110 0.39 -31.61 0.73
CA SER C 110 1.32 -32.28 -0.16
C SER C 110 0.70 -33.29 -1.14
N LEU C 111 1.28 -33.37 -2.35
CA LEU C 111 0.88 -34.35 -3.36
C LEU C 111 1.49 -35.71 -2.96
N GLU C 112 2.66 -35.65 -2.33
CA GLU C 112 3.50 -36.76 -1.87
C GLU C 112 3.03 -37.46 -0.57
N MET C 113 2.31 -36.76 0.35
CA MET C 113 1.83 -37.33 1.62
C MET C 113 0.64 -36.60 2.24
N SER C 114 -0.08 -37.29 3.13
CA SER C 114 -1.24 -36.73 3.82
C SER C 114 -0.84 -35.62 4.81
N LYS C 115 -1.84 -34.83 5.28
CA LYS C 115 -1.61 -33.78 6.27
C LYS C 115 -1.15 -34.42 7.58
N THR C 116 -1.72 -35.61 7.91
CA THR C 116 -1.38 -36.39 9.11
C THR C 116 0.09 -36.76 9.03
N GLU C 117 0.53 -37.27 7.85
CA GLU C 117 1.92 -37.67 7.66
C GLU C 117 2.83 -36.46 7.76
N ALA C 118 2.52 -35.39 7.02
CA ALA C 118 3.26 -34.14 7.02
C ALA C 118 3.47 -33.65 8.48
N LEU C 119 2.39 -33.66 9.29
CA LEU C 119 2.43 -33.24 10.69
C LEU C 119 3.15 -34.25 11.60
N THR C 120 2.87 -35.60 11.46
CA THR C 120 3.58 -36.60 12.29
C THR C 120 5.10 -36.53 12.03
N GLN C 121 5.51 -36.28 10.78
CA GLN C 121 6.91 -36.13 10.40
C GLN C 121 7.54 -34.89 11.03
N ALA C 122 6.84 -33.72 10.98
CA ALA C 122 7.30 -32.49 11.60
C ALA C 122 7.49 -32.70 13.10
N PHE C 123 6.55 -33.44 13.75
CA PHE C 123 6.65 -33.75 15.17
C PHE C 123 7.79 -34.73 15.48
N ARG C 124 7.92 -35.82 14.69
CA ARG C 124 8.98 -36.81 14.90
C ARG C 124 10.40 -36.29 14.56
N ARG C 125 10.48 -35.21 13.75
CA ARG C 125 11.74 -34.53 13.43
C ARG C 125 12.13 -33.66 14.66
N SER C 126 11.15 -33.31 15.50
CA SER C 126 11.32 -32.49 16.69
C SER C 126 11.52 -33.27 18.01
N ILE C 127 11.50 -34.62 18.00
CA ILE C 127 11.73 -35.45 19.20
C ILE C 127 13.08 -36.14 18.99
N GLY C 128 14.07 -35.78 19.80
CA GLY C 128 15.40 -36.38 19.72
C GLY C 128 15.58 -37.65 20.57
N VAL C 129 16.49 -38.54 20.15
CA VAL C 129 16.87 -39.80 20.83
C VAL C 129 18.40 -39.78 21.06
N ARG C 130 18.85 -39.62 22.32
CA ARG C 130 20.28 -39.55 22.63
C ARG C 130 20.76 -40.95 23.00
N ILE C 131 21.38 -41.65 22.04
CA ILE C 131 21.83 -43.04 22.18
C ILE C 131 22.95 -43.23 23.19
N THR C 138 22.62 -37.18 19.82
CA THR C 138 21.18 -37.01 19.64
C THR C 138 20.78 -37.03 18.16
N VAL C 139 19.82 -37.88 17.82
CA VAL C 139 19.27 -38.11 16.48
C VAL C 139 17.73 -38.08 16.55
N SER C 140 17.04 -37.48 15.56
CA SER C 140 15.56 -37.39 15.59
C SER C 140 14.88 -38.73 15.35
N LEU C 141 13.64 -38.89 15.87
CA LEU C 141 12.81 -40.08 15.68
C LEU C 141 12.54 -40.30 14.17
N HIS C 142 12.36 -39.19 13.40
CA HIS C 142 12.14 -39.19 11.96
C HIS C 142 13.38 -39.73 11.21
N GLU C 143 14.60 -39.30 11.62
CA GLU C 143 15.86 -39.75 11.04
C GLU C 143 16.01 -41.27 11.23
N ILE C 144 15.60 -41.78 12.41
CA ILE C 144 15.58 -43.21 12.75
C ILE C 144 14.54 -43.93 11.87
N ASP C 145 13.39 -43.26 11.56
CA ASP C 145 12.33 -43.81 10.71
C ASP C 145 12.84 -43.96 9.27
N VAL C 146 13.55 -42.93 8.74
CA VAL C 146 14.11 -42.93 7.38
C VAL C 146 15.17 -44.03 7.22
N ILE C 147 16.16 -44.10 8.13
CA ILE C 147 17.25 -45.10 8.14
C ILE C 147 16.74 -46.52 8.13
N ASN C 148 15.68 -46.82 8.91
CA ASN C 148 15.11 -48.16 9.00
C ASN C 148 13.88 -48.36 8.07
N SER C 149 13.87 -47.66 6.90
CA SER C 149 12.81 -47.74 5.87
C SER C 149 13.39 -48.16 4.53
N ARG C 150 12.63 -48.97 3.75
CA ARG C 150 13.01 -49.58 2.47
C ARG C 150 13.93 -48.81 1.52
N THR C 151 13.43 -47.71 0.89
CA THR C 151 14.19 -46.90 -0.05
C THR C 151 15.27 -46.04 0.64
N GLN C 152 14.92 -44.81 1.12
CA GLN C 152 15.76 -43.83 1.86
C GLN C 152 16.24 -42.53 1.11
N GLY C 153 17.39 -42.58 0.44
CA GLY C 153 17.99 -41.41 -0.22
C GLY C 153 17.87 -41.38 -1.74
N PHE C 154 19.01 -41.59 -2.43
CA PHE C 154 19.07 -41.61 -3.89
C PHE C 154 18.19 -42.73 -4.42
N LEU C 155 18.12 -43.87 -3.70
CA LEU C 155 17.29 -45.02 -4.07
C LEU C 155 15.78 -44.66 -3.97
N ALA C 156 15.47 -43.59 -3.21
CA ALA C 156 14.12 -43.05 -3.05
C ALA C 156 13.90 -41.82 -3.97
N LEU C 157 14.97 -41.30 -4.62
CA LEU C 157 14.90 -40.13 -5.52
C LEU C 157 13.94 -40.34 -6.71
N PHE C 158 12.84 -39.53 -6.72
CA PHE C 158 11.76 -39.51 -7.69
C PHE C 158 11.41 -40.88 -8.30
N GLU C 164 5.78 -40.88 2.71
CA GLU C 164 5.20 -41.50 3.92
C GLU C 164 5.99 -42.70 4.41
N ILE C 165 6.13 -42.80 5.76
CA ILE C 165 6.83 -43.88 6.44
C ILE C 165 5.82 -44.92 6.86
N LYS C 166 6.14 -46.21 6.61
CA LYS C 166 5.29 -47.36 6.96
C LYS C 166 4.97 -47.41 8.45
N SER C 167 3.69 -47.62 8.79
CA SER C 167 3.16 -47.67 10.16
C SER C 167 3.92 -48.70 11.01
N GLU C 168 4.20 -49.88 10.40
CA GLU C 168 4.93 -50.99 11.01
C GLU C 168 6.35 -50.56 11.43
N VAL C 169 7.05 -49.81 10.53
CA VAL C 169 8.39 -49.29 10.78
C VAL C 169 8.41 -48.36 11.99
N ARG C 170 7.39 -47.46 12.10
CA ARG C 170 7.23 -46.53 13.22
C ARG C 170 6.88 -47.23 14.50
N GLU C 171 6.08 -48.31 14.41
CA GLU C 171 5.65 -49.14 15.54
C GLU C 171 6.87 -49.84 16.16
N GLN C 172 7.81 -50.33 15.31
CA GLN C 172 9.06 -50.98 15.72
C GLN C 172 10.01 -49.94 16.33
N ILE C 173 10.18 -48.77 15.66
CA ILE C 173 11.06 -47.68 16.11
C ILE C 173 10.60 -47.15 17.48
N ASN C 174 9.27 -46.98 17.66
CA ASN C 174 8.70 -46.49 18.91
C ASN C 174 8.89 -47.47 20.05
N ALA C 175 8.81 -48.78 19.73
CA ALA C 175 8.98 -49.87 20.69
C ALA C 175 10.40 -49.93 21.21
N LYS C 176 11.42 -49.95 20.30
CA LYS C 176 12.84 -50.01 20.62
C LYS C 176 13.29 -48.79 21.42
N VAL C 177 12.80 -47.58 21.05
CA VAL C 177 13.11 -46.33 21.75
C VAL C 177 12.55 -46.37 23.20
N ALA C 178 11.34 -46.94 23.37
CA ALA C 178 10.69 -47.10 24.68
C ALA C 178 11.49 -48.06 25.55
N GLU C 179 12.01 -49.16 24.93
CA GLU C 179 12.82 -50.19 25.58
C GLU C 179 14.16 -49.61 26.03
N TRP C 180 14.86 -48.90 25.11
CA TRP C 180 16.16 -48.26 25.38
C TRP C 180 16.07 -47.20 26.48
N ARG C 181 14.96 -46.39 26.51
CA ARG C 181 14.73 -45.36 27.52
C ARG C 181 14.60 -46.01 28.90
N GLU C 182 13.83 -47.13 28.96
CA GLU C 182 13.60 -47.91 30.19
C GLU C 182 14.89 -48.55 30.71
N GLU C 183 15.75 -49.05 29.79
CA GLU C 183 17.03 -49.69 30.11
C GLU C 183 18.07 -48.66 30.55
N GLY C 184 17.93 -47.42 30.08
CA GLY C 184 18.86 -46.34 30.37
C GLY C 184 19.99 -46.26 29.36
N LYS C 185 19.72 -46.68 28.11
CA LYS C 185 20.66 -46.65 26.99
C LYS C 185 20.45 -45.34 26.26
N ALA C 186 19.17 -45.01 26.02
CA ALA C 186 18.72 -43.80 25.34
C ALA C 186 17.91 -42.86 26.24
N GLU C 187 17.91 -41.57 25.89
CA GLU C 187 17.16 -40.48 26.55
C GLU C 187 16.41 -39.71 25.47
N ILE C 188 15.09 -39.62 25.59
CA ILE C 188 14.26 -38.91 24.63
C ILE C 188 14.28 -37.40 24.98
N ILE C 189 14.84 -36.60 24.06
CA ILE C 189 14.95 -35.15 24.22
C ILE C 189 13.93 -34.41 23.32
N PRO C 190 12.73 -34.02 23.83
CA PRO C 190 11.77 -33.29 22.97
C PRO C 190 12.26 -31.87 22.69
N GLY C 191 12.34 -31.53 21.41
CA GLY C 191 12.84 -30.24 20.97
C GLY C 191 11.81 -29.16 20.80
N VAL C 192 11.94 -28.39 19.70
CA VAL C 192 11.09 -27.24 19.38
C VAL C 192 10.54 -27.42 17.96
N LEU C 193 9.24 -27.23 17.78
CA LEU C 193 8.60 -27.29 16.45
C LEU C 193 8.02 -25.91 16.13
N PHE C 194 8.60 -25.26 15.10
CA PHE C 194 8.16 -23.95 14.68
C PHE C 194 7.29 -24.05 13.45
N ILE C 195 6.05 -23.52 13.54
CA ILE C 195 5.10 -23.53 12.42
C ILE C 195 4.79 -22.09 12.04
N ASP C 196 5.41 -21.65 10.94
CA ASP C 196 5.24 -20.33 10.38
C ASP C 196 3.95 -20.35 9.52
N GLU C 197 3.42 -19.15 9.18
CA GLU C 197 2.21 -19.03 8.34
C GLU C 197 1.10 -19.99 8.82
N VAL C 198 0.87 -20.01 10.15
CA VAL C 198 -0.08 -20.90 10.82
C VAL C 198 -1.55 -20.79 10.36
N HIS C 199 -1.94 -19.62 9.86
CA HIS C 199 -3.24 -19.29 9.32
C HIS C 199 -3.53 -20.06 8.04
N MET C 200 -2.55 -20.81 7.52
CA MET C 200 -2.70 -21.66 6.33
C MET C 200 -3.27 -23.02 6.75
N LEU C 201 -3.12 -23.41 8.03
CA LEU C 201 -3.63 -24.66 8.52
C LEU C 201 -5.15 -24.61 8.61
N ASP C 202 -5.81 -25.76 8.38
CA ASP C 202 -7.25 -25.84 8.47
C ASP C 202 -7.66 -26.34 9.85
N ILE C 203 -8.97 -26.39 10.10
CA ILE C 203 -9.55 -26.83 11.35
C ILE C 203 -9.11 -28.25 11.79
N GLU C 204 -8.97 -29.18 10.84
CA GLU C 204 -8.56 -30.55 11.14
C GLU C 204 -7.13 -30.59 11.62
N SER C 205 -6.23 -29.79 10.99
CA SER C 205 -4.82 -29.69 11.35
C SER C 205 -4.67 -29.10 12.76
N PHE C 206 -5.51 -28.07 13.10
CA PHE C 206 -5.49 -27.46 14.42
C PHE C 206 -5.90 -28.46 15.50
N SER C 207 -6.87 -29.33 15.21
CA SER C 207 -7.28 -30.41 16.10
C SER C 207 -6.09 -31.36 16.36
N PHE C 208 -5.24 -31.61 15.30
CA PHE C 208 -4.04 -32.45 15.43
C PHE C 208 -3.06 -31.80 16.42
N LEU C 209 -2.80 -30.49 16.28
CA LEU C 209 -1.89 -29.75 17.16
C LEU C 209 -2.38 -29.76 18.58
N ASN C 210 -3.69 -29.60 18.76
CA ASN C 210 -4.38 -29.60 20.06
C ASN C 210 -4.20 -30.95 20.77
N ARG C 211 -4.41 -32.06 20.05
CA ARG C 211 -4.25 -33.40 20.62
C ARG C 211 -2.78 -33.69 20.88
N ALA C 212 -1.85 -33.10 20.08
CA ALA C 212 -0.40 -33.25 20.23
C ALA C 212 0.07 -32.64 21.52
N LEU C 213 -0.53 -31.51 21.93
CA LEU C 213 -0.22 -30.80 23.18
C LEU C 213 -0.54 -31.64 24.44
N GLU C 214 -1.36 -32.69 24.31
CA GLU C 214 -1.74 -33.58 25.40
C GLU C 214 -0.68 -34.65 25.69
N SER C 215 0.31 -34.82 24.80
CA SER C 215 1.39 -35.81 24.96
C SER C 215 2.54 -35.27 25.81
N ASP C 216 3.13 -36.13 26.65
CA ASP C 216 4.24 -35.76 27.53
C ASP C 216 5.56 -35.60 26.75
N MET C 217 5.77 -36.47 25.74
CA MET C 217 6.99 -36.45 24.93
C MET C 217 6.94 -35.45 23.74
N ALA C 218 5.86 -34.64 23.65
CA ALA C 218 5.66 -33.63 22.62
C ALA C 218 6.70 -32.49 22.68
N PRO C 219 7.14 -31.93 21.53
CA PRO C 219 8.09 -30.80 21.58
C PRO C 219 7.39 -29.50 21.96
N VAL C 220 8.15 -28.41 22.14
CA VAL C 220 7.53 -27.11 22.42
C VAL C 220 6.99 -26.60 21.09
N LEU C 221 5.67 -26.33 21.02
CA LEU C 221 5.05 -25.84 19.79
C LEU C 221 5.12 -24.32 19.78
N ILE C 222 5.75 -23.78 18.75
CA ILE C 222 5.85 -22.32 18.55
C ILE C 222 5.26 -22.02 17.20
N MET C 223 4.13 -21.34 17.17
CA MET C 223 3.48 -20.96 15.93
C MET C 223 3.73 -19.47 15.66
N ALA C 224 3.61 -19.07 14.39
CA ALA C 224 3.80 -17.67 14.03
C ALA C 224 2.92 -17.24 12.88
N THR C 225 2.48 -15.99 12.91
CA THR C 225 1.63 -15.35 11.89
C THR C 225 1.88 -13.85 11.85
N ASN C 226 1.42 -13.20 10.80
CA ASN C 226 1.47 -11.75 10.61
C ASN C 226 0.03 -11.23 10.47
N ARG C 227 -0.95 -12.15 10.58
CA ARG C 227 -2.35 -11.84 10.44
C ARG C 227 -3.04 -11.53 11.74
N GLY C 228 -4.02 -10.62 11.69
CA GLY C 228 -4.92 -10.29 12.79
C GLY C 228 -6.09 -11.24 12.69
N ILE C 229 -7.30 -10.73 12.53
CA ILE C 229 -8.46 -11.60 12.34
C ILE C 229 -8.47 -12.17 10.89
N THR C 230 -8.73 -13.49 10.75
CA THR C 230 -8.82 -14.19 9.45
C THR C 230 -9.75 -15.36 9.59
N ARG C 231 -10.24 -15.91 8.45
CA ARG C 231 -11.09 -17.09 8.47
C ARG C 231 -10.27 -18.28 8.85
N ILE C 232 -10.85 -19.20 9.64
CA ILE C 232 -10.22 -20.50 9.97
C ILE C 232 -10.46 -21.33 8.68
N ARG C 233 -9.41 -21.84 8.04
CA ARG C 233 -9.58 -22.63 6.81
C ARG C 233 -10.45 -23.87 7.12
N GLY C 234 -11.36 -24.18 6.21
CA GLY C 234 -12.30 -25.30 6.38
C GLY C 234 -13.48 -24.85 7.20
N THR C 235 -13.68 -23.53 7.30
CA THR C 235 -14.69 -22.88 8.13
C THR C 235 -15.10 -21.56 7.49
N SER C 236 -16.30 -21.10 7.80
CA SER C 236 -16.88 -19.86 7.32
C SER C 236 -16.75 -18.76 8.40
N TYR C 237 -16.08 -19.08 9.54
CA TYR C 237 -15.91 -18.15 10.67
C TYR C 237 -14.54 -17.51 10.72
N GLN C 238 -14.52 -16.24 11.15
CA GLN C 238 -13.29 -15.46 11.34
C GLN C 238 -12.81 -15.69 12.77
N SER C 239 -11.52 -15.48 13.02
CA SER C 239 -10.93 -15.71 14.34
C SER C 239 -9.57 -15.03 14.43
N PRO C 240 -9.13 -14.57 15.64
CA PRO C 240 -7.76 -14.02 15.76
C PRO C 240 -6.72 -15.01 15.25
N HIS C 241 -5.88 -14.55 14.30
CA HIS C 241 -4.78 -15.27 13.68
C HIS C 241 -5.18 -16.50 12.88
N GLY C 242 -6.49 -16.68 12.66
CA GLY C 242 -7.04 -17.81 11.94
C GLY C 242 -6.95 -19.10 12.75
N ILE C 243 -6.87 -19.00 14.09
CA ILE C 243 -6.74 -20.13 15.02
C ILE C 243 -8.05 -20.31 15.80
N PRO C 244 -8.58 -21.54 15.95
CA PRO C 244 -9.83 -21.74 16.72
C PRO C 244 -9.70 -21.35 18.22
N ILE C 245 -10.83 -20.94 18.86
CA ILE C 245 -10.87 -20.53 20.29
C ILE C 245 -10.25 -21.56 21.22
N ASP C 246 -10.52 -22.88 20.97
CA ASP C 246 -9.98 -24.00 21.76
C ASP C 246 -8.45 -23.98 21.87
N LEU C 247 -7.74 -23.72 20.76
CA LEU C 247 -6.29 -23.64 20.76
C LEU C 247 -5.83 -22.29 21.27
N LEU C 248 -6.47 -21.19 20.82
CA LEU C 248 -6.11 -19.82 21.24
C LEU C 248 -6.06 -19.69 22.77
N ASP C 249 -7.04 -20.29 23.46
CA ASP C 249 -7.16 -20.29 24.91
C ASP C 249 -5.99 -21.03 25.60
N ARG C 250 -5.20 -21.81 24.84
CA ARG C 250 -4.05 -22.57 25.35
C ARG C 250 -2.70 -21.94 24.92
N LEU C 251 -2.72 -20.78 24.22
CA LEU C 251 -1.50 -20.12 23.69
C LEU C 251 -1.01 -18.98 24.53
N LEU C 252 0.32 -18.74 24.49
CA LEU C 252 0.97 -17.58 25.10
C LEU C 252 1.40 -16.72 23.92
N ILE C 253 0.66 -15.62 23.67
CA ILE C 253 0.90 -14.72 22.53
C ILE C 253 1.98 -13.68 22.81
N VAL C 254 3.01 -13.69 21.96
CA VAL C 254 4.21 -12.82 22.01
C VAL C 254 4.18 -12.02 20.71
N SER C 255 4.52 -10.70 20.74
CA SER C 255 4.57 -9.89 19.51
C SER C 255 5.94 -9.34 19.20
N THR C 256 6.31 -9.25 17.90
CA THR C 256 7.61 -8.70 17.46
C THR C 256 7.40 -7.39 16.71
N THR C 257 8.19 -6.37 17.04
CA THR C 257 8.16 -5.04 16.40
C THR C 257 9.18 -5.00 15.24
N PRO C 258 8.98 -4.19 14.17
CA PRO C 258 10.00 -4.09 13.12
C PRO C 258 11.27 -3.35 13.60
N TYR C 259 12.44 -3.71 13.03
CA TYR C 259 13.77 -3.19 13.40
C TYR C 259 14.07 -1.78 12.93
N SER C 260 14.87 -1.07 13.74
CA SER C 260 15.36 0.28 13.48
C SER C 260 16.51 0.21 12.48
N GLU C 261 17.00 1.37 12.00
CA GLU C 261 18.14 1.43 11.09
C GLU C 261 19.40 0.84 11.79
N LYS C 262 19.63 1.17 13.08
CA LYS C 262 20.74 0.66 13.89
C LYS C 262 20.68 -0.85 14.10
N ASP C 263 19.47 -1.39 14.35
CA ASP C 263 19.27 -2.83 14.57
C ASP C 263 19.46 -3.63 13.27
N THR C 264 18.91 -3.11 12.14
CA THR C 264 19.02 -3.70 10.80
C THR C 264 20.51 -3.82 10.39
N LYS C 265 21.30 -2.77 10.64
CA LYS C 265 22.72 -2.74 10.33
C LYS C 265 23.46 -3.80 11.10
N GLN C 266 23.16 -3.94 12.40
CA GLN C 266 23.80 -4.93 13.28
C GLN C 266 23.56 -6.35 12.80
N ILE C 267 22.28 -6.70 12.48
CA ILE C 267 21.89 -8.01 11.97
C ILE C 267 22.63 -8.29 10.66
N LEU C 268 22.71 -7.28 9.76
CA LEU C 268 23.42 -7.39 8.48
C LEU C 268 24.94 -7.59 8.67
N ARG C 269 25.55 -6.90 9.66
CA ARG C 269 26.98 -7.06 9.96
C ARG C 269 27.29 -8.48 10.47
N ILE C 270 26.34 -9.07 11.26
CA ILE C 270 26.44 -10.44 11.80
C ILE C 270 26.36 -11.45 10.65
N ARG C 271 25.44 -11.21 9.69
CA ARG C 271 25.27 -12.11 8.54
C ARG C 271 26.48 -12.12 7.62
N CYS C 272 27.12 -10.95 7.42
CA CYS C 272 28.33 -10.81 6.62
C CYS C 272 29.46 -11.64 7.19
N GLU C 273 29.62 -11.61 8.54
CA GLU C 273 30.62 -12.40 9.25
C GLU C 273 30.32 -13.90 9.06
N GLU C 274 29.05 -14.31 9.23
CA GLU C 274 28.59 -15.70 9.08
C GLU C 274 28.91 -16.26 7.69
N GLU C 275 28.72 -15.43 6.63
CA GLU C 275 28.99 -15.78 5.25
C GLU C 275 30.45 -15.46 4.83
N ASP C 276 31.29 -14.97 5.77
CA ASP C 276 32.68 -14.57 5.56
C ASP C 276 32.81 -13.57 4.39
N VAL C 277 32.05 -12.46 4.51
CA VAL C 277 31.97 -11.38 3.53
C VAL C 277 32.38 -10.06 4.19
N GLU C 278 33.28 -9.30 3.53
CA GLU C 278 33.75 -8.00 4.02
C GLU C 278 33.14 -6.89 3.19
N MET C 279 32.49 -5.93 3.87
CA MET C 279 31.80 -4.81 3.24
C MET C 279 32.32 -3.46 3.71
N SER C 280 32.19 -2.44 2.84
CA SER C 280 32.55 -1.06 3.16
C SER C 280 31.45 -0.48 4.07
N GLU C 281 31.79 0.50 4.93
CA GLU C 281 30.82 1.14 5.83
C GLU C 281 29.68 1.81 5.06
N ASP C 282 30.00 2.34 3.86
CA ASP C 282 29.07 2.98 2.94
C ASP C 282 28.15 1.91 2.30
N ALA C 283 28.68 0.70 2.02
CA ALA C 283 27.91 -0.42 1.48
C ALA C 283 26.93 -0.92 2.52
N TYR C 284 27.31 -0.89 3.82
CA TYR C 284 26.43 -1.29 4.92
C TYR C 284 25.27 -0.32 5.05
N THR C 285 25.54 1.01 4.81
CA THR C 285 24.53 2.08 4.84
C THR C 285 23.47 1.85 3.76
N VAL C 286 23.93 1.56 2.52
CA VAL C 286 23.08 1.26 1.38
C VAL C 286 22.23 0.00 1.70
N LEU C 287 22.87 -1.11 2.16
CA LEU C 287 22.16 -2.36 2.49
C LEU C 287 21.12 -2.15 3.59
N THR C 288 21.45 -1.37 4.65
CA THR C 288 20.50 -1.10 5.75
C THR C 288 19.32 -0.30 5.21
N ARG C 289 19.56 0.61 4.22
CA ARG C 289 18.47 1.35 3.58
C ARG C 289 17.61 0.38 2.75
N ILE C 290 18.25 -0.44 1.89
CA ILE C 290 17.58 -1.45 1.05
C ILE C 290 16.75 -2.42 1.89
N GLY C 291 17.27 -2.81 3.06
CA GLY C 291 16.58 -3.68 4.01
C GLY C 291 15.36 -3.05 4.64
N LEU C 292 15.48 -1.77 5.04
CA LEU C 292 14.37 -1.04 5.66
C LEU C 292 13.25 -0.74 4.66
N GLU C 293 13.60 -0.47 3.39
CA GLU C 293 12.63 -0.15 2.33
C GLU C 293 11.95 -1.41 1.78
N THR C 294 12.64 -2.57 1.80
CA THR C 294 12.09 -3.83 1.28
C THR C 294 11.82 -4.81 2.44
N SER C 295 12.77 -5.70 2.74
CA SER C 295 12.74 -6.68 3.82
C SER C 295 14.16 -7.06 4.24
N LEU C 296 14.30 -7.55 5.48
CA LEU C 296 15.58 -8.01 6.02
C LEU C 296 16.03 -9.27 5.23
N ARG C 297 15.08 -10.13 4.81
CA ARG C 297 15.40 -11.32 4.02
C ARG C 297 16.01 -10.94 2.67
N TYR C 298 15.43 -9.91 1.97
CA TYR C 298 15.94 -9.49 0.67
C TYR C 298 17.31 -8.87 0.82
N ALA C 299 17.51 -8.06 1.86
CA ALA C 299 18.85 -7.47 2.12
C ALA C 299 19.87 -8.60 2.34
N ILE C 300 19.50 -9.66 3.14
CA ILE C 300 20.35 -10.83 3.43
C ILE C 300 20.65 -11.66 2.15
N GLN C 301 19.65 -11.75 1.24
CA GLN C 301 19.79 -12.46 -0.01
C GLN C 301 20.85 -11.79 -0.87
N LEU C 302 20.94 -10.44 -0.81
CA LEU C 302 21.90 -9.67 -1.60
C LEU C 302 23.35 -9.85 -1.20
N ILE C 303 23.63 -10.12 0.12
CA ILE C 303 24.99 -10.30 0.67
C ILE C 303 25.82 -11.30 -0.16
N THR C 304 25.24 -12.48 -0.48
CA THR C 304 25.89 -13.52 -1.27
C THR C 304 26.18 -13.10 -2.71
N ALA C 305 25.17 -12.50 -3.38
CA ALA C 305 25.27 -12.04 -4.76
C ALA C 305 26.27 -10.89 -4.91
N ALA C 306 26.27 -9.91 -3.97
CA ALA C 306 27.19 -8.75 -3.97
C ALA C 306 28.63 -9.22 -3.79
N SER C 307 28.85 -10.26 -2.96
CA SER C 307 30.16 -10.88 -2.70
C SER C 307 30.68 -11.55 -3.98
N LEU C 308 29.80 -12.20 -4.75
CA LEU C 308 30.14 -12.86 -6.02
C LEU C 308 30.58 -11.85 -7.06
N VAL C 309 29.84 -10.74 -7.21
CA VAL C 309 30.11 -9.61 -8.10
C VAL C 309 31.47 -8.98 -7.73
N CYS C 310 31.70 -8.75 -6.43
CA CYS C 310 32.94 -8.20 -5.88
C CYS C 310 34.14 -9.11 -6.19
N ARG C 311 33.99 -10.44 -5.96
CA ARG C 311 35.04 -11.42 -6.25
C ARG C 311 35.31 -11.48 -7.76
N LYS C 312 34.26 -11.34 -8.61
CA LYS C 312 34.41 -11.32 -10.07
C LYS C 312 35.17 -10.09 -10.55
N ARG C 313 34.95 -8.93 -9.88
CA ARG C 313 35.60 -7.63 -10.15
C ARG C 313 37.07 -7.68 -9.68
N LYS C 314 37.50 -8.84 -9.10
CA LYS C 314 38.82 -9.08 -8.52
C LYS C 314 38.99 -8.09 -7.36
N GLY C 315 37.97 -8.06 -6.50
CA GLY C 315 37.91 -7.15 -5.37
C GLY C 315 38.05 -7.82 -4.02
N THR C 316 38.34 -6.99 -3.01
CA THR C 316 38.58 -7.38 -1.62
C THR C 316 37.41 -7.05 -0.69
N GLU C 317 36.96 -5.77 -0.68
CA GLU C 317 35.84 -5.34 0.14
C GLU C 317 34.66 -4.94 -0.78
N VAL C 318 33.45 -5.47 -0.48
CA VAL C 318 32.20 -5.16 -1.20
C VAL C 318 31.89 -3.68 -1.00
N GLN C 319 31.85 -2.90 -2.09
CA GLN C 319 31.60 -1.45 -2.06
C GLN C 319 30.16 -1.15 -2.54
N VAL C 320 29.67 0.12 -2.37
CA VAL C 320 28.31 0.57 -2.73
C VAL C 320 27.87 0.16 -4.13
N ASP C 321 28.77 0.26 -5.14
CA ASP C 321 28.49 -0.14 -6.52
C ASP C 321 28.15 -1.62 -6.72
N ASP C 322 28.72 -2.52 -5.87
CA ASP C 322 28.43 -3.96 -5.90
C ASP C 322 27.02 -4.21 -5.39
N ILE C 323 26.64 -3.60 -4.23
CA ILE C 323 25.30 -3.71 -3.65
C ILE C 323 24.29 -3.08 -4.61
N LYS C 324 24.65 -1.96 -5.26
CA LYS C 324 23.82 -1.24 -6.24
C LYS C 324 23.49 -2.09 -7.48
N ARG C 325 24.51 -2.73 -8.10
CA ARG C 325 24.36 -3.61 -9.27
C ARG C 325 23.42 -4.76 -8.98
N VAL C 326 23.70 -5.47 -7.89
CA VAL C 326 22.95 -6.63 -7.40
C VAL C 326 21.48 -6.32 -7.04
N TYR C 327 21.20 -5.10 -6.56
CA TYR C 327 19.86 -4.63 -6.21
C TYR C 327 19.05 -4.46 -7.49
N SER C 328 19.68 -3.87 -8.53
CA SER C 328 18.98 -3.68 -9.80
C SER C 328 18.80 -5.00 -10.59
N LEU C 329 19.66 -6.01 -10.34
CA LEU C 329 19.59 -7.32 -11.00
C LEU C 329 18.53 -8.25 -10.40
N PHE C 330 18.55 -8.44 -9.08
CA PHE C 330 17.65 -9.32 -8.35
C PHE C 330 16.58 -8.52 -7.65
N LEU C 331 15.34 -8.63 -8.13
CA LEU C 331 14.20 -7.89 -7.60
C LEU C 331 13.63 -8.48 -6.33
N ASP C 332 12.92 -7.62 -5.60
CA ASP C 332 12.18 -7.94 -4.39
C ASP C 332 10.68 -8.00 -4.80
N GLU C 333 9.84 -8.68 -3.99
CA GLU C 333 8.41 -8.85 -4.21
C GLU C 333 7.71 -7.56 -4.67
N SER C 334 7.97 -6.38 -4.02
CA SER C 334 7.37 -5.07 -4.35
C SER C 334 7.60 -4.64 -5.78
N ARG C 335 8.87 -4.66 -6.24
CA ARG C 335 9.25 -4.27 -7.60
C ARG C 335 8.75 -5.28 -8.63
N SER C 336 8.96 -6.59 -8.40
CA SER C 336 8.55 -7.63 -9.36
C SER C 336 7.04 -7.61 -9.65
N THR C 337 6.22 -7.49 -8.60
CA THR C 337 4.77 -7.42 -8.75
C THR C 337 4.33 -6.13 -9.41
N GLN C 338 4.97 -5.00 -9.08
CA GLN C 338 4.64 -3.71 -9.71
C GLN C 338 5.01 -3.65 -11.17
N TYR C 339 6.16 -4.23 -11.56
CA TYR C 339 6.62 -4.28 -12.95
C TYR C 339 5.66 -5.11 -13.83
N MET C 340 5.05 -6.16 -13.26
CA MET C 340 4.08 -7.04 -13.91
C MET C 340 2.72 -6.37 -14.12
N LYS C 341 2.36 -5.42 -13.23
CA LYS C 341 1.12 -4.66 -13.30
C LYS C 341 1.37 -3.37 -14.09
N GLY D 23 -6.39 -28.19 35.34
CA GLY D 23 -7.35 -28.24 36.44
C GLY D 23 -8.04 -26.91 36.66
N ALA D 24 -8.56 -26.29 35.57
CA ALA D 24 -9.27 -25.00 35.59
C ALA D 24 -10.54 -24.97 36.45
N HIS D 25 -11.10 -26.15 36.81
CA HIS D 25 -12.34 -26.24 37.60
C HIS D 25 -12.15 -27.05 38.88
N SER D 26 -10.91 -27.06 39.41
CA SER D 26 -10.48 -27.76 40.61
C SER D 26 -11.40 -27.48 41.79
N HIS D 27 -11.76 -26.19 41.96
CA HIS D 27 -12.61 -25.69 43.03
C HIS D 27 -14.07 -26.12 42.95
N ILE D 28 -14.61 -26.30 41.69
CA ILE D 28 -15.99 -26.70 41.47
C ILE D 28 -16.24 -28.10 42.06
N ARG D 29 -16.93 -28.14 43.20
CA ARG D 29 -17.24 -29.35 44.00
C ARG D 29 -18.75 -29.66 44.03
N GLY D 30 -19.52 -28.85 43.31
CA GLY D 30 -20.98 -28.94 43.20
C GLY D 30 -21.55 -27.62 42.75
N LEU D 31 -22.88 -27.52 42.62
CA LEU D 31 -23.51 -26.28 42.18
C LEU D 31 -23.84 -25.38 43.36
N ASP D 34 -28.65 -25.15 47.79
CA ASP D 34 -29.16 -25.71 49.06
C ASP D 34 -30.19 -26.84 48.81
N ASP D 35 -30.81 -27.35 49.90
CA ASP D 35 -31.82 -28.41 49.87
C ASP D 35 -33.04 -28.05 49.00
N ALA D 36 -33.44 -26.75 48.97
CA ALA D 36 -34.56 -26.25 48.16
C ALA D 36 -34.14 -25.88 46.73
N LEU D 37 -32.99 -26.39 46.26
CA LEU D 37 -32.40 -26.13 44.95
C LEU D 37 -32.09 -24.62 44.67
N GLU D 38 -31.86 -23.84 45.77
CA GLU D 38 -31.57 -22.41 45.76
C GLU D 38 -30.08 -22.10 45.95
N PRO D 39 -29.42 -21.35 45.04
CA PRO D 39 -27.97 -21.10 45.21
C PRO D 39 -27.56 -20.10 46.29
N ARG D 40 -26.53 -20.47 47.06
CA ARG D 40 -25.90 -19.62 48.05
C ARG D 40 -24.79 -18.85 47.27
N GLN D 41 -24.64 -17.53 47.48
CA GLN D 41 -23.68 -16.68 46.77
C GLN D 41 -22.29 -17.27 46.54
N ALA D 42 -21.74 -17.97 47.53
CA ALA D 42 -20.45 -18.65 47.40
C ALA D 42 -20.45 -19.96 48.22
N SER D 43 -20.46 -21.13 47.51
CA SER D 43 -20.46 -22.49 48.10
C SER D 43 -20.12 -23.56 47.05
N GLN D 44 -19.43 -24.65 47.53
CA GLN D 44 -18.94 -25.78 46.72
C GLN D 44 -18.03 -25.30 45.53
N GLY D 45 -17.34 -24.19 45.74
CA GLY D 45 -16.46 -23.59 44.76
C GLY D 45 -17.13 -22.55 43.90
N MET D 46 -18.46 -22.64 43.71
CA MET D 46 -19.24 -21.73 42.84
C MET D 46 -19.43 -20.35 43.48
N VAL D 47 -19.17 -19.27 42.70
CA VAL D 47 -19.26 -17.85 43.10
C VAL D 47 -20.22 -17.09 42.17
N GLY D 48 -21.20 -16.43 42.78
CA GLY D 48 -22.21 -15.64 42.06
C GLY D 48 -22.99 -16.48 41.06
N GLN D 49 -23.26 -15.93 39.85
CA GLN D 49 -24.01 -16.58 38.77
C GLN D 49 -25.25 -17.32 39.35
N LEU D 50 -26.03 -16.62 40.18
CA LEU D 50 -27.18 -17.19 40.90
C LEU D 50 -28.26 -17.83 40.01
N ALA D 51 -28.82 -17.08 39.05
CA ALA D 51 -29.86 -17.57 38.14
C ALA D 51 -29.49 -18.85 37.36
N ALA D 52 -28.32 -18.85 36.67
CA ALA D 52 -27.85 -20.01 35.89
C ALA D 52 -27.63 -21.24 36.79
N ARG D 53 -27.09 -21.01 38.02
CA ARG D 53 -26.87 -22.07 39.00
C ARG D 53 -28.22 -22.61 39.50
N ARG D 54 -29.22 -21.70 39.66
CA ARG D 54 -30.59 -22.03 40.05
C ARG D 54 -31.22 -22.91 38.97
N ALA D 55 -31.09 -22.49 37.69
CA ALA D 55 -31.61 -23.20 36.52
C ALA D 55 -30.99 -24.60 36.41
N ALA D 56 -29.67 -24.72 36.64
CA ALA D 56 -28.93 -25.98 36.64
C ALA D 56 -29.48 -26.94 37.72
N GLY D 57 -29.93 -26.36 38.83
CA GLY D 57 -30.53 -27.09 39.93
C GLY D 57 -31.81 -27.77 39.51
N VAL D 58 -32.69 -27.00 38.82
CA VAL D 58 -33.98 -27.49 38.30
C VAL D 58 -33.71 -28.62 37.31
N VAL D 59 -32.67 -28.48 36.45
CA VAL D 59 -32.28 -29.49 35.47
C VAL D 59 -31.84 -30.78 36.18
N LEU D 60 -31.01 -30.66 37.24
CA LEU D 60 -30.54 -31.81 38.04
C LEU D 60 -31.74 -32.57 38.63
N GLU D 61 -32.70 -31.86 39.27
CA GLU D 61 -33.92 -32.47 39.84
C GLU D 61 -34.77 -33.08 38.72
N MET D 62 -34.81 -32.46 37.52
CA MET D 62 -35.53 -32.98 36.35
C MET D 62 -34.90 -34.31 35.91
N ILE D 63 -33.55 -34.39 35.87
CA ILE D 63 -32.79 -35.61 35.53
C ILE D 63 -33.05 -36.69 36.61
N ARG D 64 -32.97 -36.31 37.90
CA ARG D 64 -33.21 -37.19 39.05
C ARG D 64 -34.64 -37.76 39.09
N GLU D 65 -35.66 -36.89 38.90
CA GLU D 65 -37.07 -37.28 38.87
C GLU D 65 -37.50 -37.89 37.52
N GLY D 66 -36.53 -38.18 36.64
CA GLY D 66 -36.74 -38.82 35.35
C GLY D 66 -37.52 -38.05 34.31
N LYS D 67 -37.61 -36.71 34.45
CA LYS D 67 -38.32 -35.82 33.50
C LYS D 67 -37.44 -35.25 32.35
N ILE D 68 -36.09 -35.29 32.50
CA ILE D 68 -35.17 -34.77 31.47
C ILE D 68 -35.04 -35.67 30.24
N ALA D 69 -35.73 -36.83 30.26
CA ALA D 69 -35.74 -37.85 29.21
C ALA D 69 -36.07 -37.30 27.83
N GLY D 70 -35.11 -37.45 26.91
CA GLY D 70 -35.17 -37.00 25.53
C GLY D 70 -34.69 -35.58 25.32
N ARG D 71 -34.43 -34.84 26.41
CA ARG D 71 -33.99 -33.45 26.38
C ARG D 71 -32.51 -33.24 26.73
N ALA D 72 -31.95 -32.08 26.32
CA ALA D 72 -30.57 -31.69 26.61
C ALA D 72 -30.55 -30.22 27.11
N VAL D 73 -29.34 -29.69 27.40
CA VAL D 73 -29.17 -28.33 27.93
C VAL D 73 -28.33 -27.47 26.97
N LEU D 74 -28.67 -26.20 26.85
CA LEU D 74 -27.90 -25.23 26.10
C LEU D 74 -27.60 -24.07 27.04
N ILE D 75 -26.31 -23.78 27.25
CA ILE D 75 -25.91 -22.66 28.10
C ILE D 75 -25.43 -21.57 27.15
N ALA D 76 -26.22 -20.49 27.00
CA ALA D 76 -25.89 -19.37 26.12
C ALA D 76 -25.31 -18.23 26.93
N GLY D 77 -24.08 -17.85 26.61
CA GLY D 77 -23.39 -16.77 27.32
C GLY D 77 -22.08 -16.37 26.70
N GLN D 78 -21.64 -15.14 26.99
CA GLN D 78 -20.37 -14.57 26.49
C GLN D 78 -19.20 -15.39 27.08
N PRO D 79 -18.01 -15.42 26.44
CA PRO D 79 -16.90 -16.24 26.99
C PRO D 79 -16.49 -15.88 28.41
N GLY D 80 -16.10 -16.90 29.18
CA GLY D 80 -15.67 -16.73 30.56
C GLY D 80 -16.78 -16.38 31.53
N THR D 81 -18.00 -16.89 31.31
CA THR D 81 -19.15 -16.69 32.20
C THR D 81 -19.57 -17.98 32.97
N GLY D 82 -18.62 -18.88 33.18
CA GLY D 82 -18.86 -20.12 33.93
C GLY D 82 -19.72 -21.16 33.27
N LYS D 83 -19.83 -21.15 31.90
CA LYS D 83 -20.61 -22.15 31.17
C LYS D 83 -20.03 -23.53 31.46
N THR D 84 -18.69 -23.68 31.31
CA THR D 84 -18.00 -24.94 31.62
C THR D 84 -18.10 -25.28 33.13
N ALA D 85 -17.95 -24.25 34.03
CA ALA D 85 -18.02 -24.39 35.48
C ALA D 85 -19.37 -24.95 35.91
N ILE D 86 -20.48 -24.45 35.33
CA ILE D 86 -21.83 -24.94 35.61
C ILE D 86 -21.97 -26.38 35.16
N ALA D 87 -21.39 -26.73 33.98
CA ALA D 87 -21.42 -28.11 33.50
C ALA D 87 -20.64 -29.02 34.46
N MET D 88 -19.46 -28.58 34.94
CA MET D 88 -18.62 -29.29 35.92
C MET D 88 -19.36 -29.47 37.25
N GLY D 89 -20.05 -28.41 37.68
CA GLY D 89 -20.84 -28.40 38.90
C GLY D 89 -21.99 -29.37 38.84
N MET D 90 -22.65 -29.49 37.65
CA MET D 90 -23.76 -30.42 37.43
C MET D 90 -23.30 -31.86 37.55
N ALA D 91 -22.09 -32.17 37.03
CA ALA D 91 -21.47 -33.50 37.12
C ALA D 91 -21.21 -33.85 38.58
N GLN D 92 -20.55 -32.94 39.34
CA GLN D 92 -20.23 -33.08 40.78
C GLN D 92 -21.50 -33.28 41.63
N ALA D 93 -22.58 -32.54 41.30
CA ALA D 93 -23.89 -32.60 41.95
C ALA D 93 -24.59 -33.90 41.68
N LEU D 94 -24.40 -34.49 40.48
CA LEU D 94 -25.00 -35.77 40.11
C LEU D 94 -24.36 -36.93 40.93
N GLY D 95 -23.13 -36.72 41.40
CA GLY D 95 -22.38 -37.69 42.20
C GLY D 95 -20.88 -37.52 42.09
N PRO D 96 -20.10 -38.09 43.04
CA PRO D 96 -18.64 -37.95 42.97
C PRO D 96 -17.95 -38.80 41.89
N ASP D 97 -18.53 -39.97 41.57
CA ASP D 97 -17.98 -40.88 40.57
C ASP D 97 -18.34 -40.47 39.10
N THR D 98 -19.39 -39.62 38.93
CA THR D 98 -19.95 -39.21 37.63
C THR D 98 -18.95 -38.68 36.60
N PRO D 99 -18.73 -39.41 35.48
CA PRO D 99 -17.76 -38.92 34.47
C PRO D 99 -18.15 -37.58 33.82
N PHE D 100 -17.17 -36.71 33.64
CA PHE D 100 -17.40 -35.41 33.01
C PHE D 100 -16.37 -35.18 31.93
N THR D 101 -16.82 -35.01 30.69
CA THR D 101 -15.93 -34.74 29.57
C THR D 101 -16.38 -33.47 28.84
N ALA D 102 -15.45 -32.53 28.65
CA ALA D 102 -15.70 -31.28 27.97
C ALA D 102 -14.88 -31.23 26.68
N ILE D 103 -15.58 -31.05 25.55
CA ILE D 103 -14.97 -30.94 24.23
C ILE D 103 -15.48 -29.65 23.54
N ALA D 104 -14.81 -29.24 22.47
CA ALA D 104 -15.25 -28.12 21.65
C ALA D 104 -15.77 -28.72 20.33
N GLY D 105 -16.76 -28.05 19.72
CA GLY D 105 -17.36 -28.52 18.47
C GLY D 105 -16.33 -28.83 17.41
N SER D 106 -15.33 -27.94 17.26
CA SER D 106 -14.21 -28.06 16.31
C SER D 106 -13.37 -29.35 16.45
N GLU D 107 -13.33 -29.94 17.67
CA GLU D 107 -12.60 -31.18 17.97
C GLU D 107 -13.09 -32.38 17.19
N ILE D 108 -14.38 -32.38 16.75
CA ILE D 108 -15.00 -33.47 15.97
C ILE D 108 -14.30 -33.60 14.59
N PHE D 109 -13.76 -32.49 14.04
CA PHE D 109 -13.05 -32.43 12.74
C PHE D 109 -11.56 -32.79 12.94
N SER D 110 -11.21 -34.04 12.62
CA SER D 110 -9.87 -34.57 12.90
C SER D 110 -9.21 -35.29 11.73
N LEU D 111 -7.88 -35.17 11.64
CA LEU D 111 -7.12 -35.89 10.62
C LEU D 111 -6.90 -37.32 11.12
N GLU D 112 -6.88 -37.49 12.43
CA GLU D 112 -6.66 -38.72 13.17
C GLU D 112 -7.88 -39.66 13.19
N MET D 113 -9.13 -39.13 13.11
CA MET D 113 -10.37 -39.95 13.14
C MET D 113 -11.62 -39.26 12.56
N SER D 114 -12.63 -40.07 12.21
CA SER D 114 -13.90 -39.59 11.67
C SER D 114 -14.71 -38.82 12.73
N LYS D 115 -15.73 -38.05 12.29
CA LYS D 115 -16.62 -37.32 13.18
C LYS D 115 -17.40 -38.32 14.03
N THR D 116 -17.79 -39.49 13.44
CA THR D 116 -18.50 -40.56 14.14
C THR D 116 -17.63 -41.06 15.30
N GLU D 117 -16.33 -41.30 15.01
CA GLU D 117 -15.38 -41.78 15.99
C GLU D 117 -15.19 -40.75 17.07
N ALA D 118 -14.90 -39.49 16.67
CA ALA D 118 -14.71 -38.37 17.58
C ALA D 118 -15.91 -38.26 18.54
N LEU D 119 -17.16 -38.35 18.01
CA LEU D 119 -18.37 -38.30 18.80
C LEU D 119 -18.61 -39.55 19.65
N THR D 120 -18.43 -40.78 19.09
CA THR D 120 -18.60 -42.00 19.88
C THR D 120 -17.62 -42.03 21.06
N GLN D 121 -16.37 -41.54 20.84
CA GLN D 121 -15.35 -41.46 21.88
C GLN D 121 -15.74 -40.49 22.98
N ALA D 122 -16.24 -39.27 22.61
CA ALA D 122 -16.70 -38.25 23.56
C ALA D 122 -17.85 -38.80 24.39
N PHE D 123 -18.77 -39.58 23.76
CA PHE D 123 -19.87 -40.22 24.48
C PHE D 123 -19.39 -41.33 25.39
N ARG D 124 -18.52 -42.23 24.90
CA ARG D 124 -18.00 -43.36 25.69
C ARG D 124 -17.06 -42.92 26.83
N ARG D 125 -16.49 -41.71 26.74
CA ARG D 125 -15.67 -41.11 27.79
C ARG D 125 -16.61 -40.61 28.90
N SER D 126 -17.89 -40.36 28.55
CA SER D 126 -18.93 -39.85 29.45
C SER D 126 -19.83 -40.91 30.07
N ILE D 127 -19.64 -42.21 29.74
CA ILE D 127 -20.41 -43.32 30.35
C ILE D 127 -19.43 -44.09 31.26
N GLY D 128 -19.67 -44.05 32.56
CA GLY D 128 -18.83 -44.75 33.54
C GLY D 128 -19.27 -46.16 33.85
N VAL D 129 -18.30 -47.01 34.26
CA VAL D 129 -18.50 -48.40 34.69
C VAL D 129 -17.91 -48.52 36.10
N ARG D 130 -18.77 -48.89 37.06
CA ARG D 130 -18.48 -48.98 38.49
C ARG D 130 -17.47 -50.02 39.01
N ILE D 131 -16.22 -49.51 39.21
CA ILE D 131 -15.01 -50.12 39.78
C ILE D 131 -13.86 -49.08 39.73
N VAL D 139 -14.66 -46.12 36.15
CA VAL D 139 -13.83 -46.05 34.93
C VAL D 139 -14.69 -45.88 33.65
N SER D 140 -14.29 -45.00 32.72
CA SER D 140 -15.09 -44.77 31.50
C SER D 140 -15.05 -45.94 30.51
N LEU D 141 -16.11 -46.08 29.68
CA LEU D 141 -16.21 -47.10 28.63
C LEU D 141 -15.05 -46.94 27.63
N HIS D 142 -14.65 -45.68 27.33
CA HIS D 142 -13.54 -45.35 26.44
C HIS D 142 -12.20 -45.83 27.03
N GLU D 143 -11.99 -45.65 28.36
CA GLU D 143 -10.77 -46.07 29.05
C GLU D 143 -10.63 -47.60 28.93
N ILE D 144 -11.75 -48.34 29.06
CA ILE D 144 -11.85 -49.79 28.90
C ILE D 144 -11.52 -50.17 27.43
N ASP D 145 -11.97 -49.33 26.45
CA ASP D 145 -11.72 -49.55 25.02
C ASP D 145 -10.23 -49.39 24.70
N VAL D 146 -9.57 -48.33 25.27
CA VAL D 146 -8.15 -48.04 25.09
C VAL D 146 -7.26 -49.16 25.66
N ILE D 147 -7.51 -49.57 26.94
CA ILE D 147 -6.77 -50.64 27.63
C ILE D 147 -6.79 -51.97 26.88
N ASN D 148 -7.94 -52.33 26.28
CA ASN D 148 -8.10 -53.58 25.54
C ASN D 148 -7.91 -53.41 24.01
N SER D 149 -7.07 -52.43 23.60
CA SER D 149 -6.74 -52.14 22.19
C SER D 149 -5.22 -52.24 21.94
N ARG D 150 -4.85 -52.78 20.77
CA ARG D 150 -3.48 -53.07 20.33
C ARG D 150 -2.46 -51.93 20.42
N THR D 151 -2.58 -50.92 19.52
CA THR D 151 -1.71 -49.75 19.33
C THR D 151 -1.24 -48.90 20.53
N GLN D 152 -1.68 -49.21 21.77
CA GLN D 152 -1.29 -48.46 22.98
C GLN D 152 0.22 -48.51 23.27
N GLY D 153 0.95 -47.53 22.72
CA GLY D 153 2.40 -47.41 22.84
C GLY D 153 2.96 -46.21 22.08
N PHE D 154 3.22 -45.08 22.78
CA PHE D 154 2.93 -44.94 24.21
C PHE D 154 2.00 -43.79 24.57
N PHE D 158 2.08 -39.37 17.87
CA PHE D 158 3.17 -39.25 16.89
C PHE D 158 3.70 -40.62 16.39
N SER D 159 2.78 -41.46 15.90
CA SER D 159 2.95 -42.80 15.29
C SER D 159 1.84 -42.91 14.29
N GLY D 160 2.11 -43.50 13.12
CA GLY D 160 1.13 -43.69 12.04
C GLY D 160 0.11 -42.56 11.89
N ASP D 161 -1.21 -42.79 12.03
CA ASP D 161 -2.08 -43.98 12.25
C ASP D 161 -3.35 -43.45 12.93
N THR D 162 -4.52 -43.90 12.46
CA THR D 162 -5.84 -43.51 12.98
C THR D 162 -5.94 -43.69 14.51
N GLY D 163 -6.63 -42.74 15.15
CA GLY D 163 -6.88 -42.78 16.58
C GLY D 163 -8.16 -43.52 16.93
N GLU D 164 -8.75 -44.21 15.94
CA GLU D 164 -9.97 -44.99 16.03
C GLU D 164 -9.76 -46.33 16.76
N ILE D 165 -10.80 -46.76 17.50
CA ILE D 165 -10.87 -48.02 18.22
C ILE D 165 -11.66 -49.01 17.35
N LYS D 166 -11.16 -50.24 17.20
CA LYS D 166 -11.81 -51.30 16.41
C LYS D 166 -13.22 -51.62 16.93
N SER D 167 -14.19 -51.75 16.01
CA SER D 167 -15.60 -52.04 16.28
C SER D 167 -15.76 -53.33 17.09
N GLU D 168 -14.94 -54.35 16.76
CA GLU D 168 -14.91 -55.66 17.42
C GLU D 168 -14.51 -55.51 18.91
N VAL D 169 -13.51 -54.65 19.21
CA VAL D 169 -13.05 -54.37 20.57
C VAL D 169 -14.19 -53.77 21.41
N ARG D 170 -14.95 -52.83 20.82
CA ARG D 170 -16.10 -52.17 21.44
C ARG D 170 -17.26 -53.13 21.64
N GLU D 171 -17.44 -54.07 20.69
CA GLU D 171 -18.50 -55.09 20.71
C GLU D 171 -18.23 -56.07 21.87
N GLN D 172 -16.95 -56.42 22.14
CA GLN D 172 -16.54 -57.30 23.24
C GLN D 172 -16.70 -56.56 24.58
N ILE D 173 -16.23 -55.29 24.66
CA ILE D 173 -16.34 -54.45 25.87
C ILE D 173 -17.81 -54.24 26.26
N ASN D 174 -18.68 -53.95 25.26
CA ASN D 174 -20.11 -53.73 25.47
C ASN D 174 -20.80 -55.00 25.94
N ALA D 175 -20.34 -56.19 25.47
CA ALA D 175 -20.88 -57.51 25.85
C ALA D 175 -20.60 -57.83 27.32
N LYS D 176 -19.31 -57.68 27.75
CA LYS D 176 -18.88 -57.93 29.14
C LYS D 176 -19.57 -56.98 30.13
N VAL D 177 -19.73 -55.70 29.76
CA VAL D 177 -20.42 -54.68 30.57
C VAL D 177 -21.92 -55.03 30.70
N ALA D 178 -22.55 -55.57 29.63
CA ALA D 178 -23.95 -56.03 29.61
C ALA D 178 -24.11 -57.23 30.55
N GLU D 179 -23.12 -58.15 30.55
CA GLU D 179 -23.08 -59.34 31.41
C GLU D 179 -22.98 -58.93 32.88
N TRP D 180 -22.01 -58.05 33.20
CA TRP D 180 -21.75 -57.54 34.56
C TRP D 180 -22.93 -56.70 35.09
N ILE D 188 -23.51 -49.25 35.49
CA ILE D 188 -23.27 -48.20 34.49
C ILE D 188 -23.70 -46.82 35.02
N ILE D 189 -22.75 -45.89 35.12
CA ILE D 189 -23.00 -44.54 35.61
C ILE D 189 -22.89 -43.53 34.46
N PRO D 190 -24.00 -43.12 33.79
CA PRO D 190 -23.88 -42.12 32.70
C PRO D 190 -23.59 -40.73 33.29
N GLY D 191 -22.52 -40.11 32.80
CA GLY D 191 -22.09 -38.82 33.29
C GLY D 191 -22.65 -37.61 32.57
N VAL D 192 -21.77 -36.63 32.32
CA VAL D 192 -22.08 -35.38 31.64
C VAL D 192 -21.14 -35.16 30.45
N LEU D 193 -21.68 -34.77 29.28
CA LEU D 193 -20.88 -34.45 28.11
C LEU D 193 -21.10 -32.98 27.75
N PHE D 194 -20.03 -32.19 27.87
CA PHE D 194 -20.10 -30.77 27.58
C PHE D 194 -19.47 -30.47 26.21
N ILE D 195 -20.27 -29.86 25.30
CA ILE D 195 -19.84 -29.50 23.97
C ILE D 195 -19.89 -27.98 23.84
N ASP D 196 -18.71 -27.37 23.91
CA ASP D 196 -18.51 -25.93 23.77
C ASP D 196 -18.45 -25.62 22.27
N GLU D 197 -18.63 -24.33 21.88
CA GLU D 197 -18.56 -23.87 20.47
C GLU D 197 -19.40 -24.78 19.57
N VAL D 198 -20.63 -25.08 20.03
CA VAL D 198 -21.58 -26.01 19.37
C VAL D 198 -21.97 -25.67 17.92
N HIS D 199 -21.91 -24.37 17.58
CA HIS D 199 -22.18 -23.80 16.26
C HIS D 199 -21.15 -24.27 15.22
N MET D 200 -20.10 -24.98 15.66
CA MET D 200 -19.06 -25.52 14.79
C MET D 200 -19.49 -26.89 14.25
N LEU D 201 -20.44 -27.54 14.92
CA LEU D 201 -20.93 -28.82 14.46
C LEU D 201 -21.79 -28.64 13.20
N ASP D 202 -21.74 -29.60 12.29
CA ASP D 202 -22.55 -29.58 11.09
C ASP D 202 -23.88 -30.35 11.33
N ILE D 203 -24.79 -30.30 10.36
CA ILE D 203 -26.09 -30.94 10.41
C ILE D 203 -26.02 -32.46 10.68
N GLU D 204 -25.02 -33.16 10.14
CA GLU D 204 -24.84 -34.62 10.34
C GLU D 204 -24.47 -34.93 11.78
N SER D 205 -23.61 -34.09 12.39
CA SER D 205 -23.20 -34.21 13.80
C SER D 205 -24.41 -33.95 14.72
N PHE D 206 -25.24 -32.95 14.40
CA PHE D 206 -26.45 -32.66 15.19
C PHE D 206 -27.42 -33.84 15.17
N SER D 207 -27.54 -34.54 14.02
CA SER D 207 -28.36 -35.73 13.90
C SER D 207 -27.83 -36.82 14.83
N PHE D 208 -26.47 -36.94 14.96
CA PHE D 208 -25.83 -37.90 15.88
C PHE D 208 -26.22 -37.59 17.33
N LEU D 209 -26.14 -36.32 17.75
CA LEU D 209 -26.53 -35.90 19.11
C LEU D 209 -27.98 -36.19 19.39
N ASN D 210 -28.85 -35.93 18.40
CA ASN D 210 -30.30 -36.16 18.45
C ASN D 210 -30.61 -37.65 18.66
N ARG D 211 -29.96 -38.53 17.88
CA ARG D 211 -30.15 -39.97 18.01
C ARG D 211 -29.59 -40.48 19.35
N ALA D 212 -28.50 -39.86 19.85
CA ALA D 212 -27.87 -40.21 21.12
C ALA D 212 -28.80 -39.97 22.28
N LEU D 213 -29.59 -38.88 22.23
CA LEU D 213 -30.59 -38.51 23.24
C LEU D 213 -31.70 -39.53 23.43
N GLU D 214 -31.91 -40.43 22.42
CA GLU D 214 -32.91 -41.51 22.44
C GLU D 214 -32.46 -42.71 23.28
N SER D 215 -31.17 -42.82 23.61
CA SER D 215 -30.63 -43.90 24.44
C SER D 215 -30.80 -43.67 25.95
N ASP D 216 -31.12 -44.73 26.69
CA ASP D 216 -31.30 -44.71 28.15
C ASP D 216 -29.97 -44.56 28.89
N MET D 217 -28.89 -45.19 28.39
CA MET D 217 -27.56 -45.16 28.99
C MET D 217 -26.74 -43.89 28.60
N ALA D 218 -27.32 -42.98 27.82
CA ALA D 218 -26.67 -41.75 27.31
C ALA D 218 -26.36 -40.76 28.45
N PRO D 219 -25.25 -39.98 28.36
CA PRO D 219 -24.97 -39.00 29.42
C PRO D 219 -25.84 -37.75 29.25
N VAL D 220 -25.79 -36.82 30.22
CA VAL D 220 -26.53 -35.57 30.09
C VAL D 220 -25.75 -34.72 29.09
N LEU D 221 -26.42 -34.29 28.02
CA LEU D 221 -25.76 -33.47 27.00
C LEU D 221 -25.93 -31.99 27.35
N ILE D 222 -24.81 -31.29 27.54
CA ILE D 222 -24.80 -29.86 27.83
C ILE D 222 -23.99 -29.17 26.76
N MET D 223 -24.66 -28.36 25.93
CA MET D 223 -24.00 -27.63 24.85
C MET D 223 -23.87 -26.17 25.24
N ALA D 224 -22.92 -25.46 24.64
CA ALA D 224 -22.73 -24.04 24.93
C ALA D 224 -22.28 -23.26 23.70
N THR D 225 -22.76 -22.01 23.62
CA THR D 225 -22.43 -21.06 22.55
C THR D 225 -22.53 -19.62 23.07
N ASN D 226 -21.93 -18.70 22.32
CA ASN D 226 -21.95 -17.26 22.58
C ASN D 226 -22.60 -16.57 21.37
N ARG D 227 -23.09 -17.36 20.39
CA ARG D 227 -23.69 -16.89 19.15
C ARG D 227 -25.19 -16.83 19.21
N GLY D 228 -25.77 -15.81 18.54
CA GLY D 228 -27.20 -15.65 18.37
C GLY D 228 -27.61 -16.45 17.14
N ILE D 229 -28.19 -15.80 16.12
CA ILE D 229 -28.53 -16.49 14.86
C ILE D 229 -27.26 -16.72 14.04
N THR D 230 -27.07 -17.93 13.49
CA THR D 230 -25.94 -18.30 12.64
C THR D 230 -26.35 -19.40 11.70
N ARG D 231 -25.59 -19.60 10.60
CA ARG D 231 -25.86 -20.67 9.65
C ARG D 231 -25.58 -21.99 10.33
N ILE D 232 -26.39 -23.03 10.01
CA ILE D 232 -26.15 -24.40 10.45
C ILE D 232 -25.07 -24.87 9.46
N ARG D 233 -23.90 -25.34 9.91
CA ARG D 233 -22.84 -25.79 8.99
C ARG D 233 -23.39 -26.95 8.14
N GLY D 234 -23.07 -26.91 6.85
CA GLY D 234 -23.54 -27.93 5.92
C GLY D 234 -24.96 -27.63 5.47
N THR D 235 -25.34 -26.35 5.60
CA THR D 235 -26.68 -25.87 5.30
C THR D 235 -26.57 -24.42 4.88
N SER D 236 -27.56 -23.96 4.10
CA SER D 236 -27.66 -22.58 3.64
C SER D 236 -28.66 -21.78 4.48
N TYR D 237 -29.16 -22.39 5.57
CA TYR D 237 -30.13 -21.77 6.49
C TYR D 237 -29.52 -21.28 7.79
N GLN D 238 -30.06 -20.17 8.29
CA GLN D 238 -29.66 -19.59 9.55
C GLN D 238 -30.59 -20.17 10.61
N SER D 239 -30.16 -20.15 11.88
CA SER D 239 -30.92 -20.71 13.00
C SER D 239 -30.38 -20.20 14.32
N PRO D 240 -31.22 -20.07 15.38
CA PRO D 240 -30.68 -19.66 16.69
C PRO D 240 -29.57 -20.60 17.14
N HIS D 241 -28.40 -20.00 17.47
CA HIS D 241 -27.21 -20.68 17.96
C HIS D 241 -26.55 -21.65 16.97
N GLY D 242 -27.04 -21.66 15.73
CA GLY D 242 -26.57 -22.55 14.67
C GLY D 242 -26.99 -24.00 14.88
N ILE D 243 -28.07 -24.21 15.65
CA ILE D 243 -28.64 -25.53 15.99
C ILE D 243 -29.95 -25.75 15.21
N PRO D 244 -30.19 -26.92 14.58
CA PRO D 244 -31.46 -27.13 13.86
C PRO D 244 -32.69 -27.09 14.77
N ILE D 245 -33.87 -26.70 14.23
CA ILE D 245 -35.13 -26.63 14.97
C ILE D 245 -35.44 -27.96 15.69
N ASP D 246 -35.17 -29.14 15.04
CA ASP D 246 -35.39 -30.47 15.62
C ASP D 246 -34.74 -30.63 17.00
N LEU D 247 -33.46 -30.24 17.14
CA LEU D 247 -32.73 -30.31 18.40
C LEU D 247 -33.12 -29.16 19.33
N LEU D 248 -33.20 -27.91 18.80
CA LEU D 248 -33.56 -26.73 19.59
C LEU D 248 -34.86 -26.94 20.39
N ASP D 249 -35.88 -27.54 19.74
CA ASP D 249 -37.18 -27.84 20.36
C ASP D 249 -37.07 -28.84 21.54
N ARG D 250 -35.92 -29.55 21.67
CA ARG D 250 -35.66 -30.52 22.73
C ARG D 250 -34.69 -29.97 23.81
N LEU D 251 -34.26 -28.69 23.69
CA LEU D 251 -33.29 -28.07 24.59
C LEU D 251 -33.89 -27.18 25.67
N LEU D 252 -33.22 -27.13 26.84
CA LEU D 252 -33.56 -26.24 27.93
C LEU D 252 -32.46 -25.19 27.90
N ILE D 253 -32.79 -23.96 27.43
CA ILE D 253 -31.81 -22.87 27.30
C ILE D 253 -31.62 -22.10 28.61
N VAL D 254 -30.37 -22.08 29.09
CA VAL D 254 -29.91 -21.43 30.31
C VAL D 254 -28.95 -20.32 29.87
N SER D 255 -29.05 -19.10 30.46
CA SER D 255 -28.14 -18.02 30.08
C SER D 255 -27.24 -17.60 31.22
N THR D 256 -26.00 -17.23 30.89
CA THR D 256 -25.03 -16.76 31.88
C THR D 256 -24.73 -15.30 31.60
N THR D 257 -24.78 -14.46 32.65
CA THR D 257 -24.51 -13.04 32.54
C THR D 257 -23.01 -12.81 32.87
N PRO D 258 -22.35 -11.75 32.36
CA PRO D 258 -20.96 -11.52 32.77
C PRO D 258 -20.84 -11.09 34.25
N TYR D 259 -19.71 -11.42 34.88
CA TYR D 259 -19.38 -11.14 36.27
C TYR D 259 -19.04 -9.70 36.58
N SER D 260 -19.39 -9.28 37.80
CA SER D 260 -19.10 -7.96 38.35
C SER D 260 -17.62 -7.91 38.78
N GLU D 261 -17.14 -6.73 39.20
CA GLU D 261 -15.79 -6.55 39.72
C GLU D 261 -15.59 -7.44 40.97
N LYS D 262 -16.59 -7.46 41.90
CA LYS D 262 -16.57 -8.24 43.14
C LYS D 262 -16.55 -9.74 42.87
N ASP D 263 -17.34 -10.21 41.87
CA ASP D 263 -17.42 -11.63 41.51
C ASP D 263 -16.13 -12.12 40.83
N THR D 264 -15.57 -11.30 39.89
CA THR D 264 -14.31 -11.56 39.17
C THR D 264 -13.16 -11.73 40.17
N LYS D 265 -13.06 -10.83 41.17
CA LYS D 265 -12.04 -10.86 42.22
C LYS D 265 -12.14 -12.15 43.03
N GLN D 266 -13.37 -12.56 43.40
CA GLN D 266 -13.59 -13.78 44.17
C GLN D 266 -13.14 -15.02 43.42
N ILE D 267 -13.53 -15.15 42.13
CA ILE D 267 -13.12 -16.27 41.28
C ILE D 267 -11.57 -16.29 41.16
N LEU D 268 -10.95 -15.11 40.99
CA LEU D 268 -9.50 -15.00 40.88
C LEU D 268 -8.80 -15.39 42.18
N ARG D 269 -9.38 -15.03 43.34
CA ARG D 269 -8.83 -15.40 44.66
C ARG D 269 -8.88 -16.93 44.86
N ILE D 270 -9.97 -17.57 44.38
CA ILE D 270 -10.17 -19.02 44.44
C ILE D 270 -9.12 -19.72 43.58
N ARG D 271 -8.85 -19.19 42.37
CA ARG D 271 -7.88 -19.78 41.44
C ARG D 271 -6.46 -19.71 41.96
N CYS D 272 -6.11 -18.59 42.64
CA CYS D 272 -4.79 -18.38 43.24
C CYS D 272 -4.53 -19.42 44.32
N GLU D 273 -5.56 -19.71 45.16
CA GLU D 273 -5.49 -20.73 46.20
C GLU D 273 -5.28 -22.09 45.58
N GLU D 274 -6.07 -22.42 44.52
CA GLU D 274 -6.02 -23.69 43.80
C GLU D 274 -4.62 -23.96 43.23
N GLU D 275 -3.97 -22.91 42.67
CA GLU D 275 -2.63 -22.97 42.10
C GLU D 275 -1.53 -22.69 43.14
N ASP D 276 -1.91 -22.54 44.43
CA ASP D 276 -1.03 -22.23 45.57
C ASP D 276 -0.11 -21.03 45.26
N VAL D 277 -0.76 -19.90 44.94
CA VAL D 277 -0.13 -18.62 44.56
C VAL D 277 -0.65 -17.57 45.51
N GLU D 278 0.26 -16.80 46.13
CA GLU D 278 -0.13 -15.73 47.04
C GLU D 278 0.07 -14.38 46.37
N MET D 279 -0.97 -13.54 46.41
CA MET D 279 -0.97 -12.23 45.78
C MET D 279 -1.24 -11.10 46.78
N SER D 280 -0.78 -9.88 46.45
CA SER D 280 -1.04 -8.70 47.25
C SER D 280 -2.49 -8.24 46.94
N GLU D 281 -3.19 -7.60 47.88
CA GLU D 281 -4.57 -7.13 47.67
C GLU D 281 -4.65 -6.14 46.51
N ASP D 282 -3.58 -5.34 46.32
CA ASP D 282 -3.42 -4.38 45.23
C ASP D 282 -3.21 -5.11 43.90
N ALA D 283 -2.50 -6.27 43.91
CA ALA D 283 -2.28 -7.11 42.71
C ALA D 283 -3.61 -7.76 42.29
N TYR D 284 -4.47 -8.11 43.28
CA TYR D 284 -5.79 -8.66 43.00
C TYR D 284 -6.69 -7.60 42.32
N THR D 285 -6.57 -6.32 42.76
CA THR D 285 -7.31 -5.18 42.18
C THR D 285 -6.91 -4.99 40.70
N VAL D 286 -5.59 -5.00 40.42
CA VAL D 286 -5.05 -4.89 39.06
C VAL D 286 -5.58 -6.04 38.21
N LEU D 287 -5.45 -7.31 38.70
CA LEU D 287 -5.91 -8.51 37.96
C LEU D 287 -7.40 -8.47 37.68
N THR D 288 -8.23 -8.06 38.67
CA THR D 288 -9.68 -7.93 38.51
C THR D 288 -9.98 -6.91 37.40
N ARG D 289 -9.20 -5.81 37.35
CA ARG D 289 -9.34 -4.81 36.29
C ARG D 289 -8.95 -5.42 34.92
N ILE D 290 -7.77 -6.09 34.84
CA ILE D 290 -7.26 -6.76 33.62
C ILE D 290 -8.25 -7.81 33.12
N GLY D 291 -8.89 -8.54 34.05
CA GLY D 291 -9.91 -9.54 33.75
C GLY D 291 -11.20 -8.95 33.19
N LEU D 292 -11.66 -7.83 33.76
CA LEU D 292 -12.87 -7.13 33.30
C LEU D 292 -12.67 -6.45 31.95
N GLU D 293 -11.46 -5.96 31.66
CA GLU D 293 -11.14 -5.30 30.38
C GLU D 293 -10.87 -6.32 29.26
N THR D 294 -10.37 -7.52 29.60
CA THR D 294 -10.03 -8.55 28.61
C THR D 294 -11.01 -9.73 28.77
N SER D 295 -10.59 -10.76 29.50
CA SER D 295 -11.40 -11.95 29.81
C SER D 295 -10.90 -12.58 31.12
N LEU D 296 -11.77 -13.36 31.77
CA LEU D 296 -11.45 -14.08 33.00
C LEU D 296 -10.38 -15.14 32.69
N ARG D 297 -10.42 -15.74 31.49
CA ARG D 297 -9.44 -16.74 31.07
C ARG D 297 -8.03 -16.13 30.94
N TYR D 298 -7.92 -14.94 30.34
CA TYR D 298 -6.63 -14.25 30.21
C TYR D 298 -6.09 -13.84 31.58
N ALA D 299 -6.96 -13.32 32.47
CA ALA D 299 -6.55 -12.97 33.83
C ALA D 299 -6.01 -14.23 34.53
N ILE D 300 -6.71 -15.37 34.41
CA ILE D 300 -6.32 -16.65 35.04
C ILE D 300 -4.99 -17.19 34.44
N GLN D 301 -4.77 -16.95 33.12
CA GLN D 301 -3.55 -17.36 32.44
C GLN D 301 -2.35 -16.61 33.02
N LEU D 302 -2.54 -15.34 33.42
CA LEU D 302 -1.48 -14.53 33.98
C LEU D 302 -1.01 -14.96 35.38
N ILE D 303 -1.93 -15.54 36.23
CA ILE D 303 -1.63 -16.02 37.59
C ILE D 303 -0.34 -16.87 37.63
N THR D 304 -0.23 -17.87 36.72
CA THR D 304 0.92 -18.77 36.64
C THR D 304 2.23 -18.10 36.23
N ALA D 305 2.15 -17.23 35.19
CA ALA D 305 3.29 -16.48 34.67
C ALA D 305 3.81 -15.45 35.69
N ALA D 306 2.88 -14.73 36.38
CA ALA D 306 3.21 -13.74 37.41
C ALA D 306 3.88 -14.39 38.60
N SER D 307 3.46 -15.62 38.95
CA SER D 307 4.03 -16.42 40.04
C SER D 307 5.47 -16.81 39.69
N LEU D 308 5.74 -17.13 38.41
CA LEU D 308 7.07 -17.49 37.91
C LEU D 308 8.04 -16.31 38.03
N VAL D 309 7.58 -15.11 37.59
CA VAL D 309 8.32 -13.85 37.64
C VAL D 309 8.65 -13.49 39.09
N CYS D 310 7.65 -13.62 39.99
CA CYS D 310 7.77 -13.38 41.42
C CYS D 310 8.80 -14.33 42.05
N ARG D 311 8.74 -15.63 41.72
CA ARG D 311 9.70 -16.63 42.21
C ARG D 311 11.11 -16.33 41.69
N LYS D 312 11.24 -15.85 40.43
CA LYS D 312 12.53 -15.49 39.84
C LYS D 312 13.16 -14.27 40.58
N ARG D 313 12.30 -13.31 41.00
CA ARG D 313 12.66 -12.09 41.74
C ARG D 313 13.01 -12.45 43.19
N LYS D 314 12.99 -13.77 43.53
CA LYS D 314 13.24 -14.33 44.86
C LYS D 314 12.19 -13.74 45.82
N GLY D 315 10.94 -13.75 45.35
CA GLY D 315 9.79 -13.21 46.07
C GLY D 315 8.86 -14.26 46.64
N THR D 316 7.98 -13.82 47.55
CA THR D 316 6.99 -14.64 48.23
C THR D 316 5.58 -14.33 47.73
N GLU D 317 5.16 -13.05 47.82
CA GLU D 317 3.84 -12.57 47.40
C GLU D 317 3.92 -11.80 46.08
N VAL D 318 3.08 -12.19 45.09
CA VAL D 318 2.96 -11.56 43.77
C VAL D 318 2.41 -10.14 43.96
N GLN D 319 3.19 -9.13 43.56
CA GLN D 319 2.80 -7.73 43.68
C GLN D 319 2.37 -7.16 42.31
N VAL D 320 1.77 -5.94 42.27
CA VAL D 320 1.28 -5.27 41.06
C VAL D 320 2.29 -5.28 39.89
N ASP D 321 3.59 -5.01 40.18
CA ASP D 321 4.66 -5.01 39.18
C ASP D 321 4.88 -6.35 38.47
N ASP D 322 4.60 -7.48 39.16
CA ASP D 322 4.72 -8.82 38.59
C ASP D 322 3.58 -9.05 37.58
N ILE D 323 2.31 -8.75 37.98
CA ILE D 323 1.13 -8.84 37.12
C ILE D 323 1.30 -7.86 35.94
N LYS D 324 1.88 -6.65 36.18
CA LYS D 324 2.16 -5.62 35.16
C LYS D 324 3.16 -6.10 34.09
N ARG D 325 4.30 -6.70 34.50
CA ARG D 325 5.34 -7.20 33.60
C ARG D 325 4.76 -8.23 32.67
N VAL D 326 4.10 -9.24 33.26
CA VAL D 326 3.48 -10.37 32.60
C VAL D 326 2.35 -9.99 31.63
N TYR D 327 1.59 -8.92 31.93
CA TYR D 327 0.54 -8.38 31.09
C TYR D 327 1.14 -7.77 29.84
N SER D 328 2.23 -7.02 29.98
CA SER D 328 2.89 -6.41 28.82
C SER D 328 3.64 -7.42 27.95
N LEU D 329 4.07 -8.56 28.54
CA LEU D 329 4.79 -9.62 27.82
C LEU D 329 3.87 -10.52 27.03
N PHE D 330 2.82 -11.11 27.71
CA PHE D 330 1.87 -12.03 27.10
C PHE D 330 0.57 -11.33 26.75
N LEU D 331 0.30 -11.23 25.44
CA LEU D 331 -0.87 -10.55 24.92
C LEU D 331 -2.16 -11.33 24.97
N ASP D 332 -3.29 -10.59 24.92
CA ASP D 332 -4.65 -11.08 24.86
C ASP D 332 -5.13 -10.85 23.42
N GLU D 333 -6.21 -11.54 22.97
CA GLU D 333 -6.79 -11.45 21.62
C GLU D 333 -6.90 -10.00 21.09
N SER D 334 -7.40 -9.04 21.89
CA SER D 334 -7.56 -7.63 21.49
C SER D 334 -6.26 -6.95 21.05
N ARG D 335 -5.22 -7.07 21.87
CA ARG D 335 -3.92 -6.49 21.59
C ARG D 335 -3.21 -7.25 20.45
N SER D 336 -3.18 -8.59 20.46
CA SER D 336 -2.49 -9.38 19.43
C SER D 336 -3.05 -9.15 18.04
N THR D 337 -4.37 -9.06 17.89
CA THR D 337 -4.98 -8.78 16.59
C THR D 337 -4.66 -7.39 16.13
N GLN D 338 -4.70 -6.40 17.04
CA GLN D 338 -4.41 -5.01 16.67
C GLN D 338 -2.96 -4.78 16.38
N TYR D 339 -2.07 -5.35 17.15
CA TYR D 339 -0.64 -5.15 16.94
C TYR D 339 -0.07 -5.93 15.81
N MET D 340 -0.64 -7.12 15.48
CA MET D 340 -0.16 -8.09 14.47
C MET D 340 0.75 -7.64 13.32
N GLY E 23 -19.55 24.96 23.28
CA GLY E 23 -19.53 24.77 24.73
C GLY E 23 -19.05 23.40 25.13
N ALA E 24 -17.86 23.01 24.66
CA ALA E 24 -17.26 21.70 24.93
C ALA E 24 -16.98 21.40 26.42
N HIS E 25 -16.91 22.45 27.28
CA HIS E 25 -16.61 22.28 28.70
C HIS E 25 -17.69 22.86 29.60
N SER E 26 -18.94 22.88 29.11
CA SER E 26 -20.16 23.35 29.77
C SER E 26 -20.29 22.80 31.18
N HIS E 27 -20.05 21.49 31.33
CA HIS E 27 -20.13 20.73 32.58
C HIS E 27 -19.06 21.08 33.61
N ILE E 28 -17.83 21.43 33.15
CA ILE E 28 -16.70 21.76 34.03
C ILE E 28 -17.03 22.98 34.86
N ARG E 29 -17.29 22.76 36.16
CA ARG E 29 -17.67 23.78 37.13
C ARG E 29 -16.60 23.99 38.24
N GLY E 30 -15.49 23.26 38.12
CA GLY E 30 -14.36 23.30 39.04
C GLY E 30 -13.53 22.03 38.94
N LEU E 31 -12.51 21.87 39.81
CA LEU E 31 -11.66 20.67 39.79
C LEU E 31 -12.20 19.46 40.61
N GLY E 32 -13.31 19.66 41.33
CA GLY E 32 -13.99 18.63 42.12
C GLY E 32 -13.13 17.94 43.17
N LEU E 33 -12.41 18.73 43.98
CA LEU E 33 -11.51 18.23 45.03
C LEU E 33 -12.08 18.51 46.40
N ASP E 34 -11.80 17.64 47.39
CA ASP E 34 -12.27 17.82 48.78
C ASP E 34 -11.48 18.88 49.56
N ASP E 35 -11.73 18.97 50.87
CA ASP E 35 -11.08 19.92 51.79
C ASP E 35 -9.55 19.76 51.83
N ALA E 36 -9.06 18.50 51.71
CA ALA E 36 -7.63 18.15 51.71
C ALA E 36 -7.00 18.24 50.30
N LEU E 37 -7.65 18.96 49.35
CA LEU E 37 -7.24 19.11 47.94
C LEU E 37 -7.13 17.77 47.17
N GLU E 38 -7.89 16.74 47.63
CA GLU E 38 -7.96 15.39 47.08
C GLU E 38 -9.18 15.19 46.16
N PRO E 39 -8.99 14.68 44.91
CA PRO E 39 -10.13 14.55 43.99
C PRO E 39 -11.13 13.44 44.29
N ARG E 40 -12.42 13.78 44.21
CA ARG E 40 -13.55 12.87 44.35
C ARG E 40 -13.78 12.34 42.93
N GLN E 41 -14.03 11.02 42.77
CA GLN E 41 -14.22 10.36 41.44
C GLN E 41 -15.03 11.18 40.41
N ALA E 42 -16.15 11.78 40.85
CA ALA E 42 -16.97 12.61 39.99
C ALA E 42 -17.56 13.76 40.81
N SER E 43 -17.14 15.00 40.50
CA SER E 43 -17.62 16.24 41.12
C SER E 43 -17.28 17.46 40.30
N GLN E 44 -18.17 18.47 40.32
CA GLN E 44 -18.05 19.74 39.59
C GLN E 44 -17.85 19.54 38.06
N GLY E 45 -18.42 18.46 37.54
CA GLY E 45 -18.33 18.11 36.12
C GLY E 45 -17.19 17.19 35.78
N MET E 46 -16.10 17.22 36.59
CA MET E 46 -14.88 16.42 36.40
C MET E 46 -15.07 14.97 36.79
N VAL E 47 -14.67 14.04 35.88
CA VAL E 47 -14.80 12.57 36.03
C VAL E 47 -13.42 11.89 35.94
N GLY E 48 -13.09 11.09 36.95
CA GLY E 48 -11.81 10.36 37.01
C GLY E 48 -10.61 11.27 36.99
N GLN E 49 -9.56 10.90 36.21
CA GLN E 49 -8.30 11.65 36.03
C GLN E 49 -7.80 12.18 37.40
N LEU E 50 -7.73 11.28 38.39
CA LEU E 50 -7.38 11.59 39.76
C LEU E 50 -6.04 12.29 39.98
N ALA E 51 -4.92 11.71 39.51
CA ALA E 51 -3.58 12.29 39.67
C ALA E 51 -3.42 13.71 39.11
N ALA E 52 -3.84 13.94 37.85
CA ALA E 52 -3.72 15.25 37.22
C ALA E 52 -4.56 16.30 37.95
N ARG E 53 -5.78 15.90 38.40
CA ARG E 53 -6.67 16.78 39.14
C ARG E 53 -6.08 17.09 40.52
N ARG E 54 -5.42 16.09 41.15
CA ARG E 54 -4.72 16.22 42.44
C ARG E 54 -3.59 17.25 42.30
N ALA E 55 -2.74 17.09 41.24
CA ALA E 55 -1.63 17.95 40.89
C ALA E 55 -2.11 19.39 40.61
N ALA E 56 -3.22 19.53 39.85
CA ALA E 56 -3.86 20.81 39.53
C ALA E 56 -4.32 21.53 40.81
N GLY E 57 -4.69 20.73 41.84
CA GLY E 57 -5.10 21.22 43.15
C GLY E 57 -3.96 21.91 43.84
N VAL E 58 -2.78 21.30 43.85
CA VAL E 58 -1.56 21.85 44.43
C VAL E 58 -1.19 23.14 43.70
N VAL E 59 -1.34 23.17 42.36
CA VAL E 59 -1.07 24.37 41.53
C VAL E 59 -2.05 25.50 41.90
N LEU E 60 -3.37 25.18 42.09
CA LEU E 60 -4.40 26.15 42.49
C LEU E 60 -4.03 26.78 43.84
N GLU E 61 -3.66 25.96 44.84
CA GLU E 61 -3.25 26.47 46.14
C GLU E 61 -1.96 27.31 46.03
N MET E 62 -1.05 26.93 45.11
CA MET E 62 0.19 27.68 44.82
C MET E 62 -0.17 29.07 44.25
N ILE E 63 -1.14 29.12 43.30
CA ILE E 63 -1.65 30.36 42.69
C ILE E 63 -2.33 31.21 43.76
N ARG E 64 -3.17 30.59 44.60
CA ARG E 64 -3.90 31.25 45.70
C ARG E 64 -2.97 31.85 46.77
N GLU E 65 -2.00 31.06 47.25
CA GLU E 65 -1.02 31.49 48.24
C GLU E 65 0.11 32.37 47.64
N GLY E 66 -0.05 32.80 46.39
CA GLY E 66 0.87 33.66 45.65
C GLY E 66 2.26 33.11 45.36
N LYS E 67 2.40 31.76 45.36
CA LYS E 67 3.66 31.06 45.10
C LYS E 67 3.91 30.71 43.63
N ILE E 68 2.87 30.72 42.77
CA ILE E 68 3.00 30.36 41.34
C ILE E 68 3.75 31.42 40.50
N ALA E 69 4.05 32.57 41.13
CA ALA E 69 4.76 33.73 40.55
C ALA E 69 6.01 33.38 39.76
N GLY E 70 5.96 33.71 38.47
CA GLY E 70 7.05 33.50 37.51
C GLY E 70 7.02 32.17 36.80
N ARG E 71 6.17 31.26 37.26
CA ARG E 71 6.01 29.91 36.75
C ARG E 71 4.69 29.71 35.95
N ALA E 72 4.67 28.65 35.12
CA ALA E 72 3.52 28.28 34.30
C ALA E 72 3.29 26.76 34.43
N VAL E 73 2.24 26.23 33.78
CA VAL E 73 1.91 24.81 33.84
C VAL E 73 2.03 24.17 32.45
N LEU E 74 2.49 22.91 32.40
CA LEU E 74 2.52 22.13 31.17
C LEU E 74 1.75 20.84 31.46
N ILE E 75 0.67 20.57 30.70
CA ILE E 75 -0.10 19.34 30.86
C ILE E 75 0.27 18.47 29.65
N ALA E 76 1.01 17.39 29.90
CA ALA E 76 1.45 16.48 28.83
C ALA E 76 0.56 15.25 28.83
N GLY E 77 -0.08 14.99 27.71
CA GLY E 77 -0.98 13.86 27.58
C GLY E 77 -1.49 13.64 26.18
N GLN E 78 -1.93 12.39 25.88
CA GLN E 78 -2.46 12.03 24.55
C GLN E 78 -3.76 12.83 24.29
N PRO E 79 -4.18 13.08 23.03
CA PRO E 79 -5.42 13.85 22.82
C PRO E 79 -6.68 13.22 23.46
N GLY E 80 -7.57 14.10 23.91
CA GLY E 80 -8.81 13.74 24.58
C GLY E 80 -8.63 13.18 25.96
N THR E 81 -7.63 13.68 26.72
CA THR E 81 -7.39 13.23 28.10
C THR E 81 -7.70 14.32 29.15
N GLY E 82 -8.59 15.25 28.80
CA GLY E 82 -9.02 16.31 29.70
C GLY E 82 -8.01 17.39 30.01
N LYS E 83 -6.99 17.58 29.14
CA LYS E 83 -5.99 18.63 29.34
C LYS E 83 -6.70 19.99 29.34
N THR E 84 -7.58 20.23 28.34
CA THR E 84 -8.38 21.45 28.26
C THR E 84 -9.37 21.55 29.43
N ALA E 85 -9.99 20.39 29.80
CA ALA E 85 -10.96 20.31 30.90
C ALA E 85 -10.31 20.72 32.24
N ILE E 86 -9.05 20.26 32.52
CA ILE E 86 -8.30 20.60 33.72
C ILE E 86 -8.01 22.09 33.74
N ALA E 87 -7.65 22.66 32.56
CA ALA E 87 -7.42 24.10 32.43
C ALA E 87 -8.69 24.90 32.72
N MET E 88 -9.84 24.44 32.18
CA MET E 88 -11.16 25.03 32.41
C MET E 88 -11.57 24.92 33.89
N GLY E 89 -11.28 23.78 34.50
CA GLY E 89 -11.52 23.50 35.92
C GLY E 89 -10.74 24.44 36.81
N MET E 90 -9.45 24.73 36.44
CA MET E 90 -8.57 25.65 37.18
C MET E 90 -9.13 27.07 37.15
N ALA E 91 -9.67 27.50 36.00
CA ALA E 91 -10.29 28.81 35.83
C ALA E 91 -11.50 28.94 36.75
N GLN E 92 -12.42 27.94 36.71
CA GLN E 92 -13.64 27.86 37.53
C GLN E 92 -13.31 27.87 39.02
N ALA E 93 -12.26 27.14 39.43
CA ALA E 93 -11.77 27.06 40.80
C ALA E 93 -11.15 28.39 41.28
N LEU E 94 -10.54 29.16 40.36
CA LEU E 94 -9.94 30.45 40.69
C LEU E 94 -11.05 31.49 40.99
N GLY E 95 -12.24 31.29 40.42
CA GLY E 95 -13.39 32.17 40.61
C GLY E 95 -14.39 32.07 39.47
N PRO E 96 -15.67 32.51 39.69
CA PRO E 96 -16.68 32.41 38.60
C PRO E 96 -16.51 33.47 37.49
N ASP E 97 -15.99 34.64 37.84
CA ASP E 97 -15.75 35.73 36.89
C ASP E 97 -14.41 35.58 36.08
N THR E 98 -13.49 34.68 36.53
CA THR E 98 -12.16 34.46 35.94
C THR E 98 -12.17 34.13 34.45
N PRO E 99 -11.63 35.04 33.58
CA PRO E 99 -11.64 34.75 32.13
C PRO E 99 -10.83 33.54 31.74
N PHE E 100 -11.35 32.75 30.80
CA PHE E 100 -10.64 31.58 30.33
C PHE E 100 -10.65 31.56 28.82
N THR E 101 -9.44 31.58 28.21
CA THR E 101 -9.31 31.50 26.75
C THR E 101 -8.38 30.37 26.37
N ALA E 102 -8.85 29.49 25.49
CA ALA E 102 -8.10 28.33 25.01
C ALA E 102 -7.83 28.46 23.52
N ILE E 103 -6.55 28.44 23.16
CA ILE E 103 -6.10 28.57 21.79
C ILE E 103 -5.14 27.44 21.47
N ALA E 104 -4.87 27.22 20.17
CA ALA E 104 -3.89 26.22 19.73
C ALA E 104 -2.68 26.99 19.23
N GLY E 105 -1.49 26.41 19.38
CA GLY E 105 -0.24 27.03 18.94
C GLY E 105 -0.29 27.53 17.52
N SER E 106 -0.86 26.71 16.62
CA SER E 106 -1.04 26.97 15.19
C SER E 106 -1.85 28.25 14.89
N GLU E 107 -2.78 28.64 15.80
CA GLU E 107 -3.62 29.84 15.68
C GLU E 107 -2.83 31.13 15.59
N ILE E 108 -1.60 31.18 16.14
CA ILE E 108 -0.69 32.33 16.11
C ILE E 108 -0.26 32.68 14.68
N PHE E 109 -0.19 31.66 13.78
CA PHE E 109 0.19 31.80 12.37
C PHE E 109 -1.05 32.14 11.52
N SER E 110 -1.26 33.43 11.25
CA SER E 110 -2.46 33.92 10.57
C SER E 110 -2.17 34.83 9.39
N LEU E 111 -3.05 34.73 8.38
CA LEU E 111 -3.00 35.57 7.18
C LEU E 111 -3.60 36.94 7.57
N GLU E 112 -4.53 36.92 8.54
CA GLU E 112 -5.29 38.04 9.07
C GLU E 112 -4.53 38.95 10.06
N MET E 113 -3.52 38.40 10.81
CA MET E 113 -2.75 39.17 11.80
C MET E 113 -1.37 38.58 12.14
N SER E 114 -0.48 39.43 12.69
CA SER E 114 0.86 39.03 13.12
C SER E 114 0.81 38.08 14.34
N LYS E 115 1.93 37.38 14.62
CA LYS E 115 2.05 36.50 15.78
C LYS E 115 1.93 37.33 17.06
N THR E 116 2.50 38.57 17.05
CA THR E 116 2.44 39.51 18.18
C THR E 116 0.99 39.83 18.46
N GLU E 117 0.23 40.15 17.40
CA GLU E 117 -1.19 40.48 17.53
C GLU E 117 -1.97 39.28 18.05
N ALA E 118 -1.80 38.10 17.41
CA ALA E 118 -2.45 36.86 17.80
C ALA E 118 -2.23 36.58 19.29
N LEU E 119 -0.96 36.72 19.76
CA LEU E 119 -0.59 36.54 21.16
C LEU E 119 -1.10 37.64 22.09
N THR E 120 -0.94 38.95 21.72
CA THR E 120 -1.46 40.04 22.56
C THR E 120 -2.99 39.91 22.75
N GLN E 121 -3.72 39.49 21.69
CA GLN E 121 -5.16 39.29 21.75
C GLN E 121 -5.52 38.15 22.69
N ALA E 122 -4.80 36.99 22.60
CA ALA E 122 -5.03 35.83 23.46
C ALA E 122 -4.79 36.23 24.93
N PHE E 123 -3.76 37.08 25.19
CA PHE E 123 -3.47 37.57 26.53
C PHE E 123 -4.51 38.57 27.02
N ARG E 124 -4.91 39.54 26.17
CA ARG E 124 -5.91 40.55 26.54
C ARG E 124 -7.35 39.94 26.68
N ARG E 125 -7.60 38.77 26.07
CA ARG E 125 -8.86 38.04 26.19
C ARG E 125 -8.86 37.36 27.57
N SER E 126 -7.67 37.14 28.16
CA SER E 126 -7.47 36.45 29.44
C SER E 126 -7.32 37.37 30.66
N ILE E 127 -7.34 38.70 30.47
CA ILE E 127 -7.30 39.67 31.57
C ILE E 127 -8.71 40.30 31.67
N GLY E 128 -9.41 40.04 32.77
CA GLY E 128 -10.75 40.58 33.00
C GLY E 128 -10.76 41.91 33.72
N THR E 138 -17.92 41.10 34.85
CA THR E 138 -16.55 41.05 34.33
C THR E 138 -16.53 41.05 32.79
N VAL E 139 -15.61 41.84 32.21
CA VAL E 139 -15.41 41.96 30.77
C VAL E 139 -13.90 41.93 30.43
N SER E 140 -13.51 41.21 29.36
CA SER E 140 -12.09 41.10 28.98
C SER E 140 -11.55 42.39 28.38
N LEU E 141 -10.22 42.62 28.49
CA LEU E 141 -9.52 43.78 27.93
C LEU E 141 -9.70 43.82 26.40
N HIS E 142 -9.68 42.65 25.75
CA HIS E 142 -9.89 42.47 24.32
C HIS E 142 -11.32 42.88 23.89
N GLU E 143 -12.35 42.50 24.70
CA GLU E 143 -13.75 42.86 24.46
C GLU E 143 -13.91 44.39 24.46
N ILE E 144 -13.21 45.06 25.41
CA ILE E 144 -13.16 46.53 25.53
C ILE E 144 -12.45 47.12 24.29
N ASP E 145 -11.40 46.42 23.77
CA ASP E 145 -10.66 46.85 22.58
C ASP E 145 -11.56 46.79 21.33
N VAL E 146 -12.31 45.68 21.17
CA VAL E 146 -13.23 45.48 20.04
C VAL E 146 -14.37 46.52 20.04
N ILE E 147 -15.06 46.71 21.18
CA ILE E 147 -16.17 47.66 21.36
C ILE E 147 -15.78 49.10 21.00
N ASN E 148 -14.55 49.52 21.37
CA ASN E 148 -14.05 50.88 21.08
C ASN E 148 -13.20 50.95 19.79
N SER E 149 -13.50 50.08 18.80
CA SER E 149 -12.83 50.02 17.49
C SER E 149 -13.84 50.06 16.32
N ARG E 150 -13.43 50.58 15.14
CA ARG E 150 -14.32 50.66 13.97
C ARG E 150 -14.52 49.28 13.30
N THR E 151 -15.71 48.67 13.48
CA THR E 151 -16.05 47.38 12.89
C THR E 151 -16.94 47.57 11.67
N GLU E 164 -7.54 42.16 14.54
CA GLU E 164 -6.48 42.82 13.78
C GLU E 164 -6.09 44.25 14.25
N ILE E 165 -6.86 44.81 15.20
CA ILE E 165 -6.59 46.11 15.80
C ILE E 165 -6.96 46.05 17.27
N GLU E 168 -3.15 52.54 19.50
CA GLU E 168 -3.71 53.75 20.09
C GLU E 168 -4.98 53.44 20.90
N VAL E 169 -5.89 52.59 20.33
CA VAL E 169 -7.14 52.17 20.98
C VAL E 169 -6.83 51.42 22.30
N ARG E 170 -5.80 50.53 22.27
CA ARG E 170 -5.34 49.76 23.43
C ARG E 170 -4.67 50.65 24.48
N GLU E 171 -3.96 51.70 24.03
CA GLU E 171 -3.29 52.67 24.88
C GLU E 171 -4.32 53.50 25.65
N GLN E 172 -5.45 53.85 25.00
CA GLN E 172 -6.55 54.59 25.60
C GLN E 172 -7.32 53.69 26.59
N ILE E 173 -7.63 52.44 26.19
CA ILE E 173 -8.32 51.45 27.03
C ILE E 173 -7.51 51.13 28.29
N ASN E 174 -6.16 50.97 28.16
CA ASN E 174 -5.27 50.71 29.29
C ASN E 174 -5.21 51.89 30.25
N ALA E 175 -5.30 53.13 29.72
CA ALA E 175 -5.29 54.37 30.49
C ALA E 175 -6.55 54.52 31.36
N LYS E 176 -7.75 54.33 30.75
CA LYS E 176 -9.05 54.41 31.42
C LYS E 176 -9.18 53.32 32.51
N VAL E 177 -8.67 52.09 32.24
CA VAL E 177 -8.67 50.96 33.19
C VAL E 177 -7.75 51.29 34.38
N ALA E 178 -6.62 51.97 34.13
CA ALA E 178 -5.68 52.41 35.17
C ALA E 178 -6.33 53.46 36.07
N GLU E 179 -7.11 54.39 35.45
CA GLU E 179 -7.85 55.45 36.13
C GLU E 179 -8.95 54.85 37.02
N TRP E 180 -9.78 53.95 36.45
CA TRP E 180 -10.88 53.27 37.14
C TRP E 180 -10.38 52.41 38.32
N ARG E 181 -9.24 51.70 38.15
CA ARG E 181 -8.61 50.87 39.19
C ARG E 181 -8.13 51.72 40.36
N GLU E 182 -7.60 52.94 40.07
CA GLU E 182 -7.11 53.89 41.07
C GLU E 182 -8.27 54.55 41.80
N ILE E 189 -8.96 41.42 37.00
CA ILE E 189 -9.01 39.98 37.32
C ILE E 189 -8.28 39.15 36.27
N PRO E 190 -6.97 38.81 36.47
CA PRO E 190 -6.25 38.01 35.47
C PRO E 190 -6.74 36.56 35.50
N GLY E 191 -7.13 36.06 34.34
CA GLY E 191 -7.69 34.73 34.20
C GLY E 191 -6.70 33.63 33.92
N VAL E 192 -7.09 32.73 32.99
CA VAL E 192 -6.31 31.56 32.56
C VAL E 192 -6.17 31.58 31.04
N LEU E 193 -4.95 31.36 30.53
CA LEU E 193 -4.71 31.26 29.08
C LEU E 193 -4.18 29.86 28.80
N PHE E 194 -4.96 29.10 28.05
CA PHE E 194 -4.59 27.75 27.68
C PHE E 194 -4.08 27.69 26.24
N ILE E 195 -2.84 27.20 26.07
CA ILE E 195 -2.23 27.06 24.75
C ILE E 195 -1.99 25.59 24.46
N ASP E 196 -2.85 25.02 23.63
CA ASP E 196 -2.80 23.64 23.18
C ASP E 196 -1.79 23.56 22.02
N GLU E 197 -1.31 22.34 21.67
CA GLU E 197 -0.36 22.12 20.56
C GLU E 197 0.80 23.13 20.61
N VAL E 198 1.35 23.32 21.82
CA VAL E 198 2.40 24.28 22.12
C VAL E 198 3.71 24.15 21.30
N HIS E 199 4.01 22.92 20.85
CA HIS E 199 5.15 22.55 20.02
C HIS E 199 5.06 23.18 18.61
N MET E 200 3.95 23.86 18.32
CA MET E 200 3.74 24.58 17.05
C MET E 200 4.34 25.98 17.13
N LEU E 201 4.52 26.51 18.36
CA LEU E 201 5.09 27.82 18.55
C LEU E 201 6.57 27.79 18.24
N ASP E 202 7.10 28.89 17.69
CA ASP E 202 8.51 29.02 17.38
C ASP E 202 9.22 29.72 18.53
N ILE E 203 10.55 29.78 18.46
CA ILE E 203 11.40 30.39 19.47
C ILE E 203 11.03 31.84 19.82
N GLU E 204 10.63 32.65 18.83
CA GLU E 204 10.22 34.04 19.06
C GLU E 204 8.94 34.14 19.90
N SER E 205 7.96 33.22 19.64
CA SER E 205 6.70 33.16 20.36
C SER E 205 6.96 32.74 21.81
N PHE E 206 7.87 31.78 22.03
CA PHE E 206 8.24 31.32 23.38
C PHE E 206 8.85 32.47 24.18
N SER E 207 9.64 33.35 23.52
CA SER E 207 10.23 34.54 24.16
C SER E 207 9.11 35.48 24.63
N PHE E 208 8.02 35.59 23.83
CA PHE E 208 6.85 36.40 24.17
C PHE E 208 6.19 35.86 25.44
N LEU E 209 5.96 34.52 25.50
CA LEU E 209 5.35 33.88 26.67
C LEU E 209 6.20 34.07 27.93
N ASN E 210 7.53 33.91 27.77
CA ASN E 210 8.54 34.07 28.81
C ASN E 210 8.50 35.46 29.41
N ARG E 211 8.48 36.51 28.54
CA ARG E 211 8.42 37.91 28.97
C ARG E 211 7.07 38.20 29.61
N ALA E 212 5.98 37.56 29.14
CA ALA E 212 4.62 37.70 29.68
C ALA E 212 4.54 37.22 31.12
N LEU E 213 5.25 36.12 31.47
CA LEU E 213 5.31 35.56 32.82
C LEU E 213 5.94 36.52 33.86
N GLU E 214 6.68 37.56 33.39
CA GLU E 214 7.32 38.56 34.24
C GLU E 214 6.33 39.63 34.72
N SER E 215 5.18 39.76 34.07
CA SER E 215 4.13 40.74 34.43
C SER E 215 3.24 40.27 35.60
N ASP E 216 2.85 41.21 36.47
CA ASP E 216 2.00 40.96 37.64
C ASP E 216 0.55 40.71 37.23
N MET E 217 0.06 41.46 36.22
CA MET E 217 -1.32 41.38 35.73
C MET E 217 -1.54 40.25 34.70
N ALA E 218 -0.51 39.43 34.45
CA ALA E 218 -0.53 38.31 33.49
C ALA E 218 -1.45 37.18 33.95
N PRO E 219 -2.14 36.49 33.01
CA PRO E 219 -3.00 35.36 33.43
C PRO E 219 -2.15 34.12 33.71
N VAL E 220 -2.77 33.07 34.27
CA VAL E 220 -2.05 31.83 34.52
C VAL E 220 -1.86 31.15 33.17
N LEU E 221 -0.62 30.85 32.81
CA LEU E 221 -0.33 30.21 31.54
C LEU E 221 -0.34 28.68 31.72
N ILE E 222 -1.22 28.01 30.98
CA ILE E 222 -1.29 26.57 30.98
C ILE E 222 -1.07 26.11 29.55
N MET E 223 0.02 25.41 29.30
CA MET E 223 0.33 24.89 27.98
C MET E 223 0.07 23.39 27.96
N ALA E 224 -0.13 22.85 26.75
CA ALA E 224 -0.35 21.42 26.61
C ALA E 224 0.23 20.86 25.30
N THR E 225 0.73 19.62 25.37
CA THR E 225 1.28 18.89 24.24
C THR E 225 1.09 17.40 24.44
N ASN E 226 1.26 16.62 23.36
CA ASN E 226 1.19 15.16 23.36
C ASN E 226 2.54 14.60 22.92
N ARG E 227 3.50 15.49 22.64
CA ARG E 227 4.83 15.19 22.14
C ARG E 227 5.84 15.05 23.24
N GLY E 228 6.82 14.17 23.00
CA GLY E 228 8.00 13.98 23.85
C GLY E 228 9.06 14.94 23.34
N ILE E 229 10.22 14.44 22.92
CA ILE E 229 11.25 15.30 22.36
C ILE E 229 10.85 15.74 20.92
N THR E 230 11.02 17.04 20.58
CA THR E 230 10.75 17.60 19.23
C THR E 230 11.61 18.79 19.01
N ARG E 231 11.76 19.18 17.73
CA ARG E 231 12.57 20.37 17.40
C ARG E 231 11.82 21.59 17.84
N ILE E 232 12.54 22.60 18.33
CA ILE E 232 11.96 23.90 18.66
C ILE E 232 11.84 24.57 17.27
N ARG E 233 10.63 24.99 16.82
CA ARG E 233 10.47 25.63 15.51
C ARG E 233 11.36 26.89 15.47
N GLY E 234 12.02 27.09 14.34
CA GLY E 234 12.92 28.22 14.12
C GLY E 234 14.29 27.91 14.68
N THR E 235 14.54 26.62 14.90
CA THR E 235 15.75 26.12 15.54
C THR E 235 16.07 24.73 14.98
N SER E 236 17.33 24.33 15.05
CA SER E 236 17.83 23.03 14.60
C SER E 236 18.00 22.09 15.79
N TYR E 237 17.62 22.54 17.01
CA TYR E 237 17.74 21.77 18.25
C TYR E 237 16.46 21.10 18.68
N GLN E 238 16.58 19.89 19.21
CA GLN E 238 15.47 19.13 19.77
C GLN E 238 15.37 19.51 21.26
N SER E 239 14.20 19.32 21.85
CA SER E 239 13.98 19.66 23.26
C SER E 239 12.71 18.97 23.76
N PRO E 240 12.60 18.68 25.09
CA PRO E 240 11.37 18.09 25.60
C PRO E 240 10.18 18.98 25.26
N HIS E 241 9.15 18.38 24.62
CA HIS E 241 7.89 19.02 24.25
C HIS E 241 8.01 20.16 23.22
N GLY E 242 9.19 20.34 22.67
CA GLY E 242 9.49 21.40 21.71
C GLY E 242 9.56 22.77 22.35
N ILE E 243 9.83 22.83 23.69
CA ILE E 243 9.89 24.05 24.48
C ILE E 243 11.35 24.33 24.85
N PRO E 244 11.86 25.60 24.72
CA PRO E 244 13.25 25.90 25.10
C PRO E 244 13.52 25.66 26.60
N ILE E 245 14.80 25.34 26.97
CA ILE E 245 15.22 25.11 28.36
C ILE E 245 14.86 26.27 29.29
N ASP E 246 14.99 27.54 28.83
CA ASP E 246 14.63 28.71 29.63
C ASP E 246 13.21 28.69 30.15
N LEU E 247 12.23 28.32 29.31
CA LEU E 247 10.82 28.23 29.70
C LEU E 247 10.57 26.94 30.45
N LEU E 248 11.09 25.80 29.94
CA LEU E 248 10.90 24.49 30.60
C LEU E 248 11.29 24.52 32.07
N ASP E 249 12.43 25.17 32.41
CA ASP E 249 12.93 25.32 33.77
C ASP E 249 11.96 26.10 34.69
N ARG E 250 10.98 26.83 34.10
CA ARG E 250 9.97 27.61 34.82
C ARG E 250 8.56 26.92 34.82
N LEU E 251 8.46 25.71 34.27
CA LEU E 251 7.18 24.98 34.18
C LEU E 251 6.97 23.91 35.26
N LEU E 252 5.71 23.67 35.61
CA LEU E 252 5.30 22.59 36.51
C LEU E 252 4.64 21.56 35.58
N ILE E 253 5.31 20.42 35.32
CA ILE E 253 4.79 19.43 34.37
C ILE E 253 3.84 18.43 35.01
N VAL E 254 2.59 18.38 34.49
CA VAL E 254 1.50 17.50 34.92
C VAL E 254 1.18 16.54 33.74
N SER E 255 0.87 15.24 34.00
CA SER E 255 0.53 14.31 32.93
C SER E 255 -0.86 13.75 33.04
N THR E 256 -1.53 13.51 31.90
CA THR E 256 -2.89 12.92 31.88
C THR E 256 -2.83 11.54 31.21
N THR E 257 -3.45 10.52 31.83
CA THR E 257 -3.51 9.15 31.31
C THR E 257 -4.82 8.99 30.48
N PRO E 258 -4.89 8.06 29.49
CA PRO E 258 -6.18 7.88 28.78
C PRO E 258 -7.25 7.22 29.67
N TYR E 259 -8.54 7.51 29.43
CA TYR E 259 -9.65 7.03 30.24
C TYR E 259 -10.05 5.56 30.06
N SER E 260 -10.59 4.96 31.13
CA SER E 260 -11.11 3.58 31.16
C SER E 260 -12.47 3.53 30.46
N GLU E 261 -13.03 2.32 30.26
CA GLU E 261 -14.36 2.17 29.66
C GLU E 261 -15.42 2.88 30.51
N LYS E 262 -15.36 2.70 31.85
CA LYS E 262 -16.27 3.30 32.84
C LYS E 262 -16.19 4.84 32.84
N ASP E 263 -14.96 5.40 32.78
CA ASP E 263 -14.73 6.84 32.76
C ASP E 263 -15.20 7.49 31.45
N THR E 264 -14.90 6.84 30.29
CA THR E 264 -15.31 7.27 28.95
C THR E 264 -16.83 7.40 28.86
N LYS E 265 -17.54 6.39 29.38
CA LYS E 265 -19.00 6.34 29.38
C LYS E 265 -19.57 7.51 30.17
N GLN E 266 -18.98 7.79 31.37
CA GLN E 266 -19.44 8.85 32.25
C GLN E 266 -19.29 10.22 31.59
N ILE E 267 -18.10 10.51 30.98
CA ILE E 267 -17.84 11.77 30.25
C ILE E 267 -18.84 11.91 29.07
N LEU E 268 -19.10 10.81 28.33
CA LEU E 268 -20.02 10.81 27.21
C LEU E 268 -21.45 11.06 27.68
N ARG E 269 -21.85 10.48 28.85
CA ARG E 269 -23.20 10.70 29.43
C ARG E 269 -23.40 12.17 29.81
N ILE E 270 -22.34 12.81 30.34
CA ILE E 270 -22.34 14.22 30.75
C ILE E 270 -22.51 15.11 29.50
N ARG E 271 -21.79 14.77 28.40
CA ARG E 271 -21.86 15.54 27.15
C ARG E 271 -23.24 15.47 26.50
N CYS E 272 -23.88 14.28 26.56
CA CYS E 272 -25.23 14.05 26.03
C CYS E 272 -26.22 14.96 26.73
N GLU E 273 -26.11 15.08 28.07
CA GLU E 273 -26.97 15.95 28.89
C GLU E 273 -26.74 17.41 28.51
N GLU E 274 -25.46 17.82 28.33
CA GLU E 274 -25.10 19.18 27.97
C GLU E 274 -25.71 19.60 26.60
N GLU E 275 -25.72 18.66 25.62
CA GLU E 275 -26.29 18.84 24.29
C GLU E 275 -27.79 18.50 24.24
N ASP E 276 -28.40 18.16 25.41
CA ASP E 276 -29.81 17.76 25.59
C ASP E 276 -30.20 16.61 24.63
N VAL E 277 -29.45 15.50 24.72
CA VAL E 277 -29.57 14.29 23.91
C VAL E 277 -29.76 13.10 24.89
N GLU E 278 -30.77 12.28 24.65
CA GLU E 278 -31.01 11.09 25.48
C GLU E 278 -30.63 9.84 24.69
N MET E 279 -29.84 8.95 25.31
CA MET E 279 -29.37 7.72 24.69
C MET E 279 -29.77 6.48 25.45
N SER E 280 -29.87 5.33 24.73
CA SER E 280 -30.16 4.02 25.32
C SER E 280 -28.88 3.53 26.01
N GLU E 281 -29.00 2.67 27.06
CA GLU E 281 -27.82 2.14 27.77
C GLU E 281 -26.89 1.35 26.84
N ASP E 282 -27.48 0.65 25.86
CA ASP E 282 -26.80 -0.14 24.85
C ASP E 282 -26.09 0.80 23.85
N ALA E 283 -26.70 1.97 23.53
CA ALA E 283 -26.10 2.98 22.64
C ALA E 283 -24.88 3.60 23.31
N TYR E 284 -24.94 3.79 24.65
CA TYR E 284 -23.83 4.32 25.44
C TYR E 284 -22.65 3.36 25.39
N THR E 285 -22.95 2.01 25.46
CA THR E 285 -21.94 0.95 25.39
C THR E 285 -21.22 0.97 24.04
N VAL E 286 -22.00 1.08 22.93
CA VAL E 286 -21.46 1.18 21.57
C VAL E 286 -20.57 2.42 21.46
N LEU E 287 -21.08 3.62 21.88
CA LEU E 287 -20.31 4.89 21.82
C LEU E 287 -19.04 4.82 22.64
N THR E 288 -19.09 4.24 23.87
CA THR E 288 -17.92 4.08 24.74
C THR E 288 -16.89 3.18 24.03
N ARG E 289 -17.35 2.17 23.28
CA ARG E 289 -16.46 1.28 22.51
C ARG E 289 -15.85 2.09 21.36
N ILE E 290 -16.70 2.82 20.58
CA ILE E 290 -16.27 3.66 19.44
C ILE E 290 -15.25 4.68 19.89
N GLY E 291 -15.46 5.26 21.08
CA GLY E 291 -14.56 6.23 21.72
C GLY E 291 -13.21 5.64 22.11
N LEU E 292 -13.22 4.43 22.71
CA LEU E 292 -12.01 3.72 23.12
C LEU E 292 -11.19 3.21 21.94
N GLU E 293 -11.85 2.84 20.83
CA GLU E 293 -11.18 2.34 19.62
C GLU E 293 -10.68 3.48 18.70
N THR E 294 -11.30 4.67 18.78
CA THR E 294 -10.90 5.83 17.97
C THR E 294 -10.34 6.92 18.91
N SER E 295 -11.18 7.90 19.29
CA SER E 295 -10.88 9.02 20.20
C SER E 295 -12.17 9.52 20.86
N LEU E 296 -12.03 10.16 22.04
CA LEU E 296 -13.15 10.74 22.79
C LEU E 296 -13.77 11.87 21.97
N ARG E 297 -12.95 12.63 21.21
CA ARG E 297 -13.42 13.72 20.36
C ARG E 297 -14.33 13.20 19.24
N TYR E 298 -13.92 12.10 18.56
CA TYR E 298 -14.73 11.48 17.49
C TYR E 298 -16.05 10.94 18.05
N ALA E 299 -16.01 10.27 19.23
CA ALA E 299 -17.22 9.79 19.87
C ALA E 299 -18.16 10.96 20.18
N ILE E 300 -17.63 12.08 20.71
CA ILE E 300 -18.40 13.30 21.03
C ILE E 300 -18.98 13.96 19.76
N GLN E 301 -18.22 13.92 18.65
CA GLN E 301 -18.68 14.46 17.36
C GLN E 301 -19.91 13.70 16.86
N LEU E 302 -19.98 12.38 17.12
CA LEU E 302 -21.09 11.54 16.71
C LEU E 302 -22.39 11.81 17.44
N ILE E 303 -22.34 12.24 18.74
CA ILE E 303 -23.53 12.52 19.58
C ILE E 303 -24.55 13.44 18.86
N THR E 304 -24.08 14.54 18.25
CA THR E 304 -24.91 15.51 17.51
C THR E 304 -25.54 14.91 16.26
N ALA E 305 -24.73 14.19 15.44
CA ALA E 305 -25.15 13.52 14.21
C ALA E 305 -26.17 12.39 14.48
N ALA E 306 -25.91 11.55 15.52
CA ALA E 306 -26.80 10.46 15.92
C ALA E 306 -28.14 10.98 16.40
N SER E 307 -28.14 12.14 17.10
CA SER E 307 -29.34 12.82 17.58
C SER E 307 -30.18 13.33 16.40
N LEU E 308 -29.50 13.81 15.33
CA LEU E 308 -30.15 14.30 14.11
C LEU E 308 -30.87 13.15 13.38
N VAL E 309 -30.19 11.99 13.24
CA VAL E 309 -30.70 10.76 12.63
C VAL E 309 -31.92 10.25 13.43
N CYS E 310 -31.79 10.23 14.78
CA CYS E 310 -32.86 9.85 15.72
C CYS E 310 -34.07 10.76 15.57
N ARG E 311 -33.87 12.11 15.50
CA ARG E 311 -34.93 13.09 15.31
C ARG E 311 -35.59 12.93 13.91
N LYS E 312 -34.82 12.55 12.86
CA LYS E 312 -35.34 12.29 11.51
C LYS E 312 -36.23 11.04 11.51
N ARG E 313 -35.85 10.02 12.30
CA ARG E 313 -36.61 8.76 12.47
C ARG E 313 -37.86 8.99 13.33
N LYS E 314 -38.12 10.27 13.72
CA LYS E 314 -39.20 10.74 14.60
C LYS E 314 -39.09 10.03 15.95
N GLY E 315 -37.86 10.00 16.46
CA GLY E 315 -37.49 9.32 17.69
C GLY E 315 -37.23 10.23 18.87
N THR E 316 -37.21 9.61 20.06
CA THR E 316 -36.99 10.25 21.36
C THR E 316 -35.61 9.92 21.93
N GLU E 317 -35.28 8.61 22.07
CA GLU E 317 -33.99 8.14 22.60
C GLU E 317 -33.13 7.53 21.50
N VAL E 318 -31.85 7.99 21.41
CA VAL E 318 -30.84 7.53 20.46
C VAL E 318 -30.49 6.06 20.79
N GLN E 319 -30.75 5.14 19.83
CA GLN E 319 -30.50 3.70 20.00
C GLN E 319 -29.24 3.28 19.24
N VAL E 320 -28.73 2.04 19.46
CA VAL E 320 -27.50 1.51 18.85
C VAL E 320 -27.43 1.69 17.34
N ASP E 321 -28.55 1.46 16.61
CA ASP E 321 -28.59 1.64 15.16
C ASP E 321 -28.34 3.07 14.67
N ASP E 322 -28.69 4.08 15.48
CA ASP E 322 -28.45 5.48 15.17
C ASP E 322 -26.93 5.76 15.24
N ILE E 323 -26.27 5.34 16.36
CA ILE E 323 -24.82 5.49 16.57
C ILE E 323 -24.08 4.69 15.50
N LYS E 324 -24.59 3.49 15.16
CA LYS E 324 -24.02 2.59 14.14
C LYS E 324 -24.03 3.20 12.72
N ARG E 325 -25.19 3.77 12.28
CA ARG E 325 -25.34 4.43 10.98
C ARG E 325 -24.34 5.58 10.84
N VAL E 326 -24.35 6.47 11.84
CA VAL E 326 -23.52 7.67 11.91
C VAL E 326 -22.01 7.39 11.92
N TYR E 327 -21.61 6.25 12.55
CA TYR E 327 -20.22 5.79 12.61
C TYR E 327 -19.75 5.40 11.21
N SER E 328 -20.58 4.67 10.46
CA SER E 328 -20.24 4.23 9.11
C SER E 328 -20.27 5.38 8.11
N LEU E 329 -21.08 6.44 8.36
CA LEU E 329 -21.19 7.60 7.48
C LEU E 329 -20.00 8.60 7.62
N PHE E 330 -19.72 9.04 8.86
CA PHE E 330 -18.68 10.01 9.16
C PHE E 330 -17.45 9.33 9.73
N LEU E 331 -16.37 9.38 8.96
CA LEU E 331 -15.13 8.71 9.32
C LEU E 331 -14.28 9.45 10.32
N ASP E 332 -13.40 8.68 10.98
CA ASP E 332 -12.40 9.15 11.93
C ASP E 332 -11.06 9.12 11.20
N GLU E 333 -10.05 9.87 11.70
CA GLU E 333 -8.71 9.99 11.11
C GLU E 333 -8.11 8.64 10.64
N SER E 334 -8.19 7.56 11.47
CA SER E 334 -7.67 6.22 11.15
C SER E 334 -8.25 5.63 9.88
N ARG E 335 -9.58 5.62 9.75
CA ARG E 335 -10.26 5.08 8.57
C ARG E 335 -10.06 5.94 7.34
N SER E 336 -10.23 7.29 7.46
CA SER E 336 -10.09 8.20 6.33
C SER E 336 -8.70 8.16 5.69
N THR E 337 -7.63 8.13 6.52
CA THR E 337 -6.26 8.05 6.02
C THR E 337 -5.97 6.71 5.40
N GLN E 338 -6.49 5.60 5.97
CA GLN E 338 -6.28 4.28 5.41
C GLN E 338 -7.00 4.09 4.06
N TYR E 339 -8.23 4.62 3.92
CA TYR E 339 -9.02 4.55 2.68
C TYR E 339 -8.34 5.33 1.55
N MET E 340 -7.65 6.44 1.87
CA MET E 340 -6.91 7.27 0.91
C MET E 340 -5.59 6.60 0.45
N LYS E 341 -5.03 5.69 1.28
CA LYS E 341 -3.81 4.95 0.96
C LYS E 341 -4.19 3.58 0.39
N GLY F 23 14.26 34.66 42.87
CA GLY F 23 15.32 34.67 43.86
C GLY F 23 16.05 33.35 44.02
N ALA F 24 16.35 32.63 42.91
CA ALA F 24 17.07 31.35 42.90
C ALA F 24 18.51 31.42 43.44
N HIS F 25 19.11 32.64 43.53
CA HIS F 25 20.49 32.85 43.97
C HIS F 25 20.58 33.81 45.15
N SER F 26 19.50 33.87 45.95
CA SER F 26 19.33 34.69 47.17
C SER F 26 20.53 34.57 48.08
N HIS F 27 20.96 33.32 48.33
CA HIS F 27 22.07 32.95 49.20
C HIS F 27 23.44 33.40 48.72
N ILE F 28 23.66 33.44 47.39
CA ILE F 28 24.94 33.80 46.81
C ILE F 28 25.29 35.26 47.18
N ARG F 29 26.27 35.41 48.10
CA ARG F 29 26.74 36.69 48.65
C ARG F 29 28.21 36.97 48.28
N GLY F 30 28.80 36.08 47.49
CA GLY F 30 30.18 36.17 47.01
C GLY F 30 30.69 34.81 46.61
N LEU F 31 31.98 34.71 46.24
CA LEU F 31 32.57 33.44 45.83
C LEU F 31 33.12 32.59 46.99
N GLY F 32 33.11 33.14 48.21
CA GLY F 32 33.57 32.49 49.43
C GLY F 32 35.01 32.02 49.43
N LEU F 33 35.94 32.89 48.95
CA LEU F 33 37.36 32.56 48.80
C LEU F 33 38.18 33.31 49.82
N ASP F 34 39.32 32.71 50.27
CA ASP F 34 40.22 33.37 51.21
C ASP F 34 41.09 34.45 50.52
N ASP F 35 42.06 35.04 51.26
CA ASP F 35 42.99 36.07 50.79
C ASP F 35 43.84 35.60 49.59
N ALA F 36 44.23 34.31 49.58
CA ALA F 36 45.03 33.66 48.52
C ALA F 36 44.18 33.17 47.37
N LEU F 37 42.91 33.68 47.26
CA LEU F 37 41.92 33.36 46.22
C LEU F 37 41.55 31.86 46.21
N GLU F 38 41.66 31.18 47.39
CA GLU F 38 41.35 29.77 47.60
C GLU F 38 39.95 29.56 48.24
N PRO F 39 39.06 28.76 47.58
CA PRO F 39 37.71 28.57 48.11
C PRO F 39 37.57 27.71 49.37
N ARG F 40 36.77 28.18 50.32
CA ARG F 40 36.41 27.45 51.54
C ARG F 40 35.17 26.63 51.15
N GLN F 41 35.10 25.34 51.56
CA GLN F 41 34.02 24.40 51.22
C GLN F 41 32.60 25.00 51.21
N ALA F 42 32.27 25.81 52.23
CA ALA F 42 30.97 26.50 52.32
C ALA F 42 31.13 27.89 52.92
N SER F 43 30.97 28.96 52.09
CA SER F 43 31.06 30.37 52.50
C SER F 43 30.42 31.31 51.50
N GLN F 44 29.84 32.41 52.00
CA GLN F 44 29.11 33.45 51.25
C GLN F 44 27.99 32.86 50.36
N GLY F 45 27.37 31.77 50.82
CA GLY F 45 26.31 31.08 50.11
C GLY F 45 26.78 29.94 49.23
N MET F 46 28.04 30.03 48.72
CA MET F 46 28.63 29.02 47.83
C MET F 46 29.01 27.73 48.56
N VAL F 47 28.63 26.57 47.97
CA VAL F 47 28.88 25.23 48.51
C VAL F 47 29.62 24.37 47.47
N GLY F 48 30.74 23.79 47.88
CA GLY F 48 31.57 22.93 47.04
C GLY F 48 32.07 23.66 45.80
N GLN F 49 32.02 22.97 44.63
CA GLN F 49 32.46 23.48 43.32
C GLN F 49 33.78 24.26 43.47
N LEU F 50 34.76 23.62 44.11
CA LEU F 50 36.05 24.24 44.45
C LEU F 50 36.85 24.80 43.28
N ALA F 51 37.14 23.94 42.27
CA ALA F 51 37.91 24.35 41.07
C ALA F 51 37.33 25.54 40.32
N ALA F 52 36.03 25.49 39.95
CA ALA F 52 35.35 26.57 39.23
C ALA F 52 35.35 27.88 40.02
N ARG F 53 35.15 27.80 41.36
CA ARG F 53 35.17 28.96 42.23
C ARG F 53 36.60 29.52 42.34
N ARG F 54 37.62 28.62 42.35
CA ARG F 54 39.03 28.96 42.39
C ARG F 54 39.39 29.72 41.09
N ALA F 55 38.95 29.17 39.92
CA ALA F 55 39.15 29.73 38.58
C ALA F 55 38.50 31.12 38.46
N ALA F 56 37.27 31.25 38.98
CA ALA F 56 36.51 32.51 39.02
C ALA F 56 37.29 33.60 39.84
N GLY F 57 37.99 33.14 40.87
CA GLY F 57 38.83 33.99 41.70
C GLY F 57 39.98 34.61 40.91
N VAL F 58 40.67 33.77 40.09
CA VAL F 58 41.77 34.20 39.23
C VAL F 58 41.23 35.22 38.23
N VAL F 59 40.02 34.98 37.66
CA VAL F 59 39.37 35.86 36.70
C VAL F 59 39.07 37.23 37.32
N LEU F 60 38.53 37.23 38.57
CA LEU F 60 38.22 38.45 39.32
C LEU F 60 39.48 39.29 39.51
N GLU F 61 40.58 38.66 39.98
CA GLU F 61 41.86 39.36 40.18
C GLU F 61 42.43 39.84 38.83
N MET F 62 42.21 39.07 37.73
CA MET F 62 42.63 39.46 36.38
C MET F 62 41.88 40.73 35.95
N ILE F 63 40.55 40.79 36.22
CA ILE F 63 39.70 41.96 35.93
C ILE F 63 40.17 43.16 36.78
N ARG F 64 40.42 42.93 38.10
CA ARG F 64 40.88 43.95 39.05
C ARG F 64 42.25 44.53 38.67
N GLU F 65 43.24 43.66 38.37
CA GLU F 65 44.59 44.06 37.97
C GLU F 65 44.68 44.52 36.49
N GLY F 66 43.52 44.67 35.84
CA GLY F 66 43.40 45.16 34.46
C GLY F 66 43.96 44.27 33.37
N LYS F 67 44.09 42.96 33.63
CA LYS F 67 44.60 41.98 32.67
C LYS F 67 43.51 41.28 31.80
N ILE F 68 42.24 41.30 32.24
CA ILE F 68 41.13 40.64 31.51
C ILE F 68 40.72 41.38 30.24
N ALA F 69 41.29 42.58 30.02
CA ALA F 69 41.00 43.50 28.91
C ALA F 69 40.91 42.87 27.53
N GLY F 70 39.71 42.98 26.93
CA GLY F 70 39.34 42.45 25.62
C GLY F 70 38.87 41.00 25.64
N ARG F 71 38.91 40.34 26.81
CA ARG F 71 38.57 38.93 27.01
C ARG F 71 37.26 38.76 27.80
N ALA F 72 36.62 37.57 27.66
CA ALA F 72 35.36 37.22 28.33
C ALA F 72 35.49 35.82 28.95
N VAL F 73 34.43 35.31 29.62
CA VAL F 73 34.44 34.01 30.30
C VAL F 73 33.43 33.06 29.68
N LEU F 74 33.78 31.76 29.62
CA LEU F 74 32.87 30.70 29.19
C LEU F 74 32.84 29.66 30.30
N ILE F 75 31.65 29.38 30.85
CA ILE F 75 31.51 28.36 31.89
C ILE F 75 30.84 27.18 31.21
N ALA F 76 31.58 26.09 30.99
CA ALA F 76 31.05 24.90 30.35
C ALA F 76 30.72 23.86 31.42
N GLY F 77 29.45 23.45 31.47
CA GLY F 77 29.00 22.46 32.44
C GLY F 77 27.59 21.97 32.18
N GLN F 78 27.28 20.77 32.73
CA GLN F 78 25.98 20.15 32.60
C GLN F 78 24.95 21.03 33.37
N PRO F 79 23.64 21.02 33.02
CA PRO F 79 22.67 21.88 33.74
C PRO F 79 22.63 21.68 35.26
N GLY F 80 22.43 22.78 35.99
CA GLY F 80 22.35 22.79 37.45
C GLY F 80 23.67 22.55 38.17
N THR F 81 24.79 23.02 37.58
CA THR F 81 26.13 22.88 38.20
C THR F 81 26.70 24.21 38.71
N GLY F 82 25.80 25.14 39.04
CA GLY F 82 26.17 26.46 39.56
C GLY F 82 26.82 27.41 38.60
N LYS F 83 26.64 27.24 37.27
CA LYS F 83 27.20 28.16 36.26
C LYS F 83 26.65 29.58 36.53
N THR F 84 25.31 29.70 36.69
CA THR F 84 24.66 30.97 37.01
C THR F 84 25.09 31.46 38.40
N ALA F 85 25.20 30.53 39.40
CA ALA F 85 25.60 30.84 40.79
C ALA F 85 27.00 31.45 40.81
N ILE F 86 27.96 30.88 40.07
CA ILE F 86 29.34 31.39 39.96
C ILE F 86 29.32 32.78 39.33
N ALA F 87 28.49 32.99 38.28
CA ALA F 87 28.35 34.31 37.66
C ALA F 87 27.79 35.32 38.68
N MET F 88 26.78 34.92 39.49
CA MET F 88 26.18 35.73 40.56
C MET F 88 27.22 36.05 41.65
N GLY F 89 28.03 35.05 42.01
CA GLY F 89 29.11 35.16 42.99
C GLY F 89 30.18 36.12 42.56
N MET F 90 30.52 36.11 41.25
CA MET F 90 31.51 37.02 40.65
C MET F 90 31.04 38.46 40.73
N ALA F 91 29.74 38.70 40.49
CA ALA F 91 29.12 40.02 40.57
C ALA F 91 29.23 40.55 42.00
N GLN F 92 28.79 39.75 43.01
CA GLN F 92 28.82 40.04 44.44
C GLN F 92 30.24 40.34 44.92
N ALA F 93 31.23 39.56 44.43
CA ALA F 93 32.66 39.72 44.74
C ALA F 93 33.24 41.01 44.16
N LEU F 94 32.76 41.42 42.96
CA LEU F 94 33.20 42.65 42.29
C LEU F 94 32.74 43.90 43.06
N GLY F 95 31.66 43.76 43.83
CA GLY F 95 31.10 44.84 44.64
C GLY F 95 29.65 44.64 44.98
N PRO F 96 29.13 45.35 46.01
CA PRO F 96 27.71 45.16 46.40
C PRO F 96 26.70 45.82 45.45
N ASP F 97 27.10 46.95 44.85
CA ASP F 97 26.27 47.71 43.91
C ASP F 97 26.24 47.10 42.48
N THR F 98 27.26 46.27 42.13
CA THR F 98 27.50 45.71 40.79
C THR F 98 26.30 45.06 40.14
N PRO F 99 25.76 45.66 39.03
CA PRO F 99 24.59 45.07 38.37
C PRO F 99 24.87 43.69 37.78
N PHE F 100 23.90 42.79 37.93
CA PHE F 100 24.03 41.45 37.41
C PHE F 100 22.78 41.10 36.64
N THR F 101 22.94 40.79 35.34
CA THR F 101 21.80 40.39 34.51
C THR F 101 22.11 39.10 33.83
N ALA F 102 21.21 38.13 33.98
CA ALA F 102 21.34 36.80 33.42
C ALA F 102 20.25 36.58 32.37
N ILE F 103 20.65 36.29 31.15
CA ILE F 103 19.74 36.03 30.04
C ILE F 103 20.11 34.70 29.38
N ALA F 104 19.19 34.14 28.55
CA ALA F 104 19.47 32.95 27.76
C ALA F 104 19.62 33.42 26.32
N GLY F 105 20.45 32.74 25.53
CA GLY F 105 20.67 33.05 24.12
C GLY F 105 19.38 33.22 23.33
N SER F 106 18.43 32.32 23.55
CA SER F 106 17.12 32.30 22.91
C SER F 106 16.29 33.59 23.11
N GLU F 107 16.51 34.33 24.24
CA GLU F 107 15.82 35.57 24.59
C GLU F 107 16.03 36.69 23.59
N ILE F 108 17.14 36.68 22.85
CA ILE F 108 17.48 37.66 21.82
C ILE F 108 16.45 37.61 20.65
N PHE F 109 15.84 36.41 20.39
CA PHE F 109 14.85 36.17 19.32
C PHE F 109 13.44 36.50 19.83
N SER F 110 12.96 37.74 19.53
CA SER F 110 11.71 38.28 20.05
C SER F 110 10.79 38.85 19.00
N LEU F 111 9.47 38.69 19.22
CA LEU F 111 8.45 39.24 18.33
C LEU F 111 8.30 40.75 18.66
N GLU F 112 8.59 41.10 19.93
CA GLU F 112 8.48 42.43 20.50
C GLU F 112 9.65 43.36 20.17
N MET F 113 10.88 42.83 19.90
CA MET F 113 12.06 43.65 19.60
C MET F 113 13.15 42.95 18.78
N SER F 114 14.03 43.74 18.11
CA SER F 114 15.14 43.24 17.32
C SER F 114 16.22 42.59 18.20
N LYS F 115 17.13 41.80 17.59
CA LYS F 115 18.23 41.16 18.32
C LYS F 115 19.17 42.25 18.88
N THR F 116 19.35 43.37 18.11
CA THR F 116 20.17 44.50 18.53
C THR F 116 19.56 45.08 19.80
N GLU F 117 18.22 45.29 19.80
CA GLU F 117 17.53 45.86 20.95
C GLU F 117 17.65 44.94 22.14
N ALA F 118 17.34 43.64 21.95
CA ALA F 118 17.43 42.61 22.96
C ALA F 118 18.80 42.63 23.64
N LEU F 119 19.86 42.68 22.83
CA LEU F 119 21.25 42.72 23.30
C LEU F 119 21.63 44.07 23.91
N THR F 120 21.29 45.22 23.25
CA THR F 120 21.60 46.55 23.86
C THR F 120 20.93 46.68 25.24
N GLN F 121 19.69 46.15 25.40
CA GLN F 121 18.97 46.19 26.67
C GLN F 121 19.67 45.35 27.74
N ALA F 122 20.11 44.11 27.38
CA ALA F 122 20.83 43.22 28.28
C ALA F 122 22.11 43.89 28.73
N PHE F 123 22.81 44.60 27.81
CA PHE F 123 24.03 45.34 28.14
C PHE F 123 23.75 46.54 29.02
N ARG F 124 22.73 47.34 28.69
CA ARG F 124 22.39 48.55 29.47
C ARG F 124 21.80 48.24 30.86
N ARG F 125 21.26 47.02 31.06
CA ARG F 125 20.78 46.53 32.33
C ARG F 125 21.99 46.16 33.19
N SER F 126 23.16 45.90 32.55
CA SER F 126 24.42 45.50 33.18
C SER F 126 25.38 46.62 33.46
N ILE F 127 25.06 47.88 33.08
CA ILE F 127 25.94 49.05 33.36
C ILE F 127 25.19 49.90 34.37
N GLY F 128 25.75 49.99 35.57
CA GLY F 128 25.15 50.77 36.65
C GLY F 128 25.63 52.21 36.71
N VAL F 129 24.77 53.11 37.21
CA VAL F 129 25.08 54.53 37.44
C VAL F 129 24.86 54.79 38.94
N ARG F 130 25.96 55.06 39.71
CA ARG F 130 25.88 55.32 41.17
C ARG F 130 25.64 56.81 41.43
N ILE F 131 24.36 57.17 41.71
CA ILE F 131 23.93 58.55 41.97
C ILE F 131 24.52 59.11 43.27
N VAL F 136 23.07 57.79 48.27
CA VAL F 136 24.02 57.16 47.35
C VAL F 136 23.47 55.82 46.89
N HIS F 137 23.07 55.71 45.61
CA HIS F 137 22.46 54.48 45.09
C HIS F 137 22.78 54.14 43.62
N THR F 138 22.92 52.83 43.31
CA THR F 138 23.19 52.38 41.95
C THR F 138 21.88 52.06 41.24
N VAL F 139 21.75 52.54 40.00
CA VAL F 139 20.61 52.34 39.10
C VAL F 139 21.14 51.99 37.68
N SER F 140 20.55 51.00 37.00
CA SER F 140 21.03 50.60 35.66
C SER F 140 20.69 51.63 34.60
N LEU F 141 21.49 51.67 33.50
CA LEU F 141 21.28 52.56 32.35
C LEU F 141 19.90 52.29 31.72
N HIS F 142 19.49 50.99 31.68
CA HIS F 142 18.21 50.55 31.15
C HIS F 142 17.03 51.08 32.00
N GLU F 143 17.17 51.06 33.36
CA GLU F 143 16.16 51.57 34.30
C GLU F 143 15.94 53.07 34.02
N ILE F 144 17.04 53.82 33.79
CA ILE F 144 17.04 55.24 33.40
C ILE F 144 16.34 55.43 32.02
N ASP F 145 16.54 54.49 31.09
CA ASP F 145 15.91 54.51 29.76
C ASP F 145 14.40 54.31 29.85
N VAL F 146 13.95 53.34 30.67
CA VAL F 146 12.52 53.03 30.90
C VAL F 146 11.79 54.22 31.56
N ILE F 147 12.36 54.78 32.67
CA ILE F 147 11.80 55.91 33.42
C ILE F 147 11.58 57.13 32.56
N ASN F 148 12.52 57.45 31.67
CA ASN F 148 12.45 58.61 30.77
C ASN F 148 11.89 58.23 29.37
N GLU F 164 10.99 48.03 22.66
CA GLU F 164 12.09 48.90 22.23
C GLU F 164 12.05 50.37 22.76
N ILE F 165 13.23 50.87 23.15
CA ILE F 165 13.43 52.23 23.65
C ILE F 165 13.94 53.10 22.51
N LYS F 166 13.43 54.34 22.39
CA LYS F 166 13.84 55.28 21.34
C LYS F 166 15.34 55.64 21.45
N SER F 167 16.05 55.64 20.30
CA SER F 167 17.49 55.94 20.22
C SER F 167 17.81 57.32 20.77
N GLU F 168 16.90 58.29 20.52
CA GLU F 168 17.02 59.67 20.99
C GLU F 168 17.01 59.74 22.52
N VAL F 169 16.11 58.95 23.19
CA VAL F 169 15.99 58.84 24.65
C VAL F 169 17.32 58.34 25.24
N ARG F 170 17.94 57.33 24.60
CA ARG F 170 19.23 56.73 24.99
C ARG F 170 20.40 57.69 24.80
N GLU F 171 20.33 58.50 23.72
CA GLU F 171 21.33 59.52 23.37
C GLU F 171 21.34 60.63 24.42
N GLN F 172 20.14 61.01 24.92
CA GLN F 172 19.96 62.02 25.98
C GLN F 172 20.45 61.47 27.31
N ILE F 173 20.06 60.21 27.66
CA ILE F 173 20.45 59.54 28.91
C ILE F 173 21.97 59.39 29.00
N ASN F 174 22.60 58.98 27.87
CA ASN F 174 24.06 58.81 27.80
C ASN F 174 24.81 60.13 27.98
N ALA F 175 24.22 61.22 27.45
CA ALA F 175 24.77 62.58 27.52
C ALA F 175 24.75 63.12 28.96
N LYS F 176 23.59 63.04 29.64
CA LYS F 176 23.40 63.49 31.03
C LYS F 176 24.29 62.72 32.00
N VAL F 177 24.43 61.38 31.80
CA VAL F 177 25.28 60.52 32.62
C VAL F 177 26.76 60.92 32.45
N ALA F 178 27.17 61.27 31.21
CA ALA F 178 28.53 61.72 30.90
C ALA F 178 28.82 63.05 31.60
N GLU F 179 27.82 63.97 31.61
CA GLU F 179 27.88 65.30 32.23
C GLU F 179 28.01 65.15 33.75
N TRP F 180 27.10 64.36 34.37
CA TRP F 180 27.07 64.09 35.81
C TRP F 180 28.34 63.42 36.33
N ARG F 181 28.90 62.45 35.58
CA ARG F 181 30.12 61.71 35.94
C ARG F 181 30.18 61.15 37.40
N ILE F 188 29.91 55.53 36.83
CA ILE F 188 29.62 54.32 36.06
C ILE F 188 30.23 53.04 36.64
N ILE F 189 29.36 52.12 37.08
CA ILE F 189 29.74 50.83 37.65
C ILE F 189 29.38 49.70 36.68
N PRO F 190 30.31 49.23 35.82
CA PRO F 190 29.95 48.15 34.86
C PRO F 190 29.85 46.83 35.59
N GLY F 191 28.73 46.15 35.44
CA GLY F 191 28.48 44.91 36.16
C GLY F 191 28.90 43.64 35.46
N VAL F 192 28.03 42.64 35.54
CA VAL F 192 28.23 41.31 34.95
C VAL F 192 27.04 40.94 34.05
N LEU F 193 27.30 40.46 32.85
CA LEU F 193 26.24 40.01 31.96
C LEU F 193 26.44 38.53 31.71
N PHE F 194 25.48 37.73 32.18
CA PHE F 194 25.51 36.28 32.02
C PHE F 194 24.60 35.83 30.89
N ILE F 195 25.18 35.15 29.87
CA ILE F 195 24.43 34.64 28.72
C ILE F 195 24.50 33.12 28.71
N ASP F 196 23.41 32.49 29.17
CA ASP F 196 23.25 31.07 29.22
C ASP F 196 22.82 30.60 27.80
N GLU F 197 22.93 29.26 27.51
CA GLU F 197 22.53 28.67 26.22
C GLU F 197 23.08 29.49 25.04
N VAL F 198 24.37 29.85 25.13
CA VAL F 198 25.06 30.70 24.17
C VAL F 198 25.10 30.20 22.71
N HIS F 199 25.01 28.87 22.53
CA HIS F 199 24.97 28.17 21.25
C HIS F 199 23.68 28.48 20.48
N MET F 200 22.75 29.23 21.10
CA MET F 200 21.51 29.68 20.47
C MET F 200 21.75 30.97 19.68
N LEU F 201 22.83 31.69 20.00
CA LEU F 201 23.12 32.93 19.33
C LEU F 201 23.65 32.62 17.95
N ASP F 202 23.35 33.51 16.99
CA ASP F 202 23.84 33.36 15.64
C ASP F 202 25.13 34.15 15.45
N ILE F 203 25.77 34.00 14.28
CA ILE F 203 27.02 34.69 13.93
C ILE F 203 26.94 36.22 14.05
N GLU F 204 25.80 36.82 13.70
CA GLU F 204 25.64 38.28 13.80
C GLU F 204 25.64 38.75 15.26
N SER F 205 24.98 37.96 16.17
CA SER F 205 24.92 38.24 17.60
C SER F 205 26.31 38.13 18.21
N PHE F 206 27.10 37.13 17.76
CA PHE F 206 28.47 36.95 18.24
C PHE F 206 29.34 38.16 17.89
N SER F 207 29.11 38.75 16.69
CA SER F 207 29.82 39.95 16.23
C SER F 207 29.51 41.11 17.17
N PHE F 208 28.23 41.21 17.65
CA PHE F 208 27.77 42.22 18.60
C PHE F 208 28.56 42.08 19.91
N LEU F 209 28.64 40.85 20.46
CA LEU F 209 29.38 40.58 21.71
C LEU F 209 30.86 40.94 21.57
N ASN F 210 31.45 40.59 20.43
CA ASN F 210 32.85 40.84 20.10
C ASN F 210 33.15 42.33 20.10
N ARG F 211 32.28 43.14 19.44
CA ARG F 211 32.46 44.60 19.39
C ARG F 211 32.21 45.23 20.76
N ALA F 212 31.30 44.64 21.57
CA ALA F 212 30.98 45.09 22.93
C ALA F 212 32.19 44.96 23.86
N LEU F 213 32.99 43.89 23.70
CA LEU F 213 34.21 43.63 24.46
C LEU F 213 35.32 44.71 24.25
N GLU F 214 35.21 45.50 23.15
CA GLU F 214 36.13 46.59 22.83
C GLU F 214 35.89 47.86 23.67
N SER F 215 34.71 47.99 24.28
CA SER F 215 34.35 49.14 25.12
C SER F 215 34.90 49.07 26.55
N ASP F 216 35.33 50.23 27.08
CA ASP F 216 35.86 50.41 28.43
C ASP F 216 34.75 50.32 29.51
N MET F 217 33.56 50.86 29.22
CA MET F 217 32.44 50.86 30.15
C MET F 217 31.58 49.56 30.06
N ALA F 218 32.00 48.57 29.25
CA ALA F 218 31.32 47.29 29.05
C ALA F 218 31.32 46.42 30.29
N PRO F 219 30.27 45.61 30.55
CA PRO F 219 30.29 44.72 31.71
C PRO F 219 31.16 43.47 31.47
N VAL F 220 31.41 42.67 32.51
CA VAL F 220 32.15 41.44 32.33
C VAL F 220 31.19 40.45 31.64
N LEU F 221 31.57 39.92 30.48
CA LEU F 221 30.72 38.97 29.75
C LEU F 221 31.03 37.56 30.21
N ILE F 222 30.01 36.87 30.74
CA ILE F 222 30.14 35.48 31.15
C ILE F 222 29.14 34.65 30.37
N MET F 223 29.61 33.80 29.47
CA MET F 223 28.74 32.94 28.68
C MET F 223 28.76 31.52 29.23
N ALA F 224 27.72 30.73 28.94
CA ALA F 224 27.66 29.35 29.42
C ALA F 224 26.94 28.45 28.43
N THR F 225 27.40 27.19 28.41
CA THR F 225 26.83 26.13 27.56
C THR F 225 27.07 24.77 28.20
N ASN F 226 26.33 23.78 27.72
CA ASN F 226 26.48 22.39 28.12
C ASN F 226 26.87 21.56 26.87
N ARG F 227 27.07 22.22 25.71
CA ARG F 227 27.38 21.64 24.41
C ARG F 227 28.86 21.56 24.11
N GLY F 228 29.27 20.52 23.37
CA GLY F 228 30.62 20.32 22.85
C GLY F 228 30.65 20.99 21.49
N ILE F 229 31.00 20.25 20.41
CA ILE F 229 31.00 20.82 19.06
C ILE F 229 29.56 20.95 18.54
N THR F 230 29.20 22.10 17.96
CA THR F 230 27.88 22.37 17.38
C THR F 230 28.01 23.37 16.26
N ARG F 231 26.98 23.44 15.38
CA ARG F 231 27.00 24.41 14.29
C ARG F 231 26.84 25.80 14.86
N ILE F 232 27.53 26.79 14.29
CA ILE F 232 27.33 28.19 14.62
C ILE F 232 26.01 28.56 13.86
N ARG F 233 24.95 29.01 14.54
CA ARG F 233 23.71 29.39 13.85
C ARG F 233 24.04 30.50 12.81
N GLY F 234 23.44 30.38 11.64
CA GLY F 234 23.64 31.32 10.54
C GLY F 234 24.87 30.92 9.74
N THR F 235 25.31 29.68 9.92
CA THR F 235 26.54 29.15 9.36
C THR F 235 26.41 27.64 9.15
N SER F 236 27.19 27.10 8.21
CA SER F 236 27.26 25.69 7.87
C SER F 236 28.49 25.04 8.55
N TYR F 237 29.22 25.78 9.42
CA TYR F 237 30.41 25.30 10.12
C TYR F 237 30.11 24.90 11.54
N GLN F 238 30.80 23.84 11.99
CA GLN F 238 30.70 23.35 13.36
C GLN F 238 31.86 24.05 14.11
N SER F 239 31.75 24.16 15.44
CA SER F 239 32.75 24.83 16.25
C SER F 239 32.55 24.45 17.72
N PRO F 240 33.63 24.45 18.56
CA PRO F 240 33.45 24.18 19.99
C PRO F 240 32.45 25.14 20.59
N HIS F 241 31.42 24.57 21.27
CA HIS F 241 30.35 25.28 21.99
C HIS F 241 29.45 26.15 21.09
N GLY F 242 29.61 26.03 19.77
CA GLY F 242 28.87 26.79 18.78
C GLY F 242 29.27 28.26 18.73
N ILE F 243 30.51 28.57 19.17
CA ILE F 243 31.10 29.91 19.23
C ILE F 243 32.15 30.05 18.13
N PRO F 244 32.18 31.19 17.36
CA PRO F 244 33.21 31.33 16.32
C PRO F 244 34.64 31.37 16.86
N ILE F 245 35.64 30.92 16.08
CA ILE F 245 37.05 30.90 16.53
C ILE F 245 37.53 32.28 17.02
N ASP F 246 37.11 33.39 16.33
CA ASP F 246 37.47 34.77 16.70
C ASP F 246 37.16 35.07 18.15
N LEU F 247 35.95 34.73 18.64
CA LEU F 247 35.51 34.97 20.01
C LEU F 247 36.12 33.91 20.93
N LEU F 248 36.10 32.61 20.56
CA LEU F 248 36.64 31.52 21.37
C LEU F 248 38.10 31.80 21.80
N ASP F 249 38.95 32.30 20.87
CA ASP F 249 40.32 32.64 21.14
C ASP F 249 40.47 33.80 22.16
N ARG F 250 39.40 34.50 22.48
CA ARG F 250 39.38 35.61 23.44
C ARG F 250 38.69 35.21 24.76
N LEU F 251 38.28 33.94 24.91
CA LEU F 251 37.56 33.41 26.10
C LEU F 251 38.44 32.64 27.06
N LEU F 252 38.11 32.72 28.34
CA LEU F 252 38.74 31.95 29.41
C LEU F 252 37.71 30.88 29.81
N ILE F 253 37.95 29.61 29.40
CA ILE F 253 37.02 28.51 29.64
C ILE F 253 37.18 27.88 31.03
N VAL F 254 36.09 27.89 31.81
CA VAL F 254 35.98 27.34 33.16
C VAL F 254 34.95 26.20 33.08
N SER F 255 35.18 25.06 33.78
CA SER F 255 34.22 23.94 33.74
C SER F 255 33.66 23.66 35.10
N THR F 256 32.38 23.24 35.16
CA THR F 256 31.71 22.89 36.41
C THR F 256 31.38 21.42 36.40
N THR F 257 31.71 20.71 37.49
CA THR F 257 31.47 19.27 37.65
C THR F 257 30.13 19.08 38.35
N PRO F 258 29.40 17.96 38.14
CA PRO F 258 28.12 17.78 38.88
C PRO F 258 28.37 17.49 40.36
N TYR F 259 27.42 17.88 41.22
CA TYR F 259 27.51 17.76 42.68
C TYR F 259 27.38 16.38 43.27
N SER F 260 28.08 16.15 44.39
CA SER F 260 28.04 14.90 45.15
C SER F 260 26.74 14.85 45.98
N GLU F 261 26.48 13.71 46.67
CA GLU F 261 25.31 13.57 47.52
C GLU F 261 25.37 14.61 48.66
N LYS F 262 26.57 14.77 49.28
CA LYS F 262 26.82 15.72 50.38
C LYS F 262 26.64 17.17 49.94
N ASP F 263 27.13 17.53 48.72
CA ASP F 263 27.04 18.89 48.18
C ASP F 263 25.60 19.26 47.83
N THR F 264 24.86 18.31 47.18
CA THR F 264 23.45 18.45 46.78
C THR F 264 22.58 18.72 48.01
N LYS F 265 22.79 17.97 49.10
CA LYS F 265 22.06 18.12 50.35
C LYS F 265 22.27 19.51 50.92
N GLN F 266 23.52 19.99 50.93
CA GLN F 266 23.86 21.29 51.49
C GLN F 266 23.18 22.43 50.73
N ILE F 267 23.22 22.39 49.38
CA ILE F 267 22.57 23.39 48.51
C ILE F 267 21.05 23.39 48.78
N LEU F 268 20.45 22.19 48.93
CA LEU F 268 19.03 22.02 49.20
C LEU F 268 18.67 22.58 50.56
N ARG F 269 19.53 22.38 51.59
CA ARG F 269 19.31 22.93 52.94
C ARG F 269 19.34 24.45 52.92
N ILE F 270 20.24 25.04 52.12
CA ILE F 270 20.37 26.50 51.94
C ILE F 270 19.09 27.08 51.27
N ARG F 271 18.58 26.38 50.24
CA ARG F 271 17.39 26.83 49.53
C ARG F 271 16.14 26.78 50.40
N CYS F 272 16.03 25.74 51.26
CA CYS F 272 14.91 25.58 52.19
C CYS F 272 14.86 26.74 53.15
N GLU F 273 16.03 27.18 53.68
CA GLU F 273 16.15 28.32 54.57
C GLU F 273 15.71 29.59 53.86
N GLU F 274 16.16 29.80 52.60
CA GLU F 274 15.84 30.97 51.78
C GLU F 274 14.32 31.08 51.55
N GLU F 275 13.66 29.94 51.34
CA GLU F 275 12.20 29.86 51.11
C GLU F 275 11.40 29.69 52.42
N ASP F 276 12.12 29.73 53.58
CA ASP F 276 11.58 29.55 54.94
C ASP F 276 10.72 28.27 55.03
N VAL F 277 11.37 27.14 54.69
CA VAL F 277 10.79 25.79 54.66
C VAL F 277 11.65 24.88 55.57
N GLU F 278 11.01 24.16 56.50
CA GLU F 278 11.71 23.27 57.42
C GLU F 278 11.41 21.83 57.00
N MET F 279 12.46 21.02 56.87
CA MET F 279 12.37 19.64 56.45
C MET F 279 12.95 18.67 57.45
N SER F 280 12.48 17.42 57.42
CA SER F 280 13.01 16.34 58.26
C SER F 280 14.33 15.88 57.64
N GLU F 281 15.27 15.33 58.46
CA GLU F 281 16.57 14.86 57.95
C GLU F 281 16.40 13.74 56.90
N ASP F 282 15.35 12.91 57.08
CA ASP F 282 14.97 11.82 56.18
C ASP F 282 14.37 12.38 54.87
N ALA F 283 13.63 13.52 54.95
CA ALA F 283 13.07 14.20 53.77
C ALA F 283 14.20 14.79 52.93
N TYR F 284 15.26 15.28 53.60
CA TYR F 284 16.46 15.82 52.93
C TYR F 284 17.18 14.71 52.16
N THR F 285 17.22 13.48 52.75
CA THR F 285 17.83 12.31 52.13
C THR F 285 17.09 11.93 50.86
N VAL F 286 15.73 11.90 50.91
CA VAL F 286 14.88 11.59 49.75
C VAL F 286 15.11 12.65 48.67
N LEU F 287 15.04 13.96 49.02
CA LEU F 287 15.24 15.08 48.09
C LEU F 287 16.62 15.04 47.46
N THR F 288 17.69 14.76 48.24
CA THR F 288 19.05 14.66 47.72
C THR F 288 19.12 13.50 46.70
N ARG F 289 18.37 12.39 46.95
CA ARG F 289 18.31 11.26 46.00
C ARG F 289 17.58 11.69 44.75
N ILE F 290 16.38 12.34 44.89
CA ILE F 290 15.57 12.86 43.77
C ILE F 290 16.37 13.84 42.93
N GLY F 291 17.16 14.68 43.56
CA GLY F 291 18.03 15.64 42.89
C GLY F 291 19.15 15.01 42.10
N LEU F 292 19.79 13.96 42.68
CA LEU F 292 20.89 13.25 42.03
C LEU F 292 20.42 12.42 40.86
N GLU F 293 19.20 11.85 40.94
CA GLU F 293 18.61 11.01 39.89
C GLU F 293 18.02 11.85 38.75
N THR F 294 17.54 13.09 39.05
CA THR F 294 16.93 14.00 38.05
C THR F 294 17.84 15.19 37.79
N SER F 295 17.60 16.32 38.48
CA SER F 295 18.38 17.56 38.42
C SER F 295 18.21 18.35 39.73
N LEU F 296 19.18 19.24 40.05
CA LEU F 296 19.10 20.09 41.22
C LEU F 296 17.94 21.08 41.07
N ARG F 297 17.63 21.52 39.83
CA ARG F 297 16.53 22.44 39.56
C ARG F 297 15.18 21.81 39.89
N TYR F 298 15.01 20.54 39.50
CA TYR F 298 13.77 19.80 39.79
C TYR F 298 13.61 19.57 41.29
N ALA F 299 14.70 19.18 41.98
CA ALA F 299 14.68 19.02 43.45
C ALA F 299 14.27 20.35 44.11
N ILE F 300 14.84 21.51 43.66
CA ILE F 300 14.51 22.85 44.17
C ILE F 300 13.06 23.24 43.89
N GLN F 301 12.52 22.85 42.71
CA GLN F 301 11.13 23.10 42.32
C GLN F 301 10.16 22.42 43.29
N LEU F 302 10.54 21.21 43.78
CA LEU F 302 9.72 20.44 44.73
C LEU F 302 9.61 21.05 46.11
N ILE F 303 10.64 21.76 46.60
CA ILE F 303 10.67 22.41 47.92
C ILE F 303 9.38 23.21 48.21
N THR F 304 8.99 24.10 47.27
CA THR F 304 7.80 24.94 47.39
C THR F 304 6.49 24.16 47.44
N ALA F 305 6.33 23.17 46.52
CA ALA F 305 5.17 22.30 46.41
C ALA F 305 5.01 21.39 47.63
N ALA F 306 6.12 20.80 48.11
CA ALA F 306 6.13 19.93 49.31
C ALA F 306 5.74 20.71 50.57
N SER F 307 6.16 21.99 50.67
CA SER F 307 5.85 22.90 51.77
C SER F 307 4.35 23.19 51.79
N LEU F 308 3.75 23.36 50.59
CA LEU F 308 2.32 23.64 50.42
C LEU F 308 1.49 22.46 50.89
N VAL F 309 1.88 21.23 50.47
CA VAL F 309 1.26 19.94 50.82
C VAL F 309 1.33 19.75 52.33
N CYS F 310 2.51 20.02 52.93
CA CYS F 310 2.76 19.94 54.37
C CYS F 310 1.84 20.88 55.13
N ARG F 311 1.72 22.16 54.68
CA ARG F 311 0.83 23.16 55.28
C ARG F 311 -0.63 22.75 55.16
N LYS F 312 -1.03 22.15 54.02
CA LYS F 312 -2.39 21.66 53.80
C LYS F 312 -2.72 20.49 54.75
N ARG F 313 -1.72 19.61 55.00
CA ARG F 313 -1.83 18.45 55.91
C ARG F 313 -1.85 18.90 57.38
N LYS F 314 -1.74 20.24 57.61
CA LYS F 314 -1.71 20.92 58.90
C LYS F 314 -0.46 20.50 59.66
N GLU F 317 6.97 20.72 59.84
CA GLU F 317 8.15 20.17 59.17
C GLU F 317 7.77 19.19 58.07
N VAL F 318 8.30 19.45 56.84
CA VAL F 318 8.10 18.63 55.62
C VAL F 318 8.75 17.26 55.85
N GLN F 319 7.94 16.19 55.79
CA GLN F 319 8.42 14.81 56.00
C GLN F 319 8.52 14.07 54.63
N VAL F 320 9.15 12.87 54.60
CA VAL F 320 9.38 12.07 53.38
C VAL F 320 8.13 11.90 52.52
N ASP F 321 6.97 11.65 53.14
CA ASP F 321 5.71 11.47 52.44
C ASP F 321 5.22 12.68 51.65
N ASP F 322 5.59 13.90 52.10
CA ASP F 322 5.27 15.15 51.41
C ASP F 322 6.10 15.27 50.13
N ILE F 323 7.44 15.03 50.22
CA ILE F 323 8.36 15.04 49.09
C ILE F 323 7.97 13.93 48.10
N LYS F 324 7.54 12.75 48.63
CA LYS F 324 7.11 11.59 47.85
C LYS F 324 5.86 11.89 47.00
N ARG F 325 4.82 12.51 47.61
CA ARG F 325 3.55 12.87 46.95
C ARG F 325 3.83 13.83 45.79
N VAL F 326 4.57 14.90 46.09
CA VAL F 326 4.93 15.96 45.17
C VAL F 326 5.79 15.50 43.97
N TYR F 327 6.65 14.48 44.19
CA TYR F 327 7.49 13.88 43.16
C TYR F 327 6.63 13.11 42.16
N SER F 328 5.62 12.37 42.66
CA SER F 328 4.72 11.62 41.81
C SER F 328 3.73 12.52 41.06
N LEU F 329 3.42 13.69 41.61
CA LEU F 329 2.49 14.65 41.00
C LEU F 329 3.15 15.47 39.87
N PHE F 330 4.29 16.13 40.16
CA PHE F 330 4.98 17.00 39.22
C PHE F 330 6.19 16.33 38.61
N LEU F 331 6.12 16.07 37.33
CA LEU F 331 7.15 15.36 36.58
C LEU F 331 8.36 16.21 36.20
N ASP F 332 9.49 15.51 35.96
CA ASP F 332 10.76 16.06 35.50
C ASP F 332 10.87 15.69 34.01
N GLU F 333 11.76 16.37 33.22
CA GLU F 333 11.95 16.12 31.78
C GLU F 333 12.00 14.63 31.37
N SER F 334 12.79 13.79 32.11
CA SER F 334 12.94 12.35 31.82
C SER F 334 11.64 11.58 31.82
N ARG F 335 10.85 11.76 32.90
CA ARG F 335 9.57 11.09 33.05
C ARG F 335 8.55 11.65 32.10
N SER F 336 8.41 12.98 31.96
CA SER F 336 7.40 13.61 31.08
C SER F 336 7.54 13.18 29.63
N THR F 337 8.77 13.13 29.10
CA THR F 337 9.01 12.71 27.72
C THR F 337 8.69 11.22 27.53
N GLN F 338 9.11 10.39 28.51
CA GLN F 338 8.87 8.95 28.45
C GLN F 338 7.39 8.59 28.64
N TYR F 339 6.67 9.28 29.52
CA TYR F 339 5.25 9.02 29.78
C TYR F 339 4.41 9.37 28.58
N MET F 340 4.81 10.40 27.80
CA MET F 340 4.12 10.83 26.57
C MET F 340 4.30 9.76 25.44
N LYS F 341 5.45 9.03 25.45
CA LYS F 341 5.70 7.92 24.54
C LYS F 341 5.07 6.62 25.20
N GLU F 342 5.85 5.82 25.94
CA GLU F 342 5.46 4.58 26.61
C GLU F 342 4.35 4.60 27.70
N TYR F 343 3.06 4.83 27.31
CA TYR F 343 1.87 4.80 28.22
C TYR F 343 0.44 4.79 27.52
N GLN F 344 -0.20 3.58 27.45
CA GLN F 344 -1.49 3.34 26.79
C GLN F 344 -2.61 2.67 27.62
N ASP F 345 -2.29 1.56 28.33
CA ASP F 345 -3.26 0.82 29.15
C ASP F 345 -3.19 1.21 30.66
N ALA F 346 -3.33 2.54 30.95
CA ALA F 346 -3.34 3.26 32.24
C ALA F 346 -3.70 2.48 33.55
N PHE F 347 -4.96 1.96 33.69
CA PHE F 347 -5.57 1.10 34.77
C PHE F 347 -4.71 0.23 35.78
N LEU F 348 -3.37 0.26 35.73
CA LEU F 348 -2.47 -0.44 36.64
C LEU F 348 -2.06 0.57 37.79
N PHE F 349 -2.85 1.66 37.94
CA PHE F 349 -2.63 2.76 38.88
C PHE F 349 -3.96 3.36 39.22
N ASN F 350 -4.25 3.50 40.52
CA ASN F 350 -5.54 3.97 41.01
C ASN F 350 -5.77 5.45 40.86
N THR G 7 31.32 73.47 10.04
CA THR G 7 31.63 72.03 10.05
C THR G 7 32.95 71.76 9.33
N THR G 8 34.02 71.40 10.10
CA THR G 8 35.40 71.17 9.61
C THR G 8 35.99 69.85 10.09
N LYS G 9 36.73 69.12 9.20
CA LYS G 9 37.37 67.82 9.47
C LYS G 9 38.44 67.95 10.58
N VAL G 10 38.38 67.08 11.60
CA VAL G 10 39.24 67.09 12.79
C VAL G 10 40.09 65.80 12.98
N PRO G 11 41.41 65.80 12.70
CA PRO G 11 42.20 64.59 12.94
C PRO G 11 42.58 64.43 14.41
N GLU G 12 42.62 63.17 14.90
CA GLU G 12 42.99 62.81 16.27
C GLU G 12 44.37 63.31 16.69
N ILE G 13 44.53 63.67 17.99
CA ILE G 13 45.77 64.17 18.58
C ILE G 13 46.82 63.06 18.54
N ARG G 14 46.42 61.87 19.00
CA ARG G 14 47.20 60.66 18.99
C ARG G 14 46.37 59.56 18.34
N ASP G 15 47.04 58.46 17.94
CA ASP G 15 46.51 57.20 17.40
C ASP G 15 45.57 56.58 18.45
N VAL G 16 44.89 55.52 18.09
CA VAL G 16 44.06 54.76 19.03
C VAL G 16 44.66 53.38 18.95
N THR G 17 44.70 52.63 20.07
CA THR G 17 45.28 51.30 20.05
C THR G 17 44.54 50.39 19.07
N ARG G 18 45.20 50.08 17.94
CA ARG G 18 44.71 49.26 16.85
C ARG G 18 44.76 47.87 17.36
N ILE G 19 43.74 47.49 18.18
CA ILE G 19 43.65 46.18 18.85
C ILE G 19 45.03 45.53 19.14
N GLU G 20 45.89 46.45 19.67
CA GLU G 20 47.20 46.28 20.27
C GLU G 20 46.80 46.12 21.76
N ARG G 21 45.48 46.28 22.07
CA ARG G 21 44.85 46.06 23.38
C ARG G 21 44.93 44.60 23.79
N ILE G 22 44.85 43.66 22.79
CA ILE G 22 45.00 42.21 23.00
C ILE G 22 46.52 41.87 23.18
N GLY G 23 47.39 42.70 22.55
CA GLY G 23 48.86 42.67 22.62
C GLY G 23 49.62 41.40 22.32
N ALA G 24 48.98 40.41 21.68
CA ALA G 24 49.57 39.12 21.31
C ALA G 24 50.78 39.21 20.37
N HIS G 25 50.99 40.35 19.66
CA HIS G 25 52.09 40.50 18.69
C HIS G 25 53.01 41.70 19.03
N SER G 26 53.09 42.03 20.33
CA SER G 26 53.90 43.10 20.91
C SER G 26 55.34 43.05 20.43
N HIS G 27 55.90 41.83 20.41
CA HIS G 27 57.27 41.53 20.03
C HIS G 27 57.56 41.69 18.55
N ILE G 28 56.56 41.42 17.67
CA ILE G 28 56.71 41.53 16.22
C ILE G 28 57.04 42.99 15.83
N ARG G 29 58.32 43.21 15.47
CA ARG G 29 58.89 44.51 15.10
C ARG G 29 59.34 44.55 13.61
N GLY G 30 59.09 43.46 12.91
CA GLY G 30 59.42 43.28 11.50
C GLY G 30 59.50 41.80 11.15
N LEU G 31 59.88 41.46 9.89
CA LEU G 31 59.98 40.06 9.46
C LEU G 31 61.33 39.41 9.81
N GLY G 32 62.29 40.22 10.30
CA GLY G 32 63.62 39.77 10.70
C GLY G 32 64.43 39.11 9.60
N LEU G 33 64.48 39.75 8.41
CA LEU G 33 65.19 39.23 7.24
C LEU G 33 66.47 40.03 7.00
N ASP G 34 67.51 39.38 6.45
CA ASP G 34 68.80 40.01 6.15
C ASP G 34 68.70 40.88 4.88
N ASP G 35 69.84 41.44 4.43
CA ASP G 35 69.95 42.29 3.25
C ASP G 35 69.46 41.60 1.96
N ALA G 36 69.71 40.28 1.84
CA ALA G 36 69.29 39.45 0.70
C ALA G 36 67.86 38.90 0.85
N LEU G 37 67.04 39.53 1.72
CA LEU G 37 65.65 39.15 2.02
C LEU G 37 65.49 37.71 2.59
N GLU G 38 66.57 37.19 3.23
CA GLU G 38 66.65 35.84 3.84
C GLU G 38 66.42 35.90 5.37
N PRO G 39 65.49 35.10 5.93
CA PRO G 39 65.22 35.17 7.37
C PRO G 39 66.29 34.62 8.30
N ARG G 40 66.60 35.38 9.36
CA ARG G 40 67.52 34.98 10.42
C ARG G 40 66.62 34.25 11.42
N GLN G 41 67.08 33.09 11.95
CA GLN G 41 66.31 32.22 12.87
C GLN G 41 65.43 32.95 13.89
N ALA G 42 65.97 33.99 14.53
CA ALA G 42 65.27 34.82 15.50
C ALA G 42 65.75 36.28 15.41
N SER G 43 64.88 37.17 14.89
CA SER G 43 65.15 38.62 14.74
C SER G 43 63.85 39.41 14.61
N GLN G 44 63.84 40.67 15.13
CA GLN G 44 62.70 41.60 15.13
C GLN G 44 61.41 40.99 15.72
N GLY G 45 61.60 40.08 16.67
CA GLY G 45 60.51 39.39 17.34
C GLY G 45 60.14 38.05 16.73
N MET G 46 60.38 37.88 15.42
CA MET G 46 60.05 36.66 14.68
C MET G 46 60.99 35.51 14.96
N VAL G 47 60.45 34.30 15.21
CA VAL G 47 61.18 33.07 15.52
C VAL G 47 60.80 31.95 14.54
N GLY G 48 61.82 31.32 13.95
CA GLY G 48 61.64 30.24 13.00
C GLY G 48 60.77 30.62 11.83
N GLN G 49 59.85 29.70 11.38
CA GLN G 49 58.93 29.88 10.24
C GLN G 49 59.70 30.51 9.07
N LEU G 50 60.85 29.90 8.73
CA LEU G 50 61.78 30.42 7.72
C LEU G 50 61.19 30.62 6.33
N ALA G 51 60.61 29.56 5.74
CA ALA G 51 60.03 29.63 4.39
C ALA G 51 58.95 30.72 4.19
N ALA G 52 57.93 30.76 5.07
CA ALA G 52 56.85 31.75 5.02
C ALA G 52 57.39 33.17 5.17
N ARG G 53 58.38 33.37 6.06
CA ARG G 53 59.00 34.67 6.28
C ARG G 53 59.83 35.06 5.05
N ARG G 54 60.48 34.05 4.39
CA ARG G 54 61.25 34.24 3.16
C ARG G 54 60.31 34.70 2.04
N ALA G 55 59.15 34.00 1.89
CA ALA G 55 58.09 34.30 0.92
C ALA G 55 57.52 35.70 1.15
N ALA G 56 57.29 36.07 2.42
CA ALA G 56 56.80 37.40 2.83
C ALA G 56 57.80 38.50 2.41
N GLY G 57 59.09 38.14 2.40
CA GLY G 57 60.17 39.02 1.99
C GLY G 57 60.06 39.39 0.52
N VAL G 58 59.80 38.36 -0.33
CA VAL G 58 59.62 38.52 -1.78
C VAL G 58 58.41 39.43 -2.02
N VAL G 59 57.32 39.23 -1.25
CA VAL G 59 56.09 40.02 -1.33
C VAL G 59 56.37 41.48 -0.95
N LEU G 60 57.16 41.73 0.13
CA LEU G 60 57.53 43.09 0.58
C LEU G 60 58.28 43.81 -0.54
N GLU G 61 59.29 43.15 -1.17
CA GLU G 61 60.03 43.76 -2.29
C GLU G 61 59.11 43.99 -3.49
N MET G 62 58.12 43.10 -3.71
CA MET G 62 57.12 43.22 -4.77
C MET G 62 56.25 44.48 -4.52
N ILE G 63 55.82 44.69 -3.25
CA ILE G 63 55.04 45.86 -2.82
C ILE G 63 55.90 47.13 -3.00
N ARG G 64 57.17 47.09 -2.54
CA ARG G 64 58.14 48.19 -2.62
C ARG G 64 58.46 48.60 -4.07
N GLU G 65 58.74 47.61 -4.94
CA GLU G 65 59.03 47.83 -6.37
C GLU G 65 57.75 48.09 -7.20
N GLY G 66 56.59 48.19 -6.54
CA GLY G 66 55.30 48.46 -7.16
C GLY G 66 54.72 47.37 -8.05
N LYS G 67 55.18 46.11 -7.87
CA LYS G 67 54.74 44.95 -8.65
C LYS G 67 53.54 44.19 -8.03
N ILE G 68 53.21 44.42 -6.72
CA ILE G 68 52.09 43.75 -6.04
C ILE G 68 50.70 44.21 -6.55
N ALA G 69 50.69 45.30 -7.34
CA ALA G 69 49.50 45.94 -7.91
C ALA G 69 48.53 44.98 -8.60
N GLY G 70 47.31 44.96 -8.08
CA GLY G 70 46.22 44.13 -8.56
C GLY G 70 46.15 42.78 -7.87
N ARG G 71 47.20 42.39 -7.13
CA ARG G 71 47.30 41.11 -6.43
C ARG G 71 47.16 41.22 -4.90
N ALA G 72 46.89 40.11 -4.22
CA ALA G 72 46.76 40.04 -2.77
C ALA G 72 47.50 38.80 -2.26
N VAL G 73 47.56 38.58 -0.94
CA VAL G 73 48.27 37.44 -0.34
C VAL G 73 47.28 36.51 0.36
N LEU G 74 47.55 35.21 0.32
CA LEU G 74 46.78 34.22 1.07
C LEU G 74 47.80 33.41 1.89
N ILE G 75 47.64 33.38 3.22
CA ILE G 75 48.53 32.60 4.09
C ILE G 75 47.73 31.39 4.53
N ALA G 76 48.06 30.20 4.01
CA ALA G 76 47.35 28.97 4.37
C ALA G 76 48.13 28.17 5.40
N GLY G 77 47.53 27.91 6.55
CA GLY G 77 48.17 27.18 7.63
C GLY G 77 47.28 26.83 8.81
N GLN G 78 47.66 25.83 9.61
CA GLN G 78 46.89 25.41 10.79
C GLN G 78 46.89 26.55 11.82
N PRO G 79 45.89 26.64 12.76
CA PRO G 79 45.90 27.74 13.73
C PRO G 79 47.14 27.83 14.62
N GLY G 80 47.55 29.04 14.94
CA GLY G 80 48.74 29.29 15.76
C GLY G 80 50.06 29.05 15.08
N THR G 81 50.14 29.26 13.73
CA THR G 81 51.39 29.09 12.96
C THR G 81 51.99 30.43 12.47
N GLY G 82 51.70 31.50 13.19
CA GLY G 82 52.19 32.83 12.84
C GLY G 82 51.61 33.50 11.61
N LYS G 83 50.42 33.09 11.14
CA LYS G 83 49.78 33.74 9.98
C LYS G 83 49.54 35.23 10.29
N THR G 84 48.95 35.53 11.48
CA THR G 84 48.73 36.92 11.95
C THR G 84 50.06 37.62 12.23
N ALA G 85 51.04 36.89 12.82
CA ALA G 85 52.37 37.41 13.13
C ALA G 85 53.10 37.87 11.84
N ILE G 86 53.04 37.05 10.76
CA ILE G 86 53.65 37.39 9.46
C ILE G 86 52.98 38.63 8.87
N ALA G 87 51.64 38.73 8.99
CA ALA G 87 50.90 39.91 8.53
C ALA G 87 51.34 41.15 9.31
N MET G 88 51.50 41.03 10.66
CA MET G 88 51.96 42.10 11.56
C MET G 88 53.39 42.50 11.20
N GLY G 89 54.24 41.50 10.91
CA GLY G 89 55.63 41.68 10.52
C GLY G 89 55.77 42.42 9.21
N MET G 90 54.88 42.12 8.23
CA MET G 90 54.85 42.78 6.91
C MET G 90 54.50 44.26 7.08
N ALA G 91 53.55 44.58 7.97
CA ALA G 91 53.15 45.96 8.25
C ALA G 91 54.33 46.73 8.82
N GLN G 92 54.99 46.18 9.87
CA GLN G 92 56.15 46.75 10.56
C GLN G 92 57.31 46.99 9.57
N ALA G 93 57.56 46.01 8.65
CA ALA G 93 58.58 46.05 7.62
C ALA G 93 58.30 47.11 6.57
N LEU G 94 57.01 47.36 6.26
CA LEU G 94 56.60 48.37 5.28
C LEU G 94 56.85 49.79 5.83
N GLY G 95 56.89 49.92 7.16
CA GLY G 95 57.15 51.19 7.84
C GLY G 95 56.58 51.24 9.25
N PRO G 96 57.06 52.20 10.07
CA PRO G 96 56.56 52.28 11.46
C PRO G 96 55.16 52.87 11.61
N ASP G 97 54.81 53.81 10.73
CA ASP G 97 53.52 54.49 10.71
C ASP G 97 52.40 53.64 10.03
N THR G 98 52.77 52.63 9.20
CA THR G 98 51.86 51.80 8.39
C THR G 98 50.70 51.21 9.15
N PRO G 99 49.42 51.64 8.89
CA PRO G 99 48.29 51.06 9.63
C PRO G 99 48.11 49.57 9.41
N PHE G 100 47.84 48.84 10.48
CA PHE G 100 47.61 47.40 10.40
C PHE G 100 46.30 47.05 11.10
N THR G 101 45.36 46.49 10.36
CA THR G 101 44.09 46.06 10.93
C THR G 101 43.83 44.60 10.59
N ALA G 102 43.54 43.81 11.64
CA ALA G 102 43.27 42.38 11.52
C ALA G 102 41.86 42.10 11.94
N ILE G 103 41.09 41.51 11.02
CA ILE G 103 39.70 41.15 11.25
C ILE G 103 39.51 39.69 10.88
N ALA G 104 38.41 39.09 11.33
CA ALA G 104 38.06 37.73 10.97
C ALA G 104 36.87 37.85 10.00
N GLY G 105 36.77 36.93 9.05
CA GLY G 105 35.69 36.89 8.06
C GLY G 105 34.32 37.04 8.69
N SER G 106 34.09 36.34 9.80
CA SER G 106 32.82 36.33 10.56
C SER G 106 32.37 37.72 11.04
N GLU G 107 33.33 38.64 11.31
CA GLU G 107 33.09 40.02 11.77
C GLU G 107 32.27 40.87 10.78
N ILE G 108 32.29 40.53 9.48
CA ILE G 108 31.52 41.21 8.41
C ILE G 108 29.99 41.06 8.63
N PHE G 109 29.57 39.93 9.24
CA PHE G 109 28.17 39.63 9.57
C PHE G 109 27.76 40.29 10.90
N SER G 110 27.11 41.47 10.81
CA SER G 110 26.77 42.26 11.99
C SER G 110 25.32 42.66 12.09
N LEU G 111 24.80 42.71 13.32
CA LEU G 111 23.43 43.15 13.58
C LEU G 111 23.44 44.70 13.54
N GLU G 112 24.61 45.30 13.90
CA GLU G 112 24.90 46.71 14.00
C GLU G 112 25.17 47.44 12.65
N MET G 113 25.66 46.73 11.60
CA MET G 113 25.95 47.33 10.26
C MET G 113 25.98 46.30 9.09
N SER G 114 25.84 46.80 7.85
CA SER G 114 25.88 46.00 6.65
C SER G 114 27.28 45.43 6.37
N LYS G 115 27.37 44.40 5.50
CA LYS G 115 28.65 43.79 5.13
C LYS G 115 29.50 44.84 4.39
N THR G 116 28.85 45.71 3.57
CA THR G 116 29.50 46.79 2.85
C THR G 116 30.15 47.74 3.85
N GLU G 117 29.39 48.12 4.92
CA GLU G 117 29.89 49.02 5.95
C GLU G 117 31.04 48.35 6.70
N ALA G 118 30.85 47.08 7.15
CA ALA G 118 31.84 46.31 7.87
C ALA G 118 33.15 46.29 7.08
N LEU G 119 33.08 46.01 5.78
CA LEU G 119 34.23 45.99 4.88
C LEU G 119 34.80 47.38 4.60
N THR G 120 33.94 48.44 4.29
CA THR G 120 34.48 49.79 4.06
C THR G 120 35.23 50.29 5.31
N GLN G 121 34.73 49.96 6.52
CA GLN G 121 35.37 50.33 7.78
C GLN G 121 36.71 49.62 7.95
N ALA G 122 36.78 48.30 7.65
CA ALA G 122 38.03 47.53 7.75
C ALA G 122 39.07 48.13 6.78
N PHE G 123 38.63 48.55 5.56
CA PHE G 123 39.50 49.19 4.58
C PHE G 123 39.93 50.60 5.01
N ARG G 124 39.00 51.43 5.52
CA ARG G 124 39.30 52.78 5.99
C ARG G 124 40.15 52.82 7.28
N ARG G 125 40.14 51.72 8.06
CA ARG G 125 40.98 51.54 9.24
C ARG G 125 42.41 51.25 8.78
N SER G 126 42.57 50.74 7.54
CA SER G 126 43.84 50.37 6.93
C SER G 126 44.47 51.41 6.03
N ILE G 127 43.81 52.57 5.80
CA ILE G 127 44.37 53.68 5.00
C ILE G 127 44.73 54.80 5.98
N GLY G 128 46.00 55.08 6.12
CA GLY G 128 46.46 56.14 7.01
C GLY G 128 46.58 57.51 6.35
N VAL G 129 46.41 58.56 7.16
CA VAL G 129 46.58 59.95 6.75
C VAL G 129 47.68 60.54 7.65
N ARG G 130 48.89 60.81 7.09
CA ARG G 130 49.99 61.36 7.87
C ARG G 130 49.90 62.88 7.79
N ILE G 131 49.36 63.52 8.86
CA ILE G 131 49.20 64.98 8.94
C ILE G 131 50.60 65.64 8.95
N LYS G 132 50.88 66.46 7.93
CA LYS G 132 52.19 67.08 7.73
C LYS G 132 52.43 68.25 8.70
N ALA G 133 52.44 67.94 10.03
CA ALA G 133 52.63 68.86 11.16
C ALA G 133 53.16 68.07 12.37
N THR G 138 50.59 59.75 11.82
CA THR G 138 49.63 58.95 11.02
C THR G 138 48.38 58.56 11.82
N VAL G 139 47.20 58.81 11.22
CA VAL G 139 45.90 58.50 11.79
C VAL G 139 45.04 57.85 10.68
N SER G 140 44.25 56.79 11.00
CA SER G 140 43.43 56.11 10.00
C SER G 140 42.25 56.95 9.54
N LEU G 141 41.77 56.73 8.29
CA LEU G 141 40.61 57.40 7.69
C LEU G 141 39.37 57.13 8.54
N HIS G 142 39.24 55.90 9.09
CA HIS G 142 38.16 55.49 9.97
C HIS G 142 38.16 56.29 11.30
N GLU G 143 39.35 56.50 11.92
CA GLU G 143 39.52 57.28 13.16
C GLU G 143 39.01 58.70 12.91
N ILE G 144 39.36 59.30 11.73
CA ILE G 144 38.92 60.63 11.27
C ILE G 144 37.38 60.63 11.08
N ASP G 145 36.79 59.51 10.59
CA ASP G 145 35.35 59.35 10.41
C ASP G 145 34.62 59.36 11.76
N VAL G 146 35.16 58.62 12.75
CA VAL G 146 34.58 58.52 14.10
C VAL G 146 34.63 59.88 14.81
N ILE G 147 35.80 60.54 14.84
CA ILE G 147 36.00 61.87 15.47
C ILE G 147 35.04 62.94 14.95
N ASN G 148 34.77 62.95 13.63
CA ASN G 148 33.89 63.92 12.98
C ASN G 148 32.45 63.41 12.82
N SER G 149 31.99 62.53 13.73
CA SER G 149 30.65 61.97 13.74
C SER G 149 29.92 62.26 15.06
N ARG G 150 28.60 62.64 14.98
CA ARG G 150 27.72 62.95 16.13
C ARG G 150 27.50 61.64 16.88
N THR G 151 27.77 61.67 18.20
CA THR G 151 27.70 60.49 19.09
C THR G 151 28.85 59.51 18.81
N GLN G 152 29.89 59.60 19.66
CA GLN G 152 31.12 58.81 19.63
C GLN G 152 31.53 58.48 21.08
N GLY G 153 32.12 57.31 21.29
CA GLY G 153 32.61 56.87 22.59
C GLY G 153 31.53 56.54 23.59
N PHE G 154 31.64 57.09 24.83
CA PHE G 154 30.64 56.88 25.89
C PHE G 154 29.30 57.45 25.47
N LEU G 155 29.31 58.59 24.74
CA LEU G 155 28.13 59.25 24.21
C LEU G 155 27.39 58.34 23.22
N ALA G 156 28.12 57.39 22.61
CA ALA G 156 27.59 56.40 21.67
C ALA G 156 27.50 54.99 22.30
N LEU G 157 27.94 54.81 23.57
CA LEU G 157 27.91 53.53 24.29
C LEU G 157 26.48 52.97 24.31
N PHE G 158 26.27 51.80 23.65
CA PHE G 158 24.99 51.07 23.49
C PHE G 158 23.83 52.05 23.25
N SER G 159 23.89 52.70 22.09
CA SER G 159 22.98 53.72 21.60
C SER G 159 21.67 53.13 21.05
N GLY G 160 21.70 51.86 20.66
CA GLY G 160 20.59 51.21 20.00
C GLY G 160 20.71 51.29 18.49
N ASP G 161 21.14 52.46 17.96
CA ASP G 161 21.35 52.76 16.52
C ASP G 161 22.44 51.88 15.82
N THR G 162 22.61 52.07 14.50
CA THR G 162 23.59 51.34 13.72
C THR G 162 24.98 51.89 14.01
N GLY G 163 25.99 51.05 13.77
CA GLY G 163 27.38 51.42 13.94
C GLY G 163 27.98 52.00 12.66
N GLU G 164 27.13 52.30 11.66
CA GLU G 164 27.53 52.85 10.37
C GLU G 164 27.86 54.32 10.49
N ILE G 165 28.79 54.76 9.65
CA ILE G 165 29.19 56.16 9.51
C ILE G 165 28.39 56.77 8.33
N LYS G 166 27.77 57.94 8.57
CA LYS G 166 26.97 58.65 7.56
C LYS G 166 27.80 58.95 6.30
N SER G 167 27.20 58.73 5.11
CA SER G 167 27.83 58.91 3.80
C SER G 167 28.36 60.31 3.65
N GLU G 168 27.59 61.31 4.14
CA GLU G 168 27.91 62.73 4.12
C GLU G 168 29.20 63.02 4.89
N VAL G 169 29.36 62.40 6.09
CA VAL G 169 30.54 62.55 6.94
C VAL G 169 31.79 62.07 6.21
N ARG G 170 31.69 60.91 5.52
CA ARG G 170 32.77 60.30 4.73
C ARG G 170 33.10 61.11 3.49
N GLU G 171 32.06 61.72 2.87
CA GLU G 171 32.19 62.57 1.68
C GLU G 171 33.00 63.81 2.01
N GLN G 172 32.76 64.40 3.22
CA GLN G 172 33.48 65.58 3.72
C GLN G 172 34.92 65.22 4.09
N ILE G 173 35.11 64.08 4.82
CA ILE G 173 36.45 63.58 5.23
C ILE G 173 37.32 63.30 3.99
N ASN G 174 36.74 62.64 2.96
CA ASN G 174 37.43 62.31 1.73
C ASN G 174 37.85 63.57 0.94
N ALA G 175 37.01 64.62 0.99
CA ALA G 175 37.25 65.90 0.33
C ALA G 175 38.42 66.64 0.96
N LYS G 176 38.42 66.79 2.32
CA LYS G 176 39.46 67.48 3.09
C LYS G 176 40.82 66.79 2.95
N VAL G 177 40.81 65.42 2.95
CA VAL G 177 42.03 64.60 2.77
C VAL G 177 42.64 64.84 1.36
N ALA G 178 41.76 64.95 0.33
CA ALA G 178 42.15 65.23 -1.05
C ALA G 178 42.77 66.63 -1.16
N GLU G 179 42.18 67.62 -0.45
CA GLU G 179 42.65 69.02 -0.38
C GLU G 179 44.05 69.09 0.27
N TRP G 180 44.20 68.48 1.47
CA TRP G 180 45.44 68.42 2.24
C TRP G 180 46.57 67.72 1.45
N ARG G 181 46.26 66.60 0.76
CA ARG G 181 47.23 65.83 -0.05
C ARG G 181 47.74 66.69 -1.20
N GLU G 182 46.83 67.45 -1.86
CA GLU G 182 47.13 68.36 -2.97
C GLU G 182 47.99 69.53 -2.54
N GLU G 183 47.78 70.04 -1.33
CA GLU G 183 48.57 71.14 -0.80
C GLU G 183 49.94 70.69 -0.23
N GLY G 184 50.04 69.42 0.17
CA GLY G 184 51.25 68.85 0.73
C GLY G 184 51.37 69.07 2.22
N ALA G 186 49.61 66.89 4.27
CA ALA G 186 49.25 65.46 4.43
C ALA G 186 49.68 64.50 3.31
N GLU G 187 49.78 63.21 3.66
CA GLU G 187 50.13 62.13 2.73
C GLU G 187 49.35 60.87 3.09
N ILE G 188 48.73 60.19 2.08
CA ILE G 188 47.96 58.96 2.28
C ILE G 188 48.88 57.74 2.32
N ILE G 189 48.93 57.08 3.48
CA ILE G 189 49.77 55.90 3.70
C ILE G 189 48.89 54.64 3.74
N PRO G 190 48.73 53.88 2.62
CA PRO G 190 47.91 52.65 2.68
C PRO G 190 48.66 51.56 3.44
N GLY G 191 48.03 51.01 4.46
CA GLY G 191 48.64 50.00 5.30
C GLY G 191 48.40 48.58 4.88
N VAL G 192 48.10 47.70 5.84
CA VAL G 192 47.89 46.27 5.65
C VAL G 192 46.54 45.90 6.25
N LEU G 193 45.72 45.14 5.51
CA LEU G 193 44.44 44.63 5.99
C LEU G 193 44.52 43.10 6.04
N PHE G 194 44.45 42.55 7.25
CA PHE G 194 44.50 41.11 7.45
C PHE G 194 43.11 40.56 7.70
N ILE G 195 42.66 39.62 6.84
CA ILE G 195 41.36 38.97 6.98
C ILE G 195 41.58 37.49 7.28
N ASP G 196 41.43 37.11 8.55
CA ASP G 196 41.55 35.75 9.02
C ASP G 196 40.22 35.05 8.72
N GLU G 197 40.19 33.69 8.78
CA GLU G 197 38.97 32.89 8.58
C GLU G 197 38.20 33.39 7.34
N VAL G 198 38.94 33.61 6.23
CA VAL G 198 38.43 34.15 4.97
C VAL G 198 37.30 33.32 4.31
N HIS G 199 37.28 32.00 4.59
CA HIS G 199 36.28 31.06 4.10
C HIS G 199 34.90 31.34 4.70
N MET G 200 34.80 32.29 5.64
CA MET G 200 33.55 32.74 6.25
C MET G 200 32.89 33.78 5.37
N LEU G 201 33.65 34.43 4.47
CA LEU G 201 33.08 35.43 3.59
C LEU G 201 32.24 34.76 2.49
N ASP G 202 31.18 35.43 2.05
CA ASP G 202 30.33 34.94 0.99
C ASP G 202 30.79 35.52 -0.36
N ILE G 203 30.17 35.05 -1.45
CA ILE G 203 30.48 35.49 -2.80
C ILE G 203 30.38 37.01 -3.01
N GLU G 204 29.41 37.67 -2.39
CA GLU G 204 29.23 39.12 -2.53
C GLU G 204 30.39 39.88 -1.88
N SER G 205 30.86 39.41 -0.71
CA SER G 205 31.98 39.99 0.02
C SER G 205 33.29 39.83 -0.80
N PHE G 206 33.47 38.65 -1.44
CA PHE G 206 34.63 38.40 -2.29
C PHE G 206 34.66 39.36 -3.49
N SER G 207 33.47 39.69 -4.07
CA SER G 207 33.36 40.66 -5.16
C SER G 207 33.82 42.04 -4.70
N PHE G 208 33.51 42.40 -3.44
CA PHE G 208 33.96 43.66 -2.83
C PHE G 208 35.48 43.69 -2.75
N LEU G 209 36.12 42.62 -2.24
CA LEU G 209 37.57 42.54 -2.12
C LEU G 209 38.25 42.65 -3.48
N ASN G 210 37.67 42.00 -4.48
CA ASN G 210 38.13 41.98 -5.86
C ASN G 210 38.14 43.40 -6.45
N ARG G 211 37.02 44.14 -6.29
CA ARG G 211 36.90 45.50 -6.78
C ARG G 211 37.82 46.45 -6.00
N ALA G 212 38.06 46.16 -4.69
CA ALA G 212 38.95 46.95 -3.82
C ALA G 212 40.39 46.91 -4.31
N LEU G 213 40.83 45.73 -4.80
CA LEU G 213 42.17 45.51 -5.35
C LEU G 213 42.47 46.36 -6.60
N GLU G 214 41.42 46.87 -7.28
CA GLU G 214 41.54 47.73 -8.46
C GLU G 214 41.93 49.20 -8.10
N SER G 215 41.77 49.62 -6.83
CA SER G 215 42.11 50.96 -6.35
C SER G 215 43.61 51.13 -6.04
N ASP G 216 44.13 52.34 -6.36
CA ASP G 216 45.54 52.71 -6.14
C ASP G 216 45.85 52.93 -4.64
N MET G 217 44.90 53.55 -3.91
CA MET G 217 45.06 53.87 -2.49
C MET G 217 44.66 52.72 -1.55
N ALA G 218 44.38 51.53 -2.12
CA ALA G 218 43.99 50.33 -1.37
C ALA G 218 45.13 49.77 -0.52
N PRO G 219 44.86 49.21 0.70
CA PRO G 219 45.95 48.61 1.49
C PRO G 219 46.34 47.24 0.95
N VAL G 220 47.44 46.66 1.45
CA VAL G 220 47.88 45.34 1.04
C VAL G 220 46.89 44.36 1.70
N LEU G 221 46.20 43.56 0.88
CA LEU G 221 45.24 42.60 1.39
C LEU G 221 45.95 41.30 1.69
N ILE G 222 45.89 40.84 2.95
CA ILE G 222 46.46 39.57 3.36
C ILE G 222 45.34 38.75 3.96
N MET G 223 44.96 37.66 3.31
CA MET G 223 43.91 36.80 3.81
C MET G 223 44.53 35.54 4.38
N ALA G 224 43.81 34.84 5.26
CA ALA G 224 44.32 33.60 5.83
C ALA G 224 43.22 32.60 6.08
N THR G 225 43.53 31.30 5.95
CA THR G 225 42.65 30.18 6.20
C THR G 225 43.42 28.95 6.62
N ASN G 226 42.72 27.97 7.20
CA ASN G 226 43.27 26.66 7.58
C ASN G 226 42.56 25.56 6.80
N ARG G 227 41.67 25.96 5.88
CA ARG G 227 40.86 25.10 5.06
C ARG G 227 41.48 24.83 3.71
N GLY G 228 41.29 23.61 3.21
CA GLY G 228 41.66 23.20 1.86
C GLY G 228 40.46 23.52 0.99
N ILE G 229 39.86 22.53 0.35
CA ILE G 229 38.66 22.76 -0.45
C ILE G 229 37.44 22.97 0.48
N THR G 230 36.60 23.97 0.21
CA THR G 230 35.37 24.25 0.97
C THR G 230 34.37 24.93 0.07
N ARG G 231 33.08 24.93 0.49
CA ARG G 231 32.03 25.59 -0.29
C ARG G 231 32.26 27.08 -0.21
N ILE G 232 31.98 27.80 -1.31
CA ILE G 232 32.00 29.27 -1.31
C ILE G 232 30.63 29.63 -0.67
N ARG G 233 30.60 30.38 0.45
CA ARG G 233 29.32 30.75 1.08
C ARG G 233 28.45 31.53 0.05
N GLY G 234 27.17 31.20 0.02
CA GLY G 234 26.20 31.78 -0.89
C GLY G 234 26.25 31.08 -2.23
N THR G 235 26.82 29.86 -2.23
CA THR G 235 27.07 29.06 -3.42
C THR G 235 27.02 27.59 -3.06
N SER G 236 26.73 26.76 -4.06
CA SER G 236 26.64 25.30 -3.96
C SER G 236 27.94 24.63 -4.50
N TYR G 237 28.97 25.43 -4.85
CA TYR G 237 30.24 24.98 -5.39
C TYR G 237 31.35 24.99 -4.37
N GLN G 238 32.23 24.00 -4.46
CA GLN G 238 33.41 23.87 -3.62
C GLN G 238 34.54 24.58 -4.35
N SER G 239 35.57 25.03 -3.62
CA SER G 239 36.70 25.76 -4.21
C SER G 239 37.87 25.79 -3.23
N PRO G 240 39.15 25.85 -3.71
CA PRO G 240 40.28 25.93 -2.78
C PRO G 240 40.11 27.12 -1.84
N HIS G 241 40.19 26.85 -0.53
CA HIS G 241 40.10 27.82 0.56
C HIS G 241 38.76 28.56 0.68
N GLY G 242 37.77 28.12 -0.09
CA GLY G 242 36.44 28.71 -0.14
C GLY G 242 36.44 30.05 -0.83
N ILE G 243 37.46 30.31 -1.68
CA ILE G 243 37.65 31.57 -2.44
C ILE G 243 37.28 31.33 -3.92
N PRO G 244 36.50 32.22 -4.57
CA PRO G 244 36.20 32.03 -6.01
C PRO G 244 37.45 32.06 -6.92
N ILE G 245 37.40 31.38 -8.09
CA ILE G 245 38.51 31.33 -9.04
C ILE G 245 39.02 32.72 -9.42
N ASP G 246 38.09 33.69 -9.65
CA ASP G 246 38.44 35.08 -10.01
C ASP G 246 39.44 35.72 -9.06
N LEU G 247 39.24 35.57 -7.73
CA LEU G 247 40.13 36.12 -6.72
C LEU G 247 41.36 35.23 -6.56
N LEU G 248 41.18 33.89 -6.54
CA LEU G 248 42.28 32.94 -6.38
C LEU G 248 43.39 33.17 -7.41
N ASP G 249 43.00 33.43 -8.66
CA ASP G 249 43.90 33.69 -9.78
C ASP G 249 44.73 34.98 -9.59
N ARG G 250 44.35 35.84 -8.62
CA ARG G 250 45.03 37.11 -8.31
C ARG G 250 45.82 37.03 -7.00
N LEU G 251 45.86 35.85 -6.33
CA LEU G 251 46.53 35.66 -5.04
C LEU G 251 47.91 35.04 -5.10
N LEU G 252 48.79 35.42 -4.16
CA LEU G 252 50.11 34.81 -3.94
C LEU G 252 49.95 33.95 -2.67
N ILE G 253 49.87 32.63 -2.82
CA ILE G 253 49.65 31.69 -1.72
C ILE G 253 50.94 31.31 -1.00
N VAL G 254 50.98 31.60 0.31
CA VAL G 254 52.10 31.32 1.24
C VAL G 254 51.58 30.29 2.27
N SER G 255 52.39 29.28 2.65
CA SER G 255 51.95 28.29 3.66
C SER G 255 52.81 28.29 4.90
N THR G 256 52.18 28.07 6.07
CA THR G 256 52.90 28.04 7.34
C THR G 256 52.91 26.64 7.92
N THR G 257 54.07 26.17 8.38
CA THR G 257 54.29 24.86 8.98
C THR G 257 54.14 24.97 10.51
N PRO G 258 53.70 23.92 11.24
CA PRO G 258 53.60 24.06 12.71
C PRO G 258 54.97 24.08 13.37
N TYR G 259 55.08 24.73 14.54
CA TYR G 259 56.32 24.88 15.29
C TYR G 259 56.82 23.64 16.03
N SER G 260 58.14 23.53 16.12
CA SER G 260 58.84 22.46 16.80
C SER G 260 58.82 22.76 18.31
N GLU G 261 59.33 21.81 19.13
CA GLU G 261 59.44 21.98 20.58
C GLU G 261 60.38 23.19 20.88
N LYS G 262 61.53 23.27 20.17
CA LYS G 262 62.52 24.35 20.31
C LYS G 262 61.95 25.73 19.90
N ASP G 263 61.15 25.79 18.81
CA ASP G 263 60.55 27.03 18.32
C ASP G 263 59.44 27.52 19.27
N THR G 264 58.58 26.59 19.74
CA THR G 264 57.49 26.85 20.68
C THR G 264 58.04 27.48 21.99
N LYS G 265 59.14 26.91 22.52
CA LYS G 265 59.80 27.40 23.73
C LYS G 265 60.31 28.83 23.54
N GLN G 266 60.90 29.12 22.36
CA GLN G 266 61.43 30.45 22.05
C GLN G 266 60.32 31.51 22.02
N ILE G 267 59.20 31.21 21.34
CA ILE G 267 58.05 32.09 21.24
C ILE G 267 57.48 32.34 22.67
N LEU G 268 57.41 31.28 23.50
CA LEU G 268 56.93 31.38 24.88
C LEU G 268 57.86 32.25 25.74
N ARG G 269 59.18 32.12 25.56
CA ARG G 269 60.16 32.93 26.31
C ARG G 269 60.04 34.42 25.94
N ILE G 270 59.73 34.71 24.65
CA ILE G 270 59.53 36.07 24.13
C ILE G 270 58.25 36.66 24.75
N ARG G 271 57.18 35.87 24.85
CA ARG G 271 55.91 36.33 25.42
C ARG G 271 56.03 36.65 26.91
N CYS G 272 56.81 35.84 27.66
CA CYS G 272 57.06 36.05 29.09
C CYS G 272 57.76 37.39 29.32
N GLU G 273 58.73 37.73 28.46
CA GLU G 273 59.46 39.00 28.50
C GLU G 273 58.49 40.16 28.22
N GLU G 274 57.64 40.01 27.16
CA GLU G 274 56.65 41.01 26.76
C GLU G 274 55.67 41.33 27.88
N GLU G 275 55.24 40.30 28.63
CA GLU G 275 54.32 40.43 29.76
C GLU G 275 55.06 40.67 31.10
N ASP G 276 56.42 40.79 31.06
CA ASP G 276 57.31 40.98 32.22
C ASP G 276 57.06 39.90 33.30
N VAL G 277 57.17 38.63 32.88
CA VAL G 277 56.93 37.43 33.70
C VAL G 277 58.22 36.56 33.72
N GLU G 278 58.61 36.09 34.91
CA GLU G 278 59.77 35.23 35.09
C GLU G 278 59.33 33.81 35.43
N MET G 279 59.81 32.84 34.64
CA MET G 279 59.48 31.41 34.78
C MET G 279 60.70 30.54 35.02
N SER G 280 60.48 29.37 35.65
CA SER G 280 61.51 28.38 35.88
C SER G 280 61.75 27.63 34.54
N GLU G 281 62.97 27.08 34.33
CA GLU G 281 63.32 26.34 33.11
C GLU G 281 62.40 25.11 32.95
N ASP G 282 62.02 24.48 34.08
CA ASP G 282 61.12 23.33 34.16
C ASP G 282 59.67 23.75 33.82
N ALA G 283 59.26 24.98 34.23
CA ALA G 283 57.94 25.53 33.93
C ALA G 283 57.84 25.82 32.44
N TYR G 284 58.95 26.25 31.80
CA TYR G 284 59.01 26.51 30.36
C TYR G 284 58.83 25.19 29.58
N THR G 285 59.41 24.09 30.11
CA THR G 285 59.31 22.75 29.52
C THR G 285 57.86 22.27 29.54
N VAL G 286 57.18 22.42 30.71
CA VAL G 286 55.76 22.06 30.89
C VAL G 286 54.90 22.88 29.91
N LEU G 287 55.07 24.23 29.88
CA LEU G 287 54.32 25.12 28.99
C LEU G 287 54.53 24.78 27.51
N THR G 288 55.79 24.48 27.09
CA THR G 288 56.09 24.09 25.71
C THR G 288 55.34 22.77 25.38
N ARG G 289 55.25 21.84 26.36
CA ARG G 289 54.51 20.59 26.18
C ARG G 289 53.01 20.87 26.04
N ILE G 290 52.44 21.69 26.96
CA ILE G 290 51.02 22.11 26.96
C ILE G 290 50.67 22.81 25.65
N GLY G 291 51.58 23.65 25.13
CA GLY G 291 51.43 24.35 23.86
C GLY G 291 51.42 23.43 22.64
N LEU G 292 52.34 22.44 22.62
CA LEU G 292 52.44 21.45 21.54
C LEU G 292 51.23 20.51 21.50
N GLU G 293 50.69 20.15 22.68
CA GLU G 293 49.55 19.25 22.79
C GLU G 293 48.20 19.96 22.53
N THR G 294 48.12 21.27 22.82
CA THR G 294 46.89 22.05 22.63
C THR G 294 47.09 23.04 21.48
N SER G 295 47.46 24.30 21.80
CA SER G 295 47.72 25.38 20.86
C SER G 295 48.67 26.39 21.49
N LEU G 296 49.39 27.15 20.64
CA LEU G 296 50.28 28.20 21.08
C LEU G 296 49.48 29.33 21.78
N ARG G 297 48.24 29.63 21.30
CA ARG G 297 47.36 30.63 21.90
C ARG G 297 47.00 30.24 23.33
N TYR G 298 46.65 28.95 23.57
CA TYR G 298 46.26 28.48 24.91
C TYR G 298 47.45 28.54 25.85
N ALA G 299 48.64 28.14 25.37
CA ALA G 299 49.88 28.21 26.18
C ALA G 299 50.14 29.67 26.58
N ILE G 300 50.00 30.63 25.61
CA ILE G 300 50.18 32.07 25.83
C ILE G 300 49.15 32.65 26.81
N GLN G 301 47.88 32.16 26.74
CA GLN G 301 46.79 32.57 27.64
C GLN G 301 47.14 32.22 29.09
N LEU G 302 47.82 31.07 29.31
CA LEU G 302 48.21 30.60 30.63
C LEU G 302 49.28 31.44 31.31
N ILE G 303 50.20 32.06 30.54
CA ILE G 303 51.30 32.91 31.06
C ILE G 303 50.82 33.96 32.09
N THR G 304 49.74 34.69 31.75
CA THR G 304 49.16 35.72 32.60
C THR G 304 48.55 35.17 33.87
N ALA G 305 47.76 34.09 33.74
CA ALA G 305 47.08 33.42 34.86
C ALA G 305 48.10 32.78 35.83
N ALA G 306 49.16 32.12 35.30
CA ALA G 306 50.20 31.47 36.12
C ALA G 306 50.97 32.51 36.92
N SER G 307 51.21 33.70 36.32
CA SER G 307 51.89 34.84 36.94
C SER G 307 51.05 35.36 38.12
N LEU G 308 49.72 35.40 37.96
CA LEU G 308 48.78 35.85 38.98
C LEU G 308 48.79 34.91 40.19
N VAL G 309 48.74 33.58 39.92
CA VAL G 309 48.78 32.50 40.92
C VAL G 309 50.09 32.57 41.69
N CYS G 310 51.21 32.76 40.97
CA CYS G 310 52.55 32.89 41.55
C CYS G 310 52.63 34.11 42.49
N ARG G 311 52.11 35.28 42.04
CA ARG G 311 52.07 36.50 42.84
C ARG G 311 51.18 36.31 44.09
N LYS G 312 50.05 35.57 43.96
CA LYS G 312 49.14 35.27 45.07
C LYS G 312 49.82 34.35 46.12
N ARG G 313 50.66 33.42 45.65
CA ARG G 313 51.44 32.49 46.48
C ARG G 313 52.62 33.20 47.18
N LYS G 314 52.72 34.54 46.95
CA LYS G 314 53.78 35.43 47.43
C LYS G 314 55.12 34.93 46.86
N GLY G 315 55.11 34.62 45.57
CA GLY G 315 56.25 34.08 44.83
C GLY G 315 56.91 35.04 43.87
N THR G 316 58.12 34.68 43.41
CA THR G 316 58.95 35.47 42.49
C THR G 316 59.00 34.89 41.08
N GLU G 317 59.42 33.61 40.95
CA GLU G 317 59.51 32.90 39.67
C GLU G 317 58.41 31.85 39.57
N VAL G 318 57.65 31.87 38.44
CA VAL G 318 56.57 30.92 38.13
C VAL G 318 57.20 29.52 37.99
N GLN G 319 56.78 28.57 38.85
CA GLN G 319 57.27 27.18 38.84
C GLN G 319 56.23 26.24 38.20
N VAL G 320 56.62 24.97 37.91
CA VAL G 320 55.75 23.95 37.28
C VAL G 320 54.36 23.81 37.91
N ASP G 321 54.27 23.86 39.26
CA ASP G 321 53.02 23.78 40.00
C ASP G 321 52.04 24.91 39.71
N ASP G 322 52.54 26.13 39.38
CA ASP G 322 51.72 27.28 39.01
C ASP G 322 51.11 27.05 37.63
N ILE G 323 51.93 26.63 36.62
CA ILE G 323 51.47 26.29 35.28
C ILE G 323 50.49 25.10 35.36
N LYS G 324 50.78 24.11 36.24
CA LYS G 324 49.93 22.92 36.45
C LYS G 324 48.52 23.29 36.98
N ARG G 325 48.44 24.15 38.02
CA ARG G 325 47.18 24.61 38.63
C ARG G 325 46.32 25.31 37.57
N VAL G 326 46.92 26.29 36.88
CA VAL G 326 46.30 27.11 35.87
C VAL G 326 45.78 26.32 34.64
N TYR G 327 46.48 25.21 34.29
CA TYR G 327 46.09 24.32 33.20
C TYR G 327 44.84 23.57 33.58
N SER G 328 44.75 23.09 34.83
CA SER G 328 43.57 22.35 35.29
C SER G 328 42.37 23.27 35.53
N LEU G 329 42.60 24.57 35.79
CA LEU G 329 41.54 25.56 36.01
C LEU G 329 40.91 26.07 34.72
N PHE G 330 41.74 26.55 33.77
CA PHE G 330 41.29 27.10 32.50
C PHE G 330 41.47 26.10 31.38
N LEU G 331 40.35 25.58 30.87
CA LEU G 331 40.37 24.56 29.83
C LEU G 331 40.62 25.15 28.44
N ASP G 332 41.08 24.25 27.55
CA ASP G 332 41.30 24.51 26.14
C ASP G 332 40.12 23.86 25.40
N GLU G 333 39.87 24.29 24.15
CA GLU G 333 38.78 23.78 23.31
C GLU G 333 38.64 22.23 23.31
N SER G 334 39.75 21.47 23.20
CA SER G 334 39.76 20.00 23.21
C SER G 334 39.16 19.38 24.47
N ARG G 335 39.58 19.85 25.66
CA ARG G 335 39.06 19.36 26.93
C ARG G 335 37.63 19.81 27.18
N SER G 336 37.31 21.10 26.96
CA SER G 336 35.96 21.62 27.22
C SER G 336 34.87 20.90 26.37
N THR G 337 35.16 20.66 25.07
CA THR G 337 34.25 19.94 24.19
C THR G 337 34.15 18.47 24.56
N GLN G 338 35.27 17.82 24.95
CA GLN G 338 35.26 16.41 25.36
C GLN G 338 34.49 16.19 26.66
N TYR G 339 34.62 17.11 27.65
CA TYR G 339 33.92 17.03 28.93
C TYR G 339 32.38 17.17 28.73
N MET G 340 31.95 17.95 27.74
CA MET G 340 30.54 18.11 27.39
C MET G 340 29.95 16.88 26.68
N LYS G 341 30.79 16.10 25.99
CA LYS G 341 30.38 14.88 25.28
C LYS G 341 30.60 13.67 26.19
N ILE H 22 51.28 45.42 -19.33
CA ILE H 22 50.72 45.15 -18.01
C ILE H 22 49.51 44.18 -18.08
N GLY H 23 48.74 44.28 -19.16
CA GLY H 23 47.58 43.45 -19.39
C GLY H 23 47.99 42.04 -19.78
N ALA H 24 47.25 41.07 -19.28
CA ALA H 24 47.49 39.65 -19.55
C ALA H 24 47.40 39.24 -21.05
N HIS H 25 46.79 40.10 -21.91
CA HIS H 25 46.60 39.80 -23.33
C HIS H 25 47.23 40.88 -24.24
N SER H 26 48.30 41.56 -23.73
CA SER H 26 49.07 42.60 -24.38
C SER H 26 49.49 42.20 -25.79
N HIS H 27 49.96 40.96 -25.94
CA HIS H 27 50.46 40.38 -27.17
C HIS H 27 49.37 40.11 -28.21
N ILE H 28 48.15 39.71 -27.75
CA ILE H 28 47.03 39.37 -28.63
C ILE H 28 46.65 40.59 -29.48
N ARG H 29 46.97 40.51 -30.79
CA ARG H 29 46.73 41.57 -31.77
C ARG H 29 45.74 41.10 -32.86
N GLU H 38 42.20 30.59 -41.83
CA GLU H 38 43.12 29.50 -41.52
C GLU H 38 44.26 29.97 -40.60
N PRO H 39 44.42 29.36 -39.41
CA PRO H 39 45.47 29.86 -38.49
C PRO H 39 46.91 29.48 -38.81
N ARG H 40 47.82 30.43 -38.62
CA ARG H 40 49.26 30.19 -38.76
C ARG H 40 49.71 29.86 -37.32
N GLN H 41 50.56 28.83 -37.13
CA GLN H 41 51.06 28.36 -35.82
C GLN H 41 51.34 29.47 -34.78
N ALA H 42 51.99 30.56 -35.21
CA ALA H 42 52.29 31.71 -34.36
C ALA H 42 52.21 33.01 -35.17
N SER H 43 51.18 33.85 -34.91
CA SER H 43 50.97 35.15 -35.57
C SER H 43 49.99 36.02 -34.78
N GLN H 44 50.20 37.36 -34.85
CA GLN H 44 49.43 38.41 -34.15
C GLN H 44 49.35 38.16 -32.64
N GLY H 45 50.40 37.56 -32.09
CA GLY H 45 50.47 37.23 -30.67
C GLY H 45 49.99 35.83 -30.32
N MET H 46 49.04 35.27 -31.10
CA MET H 46 48.45 33.95 -30.85
C MET H 46 49.39 32.80 -31.21
N VAL H 47 49.50 31.81 -30.30
CA VAL H 47 50.36 30.63 -30.43
C VAL H 47 49.55 29.33 -30.33
N GLY H 48 49.74 28.43 -31.31
CA GLY H 48 49.07 27.14 -31.37
C GLY H 48 47.56 27.27 -31.33
N GLN H 49 46.87 26.37 -30.58
CA GLN H 49 45.41 26.30 -30.43
C GLN H 49 44.75 26.52 -31.81
N LEU H 50 45.21 25.74 -32.82
CA LEU H 50 44.79 25.89 -34.20
C LEU H 50 43.28 25.76 -34.44
N ALA H 51 42.66 24.65 -33.97
CA ALA H 51 41.23 24.39 -34.14
C ALA H 51 40.32 25.50 -33.61
N ALA H 52 40.49 25.92 -32.34
CA ALA H 52 39.68 26.98 -31.71
C ALA H 52 39.85 28.31 -32.44
N ARG H 53 41.09 28.64 -32.88
CA ARG H 53 41.38 29.86 -33.62
C ARG H 53 40.73 29.79 -35.01
N ARG H 54 40.73 28.59 -35.63
CA ARG H 54 40.09 28.31 -36.93
C ARG H 54 38.57 28.52 -36.78
N ALA H 55 37.96 27.94 -35.72
CA ALA H 55 36.54 28.05 -35.38
C ALA H 55 36.14 29.51 -35.16
N ALA H 56 36.97 30.26 -34.40
CA ALA H 56 36.80 31.69 -34.12
C ALA H 56 36.78 32.52 -35.42
N GLY H 57 37.55 32.05 -36.41
CA GLY H 57 37.63 32.67 -37.73
C GLY H 57 36.31 32.58 -38.45
N VAL H 58 35.69 31.38 -38.44
CA VAL H 58 34.39 31.11 -39.06
C VAL H 58 33.33 31.98 -38.37
N VAL H 59 33.40 32.12 -37.02
CA VAL H 59 32.49 32.96 -36.23
C VAL H 59 32.61 34.43 -36.64
N LEU H 60 33.87 34.93 -36.78
CA LEU H 60 34.15 36.30 -37.19
C LEU H 60 33.53 36.59 -38.57
N GLU H 61 33.75 35.70 -39.55
CA GLU H 61 33.17 35.85 -40.90
C GLU H 61 31.65 35.76 -40.85
N MET H 62 31.09 34.93 -39.93
CA MET H 62 29.66 34.79 -39.71
C MET H 62 29.09 36.13 -39.19
N ILE H 63 29.81 36.79 -38.25
CA ILE H 63 29.42 38.09 -37.68
C ILE H 63 29.55 39.18 -38.77
N ARG H 71 22.39 34.95 -31.92
CA ARG H 71 23.28 33.89 -31.43
C ARG H 71 24.50 34.44 -30.67
N ALA H 72 25.11 33.60 -29.82
CA ALA H 72 26.30 33.96 -29.02
C ALA H 72 27.32 32.81 -29.10
N VAL H 73 28.47 32.95 -28.41
CA VAL H 73 29.54 31.95 -28.46
C VAL H 73 29.79 31.37 -27.07
N LEU H 74 30.10 30.07 -27.00
CA LEU H 74 30.49 29.40 -25.76
C LEU H 74 31.84 28.75 -26.01
N ILE H 75 32.87 29.13 -25.22
CA ILE H 75 34.19 28.52 -25.37
C ILE H 75 34.35 27.58 -24.18
N ALA H 76 34.28 26.26 -24.43
CA ALA H 76 34.41 25.25 -23.38
C ALA H 76 35.84 24.71 -23.37
N GLY H 77 36.51 24.86 -22.23
CA GLY H 77 37.88 24.40 -22.08
C GLY H 77 38.40 24.48 -20.65
N GLN H 78 39.42 23.66 -20.35
CA GLN H 78 40.06 23.61 -19.03
C GLN H 78 40.74 24.97 -18.76
N PRO H 79 40.99 25.38 -17.49
CA PRO H 79 41.59 26.71 -17.24
C PRO H 79 42.93 26.94 -17.92
N GLY H 80 43.15 28.18 -18.36
CA GLY H 80 44.37 28.58 -19.05
C GLY H 80 44.58 27.95 -20.42
N THR H 81 43.50 27.81 -21.20
CA THR H 81 43.59 27.28 -22.56
C THR H 81 43.29 28.36 -23.62
N GLY H 82 43.54 29.62 -23.29
CA GLY H 82 43.34 30.74 -24.20
C GLY H 82 41.91 31.10 -24.54
N LYS H 83 40.93 30.72 -23.66
CA LYS H 83 39.53 31.08 -23.87
C LYS H 83 39.40 32.61 -23.91
N THR H 84 40.01 33.30 -22.91
CA THR H 84 40.03 34.76 -22.84
C THR H 84 40.83 35.34 -24.02
N ALA H 85 41.98 34.71 -24.37
CA ALA H 85 42.86 35.14 -25.45
C ALA H 85 42.12 35.12 -26.81
N ILE H 86 41.33 34.06 -27.08
CA ILE H 86 40.53 33.95 -28.30
C ILE H 86 39.45 35.04 -28.32
N ALA H 87 38.84 35.34 -27.15
CA ALA H 87 37.86 36.40 -27.05
C ALA H 87 38.53 37.75 -27.36
N MET H 88 39.76 37.99 -26.82
CA MET H 88 40.56 39.20 -27.05
C MET H 88 40.94 39.33 -28.53
N GLY H 89 41.30 38.19 -29.13
CA GLY H 89 41.66 38.07 -30.54
C GLY H 89 40.51 38.41 -31.47
N MET H 90 39.28 37.96 -31.11
CA MET H 90 38.06 38.24 -31.86
C MET H 90 37.76 39.76 -31.86
N ALA H 91 37.96 40.43 -30.69
CA ALA H 91 37.77 41.87 -30.53
C ALA H 91 38.73 42.61 -31.44
N GLN H 92 40.05 42.26 -31.39
CA GLN H 92 41.14 42.85 -32.21
C GLN H 92 40.87 42.69 -33.69
N ALA H 93 40.38 41.50 -34.11
CA ALA H 93 40.01 41.16 -35.49
C ALA H 93 38.81 41.97 -35.97
N LEU H 94 37.84 42.26 -35.08
CA LEU H 94 36.65 43.04 -35.42
C LEU H 94 37.01 44.52 -35.69
N GLY H 95 38.13 44.97 -35.13
CA GLY H 95 38.64 46.32 -35.30
C GLY H 95 39.55 46.79 -34.16
N PRO H 96 40.38 47.84 -34.39
CA PRO H 96 41.27 48.31 -33.32
C PRO H 96 40.57 49.09 -32.19
N ASP H 97 39.49 49.82 -32.54
CA ASP H 97 38.69 50.62 -31.61
C ASP H 97 37.69 49.77 -30.77
N THR H 98 37.33 48.56 -31.26
CA THR H 98 36.34 47.65 -30.67
C THR H 98 36.49 47.39 -29.16
N PRO H 99 35.53 47.86 -28.32
CA PRO H 99 35.65 47.63 -26.87
C PRO H 99 35.62 46.17 -26.47
N PHE H 100 36.47 45.79 -25.53
CA PHE H 100 36.49 44.41 -25.04
C PHE H 100 36.47 44.40 -23.53
N THR H 101 35.44 43.77 -22.95
CA THR H 101 35.35 43.66 -21.49
C THR H 101 35.17 42.21 -21.09
N ALA H 102 36.03 41.75 -20.17
CA ALA H 102 36.02 40.38 -19.68
C ALA H 102 35.65 40.38 -18.19
N ILE H 103 34.56 39.68 -17.85
CA ILE H 103 34.08 39.59 -16.48
C ILE H 103 33.90 38.12 -16.13
N ALA H 104 33.76 37.83 -14.82
CA ALA H 104 33.48 36.48 -14.35
C ALA H 104 32.03 36.48 -13.87
N GLY H 105 31.35 35.35 -14.02
CA GLY H 105 29.95 35.21 -13.59
C GLY H 105 29.70 35.69 -12.17
N SER H 106 30.61 35.32 -11.26
CA SER H 106 30.58 35.67 -9.83
C SER H 106 30.57 37.19 -9.54
N GLU H 107 31.16 38.01 -10.46
CA GLU H 107 31.19 39.48 -10.38
C GLU H 107 29.81 40.14 -10.31
N ILE H 108 28.77 39.49 -10.89
CA ILE H 108 27.40 39.98 -10.91
C ILE H 108 26.82 40.08 -9.48
N PHE H 109 27.31 39.24 -8.53
CA PHE H 109 26.87 39.18 -7.12
C PHE H 109 27.69 40.18 -6.30
N SER H 110 27.13 41.39 -6.06
CA SER H 110 27.85 42.51 -5.41
C SER H 110 27.12 43.14 -4.25
N LEU H 111 27.89 43.59 -3.25
CA LEU H 111 27.34 44.29 -2.08
C LEU H 111 27.06 45.73 -2.50
N GLU H 112 27.90 46.24 -3.47
CA GLU H 112 27.90 47.58 -4.04
C GLU H 112 26.78 47.88 -5.05
N MET H 113 26.22 46.84 -5.75
CA MET H 113 25.16 47.03 -6.78
C MET H 113 24.39 45.75 -7.12
N SER H 114 23.20 45.92 -7.73
CA SER H 114 22.32 44.83 -8.14
C SER H 114 22.91 44.05 -9.31
N LYS H 115 22.39 42.83 -9.56
CA LYS H 115 22.81 41.98 -10.68
C LYS H 115 22.48 42.70 -12.01
N THR H 116 21.33 43.41 -12.06
CA THR H 116 20.90 44.18 -13.23
C THR H 116 21.94 45.27 -13.52
N GLU H 117 22.37 45.99 -12.45
CA GLU H 117 23.36 47.05 -12.58
C GLU H 117 24.70 46.47 -13.03
N ALA H 118 25.17 45.41 -12.34
CA ALA H 118 26.42 44.71 -12.65
C ALA H 118 26.45 44.33 -14.14
N LEU H 119 25.35 43.73 -14.64
CA LEU H 119 25.19 43.32 -16.03
C LEU H 119 25.04 44.48 -16.99
N THR H 120 24.17 45.51 -16.68
CA THR H 120 24.03 46.69 -17.57
C THR H 120 25.37 47.39 -17.74
N GLN H 121 26.19 47.45 -16.66
CA GLN H 121 27.51 48.08 -16.70
C GLN H 121 28.46 47.29 -17.58
N ALA H 122 28.49 45.95 -17.44
CA ALA H 122 29.33 45.05 -18.28
C ALA H 122 28.97 45.24 -19.75
N PHE H 123 27.66 45.36 -20.05
CA PHE H 123 27.19 45.58 -21.42
C PHE H 123 27.55 46.98 -21.91
N ARG H 124 27.31 48.04 -21.11
CA ARG H 124 27.61 49.43 -21.50
C ARG H 124 29.11 49.71 -21.62
N ARG H 125 29.96 48.88 -20.96
CA ARG H 125 31.42 48.94 -21.05
C ARG H 125 31.84 48.34 -22.42
N SER H 126 30.98 47.47 -22.99
CA SER H 126 31.18 46.77 -24.26
C SER H 126 30.59 47.45 -25.52
N ILE H 127 29.87 48.57 -25.36
CA ILE H 127 29.32 49.32 -26.50
C ILE H 127 30.10 50.63 -26.60
N GLY H 128 30.84 50.79 -27.69
CA GLY H 128 31.65 51.98 -27.93
C GLY H 128 30.92 53.08 -28.68
N VAL H 129 31.34 54.33 -28.43
CA VAL H 129 30.82 55.53 -29.09
C VAL H 129 31.99 56.25 -29.69
N THR H 138 37.27 56.29 -29.94
CA THR H 138 36.20 55.47 -29.34
C THR H 138 36.25 55.44 -27.81
N VAL H 139 35.08 55.66 -27.19
CA VAL H 139 34.88 55.68 -25.74
C VAL H 139 33.61 54.84 -25.38
N SER H 140 33.66 54.04 -24.31
CA SER H 140 32.51 53.22 -23.94
C SER H 140 31.33 54.05 -23.39
N LEU H 141 30.11 53.50 -23.52
CA LEU H 141 28.87 54.11 -23.02
C LEU H 141 28.95 54.26 -21.49
N HIS H 142 29.58 53.27 -20.81
CA HIS H 142 29.81 53.26 -19.36
C HIS H 142 30.77 54.39 -18.94
N GLU H 143 31.86 54.64 -19.72
CA GLU H 143 32.82 55.72 -19.47
C GLU H 143 32.12 57.07 -19.49
N ILE H 144 31.19 57.25 -20.48
CA ILE H 144 30.35 58.44 -20.64
C ILE H 144 29.39 58.57 -19.42
N ASP H 145 28.88 57.42 -18.92
CA ASP H 145 27.98 57.37 -17.77
C ASP H 145 28.70 57.79 -16.49
N VAL H 146 29.96 57.29 -16.27
CA VAL H 146 30.79 57.59 -15.11
C VAL H 146 31.14 59.06 -15.06
N ILE H 147 31.67 59.63 -16.18
CA ILE H 147 32.07 61.04 -16.31
C ILE H 147 30.94 62.01 -15.97
N ASN H 148 29.72 61.72 -16.43
CA ASN H 148 28.55 62.56 -16.21
C ASN H 148 27.70 62.12 -14.99
N SER H 149 28.35 61.51 -13.95
CA SER H 149 27.69 61.05 -12.72
C SER H 149 28.34 61.64 -11.48
N PHE H 158 37.62 54.82 -0.91
CA PHE H 158 36.61 53.94 -0.31
C PHE H 158 35.65 54.89 0.40
N SER H 159 34.34 54.85 0.08
CA SER H 159 33.36 55.76 0.71
C SER H 159 32.10 55.05 1.25
N GLU H 164 26.21 52.12 -8.52
CA GLU H 164 25.12 52.29 -9.50
C GLU H 164 25.01 53.71 -10.11
N ILE H 165 24.73 53.76 -11.43
CA ILE H 165 24.55 54.98 -12.23
C ILE H 165 23.04 55.27 -12.37
N LYS H 166 22.66 56.54 -12.15
CA LYS H 166 21.26 57.01 -12.25
C LYS H 166 20.67 56.77 -13.65
N SER H 167 19.42 56.28 -13.68
CA SER H 167 18.66 55.98 -14.91
C SER H 167 18.52 57.22 -15.81
N GLU H 168 18.31 58.40 -15.20
CA GLU H 168 18.20 59.68 -15.88
C GLU H 168 19.49 60.03 -16.62
N VAL H 169 20.67 59.80 -15.99
CA VAL H 169 21.99 60.03 -16.58
C VAL H 169 22.19 59.18 -17.85
N ARG H 170 21.77 57.90 -17.78
CA ARG H 170 21.84 56.94 -18.89
C ARG H 170 20.84 57.29 -20.01
N GLU H 171 19.66 57.84 -19.63
CA GLU H 171 18.62 58.27 -20.56
C GLU H 171 19.10 59.48 -21.37
N GLN H 172 19.86 60.40 -20.73
CA GLN H 172 20.46 61.57 -21.39
C GLN H 172 21.60 61.15 -22.31
N ILE H 173 22.50 60.25 -21.83
CA ILE H 173 23.63 59.71 -22.59
C ILE H 173 23.14 58.94 -23.84
N ASN H 174 22.07 58.13 -23.70
CA ASN H 174 21.48 57.38 -24.80
C ASN H 174 20.84 58.30 -25.84
N ALA H 175 20.28 59.44 -25.40
CA ALA H 175 19.66 60.46 -26.26
C ALA H 175 20.71 61.18 -27.13
N LYS H 176 21.82 61.66 -26.52
CA LYS H 176 22.93 62.33 -27.20
C LYS H 176 23.62 61.40 -28.21
N VAL H 177 23.81 60.11 -27.85
CA VAL H 177 24.40 59.08 -28.71
C VAL H 177 23.49 58.82 -29.92
N ALA H 178 22.15 58.85 -29.73
CA ALA H 178 21.15 58.69 -30.79
C ALA H 178 21.21 59.87 -31.75
N GLU H 179 21.41 61.10 -31.21
CA GLU H 179 21.54 62.34 -31.97
C GLU H 179 22.82 62.30 -32.83
N TRP H 180 23.98 61.98 -32.21
CA TRP H 180 25.29 61.87 -32.85
C TRP H 180 25.34 60.70 -33.85
N ILE H 189 29.90 51.65 -32.01
CA ILE H 189 30.73 50.48 -32.27
C ILE H 189 30.52 49.38 -31.18
N PRO H 190 29.63 48.38 -31.41
CA PRO H 190 29.45 47.33 -30.38
C PRO H 190 30.65 46.39 -30.36
N GLY H 191 31.23 46.22 -29.18
CA GLY H 191 32.41 45.40 -29.01
C GLY H 191 32.15 43.94 -28.69
N VAL H 192 32.94 43.41 -27.74
CA VAL H 192 32.89 42.02 -27.31
C VAL H 192 32.75 41.97 -25.78
N LEU H 193 31.83 41.13 -25.27
CA LEU H 193 31.64 40.94 -23.85
C LEU H 193 31.95 39.49 -23.52
N PHE H 194 33.02 39.27 -22.76
CA PHE H 194 33.43 37.94 -22.36
C PHE H 194 33.00 37.66 -20.92
N ILE H 195 32.21 36.59 -20.72
CA ILE H 195 31.74 36.16 -19.40
C ILE H 195 32.33 34.80 -19.08
N ASP H 196 33.35 34.81 -18.23
CA ASP H 196 34.02 33.62 -17.76
C ASP H 196 33.21 33.03 -16.59
N GLU H 197 33.45 31.74 -16.21
CA GLU H 197 32.74 31.09 -15.10
C GLU H 197 31.23 31.32 -15.18
N VAL H 198 30.68 31.13 -16.39
CA VAL H 198 29.28 31.37 -16.72
C VAL H 198 28.25 30.56 -15.89
N HIS H 199 28.66 29.39 -15.40
CA HIS H 199 27.89 28.49 -14.57
C HIS H 199 27.58 29.09 -13.20
N MET H 200 28.16 30.27 -12.89
CA MET H 200 27.93 31.01 -11.65
C MET H 200 26.69 31.87 -11.77
N LEU H 201 26.26 32.16 -12.99
CA LEU H 201 25.08 32.99 -13.22
C LEU H 201 23.85 32.18 -12.90
N ASP H 202 22.83 32.85 -12.37
CA ASP H 202 21.55 32.20 -12.07
C ASP H 202 20.59 32.34 -13.24
N ILE H 203 19.43 31.70 -13.15
CA ILE H 203 18.39 31.71 -14.18
C ILE H 203 17.93 33.13 -14.57
N GLU H 204 17.85 34.06 -13.59
CA GLU H 204 17.42 35.43 -13.85
C GLU H 204 18.45 36.18 -14.70
N SER H 205 19.75 35.98 -14.40
CA SER H 205 20.87 36.57 -15.13
C SER H 205 20.91 36.04 -16.57
N PHE H 206 20.64 34.74 -16.76
CA PHE H 206 20.60 34.13 -18.10
C PHE H 206 19.49 34.74 -18.94
N SER H 207 18.34 35.06 -18.31
CA SER H 207 17.22 35.72 -18.99
C SER H 207 17.64 37.11 -19.46
N PHE H 208 18.47 37.81 -18.66
CA PHE H 208 19.02 39.11 -19.02
C PHE H 208 19.90 39.00 -20.28
N LEU H 209 20.82 38.01 -20.32
CA LEU H 209 21.70 37.77 -21.47
C LEU H 209 20.90 37.45 -22.74
N ASN H 210 19.85 36.63 -22.57
CA ASN H 210 18.94 36.19 -23.63
C ASN H 210 18.24 37.39 -24.25
N ARG H 211 17.67 38.29 -23.42
CA ARG H 211 16.98 39.49 -23.88
C ARG H 211 17.97 40.48 -24.52
N ALA H 212 19.23 40.51 -24.02
CA ALA H 212 20.29 41.37 -24.55
C ALA H 212 20.65 41.00 -25.98
N LEU H 213 20.64 39.70 -26.31
CA LEU H 213 20.91 39.16 -27.65
C LEU H 213 19.89 39.61 -28.70
N GLU H 214 18.70 40.07 -28.27
CA GLU H 214 17.64 40.55 -29.15
C GLU H 214 17.92 41.98 -29.68
N SER H 215 18.83 42.74 -29.04
CA SER H 215 19.20 44.10 -29.46
C SER H 215 20.22 44.14 -30.60
N ASP H 216 20.05 45.09 -31.54
CA ASP H 216 20.93 45.28 -32.70
C ASP H 216 22.29 45.87 -32.30
N MET H 217 22.28 46.83 -31.34
CA MET H 217 23.49 47.52 -30.86
C MET H 217 24.23 46.75 -29.74
N ALA H 218 23.79 45.52 -29.42
CA ALA H 218 24.38 44.64 -28.39
C ALA H 218 25.79 44.15 -28.80
N PRO H 219 26.72 43.94 -27.86
CA PRO H 219 28.04 43.42 -28.25
C PRO H 219 28.01 41.92 -28.55
N VAL H 220 29.11 41.36 -29.07
CA VAL H 220 29.19 39.93 -29.32
C VAL H 220 29.37 39.27 -27.95
N LEU H 221 28.45 38.38 -27.57
CA LEU H 221 28.52 37.70 -26.27
C LEU H 221 29.33 36.43 -26.41
N ILE H 222 30.44 36.35 -25.64
CA ILE H 222 31.29 35.17 -25.62
C ILE H 222 31.34 34.68 -24.18
N MET H 223 30.76 33.51 -23.91
CA MET H 223 30.77 32.93 -22.57
C MET H 223 31.78 31.80 -22.52
N ALA H 224 32.24 31.46 -21.32
CA ALA H 224 33.20 30.36 -21.15
C ALA H 224 33.00 29.61 -19.85
N THR H 225 33.26 28.30 -19.90
CA THR H 225 33.20 27.40 -18.76
C THR H 225 34.16 26.23 -18.96
N ASN H 226 34.45 25.53 -17.85
CA ASN H 226 35.29 24.34 -17.81
C ASN H 226 34.44 23.17 -17.34
N ARG H 227 33.14 23.42 -17.09
CA ARG H 227 32.17 22.47 -16.53
C ARG H 227 31.37 21.76 -17.59
N GLY H 228 31.04 20.50 -17.30
CA GLY H 228 30.16 19.68 -18.14
C GLY H 228 28.75 19.93 -17.68
N ILE H 229 28.04 18.89 -17.27
CA ILE H 229 26.68 19.08 -16.74
C ILE H 229 26.77 19.67 -15.32
N THR H 230 25.95 20.70 -15.01
CA THR H 230 25.86 21.33 -13.68
C THR H 230 24.48 21.89 -13.47
N ARG H 231 24.11 22.15 -12.20
CA ARG H 231 22.80 22.73 -11.90
C ARG H 231 22.76 24.15 -12.41
N ILE H 232 21.60 24.61 -12.90
CA ILE H 232 21.38 25.99 -13.28
C ILE H 232 21.13 26.65 -11.89
N ARG H 233 21.92 27.68 -11.49
CA ARG H 233 21.72 28.31 -10.19
C ARG H 233 20.31 28.91 -10.14
N GLY H 234 19.66 28.75 -8.98
CA GLY H 234 18.29 29.20 -8.74
C GLY H 234 17.29 28.25 -9.33
N THR H 235 17.73 27.00 -9.55
CA THR H 235 16.98 25.91 -10.18
C THR H 235 17.44 24.58 -9.60
N SER H 236 16.56 23.58 -9.68
CA SER H 236 16.82 22.23 -9.20
C SER H 236 17.21 21.29 -10.35
N TYR H 237 17.34 21.84 -11.58
CA TYR H 237 17.67 21.09 -12.79
C TYR H 237 19.12 21.22 -13.20
N GLN H 238 19.67 20.13 -13.72
CA GLN H 238 21.03 20.07 -14.25
C GLN H 238 20.93 20.39 -15.73
N SER H 239 22.03 20.87 -16.32
CA SER H 239 22.07 21.24 -17.73
C SER H 239 23.50 21.34 -18.22
N PRO H 240 23.78 21.09 -19.53
CA PRO H 240 25.16 21.27 -20.04
C PRO H 240 25.66 22.67 -19.74
N HIS H 241 26.83 22.75 -19.10
CA HIS H 241 27.55 23.97 -18.73
C HIS H 241 26.81 24.90 -17.74
N GLY H 242 25.69 24.42 -17.19
CA GLY H 242 24.84 25.16 -16.26
C GLY H 242 24.06 26.27 -16.95
N ILE H 243 23.85 26.14 -18.27
CA ILE H 243 23.14 27.12 -19.10
C ILE H 243 21.75 26.57 -19.47
N PRO H 244 20.66 27.37 -19.39
CA PRO H 244 19.33 26.88 -19.78
C PRO H 244 19.25 26.48 -21.25
N ILE H 245 18.34 25.53 -21.59
CA ILE H 245 18.13 25.04 -22.97
C ILE H 245 17.87 26.18 -23.95
N ASP H 246 17.05 27.18 -23.56
CA ASP H 246 16.72 28.35 -24.38
C ASP H 246 17.96 29.08 -24.91
N LEU H 247 18.97 29.33 -24.04
CA LEU H 247 20.21 29.99 -24.43
C LEU H 247 21.14 29.01 -25.14
N LEU H 248 21.30 27.79 -24.61
CA LEU H 248 22.17 26.76 -25.18
C LEU H 248 21.88 26.53 -26.69
N ASP H 249 20.57 26.44 -27.04
CA ASP H 249 20.10 26.25 -28.41
C ASP H 249 20.47 27.42 -29.35
N ARG H 250 20.89 28.57 -28.78
CA ARG H 250 21.29 29.77 -29.53
C ARG H 250 22.82 29.98 -29.54
N LEU H 251 23.60 29.05 -28.92
CA LEU H 251 25.07 29.17 -28.83
C LEU H 251 25.84 28.38 -29.89
N LEU H 252 27.02 28.89 -30.26
CA LEU H 252 27.98 28.21 -31.13
C LEU H 252 29.11 27.77 -30.19
N ILE H 253 29.16 26.45 -29.88
CA ILE H 253 30.14 25.90 -28.93
C ILE H 253 31.50 25.60 -29.56
N VAL H 254 32.57 26.26 -29.05
CA VAL H 254 33.96 26.12 -29.46
C VAL H 254 34.73 25.49 -28.29
N SER H 255 35.64 24.53 -28.54
CA SER H 255 36.41 23.92 -27.45
C SER H 255 37.90 24.17 -27.58
N THR H 256 38.58 24.37 -26.44
CA THR H 256 40.02 24.59 -26.38
C THR H 256 40.72 23.40 -25.73
N THR H 257 41.81 22.93 -26.34
CA THR H 257 42.58 21.79 -25.86
C THR H 257 43.75 22.32 -25.00
N PRO H 258 44.26 21.56 -24.00
CA PRO H 258 45.42 22.09 -23.22
C PRO H 258 46.69 22.07 -24.06
N TYR H 259 47.60 23.01 -23.78
CA TYR H 259 48.85 23.19 -24.53
C TYR H 259 49.93 22.15 -24.33
N SER H 260 50.72 21.91 -25.40
CA SER H 260 51.87 21.01 -25.42
C SER H 260 53.06 21.68 -24.74
N GLU H 261 54.18 20.96 -24.55
CA GLU H 261 55.40 21.52 -23.98
C GLU H 261 55.92 22.67 -24.87
N LYS H 262 55.94 22.47 -26.20
CA LYS H 262 56.40 23.47 -27.18
C LYS H 262 55.52 24.73 -27.21
N ASP H 263 54.18 24.55 -27.10
CA ASP H 263 53.22 25.65 -27.10
C ASP H 263 53.30 26.48 -25.81
N THR H 264 53.40 25.78 -24.65
CA THR H 264 53.51 26.37 -23.31
C THR H 264 54.74 27.27 -23.23
N LYS H 265 55.89 26.78 -23.73
CA LYS H 265 57.17 27.51 -23.76
C LYS H 265 57.01 28.78 -24.55
N GLN H 266 56.37 28.71 -25.73
CA GLN H 266 56.18 29.86 -26.61
C GLN H 266 55.34 30.94 -25.97
N ILE H 267 54.20 30.57 -25.36
CA ILE H 267 53.31 31.50 -24.65
C ILE H 267 54.05 32.18 -23.49
N LEU H 268 54.81 31.38 -22.72
CA LEU H 268 55.61 31.89 -21.61
C LEU H 268 56.73 32.84 -22.10
N ARG H 269 57.39 32.53 -23.24
CA ARG H 269 58.42 33.40 -23.79
C ARG H 269 57.83 34.74 -24.24
N ILE H 270 56.57 34.73 -24.78
CA ILE H 270 55.84 35.92 -25.22
C ILE H 270 55.51 36.79 -24.02
N ARG H 271 55.05 36.17 -22.91
CA ARG H 271 54.70 36.89 -21.69
C ARG H 271 55.91 37.55 -21.04
N CYS H 272 57.06 36.88 -21.04
CA CYS H 272 58.33 37.39 -20.51
C CYS H 272 58.73 38.65 -21.26
N GLU H 273 58.59 38.66 -22.60
CA GLU H 273 58.88 39.82 -23.45
C GLU H 273 57.93 40.96 -23.11
N GLU H 274 56.62 40.66 -22.98
CA GLU H 274 55.61 41.65 -22.65
C GLU H 274 55.88 42.35 -21.29
N GLU H 275 56.37 41.57 -20.28
CA GLU H 275 56.72 42.06 -18.96
C GLU H 275 58.19 42.53 -18.87
N ASP H 276 58.92 42.52 -20.02
CA ASP H 276 60.34 42.88 -20.16
C ASP H 276 61.23 42.14 -19.14
N VAL H 277 61.14 40.79 -19.18
CA VAL H 277 61.84 39.84 -18.31
C VAL H 277 62.65 38.90 -19.21
N GLU H 278 63.95 38.75 -18.91
CA GLU H 278 64.83 37.88 -19.68
C GLU H 278 65.12 36.63 -18.87
N MET H 279 64.92 35.45 -19.49
CA MET H 279 65.13 34.16 -18.86
C MET H 279 66.12 33.30 -19.61
N SER H 280 66.77 32.37 -18.90
CA SER H 280 67.69 31.41 -19.50
C SER H 280 66.85 30.34 -20.20
N GLU H 281 67.39 29.68 -21.26
CA GLU H 281 66.66 28.63 -21.98
C GLU H 281 66.30 27.44 -21.06
N ASP H 282 67.17 27.16 -20.07
CA ASP H 282 67.01 26.14 -19.05
C ASP H 282 65.91 26.55 -18.06
N ALA H 283 65.80 27.87 -17.74
CA ALA H 283 64.76 28.42 -16.86
C ALA H 283 63.40 28.32 -17.54
N TYR H 284 63.36 28.50 -18.88
CA TYR H 284 62.14 28.37 -19.67
C TYR H 284 61.68 26.89 -19.66
N THR H 285 62.63 25.94 -19.68
CA THR H 285 62.34 24.50 -19.62
C THR H 285 61.69 24.16 -18.27
N VAL H 286 62.26 24.67 -17.15
CA VAL H 286 61.73 24.46 -15.81
C VAL H 286 60.31 25.05 -15.71
N LEU H 287 60.12 26.33 -16.15
CA LEU H 287 58.80 27.02 -16.16
C LEU H 287 57.78 26.27 -17.00
N THR H 288 58.17 25.78 -18.20
CA THR H 288 57.28 25.00 -19.07
C THR H 288 56.85 23.71 -18.34
N ARG H 289 57.78 23.09 -17.56
CA ARG H 289 57.43 21.89 -16.79
C ARG H 289 56.46 22.26 -15.68
N ILE H 290 56.76 23.35 -14.90
CA ILE H 290 55.92 23.86 -13.80
C ILE H 290 54.52 24.20 -14.29
N GLY H 291 54.43 24.79 -15.48
CA GLY H 291 53.18 25.13 -16.13
C GLY H 291 52.34 23.93 -16.56
N LEU H 292 53.00 22.92 -17.14
CA LEU H 292 52.35 21.68 -17.59
C LEU H 292 51.84 20.83 -16.41
N GLU H 293 52.57 20.84 -15.28
CA GLU H 293 52.21 20.07 -14.09
C GLU H 293 51.15 20.78 -13.22
N THR H 294 51.11 22.12 -13.25
CA THR H 294 50.15 22.94 -12.48
C THR H 294 49.13 23.60 -13.42
N SER H 295 49.36 24.84 -13.84
CA SER H 295 48.53 25.62 -14.75
C SER H 295 49.39 26.69 -15.43
N LEU H 296 48.94 27.16 -16.61
CA LEU H 296 49.63 28.24 -17.34
C LEU H 296 49.55 29.54 -16.54
N ARG H 297 48.44 29.75 -15.81
CA ARG H 297 48.24 30.95 -15.01
C ARG H 297 49.26 31.01 -13.85
N TYR H 298 49.51 29.86 -13.18
CA TYR H 298 50.47 29.78 -12.08
C TYR H 298 51.90 30.00 -12.62
N ALA H 299 52.22 29.38 -13.77
CA ALA H 299 53.54 29.59 -14.39
C ALA H 299 53.73 31.09 -14.71
N ILE H 300 52.70 31.77 -15.27
CA ILE H 300 52.72 33.21 -15.59
C ILE H 300 52.87 34.07 -14.33
N GLN H 301 52.23 33.66 -13.22
CA GLN H 301 52.33 34.35 -11.93
C GLN H 301 53.79 34.36 -11.43
N LEU H 302 54.53 33.26 -11.69
CA LEU H 302 55.93 33.11 -11.26
C LEU H 302 56.93 34.02 -12.01
N ILE H 303 56.66 34.37 -13.28
CA ILE H 303 57.52 35.23 -14.12
C ILE H 303 57.92 36.53 -13.39
N THR H 304 56.94 37.22 -12.82
CA THR H 304 57.16 38.48 -12.09
C THR H 304 57.97 38.32 -10.80
N ALA H 305 57.66 37.28 -10.01
CA ALA H 305 58.33 36.95 -8.76
C ALA H 305 59.78 36.51 -8.97
N ALA H 306 60.03 35.66 -10.00
CA ALA H 306 61.37 35.16 -10.36
C ALA H 306 62.26 36.30 -10.83
N SER H 307 61.69 37.28 -11.56
CA SER H 307 62.37 38.49 -12.03
C SER H 307 62.82 39.35 -10.86
N LEU H 308 61.98 39.44 -9.82
CA LEU H 308 62.25 40.21 -8.62
C LEU H 308 63.42 39.61 -7.83
N VAL H 309 63.42 38.27 -7.68
CA VAL H 309 64.46 37.49 -7.00
C VAL H 309 65.80 37.66 -7.75
N CYS H 310 65.76 37.56 -9.10
CA CYS H 310 66.91 37.74 -9.98
C CYS H 310 67.49 39.15 -9.84
N ARG H 311 66.63 40.20 -9.84
CA ARG H 311 67.05 41.59 -9.68
C ARG H 311 67.67 41.81 -8.28
N LYS H 312 67.12 41.13 -7.24
CA LYS H 312 67.65 41.21 -5.86
C LYS H 312 69.07 40.57 -5.77
N ARG H 313 69.29 39.48 -6.53
CA ARG H 313 70.56 38.76 -6.61
C ARG H 313 71.59 39.56 -7.42
N LYS H 314 71.18 40.78 -7.87
CA LYS H 314 71.95 41.69 -8.73
C LYS H 314 72.28 40.96 -10.05
N GLY H 315 71.25 40.29 -10.59
CA GLY H 315 71.33 39.50 -11.81
C GLY H 315 70.68 40.14 -13.01
N THR H 316 71.03 39.64 -14.21
CA THR H 316 70.52 40.12 -15.50
C THR H 316 69.45 39.18 -16.09
N GLU H 317 69.80 37.89 -16.26
CA GLU H 317 68.92 36.86 -16.80
C GLU H 317 68.49 35.90 -15.72
N VAL H 318 67.16 35.65 -15.62
CA VAL H 318 66.52 34.72 -14.67
C VAL H 318 67.00 33.30 -14.99
N GLN H 319 67.66 32.64 -14.01
CA GLN H 319 68.18 31.27 -14.18
C GLN H 319 67.29 30.27 -13.43
N VAL H 320 67.49 28.94 -13.66
CA VAL H 320 66.70 27.86 -13.05
C VAL H 320 66.49 28.00 -11.53
N ASP H 321 67.55 28.36 -10.78
CA ASP H 321 67.50 28.55 -9.34
C ASP H 321 66.54 29.64 -8.88
N ASP H 322 66.32 30.70 -9.70
CA ASP H 322 65.36 31.78 -9.41
C ASP H 322 63.93 31.24 -9.52
N ILE H 323 63.60 30.52 -10.64
CA ILE H 323 62.30 29.89 -10.88
C ILE H 323 62.05 28.84 -9.79
N LYS H 324 63.11 28.09 -9.40
CA LYS H 324 63.05 27.04 -8.37
C LYS H 324 62.68 27.60 -7.00
N ARG H 325 63.34 28.71 -6.56
CA ARG H 325 63.09 29.38 -5.26
C ARG H 325 61.65 29.82 -5.19
N VAL H 326 61.23 30.57 -6.20
CA VAL H 326 59.91 31.15 -6.36
C VAL H 326 58.76 30.13 -6.39
N TYR H 327 59.02 28.95 -6.98
CA TYR H 327 58.06 27.84 -7.04
C TYR H 327 57.83 27.28 -5.65
N SER H 328 58.90 27.10 -4.87
CA SER H 328 58.79 26.57 -3.52
C SER H 328 58.19 27.58 -2.54
N LEU H 329 58.32 28.90 -2.82
CA LEU H 329 57.78 29.97 -1.97
C LEU H 329 56.28 30.23 -2.17
N PHE H 330 55.86 30.42 -3.43
CA PHE H 330 54.47 30.70 -3.80
C PHE H 330 53.79 29.45 -4.33
N LEU H 331 52.81 28.94 -3.55
CA LEU H 331 52.10 27.71 -3.89
C LEU H 331 51.00 27.86 -4.91
N ASP H 332 50.68 26.75 -5.58
CA ASP H 332 49.60 26.61 -6.55
C ASP H 332 48.46 25.89 -5.83
N GLU H 333 47.22 26.00 -6.36
CA GLU H 333 46.01 25.41 -5.76
C GLU H 333 46.20 23.96 -5.27
N SER H 334 46.82 23.08 -6.09
CA SER H 334 47.06 21.66 -5.76
C SER H 334 47.87 21.45 -4.49
N ARG H 335 49.01 22.14 -4.36
CA ARG H 335 49.87 22.04 -3.18
C ARG H 335 49.24 22.70 -1.95
N SER H 336 48.68 23.92 -2.08
CA SER H 336 48.08 24.64 -0.94
C SER H 336 46.92 23.89 -0.29
N THR H 337 46.02 23.31 -1.10
CA THR H 337 44.91 22.53 -0.60
C THR H 337 45.38 21.23 0.03
N GLN H 338 46.39 20.57 -0.56
CA GLN H 338 46.92 19.32 -0.02
C GLN H 338 47.67 19.52 1.29
N TYR H 339 48.44 20.64 1.42
CA TYR H 339 49.19 20.95 2.64
C TYR H 339 48.25 21.20 3.82
N MET H 340 47.08 21.84 3.54
CA MET H 340 46.03 22.14 4.54
C MET H 340 45.29 20.88 5.00
N LYS H 341 45.21 19.84 4.13
CA LYS H 341 44.57 18.57 4.46
C LYS H 341 45.60 17.59 5.00
N GLY I 23 -43.74 -37.58 24.96
CA GLY I 23 -45.19 -37.67 25.05
C GLY I 23 -45.92 -36.35 24.84
N ALA I 24 -45.41 -35.49 23.94
CA ALA I 24 -45.96 -34.18 23.63
C ALA I 24 -47.39 -34.19 23.05
N HIS I 25 -47.86 -35.34 22.54
CA HIS I 25 -49.20 -35.44 21.93
C HIS I 25 -50.06 -36.55 22.59
N SER I 26 -49.78 -36.82 23.90
CA SER I 26 -50.46 -37.80 24.76
C SER I 26 -51.97 -37.68 24.67
N HIS I 27 -52.46 -36.43 24.76
CA HIS I 27 -53.88 -36.08 24.73
C HIS I 27 -54.56 -36.29 23.39
N ILE I 28 -53.84 -36.11 22.26
CA ILE I 28 -54.38 -36.29 20.91
C ILE I 28 -54.87 -37.75 20.73
N ARG I 29 -56.20 -37.93 20.73
CA ARG I 29 -56.89 -39.22 20.61
C ARG I 29 -57.72 -39.34 19.31
N GLY I 30 -57.63 -38.31 18.48
CA GLY I 30 -58.33 -38.21 17.20
C GLY I 30 -58.44 -36.76 16.76
N LEU I 31 -59.10 -36.49 15.63
CA LEU I 31 -59.28 -35.12 15.12
C LEU I 31 -60.48 -34.41 15.72
N ALA I 36 -70.26 -36.01 9.77
CA ALA I 36 -70.17 -34.67 10.33
C ALA I 36 -68.71 -34.27 10.39
N LEU I 37 -68.17 -33.83 9.25
CA LEU I 37 -66.76 -33.45 9.23
C LEU I 37 -66.55 -32.01 9.72
N GLU I 38 -67.33 -31.57 10.70
CA GLU I 38 -67.27 -30.23 11.33
C GLU I 38 -66.63 -30.32 12.72
N PRO I 39 -65.53 -29.58 12.96
CA PRO I 39 -64.82 -29.74 14.24
C PRO I 39 -65.48 -29.07 15.44
N ARG I 40 -65.52 -29.81 16.56
CA ARG I 40 -66.04 -29.35 17.84
C ARG I 40 -64.89 -28.63 18.52
N GLN I 41 -65.13 -27.44 19.11
CA GLN I 41 -64.12 -26.59 19.80
C GLN I 41 -63.07 -27.36 20.61
N ALA I 42 -63.49 -28.39 21.38
CA ALA I 42 -62.58 -29.24 22.17
C ALA I 42 -63.13 -30.66 22.25
N SER I 43 -62.45 -31.62 21.59
CA SER I 43 -62.80 -33.06 21.56
C SER I 43 -61.63 -33.93 21.10
N GLN I 44 -61.52 -35.15 21.68
CA GLN I 44 -60.47 -36.14 21.43
C GLN I 44 -59.05 -35.57 21.65
N GLY I 45 -58.94 -34.61 22.57
CA GLY I 45 -57.69 -33.93 22.90
C GLY I 45 -57.45 -32.65 22.15
N MET I 46 -57.98 -32.55 20.90
CA MET I 46 -57.83 -31.39 20.01
C MET I 46 -58.63 -30.16 20.48
N VAL I 47 -57.98 -28.99 20.55
CA VAL I 47 -58.57 -27.69 20.97
C VAL I 47 -58.41 -26.63 19.85
N GLY I 48 -59.52 -25.99 19.49
CA GLY I 48 -59.56 -24.97 18.44
C GLY I 48 -59.10 -25.50 17.09
N GLN I 49 -58.27 -24.72 16.36
CA GLN I 49 -57.72 -25.06 15.04
C GLN I 49 -58.78 -25.67 14.12
N LEU I 50 -59.92 -24.99 14.04
CA LEU I 50 -61.10 -25.45 13.32
C LEU I 50 -60.89 -25.77 11.83
N ALA I 51 -60.43 -24.79 11.03
CA ALA I 51 -60.24 -24.96 9.59
C ALA I 51 -59.34 -26.11 9.20
N ALA I 52 -58.10 -26.17 9.77
CA ALA I 52 -57.12 -27.22 9.49
C ALA I 52 -57.66 -28.60 9.88
N ARG I 53 -58.39 -28.69 11.01
CA ARG I 53 -58.99 -29.94 11.48
C ARG I 53 -60.12 -30.34 10.53
N ARG I 54 -60.88 -29.33 10.01
CA ARG I 54 -61.95 -29.54 9.02
C ARG I 54 -61.33 -30.13 7.71
N ALA I 55 -60.25 -29.51 7.22
CA ALA I 55 -59.50 -29.91 6.04
C ALA I 55 -58.96 -31.33 6.19
N ALA I 56 -58.38 -31.63 7.39
CA ALA I 56 -57.84 -32.94 7.76
C ALA I 56 -58.94 -34.00 7.70
N GLY I 57 -60.18 -33.59 8.01
CA GLY I 57 -61.35 -34.45 7.97
C GLY I 57 -61.65 -34.93 6.55
N VAL I 58 -61.59 -33.99 5.58
CA VAL I 58 -61.81 -34.28 4.16
C VAL I 58 -60.71 -35.25 3.69
N VAL I 59 -59.45 -35.01 4.12
CA VAL I 59 -58.30 -35.86 3.80
C VAL I 59 -58.48 -37.27 4.35
N LEU I 60 -58.95 -37.39 5.62
CA LEU I 60 -59.20 -38.69 6.27
C LEU I 60 -60.23 -39.49 5.48
N GLU I 61 -61.38 -38.86 5.09
CA GLU I 61 -62.41 -39.51 4.28
C GLU I 61 -61.86 -39.88 2.89
N MET I 62 -60.96 -39.04 2.32
CA MET I 62 -60.28 -39.29 1.05
C MET I 62 -59.39 -40.54 1.17
N ILE I 63 -58.63 -40.66 2.28
CA ILE I 63 -57.77 -41.81 2.57
C ILE I 63 -58.65 -43.07 2.77
N ARG I 64 -59.77 -42.94 3.55
CA ARG I 64 -60.72 -44.02 3.83
C ARG I 64 -61.42 -44.55 2.55
N GLU I 65 -61.91 -43.63 1.70
CA GLU I 65 -62.55 -43.97 0.42
C GLU I 65 -61.55 -44.34 -0.70
N GLY I 66 -60.26 -44.45 -0.36
CA GLY I 66 -59.18 -44.81 -1.27
C GLY I 66 -58.86 -43.81 -2.37
N LYS I 67 -59.22 -42.52 -2.18
CA LYS I 67 -59.00 -41.44 -3.14
C LYS I 67 -57.68 -40.67 -2.95
N ILE I 68 -57.03 -40.79 -1.77
CA ILE I 68 -55.76 -40.11 -1.47
C ILE I 68 -54.57 -40.68 -2.28
N ALA I 69 -54.75 -41.84 -2.96
CA ALA I 69 -53.75 -42.48 -3.85
C ALA I 69 -53.42 -41.47 -5.06
N GLY I 70 -52.19 -41.20 -5.53
CA GLY I 70 -50.81 -41.34 -5.07
C GLY I 70 -50.36 -39.91 -4.76
N ARG I 71 -51.17 -39.29 -3.88
CA ARG I 71 -51.05 -37.93 -3.38
C ARG I 71 -50.54 -37.93 -1.93
N ALA I 72 -50.04 -36.78 -1.49
CA ALA I 72 -49.56 -36.58 -0.12
C ALA I 72 -50.15 -35.27 0.44
N VAL I 73 -49.86 -34.95 1.71
CA VAL I 73 -50.40 -33.77 2.36
C VAL I 73 -49.26 -32.83 2.75
N LEU I 74 -49.49 -31.51 2.64
CA LEU I 74 -48.54 -30.50 3.09
C LEU I 74 -49.28 -29.60 4.06
N ILE I 75 -48.79 -29.51 5.31
CA ILE I 75 -49.38 -28.63 6.31
C ILE I 75 -48.45 -27.42 6.43
N ALA I 76 -48.88 -26.25 5.91
CA ALA I 76 -48.09 -25.03 5.95
C ALA I 76 -48.56 -24.14 7.10
N GLY I 77 -47.66 -23.85 8.03
CA GLY I 77 -47.98 -23.02 9.20
C GLY I 77 -46.78 -22.66 10.04
N GLN I 78 -46.90 -21.59 10.82
CA GLN I 78 -45.84 -21.10 11.71
C GLN I 78 -45.62 -22.15 12.82
N PRO I 79 -44.42 -22.22 13.46
CA PRO I 79 -44.21 -23.24 14.50
C PRO I 79 -45.17 -23.17 15.70
N GLY I 80 -45.48 -24.32 16.26
CA GLY I 80 -46.39 -24.41 17.39
C GLY I 80 -47.85 -24.20 17.05
N THR I 81 -48.29 -24.54 15.82
CA THR I 81 -49.69 -24.38 15.38
C THR I 81 -50.42 -25.72 15.17
N GLY I 82 -49.96 -26.74 15.86
CA GLY I 82 -50.54 -28.08 15.82
C GLY I 82 -50.37 -28.85 14.52
N LYS I 83 -49.31 -28.54 13.71
CA LYS I 83 -49.06 -29.29 12.45
C LYS I 83 -48.79 -30.75 12.80
N THR I 84 -47.91 -31.00 13.80
CA THR I 84 -47.62 -32.35 14.30
C THR I 84 -48.84 -32.97 14.96
N ALA I 85 -49.60 -32.17 15.75
CA ALA I 85 -50.82 -32.61 16.45
C ALA I 85 -51.90 -33.10 15.46
N ILE I 86 -52.11 -32.37 14.34
CA ILE I 86 -53.06 -32.75 13.29
C ILE I 86 -52.62 -34.04 12.63
N ALA I 87 -51.29 -34.20 12.40
CA ALA I 87 -50.73 -35.44 11.85
C ALA I 87 -50.99 -36.62 12.82
N MET I 88 -50.77 -36.40 14.14
CA MET I 88 -51.02 -37.39 15.21
C MET I 88 -52.49 -37.74 15.29
N GLY I 89 -53.36 -36.73 15.17
CA GLY I 89 -54.82 -36.86 15.15
C GLY I 89 -55.31 -37.67 13.98
N MET I 90 -54.69 -37.50 12.78
CA MET I 90 -55.02 -38.22 11.55
C MET I 90 -54.70 -39.70 11.71
N ALA I 91 -53.56 -40.01 12.36
CA ALA I 91 -53.14 -41.39 12.64
C ALA I 91 -54.15 -42.07 13.56
N GLN I 92 -54.51 -41.42 14.70
CA GLN I 92 -55.49 -41.87 15.69
C GLN I 92 -56.87 -42.11 15.05
N ALA I 93 -57.30 -41.19 14.16
CA ALA I 93 -58.55 -41.25 13.42
C ALA I 93 -58.58 -42.42 12.42
N LEU I 94 -57.42 -42.74 11.80
CA LEU I 94 -57.30 -43.84 10.84
C LEU I 94 -57.47 -45.20 11.55
N GLY I 95 -57.17 -45.23 12.85
CA GLY I 95 -57.29 -46.42 13.69
C GLY I 95 -56.39 -46.41 14.91
N PRO I 96 -56.68 -47.28 15.91
CA PRO I 96 -55.83 -47.30 17.12
C PRO I 96 -54.47 -47.98 16.92
N ASP I 97 -54.40 -48.99 16.03
CA ASP I 97 -53.18 -49.73 15.70
C ASP I 97 -52.23 -48.97 14.74
N THR I 98 -52.76 -48.01 13.95
CA THR I 98 -52.04 -47.25 12.91
C THR I 98 -50.72 -46.63 13.33
N PRO I 99 -49.57 -47.13 12.82
CA PRO I 99 -48.26 -46.56 13.22
C PRO I 99 -48.09 -45.10 12.82
N PHE I 100 -47.52 -44.30 13.71
CA PHE I 100 -47.25 -42.90 13.42
C PHE I 100 -45.81 -42.56 13.74
N THR I 101 -45.06 -42.10 12.74
CA THR I 101 -43.69 -41.68 12.95
C THR I 101 -43.49 -40.27 12.41
N ALA I 102 -42.92 -39.41 13.26
CA ALA I 102 -42.66 -38.02 12.93
C ALA I 102 -41.18 -37.79 12.95
N ILE I 103 -40.64 -37.34 11.81
CA ILE I 103 -39.24 -37.03 11.63
C ILE I 103 -39.11 -35.60 11.09
N ALA I 104 -37.88 -35.05 11.16
CA ALA I 104 -37.57 -33.73 10.61
C ALA I 104 -36.69 -33.99 9.39
N GLY I 105 -36.80 -33.14 8.37
CA GLY I 105 -36.04 -33.27 7.13
C GLY I 105 -34.56 -33.48 7.36
N SER I 106 -33.99 -32.68 8.29
CA SER I 106 -32.59 -32.68 8.72
C SER I 106 -32.10 -34.04 9.23
N GLU I 107 -32.99 -34.87 9.83
CA GLU I 107 -32.68 -36.21 10.36
C GLU I 107 -32.14 -37.18 9.30
N ILE I 108 -32.50 -36.97 8.01
CA ILE I 108 -32.04 -37.79 6.86
C ILE I 108 -30.51 -37.69 6.68
N PHE I 109 -29.90 -36.54 7.07
CA PHE I 109 -28.46 -36.27 6.99
C PHE I 109 -27.74 -36.80 8.24
N SER I 110 -27.14 -38.01 8.13
CA SER I 110 -26.52 -38.68 9.28
C SER I 110 -25.10 -39.18 9.04
N LEU I 111 -24.26 -39.15 10.10
CA LEU I 111 -22.89 -39.68 10.02
C LEU I 111 -22.98 -41.22 10.16
N GLU I 112 -24.01 -41.69 10.87
CA GLU I 112 -24.32 -43.08 11.18
C GLU I 112 -24.97 -43.88 10.04
N MET I 113 -25.67 -43.21 9.08
CA MET I 113 -26.34 -43.90 7.95
C MET I 113 -26.63 -43.00 6.74
N SER I 114 -26.81 -43.62 5.57
CA SER I 114 -27.13 -42.96 4.31
C SER I 114 -28.55 -42.36 4.34
N LYS I 115 -28.83 -41.43 3.41
CA LYS I 115 -30.15 -40.81 3.30
C LYS I 115 -31.17 -41.89 2.92
N THR I 116 -30.77 -42.88 2.08
CA THR I 116 -31.62 -44.00 1.67
C THR I 116 -32.02 -44.79 2.92
N GLU I 117 -31.04 -45.08 3.78
CA GLU I 117 -31.27 -45.82 5.01
C GLU I 117 -32.18 -45.04 5.94
N ALA I 118 -31.84 -43.76 6.19
CA ALA I 118 -32.61 -42.87 7.03
C ALA I 118 -34.07 -42.85 6.59
N LEU I 119 -34.30 -42.72 5.27
CA LEU I 119 -35.65 -42.72 4.70
C LEU I 119 -36.32 -44.08 4.73
N THR I 120 -35.61 -45.20 4.34
CA THR I 120 -36.23 -46.53 4.39
C THR I 120 -36.66 -46.87 5.83
N GLN I 121 -35.85 -46.45 6.84
CA GLN I 121 -36.17 -46.67 8.25
C GLN I 121 -37.42 -45.89 8.66
N ALA I 122 -37.54 -44.61 8.26
CA ALA I 122 -38.72 -43.76 8.55
C ALA I 122 -39.97 -44.39 7.92
N PHE I 123 -39.83 -44.96 6.69
CA PHE I 123 -40.94 -45.64 6.02
C PHE I 123 -41.30 -46.96 6.68
N ARG I 124 -40.29 -47.78 7.04
CA ARG I 124 -40.52 -49.07 7.70
C ARG I 124 -41.02 -48.95 9.14
N ARG I 125 -40.78 -47.79 9.78
CA ARG I 125 -41.30 -47.47 11.11
C ARG I 125 -42.80 -47.13 10.97
N SER I 126 -43.23 -46.72 9.76
CA SER I 126 -44.60 -46.32 9.43
C SER I 126 -45.48 -47.39 8.82
N ILE I 127 -44.95 -48.62 8.58
CA ILE I 127 -45.73 -49.78 8.07
C ILE I 127 -45.88 -50.77 9.24
N SER I 140 -44.11 -52.34 14.17
CA SER I 140 -43.58 -51.82 12.91
C SER I 140 -42.57 -52.75 12.27
N LEU I 141 -42.44 -52.65 10.92
CA LEU I 141 -41.48 -53.43 10.13
C LEU I 141 -40.03 -53.16 10.61
N HIS I 142 -39.74 -51.91 10.98
CA HIS I 142 -38.45 -51.47 11.52
C HIS I 142 -38.14 -52.13 12.88
N GLU I 143 -39.15 -52.23 13.77
CA GLU I 143 -39.02 -52.88 15.09
C GLU I 143 -38.62 -54.36 14.89
N ILE I 144 -39.24 -55.02 13.88
CA ILE I 144 -38.96 -56.40 13.49
C ILE I 144 -37.52 -56.49 12.95
N ASP I 145 -37.06 -55.46 12.20
CA ASP I 145 -35.70 -55.39 11.65
C ASP I 145 -34.66 -55.28 12.77
N VAL I 146 -34.91 -54.41 13.78
CA VAL I 146 -34.01 -54.21 14.92
C VAL I 146 -33.88 -55.47 15.77
N ILE I 147 -35.02 -56.11 16.15
CA ILE I 147 -35.08 -57.33 16.96
C ILE I 147 -34.28 -58.49 16.35
N ASN I 148 -34.38 -58.65 15.02
CA ASN I 148 -33.70 -59.73 14.29
C ASN I 148 -32.35 -59.27 13.66
N SER I 149 -31.65 -58.33 14.34
CA SER I 149 -30.35 -57.80 13.94
C SER I 149 -29.31 -58.01 15.06
N ARG I 150 -28.07 -58.35 14.66
CA ARG I 150 -26.90 -58.67 15.52
C ARG I 150 -26.66 -57.72 16.71
N THR I 151 -26.10 -56.51 16.47
CA THR I 151 -25.86 -55.54 17.53
C THR I 151 -27.17 -54.77 17.75
N GLN I 152 -27.83 -55.01 18.91
CA GLN I 152 -29.10 -54.36 19.30
C GLN I 152 -29.02 -53.94 20.76
N GLY I 153 -29.70 -52.84 21.09
CA GLY I 153 -29.81 -52.30 22.45
C GLY I 153 -28.51 -51.82 23.08
N PHE I 154 -28.19 -52.36 24.29
CA PHE I 154 -26.96 -52.02 25.03
C PHE I 154 -25.74 -52.47 24.25
N LEU I 155 -25.84 -53.63 23.56
CA LEU I 155 -24.79 -54.19 22.72
C LEU I 155 -24.49 -53.26 21.51
N ALA I 156 -25.46 -52.41 21.14
CA ALA I 156 -25.34 -51.42 20.07
C ALA I 156 -25.08 -49.98 20.59
N LEU I 157 -25.26 -49.75 21.93
CA LEU I 157 -25.07 -48.44 22.59
C LEU I 157 -23.66 -47.90 22.35
N PHE I 158 -23.54 -46.80 21.57
CA PHE I 158 -22.28 -46.15 21.21
C PHE I 158 -21.18 -47.15 20.86
N SER I 159 -21.34 -47.79 19.67
CA SER I 159 -20.46 -48.79 19.05
C SER I 159 -19.63 -48.15 17.90
N GLY I 160 -18.84 -48.95 17.20
CA GLY I 160 -18.01 -48.49 16.09
C GLY I 160 -18.80 -47.98 14.90
N GLY I 163 -25.36 -48.21 11.98
CA GLY I 163 -26.74 -47.76 12.22
C GLY I 163 -27.77 -48.27 11.18
N GLU I 164 -27.24 -48.72 10.05
CA GLU I 164 -27.95 -49.33 8.95
C GLU I 164 -28.27 -50.79 9.30
N ILE I 165 -29.42 -51.28 8.82
CA ILE I 165 -29.89 -52.67 8.95
C ILE I 165 -29.46 -53.38 7.67
N LYS I 166 -28.81 -54.55 7.80
CA LYS I 166 -28.33 -55.33 6.65
C LYS I 166 -29.48 -55.69 5.68
N SER I 167 -29.23 -55.56 4.35
CA SER I 167 -30.24 -55.84 3.31
C SER I 167 -30.79 -57.27 3.43
N GLU I 168 -29.92 -58.23 3.78
CA GLU I 168 -30.26 -59.64 3.98
C GLU I 168 -31.28 -59.80 5.11
N VAL I 169 -31.10 -59.06 6.24
CA VAL I 169 -32.01 -59.08 7.40
C VAL I 169 -33.41 -58.60 7.00
N ARG I 170 -33.47 -57.54 6.19
CA ARG I 170 -34.71 -56.96 5.66
C ARG I 170 -35.38 -57.86 4.64
N GLU I 171 -34.56 -58.59 3.84
CA GLU I 171 -35.02 -59.53 2.82
C GLU I 171 -35.70 -60.72 3.50
N GLN I 172 -35.16 -61.19 4.65
CA GLN I 172 -35.72 -62.28 5.46
C GLN I 172 -37.02 -61.81 6.14
N ILE I 173 -37.01 -60.61 6.76
CA ILE I 173 -38.18 -60.02 7.43
C ILE I 173 -39.34 -59.81 6.45
N ASN I 174 -39.03 -59.30 5.24
CA ASN I 174 -40.02 -59.06 4.18
C ASN I 174 -40.61 -60.36 3.66
N ALA I 175 -39.80 -61.44 3.63
CA ALA I 175 -40.21 -62.80 3.19
C ALA I 175 -41.19 -63.44 4.17
N LYS I 176 -40.88 -63.43 5.49
CA LYS I 176 -41.72 -63.97 6.56
C LYS I 176 -43.06 -63.24 6.65
N VAL I 177 -43.04 -61.88 6.51
CA VAL I 177 -44.23 -61.03 6.52
C VAL I 177 -45.13 -61.35 5.30
N ALA I 178 -44.51 -61.61 4.13
CA ALA I 178 -45.22 -61.99 2.90
C ALA I 178 -45.89 -63.36 3.06
N GLU I 179 -45.18 -64.31 3.75
CA GLU I 179 -45.67 -65.66 4.05
C GLU I 179 -46.86 -65.59 5.00
N TRP I 180 -46.73 -64.82 6.13
CA TRP I 180 -47.77 -64.62 7.13
C TRP I 180 -49.01 -63.95 6.55
N ARG I 181 -48.84 -62.95 5.65
CA ARG I 181 -49.95 -62.25 4.99
C ARG I 181 -50.74 -63.23 4.10
N GLU I 182 -50.02 -64.11 3.37
CA GLU I 182 -50.60 -65.14 2.49
C GLU I 182 -51.35 -66.21 3.29
N GLU I 183 -50.80 -66.60 4.46
CA GLU I 183 -51.40 -67.58 5.37
C GLU I 183 -52.59 -67.00 6.16
N GLY I 184 -52.60 -65.69 6.37
CA GLY I 184 -53.64 -65.01 7.12
C GLY I 184 -53.27 -64.88 8.58
N ILE I 188 -50.75 -56.28 7.14
CA ILE I 188 -49.97 -55.06 7.06
C ILE I 188 -50.86 -53.81 7.11
N ILE I 189 -50.65 -52.97 8.14
CA ILE I 189 -51.41 -51.75 8.35
C ILE I 189 -50.50 -50.52 8.06
N PRO I 190 -50.57 -49.91 6.85
CA PRO I 190 -49.71 -48.73 6.58
C PRO I 190 -50.21 -47.53 7.38
N GLY I 191 -49.31 -46.93 8.13
CA GLY I 191 -49.62 -45.81 9.02
C GLY I 191 -49.50 -44.44 8.41
N VAL I 192 -48.94 -43.52 9.20
CA VAL I 192 -48.73 -42.13 8.83
C VAL I 192 -47.24 -41.78 9.04
N LEU I 193 -46.62 -41.12 8.04
CA LEU I 193 -45.24 -40.63 8.12
C LEU I 193 -45.28 -39.11 8.04
N PHE I 194 -44.88 -38.46 9.14
CA PHE I 194 -44.85 -37.02 9.21
C PHE I 194 -43.42 -36.53 9.04
N ILE I 195 -43.18 -35.68 8.01
CA ILE I 195 -41.87 -35.09 7.74
C ILE I 195 -41.94 -33.60 7.93
N ASP I 196 -41.43 -33.14 9.08
CA ASP I 196 -41.37 -31.72 9.44
C ASP I 196 -40.13 -31.12 8.75
N GLU I 197 -40.05 -29.76 8.66
CA GLU I 197 -38.90 -29.05 8.05
C GLU I 197 -38.50 -29.67 6.70
N VAL I 198 -39.53 -29.94 5.85
CA VAL I 198 -39.39 -30.61 4.56
C VAL I 198 -38.43 -29.93 3.54
N HIS I 199 -38.27 -28.63 3.67
CA HIS I 199 -37.41 -27.79 2.86
C HIS I 199 -35.91 -28.09 3.09
N MET I 200 -35.62 -29.00 4.06
CA MET I 200 -34.27 -29.45 4.38
C MET I 200 -33.90 -30.60 3.46
N LEU I 201 -34.89 -31.28 2.89
CA LEU I 201 -34.62 -32.39 1.99
C LEU I 201 -34.07 -31.87 0.66
N ASP I 202 -33.17 -32.63 0.06
CA ASP I 202 -32.60 -32.29 -1.23
C ASP I 202 -33.40 -32.98 -2.35
N ILE I 203 -33.07 -32.64 -3.60
CA ILE I 203 -33.72 -33.17 -4.79
C ILE I 203 -33.72 -34.72 -4.86
N GLU I 204 -32.63 -35.37 -4.43
CA GLU I 204 -32.54 -36.84 -4.44
C GLU I 204 -33.51 -37.47 -3.44
N SER I 205 -33.66 -36.85 -2.25
CA SER I 205 -34.58 -37.31 -1.21
C SER I 205 -36.02 -37.16 -1.69
N PHE I 206 -36.34 -36.04 -2.41
CA PHE I 206 -37.67 -35.81 -2.96
C PHE I 206 -38.01 -36.89 -3.99
N SER I 207 -37.03 -37.32 -4.79
CA SER I 207 -37.20 -38.42 -5.76
C SER I 207 -37.56 -39.72 -5.03
N PHE I 208 -36.94 -39.97 -3.85
CA PHE I 208 -37.25 -41.14 -3.01
C PHE I 208 -38.72 -41.08 -2.55
N LEU I 209 -39.18 -39.92 -2.03
CA LEU I 209 -40.57 -39.74 -1.58
C LEU I 209 -41.56 -39.96 -2.72
N ASN I 210 -41.21 -39.44 -3.92
CA ASN I 210 -41.99 -39.54 -5.15
C ASN I 210 -42.17 -40.99 -5.55
N ARG I 211 -41.08 -41.78 -5.56
CA ARG I 211 -41.14 -43.21 -5.90
C ARG I 211 -41.88 -44.01 -4.82
N ALA I 212 -41.78 -43.58 -3.55
CA ALA I 212 -42.49 -44.20 -2.42
C ALA I 212 -44.01 -44.08 -2.56
N LEU I 213 -44.50 -42.93 -3.06
CA LEU I 213 -45.91 -42.64 -3.30
C LEU I 213 -46.56 -43.58 -4.34
N GLU I 214 -45.72 -44.24 -5.18
CA GLU I 214 -46.17 -45.19 -6.20
C GLU I 214 -46.57 -46.56 -5.61
N SER I 215 -46.11 -46.88 -4.39
CA SER I 215 -46.39 -48.15 -3.69
C SER I 215 -47.79 -48.17 -3.01
N ASP I 216 -48.45 -49.34 -3.05
CA ASP I 216 -49.77 -49.54 -2.43
C ASP I 216 -49.66 -49.68 -0.91
N MET I 217 -48.56 -50.33 -0.42
CA MET I 217 -48.31 -50.54 1.01
C MET I 217 -47.65 -49.35 1.73
N ALA I 218 -47.46 -48.23 1.00
CA ALA I 218 -46.86 -46.98 1.49
C ALA I 218 -47.76 -46.28 2.54
N PRO I 219 -47.17 -45.61 3.57
CA PRO I 219 -48.01 -44.91 4.55
C PRO I 219 -48.53 -43.58 3.98
N VAL I 220 -49.40 -42.88 4.73
CA VAL I 220 -49.88 -41.56 4.31
C VAL I 220 -48.73 -40.60 4.59
N LEU I 221 -48.23 -39.91 3.55
CA LEU I 221 -47.15 -38.96 3.70
C LEU I 221 -47.71 -37.58 4.04
N ILE I 222 -47.35 -37.04 5.21
CA ILE I 222 -47.76 -35.70 5.64
C ILE I 222 -46.52 -34.90 5.88
N MET I 223 -46.27 -33.89 5.04
CA MET I 223 -45.09 -33.02 5.15
C MET I 223 -45.50 -31.70 5.75
N ALA I 224 -44.55 -30.99 6.35
CA ALA I 224 -44.83 -29.69 6.94
C ALA I 224 -43.68 -28.74 6.81
N THR I 225 -44.01 -27.44 6.64
CA THR I 225 -43.07 -26.35 6.52
C THR I 225 -43.70 -25.06 7.02
N ASN I 226 -42.86 -24.06 7.27
CA ASN I 226 -43.25 -22.73 7.68
C ASN I 226 -42.73 -21.77 6.60
N ARG I 227 -42.09 -22.29 5.53
CA ARG I 227 -41.44 -21.52 4.46
C ARG I 227 -42.31 -21.32 3.25
N GLY I 228 -42.16 -20.15 2.59
CA GLY I 228 -42.78 -19.81 1.33
C GLY I 228 -41.90 -20.31 0.21
N ILE I 229 -41.44 -19.43 -0.69
CA ILE I 229 -40.50 -19.84 -1.75
C ILE I 229 -39.08 -20.02 -1.15
N THR I 230 -38.40 -21.11 -1.52
CA THR I 230 -37.04 -21.43 -1.09
C THR I 230 -36.36 -22.25 -2.16
N ARG I 231 -35.01 -22.29 -2.14
CA ARG I 231 -34.23 -23.10 -3.08
C ARG I 231 -34.47 -24.55 -2.76
N ILE I 232 -34.53 -25.41 -3.79
CA ILE I 232 -34.60 -26.85 -3.62
C ILE I 232 -33.12 -27.21 -3.34
N ARG I 233 -32.80 -27.82 -2.18
CA ARG I 233 -31.41 -28.17 -1.84
C ARG I 233 -30.85 -29.12 -2.93
N GLY I 234 -29.60 -28.87 -3.33
CA GLY I 234 -28.93 -29.63 -4.38
C GLY I 234 -29.29 -29.05 -5.74
N THR I 235 -29.81 -27.82 -5.75
CA THR I 235 -30.34 -27.14 -6.93
C THR I 235 -30.14 -25.64 -6.81
N SER I 236 -30.11 -24.95 -7.94
CA SER I 236 -29.99 -23.48 -7.99
C SER I 236 -31.35 -22.81 -8.23
N TYR I 237 -32.45 -23.61 -8.25
CA TYR I 237 -33.81 -23.15 -8.50
C TYR I 237 -34.62 -22.98 -7.24
N GLN I 238 -35.44 -21.92 -7.19
CA GLN I 238 -36.35 -21.64 -6.10
C GLN I 238 -37.68 -22.32 -6.42
N SER I 239 -38.49 -22.62 -5.39
CA SER I 239 -39.77 -23.29 -5.55
C SER I 239 -40.63 -23.12 -4.32
N PRO I 240 -41.99 -23.13 -4.44
CA PRO I 240 -42.85 -23.06 -3.23
C PRO I 240 -42.50 -24.15 -2.24
N HIS I 241 -42.21 -23.75 -0.99
CA HIS I 241 -41.89 -24.63 0.15
C HIS I 241 -40.61 -25.44 -0.01
N GLY I 242 -39.84 -25.16 -1.08
CA GLY I 242 -38.60 -25.84 -1.41
C GLY I 242 -38.82 -27.25 -1.94
N ILE I 243 -40.01 -27.50 -2.48
CA ILE I 243 -40.46 -28.79 -3.02
C ILE I 243 -40.48 -28.72 -4.57
N PRO I 244 -39.93 -29.74 -5.29
CA PRO I 244 -39.99 -29.70 -6.77
C PRO I 244 -41.41 -29.73 -7.31
N ILE I 245 -41.64 -29.17 -8.53
CA ILE I 245 -42.98 -29.12 -9.16
C ILE I 245 -43.61 -30.51 -9.26
N ASP I 246 -42.82 -31.56 -9.63
CA ASP I 246 -43.30 -32.95 -9.71
C ASP I 246 -44.03 -33.45 -8.46
N LEU I 247 -43.49 -33.18 -7.27
CA LEU I 247 -44.11 -33.59 -6.01
C LEU I 247 -45.21 -32.59 -5.62
N LEU I 248 -44.97 -31.28 -5.77
CA LEU I 248 -45.95 -30.23 -5.43
C LEU I 248 -47.29 -30.47 -6.11
N ASP I 249 -47.25 -30.84 -7.41
CA ASP I 249 -48.42 -31.14 -8.24
C ASP I 249 -49.25 -32.32 -7.70
N ARG I 250 -48.66 -33.14 -6.79
CA ARG I 250 -49.29 -34.31 -6.18
C ARG I 250 -49.69 -34.04 -4.70
N LEU I 251 -49.53 -32.80 -4.18
CA LEU I 251 -49.85 -32.44 -2.77
C LEU I 251 -51.20 -31.76 -2.55
N LEU I 252 -51.78 -31.98 -1.37
CA LEU I 252 -53.00 -31.33 -0.89
C LEU I 252 -52.52 -30.37 0.23
N ILE I 253 -52.49 -29.06 -0.05
CA ILE I 253 -51.97 -28.07 0.90
C ILE I 253 -53.02 -27.59 1.91
N VAL I 254 -52.72 -27.77 3.23
CA VAL I 254 -53.54 -27.38 4.38
C VAL I 254 -52.77 -26.32 5.18
N SER I 255 -53.43 -25.27 5.71
CA SER I 255 -52.74 -24.23 6.50
C SER I 255 -53.21 -24.10 7.93
N THR I 256 -52.29 -23.80 8.87
CA THR I 256 -52.61 -23.63 10.29
C THR I 256 -52.38 -22.16 10.75
N THR I 257 -53.37 -21.59 11.46
CA THR I 257 -53.35 -20.24 12.04
C THR I 257 -52.88 -20.30 13.52
N PRO I 258 -52.24 -19.25 14.07
CA PRO I 258 -51.79 -19.32 15.47
C PRO I 258 -52.94 -19.22 16.47
N TYR I 259 -52.73 -19.78 17.69
CA TYR I 259 -53.72 -19.84 18.78
C TYR I 259 -53.96 -18.54 19.54
N SER I 260 -55.21 -18.36 19.97
CA SER I 260 -55.68 -17.22 20.76
C SER I 260 -55.25 -17.42 22.24
N GLU I 261 -55.51 -16.41 23.11
CA GLU I 261 -55.23 -16.51 24.54
C GLU I 261 -56.04 -17.65 25.15
N LYS I 262 -57.35 -17.74 24.79
CA LYS I 262 -58.28 -18.77 25.27
C LYS I 262 -57.88 -20.18 24.81
N ASP I 263 -57.41 -20.33 23.55
CA ASP I 263 -56.98 -21.62 23.00
C ASP I 263 -55.68 -22.12 23.64
N THR I 264 -54.71 -21.21 23.80
CA THR I 264 -53.41 -21.45 24.45
C THR I 264 -53.61 -21.97 25.89
N LYS I 265 -54.50 -21.31 26.67
CA LYS I 265 -54.84 -21.68 28.05
C LYS I 265 -55.42 -23.09 28.12
N GLN I 266 -56.33 -23.42 27.19
CA GLN I 266 -56.95 -24.75 27.14
C GLN I 266 -55.93 -25.86 26.87
N ILE I 267 -55.03 -25.66 25.87
CA ILE I 267 -53.98 -26.62 25.53
C ILE I 267 -53.06 -26.81 26.74
N LEU I 268 -52.70 -25.70 27.42
CA LEU I 268 -51.84 -25.72 28.62
C LEU I 268 -52.51 -26.45 29.79
N ARG I 269 -53.82 -26.27 29.99
CA ARG I 269 -54.56 -26.97 31.04
C ARG I 269 -54.58 -28.49 30.78
N ILE I 270 -54.70 -28.90 29.49
CA ILE I 270 -54.70 -30.30 29.06
C ILE I 270 -53.32 -30.91 29.37
N ARG I 271 -52.23 -30.17 29.06
CA ARG I 271 -50.86 -30.65 29.29
C ARG I 271 -50.54 -30.84 30.77
N CYS I 272 -51.03 -29.92 31.63
CA CYS I 272 -50.84 -29.99 33.10
C CYS I 272 -51.46 -31.26 33.64
N GLU I 273 -52.69 -31.61 33.16
CA GLU I 273 -53.41 -32.82 33.54
C GLU I 273 -52.61 -34.05 33.09
N GLU I 274 -52.12 -34.06 31.84
CA GLU I 274 -51.35 -35.16 31.27
C GLU I 274 -50.07 -35.44 32.07
N GLU I 275 -49.41 -34.38 32.55
CA GLU I 275 -48.18 -34.46 33.37
C GLU I 275 -48.50 -34.55 34.89
N ASP I 276 -49.81 -34.61 35.26
CA ASP I 276 -50.32 -34.66 36.64
C ASP I 276 -49.72 -33.53 37.50
N VAL I 277 -49.93 -32.29 37.03
CA VAL I 277 -49.43 -31.06 37.65
C VAL I 277 -50.61 -30.15 37.91
N GLU I 278 -50.73 -29.61 39.13
CA GLU I 278 -51.76 -28.62 39.30
C GLU I 278 -51.25 -27.23 39.67
N MET I 279 -51.86 -26.28 38.98
CA MET I 279 -51.51 -24.88 38.96
C MET I 279 -52.62 -24.00 39.46
N SER I 280 -52.26 -22.80 39.97
CA SER I 280 -53.21 -21.79 40.41
C SER I 280 -53.81 -21.14 39.13
N GLU I 281 -55.06 -20.63 39.18
CA GLU I 281 -55.71 -19.99 38.03
C GLU I 281 -54.90 -18.78 37.54
N ASP I 282 -54.24 -18.07 38.49
CA ASP I 282 -53.38 -16.92 38.25
C ASP I 282 -52.07 -17.37 37.58
N ALA I 283 -51.54 -18.57 37.95
CA ALA I 283 -50.34 -19.15 37.34
C ALA I 283 -50.64 -19.55 35.88
N TYR I 284 -51.89 -20.01 35.61
CA TYR I 284 -52.33 -20.37 34.25
C TYR I 284 -52.38 -19.12 33.37
N THR I 285 -52.83 -17.98 33.94
CA THR I 285 -52.89 -16.68 33.26
C THR I 285 -51.47 -16.22 32.86
N VAL I 286 -50.50 -16.33 33.79
CA VAL I 286 -49.11 -15.97 33.55
C VAL I 286 -48.54 -16.86 32.43
N LEU I 287 -48.71 -18.21 32.54
CA LEU I 287 -48.23 -19.17 31.53
C LEU I 287 -48.86 -18.92 30.15
N THR I 288 -50.19 -18.63 30.09
CA THR I 288 -50.86 -18.32 28.82
C THR I 288 -50.26 -17.05 28.22
N ARG I 289 -49.88 -16.06 29.06
CA ARG I 289 -49.21 -14.84 28.58
C ARG I 289 -47.81 -15.19 28.04
N ILE I 290 -47.00 -15.97 28.82
CA ILE I 290 -45.66 -16.41 28.43
C ILE I 290 -45.72 -17.20 27.10
N GLY I 291 -46.75 -18.01 26.93
CA GLY I 291 -46.96 -18.78 25.71
C GLY I 291 -47.30 -17.95 24.49
N LEU I 292 -48.14 -16.91 24.68
CA LEU I 292 -48.56 -16.02 23.61
C LEU I 292 -47.43 -15.09 23.16
N GLU I 293 -46.56 -14.69 24.10
CA GLU I 293 -45.42 -13.82 23.84
C GLU I 293 -44.23 -14.58 23.22
N THR I 294 -44.09 -15.88 23.54
CA THR I 294 -42.99 -16.73 23.04
C THR I 294 -43.52 -17.78 22.07
N SER I 295 -43.78 -19.01 22.58
CA SER I 295 -44.31 -20.16 21.84
C SER I 295 -45.06 -21.10 22.79
N LEU I 296 -45.98 -21.90 22.22
CA LEU I 296 -46.74 -22.92 22.97
C LEU I 296 -45.77 -23.98 23.51
N ARG I 297 -44.71 -24.32 22.73
CA ARG I 297 -43.70 -25.30 23.13
C ARG I 297 -42.91 -24.84 24.36
N TYR I 298 -42.50 -23.56 24.40
CA TYR I 298 -41.77 -23.02 25.54
C TYR I 298 -42.67 -22.97 26.79
N ALA I 299 -43.93 -22.57 26.64
CA ALA I 299 -44.87 -22.55 27.76
C ALA I 299 -45.01 -23.98 28.32
N ILE I 300 -45.14 -25.01 27.43
CA ILE I 300 -45.26 -26.43 27.80
C ILE I 300 -43.99 -26.94 28.48
N GLN I 301 -42.82 -26.48 28.03
CA GLN I 301 -41.53 -26.87 28.61
C GLN I 301 -41.45 -26.43 30.07
N LEU I 302 -42.02 -25.24 30.39
CA LEU I 302 -41.99 -24.67 31.72
C LEU I 302 -42.83 -25.42 32.75
N ILE I 303 -43.96 -26.06 32.33
CA ILE I 303 -44.89 -26.81 33.19
C ILE I 303 -44.13 -27.78 34.12
N THR I 304 -43.25 -28.61 33.56
CA THR I 304 -42.48 -29.61 34.28
C THR I 304 -41.49 -28.99 35.28
N ALA I 305 -40.74 -27.96 34.83
CA ALA I 305 -39.76 -27.23 35.63
C ALA I 305 -40.42 -26.47 36.82
N ALA I 306 -41.58 -25.81 36.58
CA ALA I 306 -42.33 -25.07 37.60
C ALA I 306 -42.83 -26.03 38.67
N SER I 307 -43.25 -27.25 38.27
CA SER I 307 -43.73 -28.31 39.15
C SER I 307 -42.59 -28.80 40.05
N LEU I 308 -41.36 -28.91 39.49
CA LEU I 308 -40.16 -29.32 40.22
C LEU I 308 -39.82 -28.29 41.32
N VAL I 309 -39.81 -26.98 40.96
CA VAL I 309 -39.54 -25.84 41.84
C VAL I 309 -40.56 -25.79 42.97
N GLY I 315 -45.68 -25.76 48.64
CA GLY I 315 -45.34 -26.80 47.68
C GLY I 315 -46.42 -27.80 47.37
N THR I 316 -47.67 -27.35 47.14
CA THR I 316 -48.82 -28.20 46.79
C THR I 316 -49.31 -27.91 45.35
N GLU I 317 -49.72 -26.65 45.08
CA GLU I 317 -50.21 -26.16 43.77
C GLU I 317 -49.22 -25.10 43.29
N VAL I 318 -48.79 -25.21 42.01
CA VAL I 318 -47.84 -24.29 41.36
C VAL I 318 -48.45 -22.88 41.29
N GLN I 319 -47.80 -21.89 41.94
CA GLN I 319 -48.29 -20.50 41.98
C GLN I 319 -47.49 -19.61 41.01
N VAL I 320 -47.94 -18.34 40.77
CA VAL I 320 -47.30 -17.38 39.85
C VAL I 320 -45.80 -17.23 40.07
N ASP I 321 -45.32 -17.20 41.32
CA ASP I 321 -43.89 -17.11 41.66
C ASP I 321 -43.05 -18.28 41.17
N ASP I 322 -43.64 -19.49 41.07
CA ASP I 322 -42.97 -20.69 40.55
C ASP I 322 -42.78 -20.56 39.03
N ILE I 323 -43.85 -20.15 38.29
CA ILE I 323 -43.81 -19.91 36.83
C ILE I 323 -42.83 -18.74 36.56
N LYS I 324 -42.83 -17.72 37.42
CA LYS I 324 -41.95 -16.55 37.33
C LYS I 324 -40.46 -16.92 37.43
N ARG I 325 -40.09 -17.73 38.46
CA ARG I 325 -38.72 -18.19 38.70
C ARG I 325 -38.20 -18.95 37.49
N VAL I 326 -38.98 -19.94 37.06
CA VAL I 326 -38.68 -20.84 35.95
C VAL I 326 -38.54 -20.13 34.59
N TYR I 327 -39.31 -19.02 34.37
CA TYR I 327 -39.25 -18.19 33.17
C TYR I 327 -37.92 -17.47 33.12
N SER I 328 -37.47 -16.91 34.26
CA SER I 328 -36.19 -16.21 34.33
C SER I 328 -34.98 -17.16 34.27
N LEU I 329 -35.16 -18.45 34.66
CA LEU I 329 -34.10 -19.46 34.64
C LEU I 329 -33.85 -20.06 33.23
N PHE I 330 -34.94 -20.54 32.58
CA PHE I 330 -34.89 -21.17 31.27
C PHE I 330 -35.36 -20.22 30.19
N LEU I 331 -34.43 -19.78 29.30
CA LEU I 331 -34.74 -18.85 28.21
C LEU I 331 -35.39 -19.55 27.01
N ASP I 332 -36.10 -18.76 26.20
CA ASP I 332 -36.71 -19.18 24.95
C ASP I 332 -35.81 -18.65 23.79
N GLU I 333 -35.93 -19.24 22.57
CA GLU I 333 -35.13 -18.86 21.38
C GLU I 333 -35.02 -17.35 21.17
N SER I 334 -36.13 -16.59 21.25
CA SER I 334 -36.15 -15.11 21.07
C SER I 334 -35.26 -14.35 22.03
N ARG I 335 -35.34 -14.65 23.34
CA ARG I 335 -34.50 -14.00 24.36
C ARG I 335 -33.04 -14.46 24.27
N SER I 336 -32.76 -15.78 24.13
CA SER I 336 -31.38 -16.26 24.05
C SER I 336 -30.62 -15.69 22.86
N THR I 337 -31.25 -15.59 21.67
CA THR I 337 -30.62 -15.00 20.49
C THR I 337 -30.45 -13.50 20.65
N GLN I 338 -31.43 -12.79 21.26
CA GLN I 338 -31.31 -11.34 21.50
C GLN I 338 -30.23 -11.00 22.51
N TYR I 339 -30.09 -11.79 23.58
CA TYR I 339 -29.05 -11.60 24.60
C TYR I 339 -27.64 -11.78 24.03
N MET I 340 -27.49 -12.70 23.05
CA MET I 340 -26.21 -12.97 22.34
C MET I 340 -25.83 -11.85 21.39
N LYS I 341 -26.84 -11.14 20.81
CA LYS I 341 -26.65 -9.98 19.93
C LYS I 341 -26.41 -8.78 20.88
N GLU I 342 -25.14 -8.73 21.35
CA GLU I 342 -24.53 -7.84 22.33
C GLU I 342 -23.00 -7.90 22.14
N THR J 8 -33.90 -67.90 -18.46
CA THR J 8 -35.27 -68.02 -18.95
C THR J 8 -36.04 -66.69 -18.83
N LYS J 9 -36.12 -65.94 -19.95
CA LYS J 9 -36.83 -64.66 -20.05
C LYS J 9 -38.34 -64.93 -20.04
N VAL J 10 -39.09 -64.17 -19.22
CA VAL J 10 -40.53 -64.35 -19.07
C VAL J 10 -41.37 -63.06 -19.21
N PRO J 11 -42.01 -62.79 -20.37
CA PRO J 11 -42.87 -61.59 -20.48
C PRO J 11 -44.25 -61.84 -19.84
N GLU J 12 -44.82 -60.79 -19.20
CA GLU J 12 -46.11 -60.86 -18.51
C GLU J 12 -47.29 -60.97 -19.48
N VAL J 16 -48.81 -53.72 -17.42
CA VAL J 16 -48.69 -52.86 -16.24
C VAL J 16 -49.00 -51.41 -16.62
N THR J 17 -49.87 -50.74 -15.83
CA THR J 17 -50.30 -49.36 -16.04
C THR J 17 -49.13 -48.37 -15.80
N ARG J 18 -48.92 -47.42 -16.76
CA ARG J 18 -47.85 -46.42 -16.79
C ARG J 18 -48.17 -45.10 -16.01
N ILE J 19 -48.37 -43.95 -16.73
CA ILE J 19 -48.79 -42.65 -16.20
C ILE J 19 -50.36 -42.70 -16.19
N GLU J 20 -50.91 -43.90 -16.54
CA GLU J 20 -52.31 -44.31 -16.56
C GLU J 20 -52.79 -44.48 -15.13
N ARG J 21 -51.84 -44.71 -14.19
CA ARG J 21 -52.08 -44.86 -12.74
C ARG J 21 -52.74 -43.58 -12.17
N ILE J 22 -52.24 -42.37 -12.55
CA ILE J 22 -52.84 -41.08 -12.17
C ILE J 22 -54.07 -40.75 -13.06
N GLY J 23 -54.10 -41.32 -14.28
CA GLY J 23 -55.16 -41.15 -15.28
C GLY J 23 -55.47 -39.73 -15.75
N ALA J 24 -54.53 -38.79 -15.60
CA ALA J 24 -54.67 -37.37 -15.99
C ALA J 24 -54.88 -37.14 -17.49
N HIS J 25 -54.54 -38.13 -18.34
CA HIS J 25 -54.68 -38.00 -19.79
C HIS J 25 -55.57 -39.10 -20.39
N SER J 26 -56.54 -39.61 -19.59
CA SER J 26 -57.49 -40.67 -19.95
C SER J 26 -58.19 -40.39 -21.28
N HIS J 27 -58.60 -39.14 -21.46
CA HIS J 27 -59.30 -38.62 -22.62
C HIS J 27 -58.45 -38.53 -23.87
N ILE J 28 -57.13 -38.23 -23.73
CA ILE J 28 -56.22 -38.11 -24.88
C ILE J 28 -56.11 -39.45 -25.61
N ARG J 29 -56.77 -39.52 -26.79
CA ARG J 29 -56.87 -40.71 -27.65
C ARG J 29 -56.17 -40.50 -29.00
N GLY J 30 -55.56 -39.33 -29.16
CA GLY J 30 -54.84 -38.92 -30.37
C GLY J 30 -54.72 -37.41 -30.43
N LEU J 31 -54.14 -36.89 -31.52
CA LEU J 31 -53.98 -35.44 -31.68
C LEU J 31 -55.21 -34.73 -32.29
N GLY J 32 -56.20 -35.52 -32.74
CA GLY J 32 -57.47 -35.05 -33.31
C GLY J 32 -57.34 -34.18 -34.54
N LEU J 33 -56.47 -34.62 -35.48
CA LEU J 33 -56.19 -33.90 -36.72
C LEU J 33 -56.83 -34.58 -37.90
N ASP J 34 -57.28 -33.80 -38.91
CA ASP J 34 -57.90 -34.35 -40.11
C ASP J 34 -56.87 -34.99 -41.07
N ASP J 35 -57.33 -35.42 -42.28
CA ASP J 35 -56.49 -36.03 -43.31
C ASP J 35 -55.31 -35.14 -43.74
N ALA J 36 -55.52 -33.79 -43.79
CA ALA J 36 -54.53 -32.79 -44.17
C ALA J 36 -53.65 -32.34 -42.99
N LEU J 37 -53.62 -33.17 -41.89
CA LEU J 37 -52.85 -32.94 -40.65
C LEU J 37 -53.25 -31.62 -39.93
N GLU J 38 -54.51 -31.16 -40.14
CA GLU J 38 -55.08 -29.94 -39.57
C GLU J 38 -55.97 -30.26 -38.35
N PRO J 39 -55.73 -29.60 -37.18
CA PRO J 39 -56.54 -29.90 -35.98
C PRO J 39 -57.99 -29.41 -36.00
N ARG J 40 -58.91 -30.29 -35.56
CA ARG J 40 -60.31 -29.95 -35.37
C ARG J 40 -60.39 -29.42 -33.93
N GLN J 41 -61.11 -28.31 -33.68
CA GLN J 41 -61.28 -27.64 -32.37
C GLN J 41 -61.34 -28.59 -31.16
N ALA J 42 -62.11 -29.68 -31.25
CA ALA J 42 -62.24 -30.69 -30.21
C ALA J 42 -62.43 -32.08 -30.82
N SER J 43 -61.40 -32.96 -30.71
CA SER J 43 -61.43 -34.35 -31.22
C SER J 43 -60.35 -35.19 -30.57
N GLN J 44 -60.64 -36.50 -30.37
CA GLN J 44 -59.77 -37.51 -29.75
C GLN J 44 -59.27 -37.07 -28.36
N GLY J 45 -60.10 -36.29 -27.66
CA GLY J 45 -59.78 -35.77 -26.33
C GLY J 45 -59.11 -34.41 -26.31
N MET J 46 -58.42 -34.04 -27.40
CA MET J 46 -57.73 -32.75 -27.49
C MET J 46 -58.69 -31.59 -27.76
N VAL J 47 -58.55 -30.48 -26.99
CA VAL J 47 -59.39 -29.26 -27.08
C VAL J 47 -58.51 -28.04 -27.33
N GLY J 48 -58.85 -27.26 -28.36
CA GLY J 48 -58.11 -26.06 -28.73
C GLY J 48 -56.65 -26.34 -29.03
N GLN J 49 -55.74 -25.44 -28.57
CA GLN J 49 -54.29 -25.55 -28.77
C GLN J 49 -53.98 -25.95 -30.23
N LEU J 50 -54.60 -25.23 -31.17
CA LEU J 50 -54.52 -25.51 -32.60
C LEU J 50 -53.12 -25.53 -33.19
N ALA J 51 -52.34 -24.45 -33.03
CA ALA J 51 -50.98 -24.34 -33.55
C ALA J 51 -50.02 -25.49 -33.13
N ALA J 52 -49.92 -25.75 -31.80
CA ALA J 52 -49.07 -26.81 -31.25
C ALA J 52 -49.50 -28.18 -31.75
N ARG J 53 -50.82 -28.43 -31.85
CA ARG J 53 -51.37 -29.69 -32.35
C ARG J 53 -51.09 -29.82 -33.83
N ARG J 54 -51.14 -28.69 -34.59
CA ARG J 54 -50.82 -28.62 -36.02
C ARG J 54 -49.34 -28.98 -36.21
N ALA J 55 -48.44 -28.35 -35.42
CA ALA J 55 -47.00 -28.60 -35.43
C ALA J 55 -46.68 -30.06 -35.10
N ALA J 56 -47.37 -30.64 -34.08
CA ALA J 56 -47.22 -32.03 -33.66
C ALA J 56 -47.62 -32.98 -34.80
N GLY J 57 -48.57 -32.53 -35.63
CA GLY J 57 -49.03 -33.26 -36.80
C GLY J 57 -47.93 -33.41 -37.83
N VAL J 58 -47.19 -32.31 -38.10
CA VAL J 58 -46.05 -32.28 -39.02
C VAL J 58 -44.97 -33.24 -38.50
N VAL J 59 -44.72 -33.23 -37.17
CA VAL J 59 -43.74 -34.10 -36.50
C VAL J 59 -44.14 -35.56 -36.66
N LEU J 60 -45.46 -35.89 -36.48
CA LEU J 60 -46.00 -37.27 -36.64
C LEU J 60 -45.75 -37.77 -38.06
N GLU J 61 -46.07 -36.96 -39.08
CA GLU J 61 -45.84 -37.33 -40.47
C GLU J 61 -44.34 -37.47 -40.76
N MET J 62 -43.51 -36.64 -40.10
CA MET J 62 -42.04 -36.69 -40.21
C MET J 62 -41.55 -38.03 -39.66
N ILE J 63 -42.09 -38.45 -38.47
CA ILE J 63 -41.76 -39.73 -37.82
C ILE J 63 -42.24 -40.91 -38.71
N ARG J 64 -43.48 -40.81 -39.25
CA ARG J 64 -44.09 -41.81 -40.13
C ARG J 64 -43.31 -42.02 -41.43
N GLU J 65 -42.97 -40.91 -42.12
CA GLU J 65 -42.19 -40.93 -43.35
C GLU J 65 -40.66 -41.16 -43.13
N GLY J 66 -40.27 -41.45 -41.88
CA GLY J 66 -38.89 -41.72 -41.49
C GLY J 66 -37.91 -40.57 -41.56
N LYS J 67 -38.41 -39.32 -41.53
CA LYS J 67 -37.59 -38.10 -41.59
C LYS J 67 -37.18 -37.53 -40.21
N ILE J 68 -37.85 -37.95 -39.10
CA ILE J 68 -37.55 -37.45 -37.73
C ILE J 68 -36.21 -37.96 -37.20
N ALA J 69 -35.61 -38.94 -37.91
CA ALA J 69 -34.33 -39.59 -37.60
C ALA J 69 -33.19 -38.62 -37.23
N GLY J 70 -32.68 -38.79 -36.01
CA GLY J 70 -31.61 -38.01 -35.42
C GLY J 70 -32.07 -36.78 -34.67
N ARG J 71 -33.35 -36.42 -34.80
CA ARG J 71 -33.96 -35.24 -34.18
C ARG J 71 -34.93 -35.58 -33.04
N ALA J 72 -35.21 -34.59 -32.17
CA ALA J 72 -36.13 -34.71 -31.03
C ALA J 72 -37.05 -33.49 -31.02
N VAL J 73 -38.00 -33.43 -30.07
CA VAL J 73 -38.97 -32.33 -29.98
C VAL J 73 -38.83 -31.59 -28.66
N LEU J 74 -39.00 -30.25 -28.67
CA LEU J 74 -39.02 -29.45 -27.47
C LEU J 74 -40.33 -28.68 -27.46
N ILE J 75 -41.15 -28.89 -26.41
CA ILE J 75 -42.42 -28.17 -26.30
C ILE J 75 -42.19 -27.10 -25.22
N ALA J 76 -42.13 -25.82 -25.63
CA ALA J 76 -41.91 -24.72 -24.70
C ALA J 76 -43.22 -24.05 -24.40
N GLY J 77 -43.58 -24.01 -23.12
CA GLY J 77 -44.83 -23.40 -22.70
C GLY J 77 -44.99 -23.29 -21.20
N GLN J 78 -45.83 -22.33 -20.77
CA GLN J 78 -46.15 -22.09 -19.35
C GLN J 78 -46.85 -23.36 -18.78
N PRO J 79 -46.77 -23.64 -17.46
CA PRO J 79 -47.41 -24.86 -16.94
C PRO J 79 -48.92 -24.96 -17.19
N GLY J 80 -49.37 -26.18 -17.41
CA GLY J 80 -50.78 -26.47 -17.68
C GLY J 80 -51.24 -26.06 -19.06
N THR J 81 -50.37 -26.13 -20.07
CA THR J 81 -50.73 -25.78 -21.44
C THR J 81 -50.79 -27.00 -22.40
N GLY J 82 -51.02 -28.18 -21.84
CA GLY J 82 -51.12 -29.42 -22.62
C GLY J 82 -49.84 -29.95 -23.25
N LYS J 83 -48.65 -29.58 -22.69
CA LYS J 83 -47.37 -30.07 -23.19
C LYS J 83 -47.36 -31.61 -23.06
N THR J 84 -47.73 -32.14 -21.87
CA THR J 84 -47.83 -33.59 -21.61
C THR J 84 -48.93 -34.21 -22.46
N ALA J 85 -50.08 -33.51 -22.59
CA ALA J 85 -51.24 -33.96 -23.38
C ALA J 85 -50.86 -34.17 -24.86
N ILE J 86 -50.12 -33.21 -25.46
CA ILE J 86 -49.62 -33.30 -26.84
C ILE J 86 -48.65 -34.48 -26.99
N ALA J 87 -47.79 -34.70 -25.98
CA ALA J 87 -46.87 -35.86 -25.98
C ALA J 87 -47.68 -37.17 -25.95
N MET J 88 -48.73 -37.24 -25.10
CA MET J 88 -49.63 -38.39 -24.97
C MET J 88 -50.37 -38.63 -26.27
N GLY J 89 -50.81 -37.54 -26.90
CA GLY J 89 -51.54 -37.55 -28.17
C GLY J 89 -50.67 -38.06 -29.30
N MET J 90 -49.35 -37.70 -29.32
CA MET J 90 -48.40 -38.14 -30.33
C MET J 90 -48.19 -39.64 -30.24
N ALA J 91 -48.12 -40.19 -29.00
CA ALA J 91 -47.98 -41.62 -28.75
C ALA J 91 -49.19 -42.37 -29.30
N GLN J 92 -50.41 -41.93 -28.93
CA GLN J 92 -51.70 -42.48 -29.38
C GLN J 92 -51.82 -42.47 -30.90
N ALA J 93 -51.41 -41.36 -31.54
CA ALA J 93 -51.41 -41.17 -33.00
C ALA J 93 -50.41 -42.09 -33.70
N LEU J 94 -49.28 -42.40 -33.06
CA LEU J 94 -48.25 -43.27 -33.62
C LEU J 94 -48.76 -44.73 -33.66
N GLY J 95 -49.73 -45.05 -32.80
CA GLY J 95 -50.35 -46.37 -32.72
C GLY J 95 -50.93 -46.68 -31.36
N PRO J 96 -51.82 -47.70 -31.30
CA PRO J 96 -52.41 -48.11 -30.01
C PRO J 96 -51.46 -48.87 -29.08
N ASP J 97 -50.52 -49.63 -29.64
CA ASP J 97 -49.54 -50.41 -28.87
C ASP J 97 -48.34 -49.56 -28.37
N THR J 98 -48.09 -48.40 -29.00
CA THR J 98 -46.95 -47.50 -28.71
C THR J 98 -46.72 -47.11 -27.24
N PRO J 99 -45.60 -47.59 -26.62
CA PRO J 99 -45.34 -47.22 -25.21
C PRO J 99 -45.11 -45.73 -24.99
N PHE J 100 -45.66 -45.19 -23.91
CA PHE J 100 -45.49 -43.78 -23.58
C PHE J 100 -45.08 -43.66 -22.13
N THR J 101 -43.92 -43.05 -21.88
CA THR J 101 -43.46 -42.81 -20.51
C THR J 101 -43.11 -41.34 -20.35
N ALA J 102 -43.68 -40.72 -19.32
CA ALA J 102 -43.45 -39.31 -19.00
C ALA J 102 -42.75 -39.19 -17.65
N ILE J 103 -41.53 -38.62 -17.67
CA ILE J 103 -40.73 -38.38 -16.48
C ILE J 103 -40.37 -36.88 -16.38
N ALA J 104 -39.88 -36.45 -15.21
CA ALA J 104 -39.41 -35.09 -15.00
C ALA J 104 -37.88 -35.17 -14.91
N GLY J 105 -37.19 -34.13 -15.36
CA GLY J 105 -35.73 -34.06 -15.33
C GLY J 105 -35.14 -34.39 -13.96
N SER J 106 -35.76 -33.86 -12.89
CA SER J 106 -35.37 -34.07 -11.49
C SER J 106 -35.33 -35.56 -11.08
N GLU J 107 -36.20 -36.43 -11.70
CA GLU J 107 -36.30 -37.87 -11.43
C GLU J 107 -35.01 -38.63 -11.69
N ILE J 108 -34.11 -38.11 -12.57
CA ILE J 108 -32.80 -38.70 -12.89
C ILE J 108 -31.87 -38.71 -11.66
N PHE J 109 -32.03 -37.75 -10.74
CA PHE J 109 -31.24 -37.60 -9.50
C PHE J 109 -31.87 -38.44 -8.38
N SER J 110 -31.30 -39.63 -8.16
CA SER J 110 -31.85 -40.60 -7.21
C SER J 110 -30.83 -41.18 -6.23
N LEU J 111 -31.29 -41.42 -4.99
CA LEU J 111 -30.48 -42.03 -3.94
C LEU J 111 -30.46 -43.56 -4.20
N GLU J 112 -31.50 -44.06 -4.87
CA GLU J 112 -31.74 -45.44 -5.23
C GLU J 112 -30.96 -45.94 -6.46
N MET J 113 -30.56 -45.05 -7.42
CA MET J 113 -29.84 -45.40 -8.65
C MET J 113 -29.10 -44.24 -9.33
N SER J 114 -28.13 -44.57 -10.19
CA SER J 114 -27.35 -43.59 -10.95
C SER J 114 -28.19 -42.89 -12.02
N LYS J 115 -27.70 -41.75 -12.55
CA LYS J 115 -28.38 -41.00 -13.60
C LYS J 115 -28.45 -41.87 -14.89
N THR J 116 -27.39 -42.69 -15.14
CA THR J 116 -27.34 -43.63 -16.27
C THR J 116 -28.46 -44.63 -16.13
N GLU J 117 -28.62 -45.19 -14.91
CA GLU J 117 -29.67 -46.17 -14.65
C GLU J 117 -31.05 -45.54 -14.82
N ALA J 118 -31.27 -44.37 -14.17
CA ALA J 118 -32.51 -43.62 -14.25
C ALA J 118 -32.88 -43.39 -15.72
N LEU J 119 -31.92 -42.96 -16.55
CA LEU J 119 -32.12 -42.74 -17.98
C LEU J 119 -32.29 -44.02 -18.78
N THR J 120 -31.44 -45.08 -18.56
CA THR J 120 -31.62 -46.34 -19.30
C THR J 120 -33.01 -46.96 -19.01
N GLN J 121 -33.50 -46.81 -17.75
CA GLN J 121 -34.83 -47.30 -17.37
C GLN J 121 -35.93 -46.52 -18.08
N ALA J 122 -35.85 -45.18 -18.13
CA ALA J 122 -36.81 -44.32 -18.82
C ALA J 122 -36.86 -44.69 -20.31
N PHE J 123 -35.68 -44.99 -20.92
CA PHE J 123 -35.61 -45.40 -22.32
C PHE J 123 -36.18 -46.80 -22.53
N ARG J 124 -35.81 -47.78 -21.65
CA ARG J 124 -36.31 -49.16 -21.76
C ARG J 124 -37.82 -49.29 -21.45
N ARG J 125 -38.39 -48.31 -20.73
CA ARG J 125 -39.83 -48.23 -20.44
C ARG J 125 -40.55 -47.74 -21.72
N SER J 126 -39.82 -47.05 -22.60
CA SER J 126 -40.31 -46.49 -23.86
C SER J 126 -40.09 -47.36 -25.12
N ILE J 127 -39.44 -48.52 -25.00
CA ILE J 127 -39.24 -49.45 -26.12
C ILE J 127 -40.09 -50.66 -25.86
N GLY J 128 -41.07 -50.86 -26.71
CA GLY J 128 -42.00 -51.97 -26.58
C GLY J 128 -41.59 -53.20 -27.36
N VAL J 129 -42.01 -54.38 -26.86
CA VAL J 129 -41.80 -55.68 -27.47
C VAL J 129 -43.17 -56.30 -27.69
N ARG J 130 -43.60 -56.48 -28.95
CA ARG J 130 -44.89 -57.09 -29.27
C ARG J 130 -44.73 -58.62 -29.37
N ILE J 131 -45.16 -59.32 -28.29
CA ILE J 131 -45.06 -60.77 -28.14
C ILE J 131 -45.92 -61.52 -29.15
N THR J 138 -48.20 -55.78 -26.61
CA THR J 138 -46.96 -55.02 -26.44
C THR J 138 -46.60 -54.75 -24.96
N VAL J 139 -45.37 -55.11 -24.57
CA VAL J 139 -44.83 -54.98 -23.22
C VAL J 139 -43.46 -54.29 -23.28
N SER J 140 -43.17 -53.39 -22.32
CA SER J 140 -41.90 -52.64 -22.36
C SER J 140 -40.72 -53.53 -21.98
N LEU J 141 -39.52 -53.15 -22.48
CA LEU J 141 -38.25 -53.83 -22.19
C LEU J 141 -37.97 -53.81 -20.68
N HIS J 142 -38.30 -52.66 -20.01
CA HIS J 142 -38.16 -52.46 -18.56
C HIS J 142 -39.07 -53.40 -17.76
N GLU J 143 -40.34 -53.60 -18.21
CA GLU J 143 -41.30 -54.50 -17.57
C GLU J 143 -40.74 -55.92 -17.59
N ILE J 144 -40.13 -56.33 -18.73
CA ILE J 144 -39.47 -57.63 -18.92
C ILE J 144 -38.24 -57.73 -17.99
N ASP J 145 -37.52 -56.60 -17.77
CA ASP J 145 -36.35 -56.53 -16.88
C ASP J 145 -36.75 -56.76 -15.42
N VAL J 146 -37.84 -56.10 -14.98
CA VAL J 146 -38.36 -56.22 -13.61
C VAL J 146 -38.88 -57.65 -13.32
N ILE J 147 -39.71 -58.21 -14.22
CA ILE J 147 -40.26 -59.57 -14.10
C ILE J 147 -39.18 -60.65 -13.96
N ASN J 148 -38.05 -60.51 -14.69
CA ASN J 148 -36.95 -61.46 -14.66
C ASN J 148 -35.82 -61.05 -13.71
N SER J 149 -36.17 -60.38 -12.61
CA SER J 149 -35.23 -59.91 -11.60
C SER J 149 -35.64 -60.43 -10.19
N ARG J 150 -34.67 -60.51 -9.25
CA ARG J 150 -34.90 -60.92 -7.85
C ARG J 150 -35.55 -59.74 -7.07
N THR J 151 -36.90 -59.78 -6.92
CA THR J 151 -37.65 -58.71 -6.27
C THR J 151 -37.54 -58.84 -4.76
N PHE J 154 -43.12 -56.71 -3.86
CA PHE J 154 -43.29 -56.66 -2.42
C PHE J 154 -42.04 -57.13 -1.70
N LEU J 155 -41.37 -58.17 -2.23
CA LEU J 155 -40.14 -58.72 -1.63
C LEU J 155 -38.99 -57.70 -1.70
N ALA J 156 -39.11 -56.70 -2.61
CA ALA J 156 -38.16 -55.61 -2.81
C ALA J 156 -38.65 -54.29 -2.15
N LEU J 157 -39.92 -54.25 -1.68
CA LEU J 157 -40.56 -53.09 -1.04
C LEU J 157 -39.78 -52.68 0.21
N PHE J 158 -39.18 -51.47 0.18
CA PHE J 158 -38.32 -50.89 1.23
C PHE J 158 -37.23 -51.86 1.78
N THR J 162 -28.97 -49.37 -5.43
CA THR J 162 -30.16 -50.15 -5.10
C THR J 162 -31.09 -50.52 -6.26
N GLY J 163 -32.07 -49.65 -6.59
CA GLY J 163 -33.13 -49.86 -7.60
C GLY J 163 -32.74 -50.16 -9.03
N GLU J 164 -31.45 -50.39 -9.25
CA GLU J 164 -30.81 -50.73 -10.51
C GLU J 164 -31.09 -52.17 -10.87
N ILE J 165 -31.22 -52.43 -12.19
CA ILE J 165 -31.42 -53.78 -12.74
C ILE J 165 -30.03 -54.30 -13.13
N LYS J 166 -29.71 -55.54 -12.72
CA LYS J 166 -28.41 -56.21 -12.96
C LYS J 166 -28.11 -56.27 -14.46
N SER J 167 -26.85 -55.97 -14.83
CA SER J 167 -26.38 -55.91 -16.21
C SER J 167 -26.61 -57.24 -16.90
N GLU J 168 -26.37 -58.36 -16.17
CA GLU J 168 -26.55 -59.73 -16.63
C GLU J 168 -28.00 -59.99 -17.03
N VAL J 169 -28.98 -59.52 -16.21
CA VAL J 169 -30.41 -59.65 -16.46
C VAL J 169 -30.81 -58.96 -17.76
N ARG J 170 -30.28 -57.74 -18.00
CA ARG J 170 -30.50 -56.95 -19.21
C ARG J 170 -29.85 -57.57 -20.44
N GLU J 171 -28.66 -58.19 -20.25
CA GLU J 171 -27.90 -58.88 -21.29
C GLU J 171 -28.68 -60.11 -21.78
N GLN J 172 -29.34 -60.83 -20.85
CA GLN J 172 -30.17 -62.00 -21.15
C GLN J 172 -31.46 -61.57 -21.86
N ILE J 173 -32.14 -60.53 -21.33
CA ILE J 173 -33.39 -60.00 -21.88
C ILE J 173 -33.16 -59.49 -23.31
N ASN J 174 -32.05 -58.76 -23.54
CA ASN J 174 -31.70 -58.22 -24.84
C ASN J 174 -31.40 -59.32 -25.85
N ALA J 175 -30.78 -60.44 -25.38
CA ALA J 175 -30.45 -61.60 -26.21
C ALA J 175 -31.69 -62.33 -26.71
N LYS J 176 -32.63 -62.68 -25.78
CA LYS J 176 -33.89 -63.37 -26.08
C LYS J 176 -34.79 -62.54 -27.00
N VAL J 177 -34.85 -61.18 -26.79
CA VAL J 177 -35.63 -60.25 -27.61
C VAL J 177 -35.07 -60.19 -29.03
N ALA J 178 -33.71 -60.23 -29.16
CA ALA J 178 -33.01 -60.24 -30.44
C ALA J 178 -33.33 -61.54 -31.21
N GLU J 179 -33.35 -62.69 -30.48
CA GLU J 179 -33.67 -64.02 -31.00
C GLU J 179 -35.11 -64.07 -31.51
N TRP J 180 -36.07 -63.65 -30.67
CA TRP J 180 -37.49 -63.62 -30.97
C TRP J 180 -37.83 -62.70 -32.17
N ARG J 181 -37.14 -61.54 -32.29
CA ARG J 181 -37.34 -60.58 -33.38
C ARG J 181 -36.91 -61.17 -34.74
N ILE J 188 -38.59 -53.94 -30.80
CA ILE J 188 -39.79 -54.04 -31.64
C ILE J 188 -40.54 -52.74 -31.92
N ILE J 189 -41.35 -52.22 -30.96
CA ILE J 189 -42.12 -51.01 -31.18
C ILE J 189 -41.58 -49.85 -30.33
N PRO J 190 -40.70 -48.96 -30.88
CA PRO J 190 -40.20 -47.84 -30.07
C PRO J 190 -41.30 -46.79 -29.90
N GLY J 191 -41.57 -46.44 -28.65
CA GLY J 191 -42.62 -45.50 -28.29
C GLY J 191 -42.21 -44.06 -28.22
N VAL J 192 -42.69 -43.37 -27.16
CA VAL J 192 -42.46 -41.94 -26.91
C VAL J 192 -41.92 -41.76 -25.49
N LEU J 193 -40.85 -40.96 -25.32
CA LEU J 193 -40.30 -40.65 -24.01
C LEU J 193 -40.43 -39.16 -23.78
N PHE J 194 -41.26 -38.79 -22.81
CA PHE J 194 -41.49 -37.39 -22.48
C PHE J 194 -40.69 -36.99 -21.24
N ILE J 195 -39.82 -35.97 -21.39
CA ILE J 195 -39.01 -35.45 -20.29
C ILE J 195 -39.42 -34.01 -20.00
N ASP J 196 -40.20 -33.85 -18.93
CA ASP J 196 -40.67 -32.55 -18.45
C ASP J 196 -39.54 -31.93 -17.61
N GLU J 197 -39.59 -30.59 -17.33
CA GLU J 197 -38.58 -29.88 -16.53
C GLU J 197 -37.16 -30.24 -16.96
N VAL J 198 -36.91 -30.25 -18.28
CA VAL J 198 -35.65 -30.64 -18.92
C VAL J 198 -34.40 -29.84 -18.50
N HIS J 199 -34.61 -28.58 -18.07
CA HIS J 199 -33.57 -27.67 -17.58
C HIS J 199 -32.97 -28.16 -16.25
N MET J 200 -33.53 -29.26 -15.67
CA MET J 200 -33.03 -29.88 -14.45
C MET J 200 -31.90 -30.82 -14.78
N LEU J 201 -31.83 -31.30 -16.04
CA LEU J 201 -30.77 -32.22 -16.45
C LEU J 201 -29.45 -31.47 -16.56
N ASP J 202 -28.35 -32.16 -16.27
CA ASP J 202 -27.01 -31.58 -16.39
C ASP J 202 -26.42 -31.95 -17.74
N ILE J 203 -25.25 -31.39 -18.05
CA ILE J 203 -24.51 -31.60 -19.29
C ILE J 203 -24.23 -33.09 -19.61
N GLU J 204 -23.92 -33.90 -18.60
CA GLU J 204 -23.65 -35.34 -18.78
C GLU J 204 -24.91 -36.09 -19.23
N SER J 205 -26.06 -35.75 -18.64
CA SER J 205 -27.36 -36.34 -18.98
C SER J 205 -27.73 -35.97 -20.42
N PHE J 206 -27.47 -34.69 -20.82
CA PHE J 206 -27.76 -34.24 -22.19
C PHE J 206 -26.92 -35.01 -23.21
N SER J 207 -25.66 -35.34 -22.86
CA SER J 207 -24.80 -36.15 -23.72
C SER J 207 -25.41 -37.55 -23.92
N PHE J 208 -26.04 -38.11 -22.85
CA PHE J 208 -26.72 -39.41 -22.91
C PHE J 208 -27.88 -39.33 -23.89
N LEU J 209 -28.72 -38.30 -23.80
CA LEU J 209 -29.86 -38.11 -24.70
C LEU J 209 -29.40 -37.98 -26.15
N ASN J 210 -28.31 -37.23 -26.37
CA ASN J 210 -27.71 -36.98 -27.66
C ASN J 210 -27.23 -38.29 -28.29
N ARG J 211 -26.51 -39.14 -27.52
CA ARG J 211 -26.03 -40.44 -28.02
C ARG J 211 -27.20 -41.40 -28.26
N ALA J 212 -28.27 -41.29 -27.45
CA ALA J 212 -29.48 -42.11 -27.57
C ALA J 212 -30.18 -41.87 -28.89
N LEU J 213 -30.21 -40.59 -29.37
CA LEU J 213 -30.81 -40.16 -30.62
C LEU J 213 -30.14 -40.78 -31.85
N GLU J 214 -28.89 -41.30 -31.70
CA GLU J 214 -28.14 -41.97 -32.77
C GLU J 214 -28.63 -43.40 -33.05
N SER J 215 -29.37 -44.02 -32.11
CA SER J 215 -29.90 -45.38 -32.21
C SER J 215 -31.19 -45.48 -33.04
N ASP J 216 -31.30 -46.58 -33.81
CA ASP J 216 -32.46 -46.88 -34.67
C ASP J 216 -33.68 -47.30 -33.84
N MET J 217 -33.46 -48.09 -32.76
CA MET J 217 -34.52 -48.59 -31.89
C MET J 217 -34.93 -47.60 -30.76
N ALA J 218 -34.38 -46.38 -30.79
CA ALA J 218 -34.67 -45.32 -29.83
C ALA J 218 -36.10 -44.79 -29.92
N PRO J 219 -36.77 -44.41 -28.79
CA PRO J 219 -38.12 -43.85 -28.90
C PRO J 219 -38.09 -42.38 -29.36
N VAL J 220 -39.26 -41.79 -29.62
CA VAL J 220 -39.30 -40.38 -30.00
C VAL J 220 -39.07 -39.59 -28.71
N LEU J 221 -38.05 -38.74 -28.69
CA LEU J 221 -37.77 -37.94 -27.50
C LEU J 221 -38.53 -36.63 -27.58
N ILE J 222 -39.40 -36.37 -26.58
CA ILE J 222 -40.14 -35.12 -26.47
C ILE J 222 -39.78 -34.50 -25.13
N MET J 223 -39.08 -33.36 -25.16
CA MET J 223 -38.71 -32.63 -23.96
C MET J 223 -39.61 -31.41 -23.78
N ALA J 224 -39.70 -30.91 -22.53
CA ALA J 224 -40.52 -29.73 -22.26
C ALA J 224 -39.94 -28.86 -21.16
N THR J 225 -40.13 -27.54 -21.30
CA THR J 225 -39.70 -26.52 -20.34
C THR J 225 -40.59 -25.30 -20.43
N ASN J 226 -40.53 -24.46 -19.37
CA ASN J 226 -41.26 -23.21 -19.29
C ASN J 226 -40.24 -22.05 -19.17
N ARG J 227 -38.93 -22.38 -19.20
CA ARG J 227 -37.80 -21.46 -19.05
C ARG J 227 -37.29 -20.94 -20.39
N GLY J 228 -36.84 -19.68 -20.40
CA GLY J 228 -36.14 -19.05 -21.52
C GLY J 228 -34.65 -19.39 -21.40
N ILE J 229 -33.79 -18.38 -21.32
CA ILE J 229 -32.35 -18.62 -21.12
C ILE J 229 -32.09 -19.05 -19.66
N THR J 230 -31.26 -20.09 -19.45
CA THR J 230 -30.89 -20.58 -18.13
C THR J 230 -29.54 -21.22 -18.19
N ARG J 231 -28.86 -21.38 -17.04
CA ARG J 231 -27.56 -22.05 -17.02
C ARG J 231 -27.77 -23.53 -17.32
N ILE J 232 -26.81 -24.13 -18.02
CA ILE J 232 -26.78 -25.57 -18.25
C ILE J 232 -26.21 -26.09 -16.92
N ARG J 233 -26.92 -27.00 -16.20
CA ARG J 233 -26.42 -27.56 -14.94
C ARG J 233 -25.07 -28.25 -15.21
N GLY J 234 -24.11 -28.03 -14.31
CA GLY J 234 -22.78 -28.61 -14.44
C GLY J 234 -21.91 -27.75 -15.33
N THR J 235 -22.34 -26.50 -15.54
CA THR J 235 -21.71 -25.55 -16.44
C THR J 235 -21.93 -24.13 -15.92
N SER J 236 -21.04 -23.21 -16.31
CA SER J 236 -21.12 -21.79 -15.95
C SER J 236 -21.70 -20.95 -17.13
N TYR J 237 -22.18 -21.63 -18.20
CA TYR J 237 -22.75 -21.02 -19.40
C TYR J 237 -24.28 -21.05 -19.40
N GLN J 238 -24.88 -19.97 -19.89
CA GLN J 238 -26.31 -19.85 -20.07
C GLN J 238 -26.63 -20.35 -21.46
N SER J 239 -27.89 -20.75 -21.72
CA SER J 239 -28.32 -21.30 -23.00
C SER J 239 -29.84 -21.32 -23.08
N PRO J 240 -30.43 -21.21 -24.30
CA PRO J 240 -31.91 -21.30 -24.41
C PRO J 240 -32.42 -22.61 -23.81
N HIS J 241 -33.38 -22.50 -22.88
CA HIS J 241 -34.03 -23.61 -22.18
C HIS J 241 -33.12 -24.48 -21.30
N GLY J 242 -31.87 -24.04 -21.12
CA GLY J 242 -30.85 -24.75 -20.35
C GLY J 242 -30.34 -26.01 -21.06
N ILE J 243 -30.46 -26.04 -22.40
CA ILE J 243 -30.05 -27.17 -23.25
C ILE J 243 -28.79 -26.77 -24.01
N PRO J 244 -27.76 -27.65 -24.11
CA PRO J 244 -26.55 -27.31 -24.89
C PRO J 244 -26.84 -27.09 -26.39
N ILE J 245 -26.02 -26.26 -27.09
CA ILE J 245 -26.17 -25.97 -28.53
C ILE J 245 -26.20 -27.25 -29.37
N ASP J 246 -25.35 -28.26 -29.03
CA ASP J 246 -25.28 -29.57 -29.72
C ASP J 246 -26.65 -30.24 -29.84
N LEU J 247 -27.42 -30.30 -28.74
CA LEU J 247 -28.77 -30.87 -28.71
C LEU J 247 -29.78 -29.91 -29.29
N LEU J 248 -29.72 -28.61 -28.92
CA LEU J 248 -30.66 -27.60 -29.43
C LEU J 248 -30.75 -27.59 -30.95
N ASP J 249 -29.57 -27.71 -31.62
CA ASP J 249 -29.46 -27.75 -33.09
C ASP J 249 -30.13 -28.98 -33.72
N ARG J 250 -30.45 -30.01 -32.89
CA ARG J 250 -31.14 -31.24 -33.30
C ARG J 250 -32.63 -31.27 -32.89
N LEU J 251 -33.15 -30.17 -32.26
CA LEU J 251 -34.53 -30.09 -31.79
C LEU J 251 -35.48 -29.35 -32.72
N LEU J 252 -36.76 -29.75 -32.70
CA LEU J 252 -37.85 -29.07 -33.39
C LEU J 252 -38.65 -28.41 -32.25
N ILE J 253 -38.54 -27.07 -32.12
CA ILE J 253 -39.20 -26.33 -31.04
C ILE J 253 -40.66 -25.97 -31.36
N VAL J 254 -41.59 -26.44 -30.52
CA VAL J 254 -43.04 -26.22 -30.58
C VAL J 254 -43.44 -25.39 -29.33
N SER J 255 -44.34 -24.40 -29.46
CA SER J 255 -44.76 -23.62 -28.29
C SER J 255 -46.24 -23.77 -27.99
N THR J 256 -46.62 -23.75 -26.71
CA THR J 256 -48.03 -23.84 -26.28
C THR J 256 -48.44 -22.53 -25.61
N THR J 257 -49.61 -22.00 -26.03
CA THR J 257 -50.20 -20.75 -25.49
C THR J 257 -51.18 -21.12 -24.36
N PRO J 258 -51.38 -20.27 -23.32
CA PRO J 258 -52.34 -20.63 -22.27
C PRO J 258 -53.78 -20.56 -22.78
N TYR J 259 -54.67 -21.37 -22.19
CA TYR J 259 -56.07 -21.51 -22.61
C TYR J 259 -57.01 -20.36 -22.27
N SER J 260 -57.99 -20.15 -23.16
CA SER J 260 -59.05 -19.15 -23.01
C SER J 260 -60.08 -19.65 -21.99
N GLU J 261 -61.08 -18.81 -21.63
CA GLU J 261 -62.15 -19.18 -20.72
C GLU J 261 -62.93 -20.35 -21.29
N LYS J 262 -63.28 -20.28 -22.60
CA LYS J 262 -64.03 -21.30 -23.35
C LYS J 262 -63.28 -22.63 -23.43
N ASP J 263 -61.94 -22.58 -23.68
CA ASP J 263 -61.09 -23.78 -23.77
C ASP J 263 -60.92 -24.45 -22.40
N THR J 264 -60.68 -23.66 -21.33
CA THR J 264 -60.53 -24.11 -19.95
C THR J 264 -61.77 -24.89 -19.49
N LYS J 265 -62.98 -24.32 -19.78
CA LYS J 265 -64.26 -24.93 -19.44
C LYS J 265 -64.42 -26.28 -20.13
N GLN J 266 -64.07 -26.35 -21.43
CA GLN J 266 -64.17 -27.58 -22.22
C GLN J 266 -63.27 -28.69 -21.66
N ILE J 267 -61.99 -28.38 -21.34
CA ILE J 267 -61.02 -29.32 -20.75
C ILE J 267 -61.57 -29.82 -19.40
N LEU J 268 -62.14 -28.90 -18.59
CA LEU J 268 -62.73 -29.24 -17.29
C LEU J 268 -63.95 -30.16 -17.45
N ARG J 269 -64.79 -29.92 -18.46
CA ARG J 269 -65.97 -30.76 -18.74
C ARG J 269 -65.55 -32.19 -19.15
N ILE J 270 -64.43 -32.30 -19.93
CA ILE J 270 -63.85 -33.57 -20.37
C ILE J 270 -63.30 -34.35 -19.16
N ARG J 271 -62.65 -33.65 -18.23
CA ARG J 271 -62.08 -34.29 -17.04
C ARG J 271 -63.16 -34.83 -16.11
N CYS J 272 -64.27 -34.07 -15.95
CA CYS J 272 -65.41 -34.46 -15.13
C CYS J 272 -66.02 -35.75 -15.65
N GLU J 273 -66.15 -35.90 -17.00
CA GLU J 273 -66.66 -37.10 -17.64
C GLU J 273 -65.72 -38.29 -17.36
N GLU J 274 -64.40 -38.07 -17.51
CA GLU J 274 -63.38 -39.09 -17.28
C GLU J 274 -63.40 -39.62 -15.84
N GLU J 275 -63.62 -38.72 -14.85
CA GLU J 275 -63.73 -39.07 -13.44
C GLU J 275 -65.18 -39.42 -13.01
N ASP J 276 -66.13 -39.42 -13.98
CA ASP J 276 -67.57 -39.68 -13.78
C ASP J 276 -68.19 -38.76 -12.71
N MET J 279 -71.78 -30.96 -10.66
CA MET J 279 -71.55 -30.62 -12.07
C MET J 279 -72.57 -29.63 -12.68
N SER J 280 -72.88 -28.53 -11.95
CA SER J 280 -73.83 -27.54 -12.45
C SER J 280 -73.12 -26.62 -13.44
N GLU J 281 -73.84 -26.04 -14.43
CA GLU J 281 -73.25 -25.12 -15.40
C GLU J 281 -72.64 -23.88 -14.72
N ASP J 282 -73.25 -23.44 -13.60
CA ASP J 282 -72.78 -22.32 -12.77
C ASP J 282 -71.50 -22.72 -11.99
N ALA J 283 -71.41 -24.00 -11.55
CA ALA J 283 -70.23 -24.55 -10.86
C ALA J 283 -69.06 -24.63 -11.85
N TYR J 284 -69.36 -24.91 -13.13
CA TYR J 284 -68.35 -24.94 -14.18
C TYR J 284 -67.79 -23.57 -14.48
N THR J 285 -68.64 -22.53 -14.39
CA THR J 285 -68.25 -21.14 -14.54
C THR J 285 -67.25 -20.73 -13.42
N VAL J 286 -67.57 -21.09 -12.15
CA VAL J 286 -66.72 -20.83 -10.98
C VAL J 286 -65.38 -21.55 -11.16
N LEU J 287 -65.40 -22.89 -11.50
CA LEU J 287 -64.19 -23.69 -11.73
C LEU J 287 -63.32 -23.15 -12.85
N THR J 288 -63.94 -22.72 -13.97
CA THR J 288 -63.21 -22.11 -15.10
C THR J 288 -62.54 -20.80 -14.64
N ARG J 289 -63.20 -20.04 -13.74
CA ARG J 289 -62.61 -18.83 -13.18
C ARG J 289 -61.42 -19.22 -12.27
N ILE J 290 -61.62 -20.20 -11.34
CA ILE J 290 -60.58 -20.70 -10.42
C ILE J 290 -59.36 -21.22 -11.20
N GLY J 291 -59.61 -21.89 -12.32
CA GLY J 291 -58.57 -22.40 -13.21
C GLY J 291 -57.79 -21.30 -13.92
N LEU J 292 -58.49 -20.25 -14.40
CA LEU J 292 -57.86 -19.12 -15.09
C LEU J 292 -57.04 -18.25 -14.14
N GLU J 293 -57.50 -18.11 -12.88
CA GLU J 293 -56.82 -17.30 -11.86
C GLU J 293 -55.64 -18.03 -11.21
N THR J 294 -55.68 -19.38 -11.16
CA THR J 294 -54.61 -20.21 -10.59
C THR J 294 -53.90 -21.00 -11.70
N SER J 295 -54.30 -22.27 -11.90
CA SER J 295 -53.77 -23.17 -12.91
C SER J 295 -54.82 -24.21 -13.27
N LEU J 296 -54.72 -24.79 -14.48
CA LEU J 296 -55.63 -25.82 -14.96
C LEU J 296 -55.47 -27.08 -14.09
N ARG J 297 -54.23 -27.36 -13.64
CA ARG J 297 -53.91 -28.51 -12.77
C ARG J 297 -54.63 -28.40 -11.42
N TYR J 298 -54.61 -27.20 -10.80
CA TYR J 298 -55.25 -26.97 -9.51
C TYR J 298 -56.79 -27.08 -9.67
N ALA J 299 -57.35 -26.52 -10.76
CA ALA J 299 -58.78 -26.64 -11.02
C ALA J 299 -59.16 -28.12 -11.15
N ILE J 300 -58.34 -28.93 -11.89
CA ILE J 300 -58.56 -30.37 -12.09
C ILE J 300 -58.46 -31.14 -10.76
N GLN J 301 -57.52 -30.73 -9.88
CA GLN J 301 -57.33 -31.34 -8.56
C GLN J 301 -58.60 -31.19 -7.71
N LEU J 302 -59.29 -30.03 -7.84
CA LEU J 302 -60.50 -29.72 -7.09
C LEU J 302 -61.72 -30.55 -7.48
N ILE J 303 -61.85 -30.96 -8.77
CA ILE J 303 -62.99 -31.77 -9.29
C ILE J 303 -63.28 -32.98 -8.41
N THR J 304 -62.25 -33.78 -8.08
CA THR J 304 -62.36 -34.98 -7.24
C THR J 304 -62.76 -34.67 -5.79
N ALA J 305 -62.13 -33.65 -5.17
CA ALA J 305 -62.40 -33.23 -3.81
C ALA J 305 -63.81 -32.64 -3.65
N ALA J 306 -64.26 -31.81 -4.64
CA ALA J 306 -65.60 -31.20 -4.66
C ALA J 306 -66.66 -32.26 -4.78
N SER J 307 -66.39 -33.34 -5.57
CA SER J 307 -67.30 -34.49 -5.76
C SER J 307 -67.47 -35.25 -4.45
N LEU J 308 -66.37 -35.39 -3.66
CA LEU J 308 -66.37 -36.05 -2.36
C LEU J 308 -67.25 -35.29 -1.35
N VAL J 309 -67.06 -33.94 -1.30
CA VAL J 309 -67.81 -33.02 -0.45
C VAL J 309 -69.31 -33.06 -0.81
N CYS J 310 -69.60 -33.04 -2.13
CA CYS J 310 -70.96 -33.13 -2.68
C CYS J 310 -71.63 -34.46 -2.29
N ARG J 311 -70.89 -35.60 -2.40
CA ARG J 311 -71.37 -36.93 -1.98
C ARG J 311 -71.60 -36.97 -0.45
N LYS J 312 -70.76 -36.26 0.36
CA LYS J 312 -70.92 -36.16 1.81
C LYS J 312 -72.20 -35.37 2.19
N ARG J 313 -72.57 -34.37 1.35
CA ARG J 313 -73.76 -33.48 1.41
C ARG J 313 -73.56 -32.13 2.06
N LYS J 324 -66.48 -24.13 -4.05
CA LYS J 324 -66.12 -23.02 -3.17
C LYS J 324 -65.48 -23.49 -1.86
N ARG J 325 -66.10 -24.48 -1.17
CA ARG J 325 -65.61 -25.05 0.10
C ARG J 325 -64.23 -25.62 -0.09
N VAL J 326 -64.10 -26.47 -1.11
CA VAL J 326 -62.89 -27.18 -1.48
C VAL J 326 -61.73 -26.25 -1.89
N TYR J 327 -62.02 -25.08 -2.49
CA TYR J 327 -61.05 -24.07 -2.89
C TYR J 327 -60.46 -23.43 -1.65
N SER J 328 -61.32 -23.12 -0.63
CA SER J 328 -60.87 -22.52 0.62
C SER J 328 -60.10 -23.51 1.50
N LEU J 329 -60.38 -24.84 1.37
CA LEU J 329 -59.73 -25.90 2.14
C LEU J 329 -58.33 -26.29 1.59
N PHE J 330 -58.26 -26.61 0.28
CA PHE J 330 -57.03 -27.03 -0.39
C PHE J 330 -56.42 -25.89 -1.19
N LEU J 331 -55.26 -25.40 -0.72
CA LEU J 331 -54.57 -24.26 -1.35
C LEU J 331 -53.77 -24.62 -2.59
N ASP J 332 -53.51 -23.58 -3.40
CA ASP J 332 -52.68 -23.63 -4.61
C ASP J 332 -51.35 -22.96 -4.21
N GLU J 333 -50.26 -23.23 -4.98
CA GLU J 333 -48.90 -22.69 -4.72
C GLU J 333 -48.88 -21.20 -4.37
N SER J 334 -49.60 -20.34 -5.14
CA SER J 334 -49.68 -18.89 -4.92
C SER J 334 -50.17 -18.50 -3.53
N ARG J 335 -51.31 -19.06 -3.09
CA ARG J 335 -51.87 -18.78 -1.77
C ARG J 335 -51.02 -19.35 -0.65
N SER J 336 -50.58 -20.63 -0.74
CA SER J 336 -49.78 -21.27 0.31
C SER J 336 -48.48 -20.54 0.59
N THR J 337 -47.76 -20.11 -0.47
CA THR J 337 -46.50 -19.36 -0.32
C THR J 337 -46.74 -17.97 0.25
N GLN J 338 -47.80 -17.28 -0.20
CA GLN J 338 -48.14 -15.96 0.32
C GLN J 338 -48.59 -15.98 1.78
N TYR J 339 -49.38 -16.99 2.20
CA TYR J 339 -49.85 -17.12 3.57
C TYR J 339 -48.69 -17.43 4.53
N GLY K 23 15.90 31.77 -37.83
CA GLY K 23 14.85 31.25 -38.70
C GLY K 23 14.88 29.74 -38.86
N ALA K 24 14.96 29.04 -37.70
CA ALA K 24 15.05 27.58 -37.61
C ALA K 24 13.84 26.81 -38.20
N HIS K 25 12.68 27.49 -38.38
CA HIS K 25 11.46 26.88 -38.91
C HIS K 25 10.91 27.59 -40.18
N SER K 26 11.84 28.21 -40.94
CA SER K 26 11.59 28.95 -42.17
C SER K 26 10.71 28.15 -43.16
N HIS K 27 11.05 26.86 -43.36
CA HIS K 27 10.39 25.91 -44.24
C HIS K 27 8.97 25.50 -43.80
N ILE K 28 8.70 25.48 -42.46
CA ILE K 28 7.39 25.11 -41.92
C ILE K 28 6.33 26.10 -42.40
N ARG K 29 5.47 25.63 -43.34
CA ARG K 29 4.39 26.39 -43.98
C ARG K 29 2.99 25.82 -43.65
N GLY K 30 2.95 24.80 -42.82
CA GLY K 30 1.73 24.16 -42.36
C GLY K 30 2.04 22.78 -41.84
N LEU K 31 1.00 22.02 -41.45
CA LEU K 31 1.17 20.64 -40.95
C LEU K 31 1.30 19.57 -42.07
N GLY K 32 1.03 19.97 -43.33
CA GLY K 32 1.09 19.12 -44.52
C GLY K 32 0.16 17.91 -44.49
N LEU K 33 -1.12 18.13 -44.10
CA LEU K 33 -2.14 17.09 -43.97
C LEU K 33 -3.16 17.20 -45.08
N ASP K 34 -3.77 16.06 -45.47
CA ASP K 34 -4.81 16.04 -46.50
C ASP K 34 -6.17 16.51 -45.94
N ASP K 35 -7.24 16.42 -46.77
CA ASP K 35 -8.61 16.81 -46.40
C ASP K 35 -9.15 16.03 -45.17
N ALA K 36 -8.76 14.74 -45.05
CA ALA K 36 -9.16 13.84 -43.96
C ALA K 36 -8.26 13.97 -42.74
N LEU K 37 -7.49 15.10 -42.64
CA LEU K 37 -6.55 15.45 -41.57
C LEU K 37 -5.42 14.39 -41.41
N GLU K 38 -5.07 13.69 -42.52
CA GLU K 38 -4.03 12.65 -42.61
C GLU K 38 -2.72 13.20 -43.21
N PRO K 39 -1.59 13.04 -42.48
CA PRO K 39 -0.32 13.60 -42.99
C PRO K 39 0.34 12.89 -44.17
N ARG K 40 0.81 13.70 -45.11
CA ARG K 40 1.57 13.27 -46.27
C ARG K 40 3.03 13.27 -45.80
N GLN K 41 3.82 12.20 -46.13
CA GLN K 41 5.24 12.03 -45.75
C GLN K 41 6.07 13.32 -45.76
N ALA K 42 5.95 14.13 -46.81
CA ALA K 42 6.63 15.41 -46.92
C ALA K 42 5.77 16.44 -47.64
N SER K 43 5.27 17.46 -46.90
CA SER K 43 4.45 18.56 -47.42
C SER K 43 4.45 19.76 -46.48
N GLN K 44 4.36 20.97 -47.07
CA GLN K 44 4.36 22.27 -46.37
C GLN K 44 5.56 22.45 -45.43
N GLY K 45 6.69 21.83 -45.80
CA GLY K 45 7.93 21.88 -45.03
C GLY K 45 8.11 20.74 -44.04
N MET K 46 6.98 20.15 -43.55
CA MET K 46 6.99 19.04 -42.58
C MET K 46 7.38 17.71 -43.21
N VAL K 47 8.33 16.99 -42.57
CA VAL K 47 8.86 15.69 -43.02
C VAL K 47 8.66 14.61 -41.95
N GLY K 48 8.07 13.49 -42.34
CA GLY K 48 7.81 12.36 -41.46
C GLY K 48 6.96 12.73 -40.27
N GLN K 49 7.30 12.21 -39.04
CA GLN K 49 6.60 12.48 -37.77
C GLN K 49 5.07 12.40 -37.97
N LEU K 50 4.62 11.31 -38.63
CA LEU K 50 3.24 11.12 -39.05
C LEU K 50 2.19 11.19 -37.93
N ALA K 51 2.33 10.36 -36.87
CA ALA K 51 1.37 10.33 -35.74
C ALA K 51 1.19 11.66 -35.02
N ALA K 52 2.29 12.34 -34.61
CA ALA K 52 2.23 13.65 -33.93
C ALA K 52 1.56 14.71 -34.81
N ARG K 53 1.86 14.70 -36.13
CA ARG K 53 1.28 15.62 -37.12
C ARG K 53 -0.21 15.31 -37.29
N ARG K 54 -0.56 14.00 -37.27
CA ARG K 54 -1.95 13.54 -37.35
C ARG K 54 -2.72 14.05 -36.11
N ALA K 55 -2.14 13.87 -34.90
CA ALA K 55 -2.69 14.32 -33.63
C ALA K 55 -2.89 15.84 -33.61
N ALA K 56 -1.88 16.61 -34.11
CA ALA K 56 -1.93 18.06 -34.24
C ALA K 56 -3.08 18.50 -35.17
N GLY K 57 -3.39 17.66 -36.16
CA GLY K 57 -4.49 17.89 -37.09
C GLY K 57 -5.82 17.85 -36.38
N VAL K 58 -6.02 16.83 -35.53
CA VAL K 58 -7.23 16.65 -34.74
C VAL K 58 -7.38 17.86 -33.80
N VAL K 59 -6.28 18.34 -33.19
CA VAL K 59 -6.26 19.51 -32.33
C VAL K 59 -6.69 20.76 -33.09
N LEU K 60 -6.18 20.97 -34.31
CA LEU K 60 -6.53 22.10 -35.17
C LEU K 60 -8.05 22.10 -35.44
N GLU K 61 -8.63 20.94 -35.82
CA GLU K 61 -10.06 20.81 -36.07
C GLU K 61 -10.85 21.04 -34.77
N MET K 62 -10.31 20.61 -33.62
CA MET K 62 -10.92 20.82 -32.30
C MET K 62 -10.96 22.32 -31.99
N ILE K 63 -9.85 23.05 -32.26
CA ILE K 63 -9.75 24.50 -32.08
C ILE K 63 -10.73 25.21 -33.04
N ARG K 64 -10.78 24.77 -34.32
CA ARG K 64 -11.66 25.31 -35.37
C ARG K 64 -13.15 25.12 -35.04
N GLU K 65 -13.54 23.90 -34.63
CA GLU K 65 -14.91 23.56 -34.25
C GLU K 65 -15.28 24.08 -32.83
N GLY K 66 -14.40 24.87 -32.23
CA GLY K 66 -14.60 25.48 -30.92
C GLY K 66 -14.64 24.56 -29.72
N LYS K 67 -14.08 23.33 -29.85
CA LYS K 67 -14.03 22.34 -28.76
C LYS K 67 -12.72 22.43 -27.94
N ALA K 69 -11.73 24.95 -26.26
CA ALA K 69 -12.08 25.92 -25.22
C ALA K 69 -11.80 25.40 -23.83
N GLY K 70 -10.90 26.11 -23.15
CA GLY K 70 -10.45 25.81 -21.79
C GLY K 70 -9.26 24.87 -21.70
N ARG K 71 -8.92 24.22 -22.84
CA ARG K 71 -7.86 23.22 -22.97
C ARG K 71 -6.59 23.75 -23.63
N ALA K 72 -5.48 23.02 -23.46
CA ALA K 72 -4.20 23.33 -24.06
C ALA K 72 -3.56 22.04 -24.59
N VAL K 73 -2.36 22.14 -25.18
CA VAL K 73 -1.63 20.99 -25.75
C VAL K 73 -0.30 20.79 -25.03
N LEU K 74 0.10 19.52 -24.86
CA LEU K 74 1.42 19.16 -24.31
C LEU K 74 2.08 18.22 -25.28
N ILE K 75 3.23 18.63 -25.81
CA ILE K 75 3.99 17.79 -26.74
C ILE K 75 5.16 17.21 -25.96
N ALA K 76 5.12 15.89 -25.65
CA ALA K 76 6.17 15.22 -24.91
C ALA K 76 7.10 14.47 -25.88
N GLY K 77 8.37 14.83 -25.86
CA GLY K 77 9.34 14.21 -26.74
C GLY K 77 10.77 14.59 -26.42
N GLN K 78 11.69 13.71 -26.82
CA GLN K 78 13.14 13.82 -26.67
C GLN K 78 13.64 15.00 -27.51
N THR K 81 12.96 16.66 -31.92
CA THR K 81 11.93 15.80 -32.52
C THR K 81 10.74 16.57 -33.13
N GLY K 82 10.96 17.82 -33.50
CA GLY K 82 9.93 18.65 -34.10
C GLY K 82 8.81 19.14 -33.20
N LYS K 83 9.03 19.17 -31.88
CA LYS K 83 8.00 19.70 -30.96
C LYS K 83 7.69 21.17 -31.33
N THR K 84 8.75 22.01 -31.47
CA THR K 84 8.63 23.41 -31.91
C THR K 84 8.07 23.50 -33.35
N ALA K 85 8.52 22.60 -34.25
CA ALA K 85 8.08 22.54 -35.67
C ALA K 85 6.57 22.29 -35.77
N ILE K 86 6.03 21.36 -34.93
CA ILE K 86 4.61 21.05 -34.87
C ILE K 86 3.83 22.25 -34.37
N ALA K 87 4.39 22.97 -33.38
CA ALA K 87 3.76 24.19 -32.88
C ALA K 87 3.73 25.28 -33.99
N MET K 88 4.84 25.43 -34.73
CA MET K 88 4.96 26.37 -35.86
C MET K 88 3.98 25.99 -36.98
N GLY K 89 3.85 24.68 -37.25
CA GLY K 89 2.94 24.12 -38.24
C GLY K 89 1.48 24.38 -37.91
N MET K 90 1.12 24.28 -36.60
CA MET K 90 -0.23 24.54 -36.08
C MET K 90 -0.62 26.02 -36.29
N ALA K 91 0.36 26.94 -36.06
CA ALA K 91 0.17 28.38 -36.26
C ALA K 91 -0.11 28.66 -37.72
N GLN K 92 0.74 28.14 -38.63
CA GLN K 92 0.63 28.28 -40.09
C GLN K 92 -0.70 27.73 -40.62
N ALA K 93 -1.15 26.59 -40.09
CA ALA K 93 -2.41 25.93 -40.42
C ALA K 93 -3.61 26.73 -39.96
N LEU K 94 -3.50 27.43 -38.80
CA LEU K 94 -4.57 28.25 -38.24
C LEU K 94 -4.82 29.52 -39.10
N GLY K 95 -3.80 29.91 -39.85
CA GLY K 95 -3.85 31.06 -40.75
C GLY K 95 -2.48 31.67 -41.04
N PRO K 96 -2.36 32.46 -42.14
CA PRO K 96 -1.06 33.09 -42.44
C PRO K 96 -0.69 34.26 -41.53
N ASP K 97 -1.71 35.01 -41.04
CA ASP K 97 -1.54 36.16 -40.17
C ASP K 97 -1.30 35.78 -38.69
N THR K 98 -1.69 34.54 -38.29
CA THR K 98 -1.65 34.03 -36.92
C THR K 98 -0.30 34.19 -36.19
N PRO K 99 -0.23 35.07 -35.14
CA PRO K 99 1.05 35.25 -34.42
C PRO K 99 1.54 33.97 -33.72
N PHE K 100 2.85 33.73 -33.78
CA PHE K 100 3.44 32.57 -33.14
C PHE K 100 4.64 33.02 -32.34
N THR K 101 4.60 32.75 -31.02
CA THR K 101 5.71 33.06 -30.13
C THR K 101 6.11 31.84 -29.35
N ALA K 102 7.41 31.51 -29.42
CA ALA K 102 8.00 30.36 -28.74
C ALA K 102 8.97 30.84 -27.69
N ILE K 103 8.71 30.47 -26.44
CA ILE K 103 9.53 30.82 -25.29
C ILE K 103 9.89 29.54 -24.53
N ALA K 104 10.87 29.64 -23.63
CA ALA K 104 11.26 28.54 -22.75
C ALA K 104 10.77 28.92 -21.35
N GLY K 105 10.44 27.93 -20.54
CA GLY K 105 9.97 28.14 -19.17
C GLY K 105 10.86 29.05 -18.36
N SER K 106 12.19 28.84 -18.48
CA SER K 106 13.25 29.60 -17.81
C SER K 106 13.21 31.12 -18.09
N GLU K 107 12.71 31.53 -19.27
CA GLU K 107 12.60 32.92 -19.70
C GLU K 107 11.71 33.77 -18.81
N ILE K 108 10.75 33.16 -18.09
CA ILE K 108 9.84 33.84 -17.16
C ILE K 108 10.61 34.46 -15.96
N PHE K 109 11.75 33.84 -15.58
CA PHE K 109 12.61 34.28 -14.48
C PHE K 109 13.59 35.34 -14.97
N SER K 110 13.28 36.64 -14.73
CA SER K 110 14.11 37.74 -15.22
C SER K 110 14.52 38.77 -14.18
N LEU K 111 15.74 39.33 -14.34
CA LEU K 111 16.28 40.37 -13.46
C LEU K 111 15.64 41.70 -13.88
N GLU K 112 15.28 41.80 -15.17
CA GLU K 112 14.69 42.96 -15.83
C GLU K 112 13.17 43.15 -15.59
N MET K 113 12.40 42.03 -15.39
CA MET K 113 10.95 42.08 -15.18
C MET K 113 10.38 40.92 -14.35
N SER K 114 9.18 41.13 -13.76
CA SER K 114 8.47 40.12 -12.97
C SER K 114 8.01 38.94 -13.85
N LYS K 115 7.65 37.81 -13.21
CA LYS K 115 7.12 36.62 -13.90
C LYS K 115 5.78 36.99 -14.56
N THR K 116 4.96 37.86 -13.88
CA THR K 116 3.68 38.36 -14.40
C THR K 116 3.93 39.08 -15.72
N GLU K 117 4.94 40.00 -15.72
CA GLU K 117 5.29 40.78 -16.89
C GLU K 117 5.76 39.88 -17.99
N ALA K 118 6.73 38.99 -17.67
CA ALA K 118 7.31 38.04 -18.62
C ALA K 118 6.19 37.26 -19.32
N LEU K 119 5.21 36.75 -18.53
CA LEU K 119 4.07 36.01 -19.04
C LEU K 119 3.07 36.88 -19.80
N THR K 120 2.68 38.07 -19.26
CA THR K 120 1.74 38.96 -19.98
C THR K 120 2.32 39.36 -21.36
N GLN K 121 3.66 39.58 -21.43
CA GLN K 121 4.35 39.92 -22.67
C GLN K 121 4.33 38.78 -23.67
N PHE K 123 2.11 36.39 -23.78
CA PHE K 123 0.72 36.33 -24.22
C PHE K 123 0.35 37.46 -25.19
N ARG K 124 0.72 38.73 -24.89
CA ARG K 124 0.42 39.88 -25.77
C ARG K 124 1.20 39.85 -27.10
N ARG K 125 2.31 39.09 -27.15
CA ARG K 125 3.10 38.86 -28.38
C ARG K 125 2.35 37.84 -29.25
N SER K 126 1.48 37.02 -28.61
CA SER K 126 0.67 35.97 -29.25
C SER K 126 -0.77 36.37 -29.63
N ILE K 127 -1.20 37.63 -29.34
CA ILE K 127 -2.52 38.16 -29.74
C ILE K 127 -2.26 39.20 -30.84
N GLY K 128 -2.72 38.92 -32.06
CA GLY K 128 -2.57 39.83 -33.19
C GLY K 128 -3.71 40.81 -33.35
N VAL K 129 -3.43 41.99 -33.93
CA VAL K 129 -4.40 43.04 -34.25
C VAL K 129 -4.28 43.34 -35.76
N ARG K 130 -5.32 42.96 -36.56
CA ARG K 130 -5.33 43.17 -38.00
C ARG K 130 -5.88 44.56 -38.33
N ILE K 131 -4.98 45.49 -38.69
CA ILE K 131 -5.32 46.88 -39.02
C ILE K 131 -6.02 47.00 -40.39
N LYS K 132 -6.93 47.99 -40.55
CA LYS K 132 -7.67 48.23 -41.81
C LYS K 132 -6.94 49.21 -42.73
N VAL K 139 -0.36 42.91 -36.63
CA VAL K 139 0.64 43.38 -35.67
C VAL K 139 0.27 42.91 -34.23
N SER K 140 1.25 42.42 -33.44
CA SER K 140 0.97 41.93 -32.08
C SER K 140 0.63 43.07 -31.12
N LEU K 141 -0.16 42.74 -30.06
CA LEU K 141 -0.55 43.68 -29.01
C LEU K 141 0.71 44.23 -28.30
N HIS K 142 1.74 43.36 -28.12
CA HIS K 142 3.03 43.70 -27.52
C HIS K 142 3.80 44.72 -28.38
N GLU K 143 3.79 44.54 -29.72
CA GLU K 143 4.43 45.46 -30.68
C GLU K 143 3.80 46.85 -30.55
N ILE K 144 2.45 46.91 -30.40
CA ILE K 144 1.66 48.12 -30.18
C ILE K 144 2.05 48.76 -28.83
N ASP K 145 2.31 47.92 -27.79
CA ASP K 145 2.73 48.37 -26.46
C ASP K 145 4.11 49.02 -26.52
N VAL K 146 5.09 48.40 -27.22
CA VAL K 146 6.45 48.89 -27.38
C VAL K 146 6.48 50.23 -28.13
N ILE K 147 5.81 50.31 -29.31
CA ILE K 147 5.74 51.52 -30.16
C ILE K 147 5.18 52.74 -29.42
N ASN K 148 4.14 52.53 -28.57
CA ASN K 148 3.50 53.59 -27.78
C ASN K 148 4.06 53.71 -26.34
N SER K 149 5.36 53.39 -26.17
CA SER K 149 6.11 53.49 -24.90
C SER K 149 7.33 54.42 -25.07
N ARG K 150 7.67 55.18 -23.99
CA ARG K 150 8.74 56.20 -23.89
C ARG K 150 9.98 56.05 -24.78
N GLU K 164 9.19 46.47 -16.67
CA GLU K 164 7.79 46.80 -16.91
C GLU K 164 7.66 47.42 -18.29
N ILE K 165 6.59 47.10 -19.05
CA ILE K 165 6.37 47.66 -20.39
C ILE K 165 4.90 47.83 -20.63
N VAL K 169 -0.25 52.38 -20.25
CA VAL K 169 -0.01 52.22 -21.68
C VAL K 169 -0.83 51.06 -22.24
N ARG K 170 -0.85 49.92 -21.53
CA ARG K 170 -1.61 48.71 -21.92
C ARG K 170 -3.11 48.91 -21.83
N GLU K 171 -3.57 49.70 -20.82
CA GLU K 171 -4.97 50.03 -20.61
C GLU K 171 -5.50 50.91 -21.76
N GLN K 172 -4.65 51.84 -22.26
CA GLN K 172 -4.96 52.73 -23.39
C GLN K 172 -4.98 51.93 -24.69
N ILE K 173 -3.95 51.07 -24.92
CA ILE K 173 -3.82 50.21 -26.10
C ILE K 173 -5.00 49.24 -26.20
N ASN K 174 -5.40 48.63 -25.07
CA ASN K 174 -6.53 47.69 -25.01
C ASN K 174 -7.87 48.40 -25.31
N ALA K 175 -7.99 49.69 -24.90
CA ALA K 175 -9.18 50.51 -25.14
C ALA K 175 -9.36 50.83 -26.63
N LYS K 176 -8.29 51.31 -27.29
CA LYS K 176 -8.26 51.65 -28.73
C LYS K 176 -8.51 50.41 -29.62
N VAL K 177 -7.94 49.25 -29.24
CA VAL K 177 -8.13 47.97 -29.93
C VAL K 177 -9.61 47.52 -29.81
N ALA K 178 -10.24 47.76 -28.63
CA ALA K 178 -11.66 47.45 -28.37
C ALA K 178 -12.56 48.34 -29.25
N GLU K 179 -12.18 49.63 -29.41
CA GLU K 179 -12.88 50.62 -30.24
C GLU K 179 -12.80 50.21 -31.72
N TRP K 180 -11.57 49.90 -32.22
CA TRP K 180 -11.30 49.47 -33.59
C TRP K 180 -12.02 48.15 -33.94
N ARG K 181 -12.09 47.19 -33.00
CA ARG K 181 -12.78 45.90 -33.19
C ARG K 181 -14.28 46.14 -33.35
N GLU K 182 -14.86 47.07 -32.54
CA GLU K 182 -16.28 47.44 -32.59
C GLU K 182 -16.63 48.17 -33.91
N GLU K 183 -15.71 49.04 -34.40
CA GLU K 183 -15.87 49.78 -35.65
C GLU K 183 -15.60 48.87 -36.86
N PRO K 190 -6.15 35.86 -32.16
CA PRO K 190 -5.31 35.17 -31.18
C PRO K 190 -4.51 34.07 -31.85
N GLY K 191 -3.20 34.10 -31.64
CA GLY K 191 -2.28 33.14 -32.26
C GLY K 191 -1.97 31.89 -31.45
N VAL K 192 -0.69 31.51 -31.45
CA VAL K 192 -0.17 30.30 -30.78
C VAL K 192 0.97 30.72 -29.86
N LEU K 193 0.96 30.22 -28.61
CA LEU K 193 2.02 30.45 -27.64
C LEU K 193 2.67 29.11 -27.30
N PHE K 194 3.93 28.95 -27.66
CA PHE K 194 4.66 27.74 -27.39
C PHE K 194 5.61 27.94 -26.22
N ILE K 195 5.45 27.11 -25.17
CA ILE K 195 6.28 27.15 -23.98
C ILE K 195 7.06 25.84 -23.86
N ASP K 196 8.33 25.91 -24.24
CA ASP K 196 9.26 24.80 -24.16
C ASP K 196 9.78 24.71 -22.71
N GLU K 197 10.39 23.57 -22.32
CA GLU K 197 10.96 23.37 -20.98
C GLU K 197 9.97 23.81 -19.89
N VAL K 198 8.70 23.39 -20.03
CA VAL K 198 7.59 23.77 -19.15
C VAL K 198 7.74 23.41 -17.65
N HIS K 199 8.54 22.37 -17.38
CA HIS K 199 8.86 21.87 -16.06
C HIS K 199 9.71 22.86 -15.27
N MET K 200 10.14 23.97 -15.92
CA MET K 200 10.90 25.07 -15.30
C MET K 200 9.94 26.06 -14.64
N LEU K 201 8.67 26.06 -15.03
CA LEU K 201 7.70 26.97 -14.44
C LEU K 201 7.34 26.52 -13.05
N ASP K 202 7.04 27.48 -12.16
CA ASP K 202 6.63 27.19 -10.79
C ASP K 202 5.11 27.19 -10.70
N ILE K 203 4.57 26.79 -9.52
CA ILE K 203 3.14 26.71 -9.25
C ILE K 203 2.40 28.03 -9.50
N GLU K 204 3.00 29.17 -9.17
CA GLU K 204 2.36 30.48 -9.40
C GLU K 204 2.21 30.78 -10.91
N SER K 205 3.24 30.44 -11.72
CA SER K 205 3.23 30.59 -13.18
C SER K 205 2.16 29.68 -13.81
N PHE K 206 2.01 28.42 -13.30
CA PHE K 206 1.00 27.49 -13.79
C PHE K 206 -0.39 28.02 -13.52
N SER K 207 -0.59 28.72 -12.36
CA SER K 207 -1.87 29.36 -12.01
C SER K 207 -2.18 30.43 -13.02
N PHE K 208 -1.15 31.19 -13.48
CA PHE K 208 -1.30 32.22 -14.52
C PHE K 208 -1.77 31.59 -15.82
N LEU K 209 -1.15 30.49 -16.28
CA LEU K 209 -1.53 29.79 -17.52
C LEU K 209 -2.96 29.28 -17.46
N ASN K 210 -3.32 28.71 -16.29
CA ASN K 210 -4.65 28.17 -15.99
C ASN K 210 -5.71 29.27 -16.08
N ARG K 211 -5.48 30.44 -15.42
CA ARG K 211 -6.40 31.56 -15.46
C ARG K 211 -6.45 32.20 -16.86
N ALA K 212 -5.33 32.14 -17.61
CA ALA K 212 -5.24 32.67 -18.99
C ALA K 212 -6.15 31.89 -19.93
N LEU K 213 -6.27 30.55 -19.73
CA LEU K 213 -7.12 29.66 -20.49
C LEU K 213 -8.63 29.97 -20.34
N GLU K 214 -9.00 30.76 -19.30
CA GLU K 214 -10.39 31.20 -19.06
C GLU K 214 -10.81 32.38 -19.99
N SER K 215 -9.85 33.06 -20.63
CA SER K 215 -10.10 34.19 -21.55
C SER K 215 -10.43 33.71 -22.97
N ASP K 216 -11.40 34.40 -23.62
CA ASP K 216 -11.85 34.10 -24.99
C ASP K 216 -10.81 34.50 -26.04
N MET K 217 -10.13 35.65 -25.81
CA MET K 217 -9.12 36.21 -26.70
C MET K 217 -7.69 35.63 -26.47
N ALA K 218 -7.57 34.60 -25.60
CA ALA K 218 -6.33 33.89 -25.30
C ALA K 218 -5.80 33.09 -26.52
N PRO K 219 -4.46 32.99 -26.73
CA PRO K 219 -3.95 32.20 -27.84
C PRO K 219 -4.00 30.70 -27.52
N VAL K 220 -3.70 29.84 -28.51
CA VAL K 220 -3.65 28.39 -28.30
C VAL K 220 -2.35 28.12 -27.53
N LEU K 221 -2.44 27.53 -26.35
CA LEU K 221 -1.27 27.23 -25.53
C LEU K 221 -0.75 25.85 -25.90
N ILE K 222 0.51 25.80 -26.31
CA ILE K 222 1.19 24.54 -26.63
C ILE K 222 2.45 24.47 -25.75
N MET K 223 2.46 23.56 -24.77
CA MET K 223 3.61 23.37 -23.91
C MET K 223 4.39 22.15 -24.35
N ALA K 224 5.67 22.06 -23.96
CA ALA K 224 6.51 20.91 -24.30
C ALA K 224 7.53 20.60 -23.24
N THR K 225 7.82 19.30 -23.08
CA THR K 225 8.81 18.76 -22.14
C THR K 225 9.37 17.44 -22.62
N ASN K 226 10.51 17.04 -22.06
CA ASN K 226 11.16 15.75 -22.36
C ASN K 226 11.16 14.90 -21.05
N ARG K 227 10.62 15.48 -19.94
CA ARG K 227 10.58 14.92 -18.59
C ARG K 227 9.34 14.10 -18.30
N GLY K 228 9.52 13.04 -17.49
CA GLY K 228 8.44 12.18 -17.01
C GLY K 228 7.92 12.78 -15.72
N ILE K 229 7.95 12.03 -14.60
CA ILE K 229 7.56 12.58 -13.30
C ILE K 229 8.66 13.52 -12.76
N THR K 230 8.27 14.72 -12.26
CA THR K 230 9.21 15.71 -11.68
C THR K 230 8.48 16.56 -10.65
N ARG K 231 9.24 17.23 -9.77
CA ARG K 231 8.63 18.09 -8.76
C ARG K 231 8.05 19.30 -9.45
N ILE K 232 6.94 19.82 -8.93
CA ILE K 232 6.35 21.08 -9.41
C ILE K 232 7.19 22.11 -8.66
N ARG K 233 7.87 23.03 -9.38
CA ARG K 233 8.70 24.06 -8.72
C ARG K 233 7.82 24.90 -7.76
N GLY K 234 8.35 25.22 -6.57
CA GLY K 234 7.65 25.96 -5.54
C GLY K 234 6.74 25.06 -4.74
N THR K 235 6.98 23.74 -4.84
CA THR K 235 6.18 22.69 -4.26
C THR K 235 7.07 21.51 -3.89
N SER K 236 6.60 20.71 -2.92
CA SER K 236 7.30 19.52 -2.44
C SER K 236 6.71 18.24 -3.08
N TYR K 237 5.74 18.41 -4.02
CA TYR K 237 5.06 17.31 -4.71
C TYR K 237 5.57 17.03 -6.10
N GLN K 238 5.64 15.75 -6.47
CA GLN K 238 6.04 15.29 -7.79
C GLN K 238 4.76 15.20 -8.62
N SER K 239 4.89 15.23 -9.96
CA SER K 239 3.76 15.20 -10.87
C SER K 239 4.23 14.88 -12.29
N PRO K 240 3.37 14.24 -13.14
CA PRO K 240 3.74 14.05 -14.55
C PRO K 240 4.14 15.36 -15.22
N HIS K 241 5.35 15.39 -15.81
CA HIS K 241 5.92 16.52 -16.56
C HIS K 241 6.15 17.79 -15.74
N GLY K 242 5.98 17.69 -14.41
CA GLY K 242 6.12 18.80 -13.46
C GLY K 242 4.98 19.79 -13.55
N ILE K 243 3.83 19.35 -14.05
CA ILE K 243 2.62 20.17 -14.24
C ILE K 243 1.57 19.79 -13.17
N PRO K 244 0.88 20.75 -12.51
CA PRO K 244 -0.15 20.39 -11.52
C PRO K 244 -1.33 19.61 -12.11
N ILE K 245 -1.99 18.75 -11.31
CA ILE K 245 -3.14 17.93 -11.74
C ILE K 245 -4.25 18.78 -12.41
N ASP K 246 -4.55 19.98 -11.83
CA ASP K 246 -5.57 20.90 -12.38
C ASP K 246 -5.34 21.26 -13.86
N LEU K 247 -4.10 21.56 -14.25
CA LEU K 247 -3.74 21.88 -15.64
C LEU K 247 -3.63 20.60 -16.47
N LEU K 248 -2.97 19.56 -15.94
CA LEU K 248 -2.78 18.28 -16.62
C LEU K 248 -4.10 17.69 -17.14
N ASP K 249 -5.15 17.75 -16.29
CA ASP K 249 -6.49 17.25 -16.59
C ASP K 249 -7.15 18.01 -17.75
N ARG K 250 -6.61 19.21 -18.12
CA ARG K 250 -7.10 20.09 -19.20
C ARG K 250 -6.22 20.05 -20.44
N LEU K 251 -5.16 19.20 -20.45
CA LEU K 251 -4.21 19.06 -21.58
C LEU K 251 -4.49 17.89 -22.51
N LEU K 252 -4.17 18.06 -23.80
CA LEU K 252 -4.20 17.01 -24.82
C LEU K 252 -2.73 16.66 -25.07
N ILE K 253 -2.30 15.48 -24.55
CA ILE K 253 -0.90 15.03 -24.65
C ILE K 253 -0.58 14.32 -25.98
N VAL K 254 0.39 14.89 -26.72
CA VAL K 254 0.90 14.40 -28.00
C VAL K 254 2.38 14.01 -27.78
N SER K 255 2.86 12.90 -28.39
CA SER K 255 4.26 12.48 -28.26
C SER K 255 5.00 12.44 -29.58
N THR K 256 6.30 12.80 -29.58
CA THR K 256 7.16 12.79 -30.79
C THR K 256 8.26 11.74 -30.67
N THR K 257 8.44 10.95 -31.74
CA THR K 257 9.45 9.89 -31.84
C THR K 257 10.72 10.45 -32.54
N PRO K 258 11.95 9.94 -32.28
CA PRO K 258 13.12 10.46 -33.00
C PRO K 258 13.13 10.04 -34.48
N TYR K 259 13.80 10.85 -35.34
CA TYR K 259 13.88 10.66 -36.80
C TYR K 259 14.79 9.56 -37.30
N SER K 260 14.38 8.93 -38.42
CA SER K 260 15.13 7.88 -39.11
C SER K 260 16.28 8.51 -39.93
N GLU K 261 17.16 7.68 -40.54
CA GLU K 261 18.24 8.15 -41.40
C GLU K 261 17.66 8.90 -42.60
N LYS K 262 16.59 8.33 -43.23
CA LYS K 262 15.89 8.89 -44.39
C LYS K 262 15.21 10.24 -44.06
N ASP K 263 14.58 10.34 -42.86
CA ASP K 263 13.89 11.55 -42.41
C ASP K 263 14.88 12.66 -42.11
N THR K 264 15.98 12.33 -41.41
CA THR K 264 17.06 13.25 -41.04
C THR K 264 17.68 13.91 -42.29
N LYS K 265 17.96 13.09 -43.33
CA LYS K 265 18.53 13.53 -44.59
C LYS K 265 17.60 14.53 -45.28
N GLN K 266 16.29 14.23 -45.31
CA GLN K 266 15.27 15.09 -45.93
C GLN K 266 15.18 16.44 -45.23
N ILE K 267 15.11 16.46 -43.88
CA ILE K 267 15.09 17.72 -43.09
C ILE K 267 16.35 18.56 -43.37
N LEU K 268 17.52 17.89 -43.43
CA LEU K 268 18.80 18.55 -43.74
C LEU K 268 18.82 19.11 -45.17
N ARG K 269 18.27 18.38 -46.18
CA ARG K 269 18.19 18.85 -47.56
C ARG K 269 17.26 20.08 -47.68
N ILE K 270 16.17 20.13 -46.86
CA ILE K 270 15.22 21.25 -46.79
C ILE K 270 15.93 22.49 -46.21
N ARG K 271 16.75 22.30 -45.15
CA ARG K 271 17.48 23.40 -44.51
C ARG K 271 18.53 24.01 -45.45
N CYS K 272 19.23 23.16 -46.24
CA CYS K 272 20.23 23.57 -47.22
C CYS K 272 19.60 24.47 -48.26
N GLU K 273 18.39 24.10 -48.75
CA GLU K 273 17.61 24.89 -49.72
C GLU K 273 17.22 26.23 -49.12
N GLU K 274 16.73 26.24 -47.85
CA GLU K 274 16.31 27.45 -47.13
C GLU K 274 17.45 28.45 -47.03
N GLU K 275 18.67 27.95 -46.73
CA GLU K 275 19.89 28.75 -46.59
C GLU K 275 20.63 28.94 -47.94
N ASP K 276 20.06 28.43 -49.06
CA ASP K 276 20.63 28.44 -50.42
C ASP K 276 22.09 27.93 -50.40
N VAL K 277 22.24 26.69 -49.90
CA VAL K 277 23.51 25.97 -49.73
C VAL K 277 23.45 24.67 -50.56
N GLU K 278 24.52 24.44 -51.32
CA GLU K 278 24.67 23.27 -52.17
C GLU K 278 25.67 22.32 -51.53
N MET K 279 25.25 21.06 -51.35
CA MET K 279 26.09 20.01 -50.76
C MET K 279 26.21 18.80 -51.71
N SER K 280 27.32 18.07 -51.58
CA SER K 280 27.57 16.84 -52.32
C SER K 280 26.71 15.72 -51.69
N GLU K 281 26.29 14.70 -52.47
CA GLU K 281 25.49 13.59 -51.94
C GLU K 281 26.20 12.85 -50.82
N ASP K 282 27.54 12.78 -50.90
CA ASP K 282 28.42 12.16 -49.91
C ASP K 282 28.49 13.03 -48.65
N ALA K 283 28.45 14.39 -48.80
CA ALA K 283 28.44 15.33 -47.68
C ALA K 283 27.11 15.22 -46.93
N TYR K 284 25.99 14.97 -47.67
CA TYR K 284 24.67 14.77 -47.08
C TYR K 284 24.66 13.51 -46.21
N THR K 285 25.37 12.43 -46.69
CA THR K 285 25.51 11.15 -45.98
C THR K 285 26.25 11.36 -44.66
N VAL K 286 27.38 12.11 -44.70
CA VAL K 286 28.17 12.43 -43.52
C VAL K 286 27.31 13.23 -42.52
N LEU K 287 26.63 14.32 -43.00
CA LEU K 287 25.75 15.17 -42.17
C LEU K 287 24.61 14.38 -41.55
N THR K 288 23.96 13.48 -42.31
CA THR K 288 22.88 12.62 -41.78
C THR K 288 23.42 11.73 -40.65
N ARG K 289 24.67 11.23 -40.81
CA ARG K 289 25.32 10.43 -39.77
C ARG K 289 25.60 11.30 -38.53
N ILE K 290 26.21 12.49 -38.73
CA ILE K 290 26.52 13.45 -37.67
C ILE K 290 25.26 13.87 -36.91
N GLY K 291 24.15 14.06 -37.63
CA GLY K 291 22.84 14.39 -37.05
C GLY K 291 22.23 13.27 -36.20
N LEU K 292 22.35 12.00 -36.69
CA LEU K 292 21.84 10.83 -35.98
C LEU K 292 22.65 10.51 -34.72
N GLU K 293 23.97 10.76 -34.76
CA GLU K 293 24.87 10.49 -33.64
C GLU K 293 24.83 11.60 -32.59
N THR K 294 24.49 12.85 -33.00
CA THR K 294 24.41 14.00 -32.11
C THR K 294 22.95 14.48 -31.96
N SER K 295 22.57 15.52 -32.73
CA SER K 295 21.25 16.12 -32.78
C SER K 295 21.01 16.79 -34.14
N LEU K 296 19.73 16.96 -34.52
CA LEU K 296 19.33 17.62 -35.75
C LEU K 296 19.73 19.11 -35.68
N ARG K 297 19.67 19.73 -34.49
CA ARG K 297 20.08 21.13 -34.30
C ARG K 297 21.57 21.33 -34.57
N TYR K 298 22.42 20.40 -34.07
CA TYR K 298 23.87 20.48 -34.31
C TYR K 298 24.19 20.27 -35.78
N ALA K 299 23.52 19.29 -36.45
CA ALA K 299 23.70 19.06 -37.88
C ALA K 299 23.32 20.34 -38.67
N ILE K 300 22.18 21.01 -38.29
CA ILE K 300 21.71 22.27 -38.91
C ILE K 300 22.71 23.43 -38.67
N GLN K 301 23.33 23.45 -37.48
CA GLN K 301 24.32 24.47 -37.12
C GLN K 301 25.50 24.38 -38.04
N LEU K 302 25.88 23.14 -38.43
CA LEU K 302 27.04 22.90 -39.29
C LEU K 302 26.88 23.40 -40.73
N ILE K 303 25.64 23.35 -41.30
CA ILE K 303 25.33 23.77 -42.68
C ILE K 303 25.89 25.15 -43.01
N THR K 304 25.66 26.17 -42.15
CA THR K 304 26.14 27.55 -42.31
C THR K 304 27.66 27.66 -42.25
N ALA K 305 28.29 26.99 -41.24
CA ALA K 305 29.74 26.97 -41.04
C ALA K 305 30.48 26.27 -42.18
N ALA K 306 29.96 25.10 -42.64
CA ALA K 306 30.53 24.32 -43.75
C ALA K 306 30.47 25.12 -45.05
N SER K 307 29.39 25.90 -45.26
CA SER K 307 29.18 26.77 -46.43
C SER K 307 30.22 27.91 -46.42
N LEU K 308 30.54 28.44 -45.22
CA LEU K 308 31.52 29.51 -45.05
C LEU K 308 32.93 29.00 -45.43
N VAL K 309 33.31 27.81 -44.92
CA VAL K 309 34.58 27.13 -45.16
C VAL K 309 34.71 26.85 -46.66
N CYS K 310 33.63 26.33 -47.30
CA CYS K 310 33.56 26.04 -48.73
C CYS K 310 33.77 27.30 -49.57
N ARG K 311 33.07 28.42 -49.21
CA ARG K 311 33.21 29.72 -49.88
C ARG K 311 34.64 30.28 -49.72
N LYS K 312 35.27 30.08 -48.53
CA LYS K 312 36.65 30.50 -48.25
C LYS K 312 37.66 29.71 -49.12
N ARG K 313 37.38 28.40 -49.35
CA ARG K 313 38.19 27.50 -50.17
C ARG K 313 38.04 27.84 -51.67
N LYS K 314 37.19 28.85 -51.98
CA LYS K 314 36.80 29.34 -53.30
C LYS K 314 36.03 28.23 -54.05
N GLN K 319 31.52 19.91 -49.69
CA GLN K 319 31.97 18.51 -49.83
C GLN K 319 32.25 17.89 -48.45
N VAL K 320 32.41 16.54 -48.34
CA VAL K 320 32.66 15.82 -47.08
C VAL K 320 33.74 16.43 -46.20
N ASP K 321 34.89 16.86 -46.80
CA ASP K 321 36.01 17.48 -46.08
C ASP K 321 35.66 18.81 -45.39
N ASP K 322 34.69 19.58 -45.95
CA ASP K 322 34.20 20.84 -45.36
C ASP K 322 33.35 20.51 -44.11
N ILE K 323 32.40 19.54 -44.21
CA ILE K 323 31.56 19.09 -43.10
C ILE K 323 32.46 18.47 -42.03
N LYS K 324 33.53 17.73 -42.44
CA LYS K 324 34.51 17.08 -41.55
C LYS K 324 35.30 18.09 -40.73
N ARG K 325 35.83 19.17 -41.36
CA ARG K 325 36.61 20.23 -40.71
C ARG K 325 35.76 20.92 -39.65
N VAL K 326 34.55 21.35 -40.07
CA VAL K 326 33.57 22.05 -39.25
C VAL K 326 33.06 21.24 -38.05
N TYR K 327 33.00 19.91 -38.18
CA TYR K 327 32.60 18.99 -37.12
C TYR K 327 33.65 18.94 -36.04
N SER K 328 34.93 18.89 -36.44
CA SER K 328 36.05 18.85 -35.49
C SER K 328 36.27 20.20 -34.81
N LEU K 329 35.87 21.31 -35.48
CA LEU K 329 36.02 22.69 -34.95
C LEU K 329 34.95 23.05 -33.90
N PHE K 330 33.66 22.88 -34.29
CA PHE K 330 32.52 23.22 -33.45
C PHE K 330 31.94 21.98 -32.80
N LEU K 331 32.07 21.88 -31.47
CA LEU K 331 31.59 20.74 -30.69
C LEU K 331 30.10 20.77 -30.43
N ASP K 332 29.57 19.59 -30.16
CA ASP K 332 28.19 19.34 -29.78
C ASP K 332 28.18 19.06 -28.29
N GLU K 333 27.01 19.22 -27.64
CA GLU K 333 26.82 19.01 -26.20
C GLU K 333 27.53 17.74 -25.65
N SER K 334 27.35 16.56 -26.32
CA SER K 334 27.93 15.27 -25.93
C SER K 334 29.45 15.31 -25.82
N ARG K 335 30.17 15.82 -26.86
CA ARG K 335 31.63 15.92 -26.89
C ARG K 335 32.15 16.97 -25.90
N SER K 336 31.56 18.19 -25.89
CA SER K 336 32.01 19.27 -24.99
C SER K 336 31.96 18.87 -23.52
N THR K 337 30.83 18.25 -23.09
CA THR K 337 30.65 17.81 -21.70
C THR K 337 31.57 16.66 -21.37
N GLN K 338 31.76 15.70 -22.31
CA GLN K 338 32.63 14.54 -22.08
C GLN K 338 34.09 14.92 -21.98
N TYR K 339 34.55 15.86 -22.83
CA TYR K 339 35.94 16.34 -22.83
C TYR K 339 36.29 17.02 -21.51
N MET K 340 35.31 17.75 -20.93
CA MET K 340 35.44 18.47 -19.65
C MET K 340 35.51 17.50 -18.44
N LYS K 341 34.84 16.33 -18.55
CA LYS K 341 34.84 15.29 -17.52
C LYS K 341 35.98 14.30 -17.77
N ASP L 34 -34.21 10.91 -0.89
CA ASP L 34 -35.64 10.99 -0.63
C ASP L 34 -35.97 11.82 0.64
N ASP L 35 -37.26 11.82 1.06
CA ASP L 35 -37.74 12.54 2.23
C ASP L 35 -37.05 12.10 3.53
N ALA L 36 -36.73 10.79 3.65
CA ALA L 36 -36.05 10.18 4.79
C ALA L 36 -34.48 10.33 4.70
N LEU L 37 -34.00 11.25 3.85
CA LEU L 37 -32.58 11.54 3.59
C LEU L 37 -31.79 10.31 3.04
N GLU L 38 -32.52 9.39 2.37
CA GLU L 38 -31.97 8.16 1.79
C GLU L 38 -31.72 8.31 0.28
N ALA L 51 -23.56 5.70 -0.58
CA ALA L 51 -23.09 5.97 0.80
C ALA L 51 -22.63 7.46 1.08
N ALA L 52 -21.76 8.01 0.22
CA ALA L 52 -21.31 9.40 0.30
C ALA L 52 -22.51 10.37 0.13
N ARG L 53 -23.47 10.03 -0.75
CA ARG L 53 -24.69 10.83 -0.99
C ARG L 53 -25.59 10.75 0.25
N ARG L 54 -25.65 9.56 0.90
CA ARG L 54 -26.40 9.35 2.15
C ARG L 54 -25.79 10.23 3.27
N ALA L 55 -24.43 10.22 3.41
CA ALA L 55 -23.68 11.01 4.38
C ALA L 55 -23.91 12.51 4.14
N ALA L 56 -23.88 12.93 2.86
CA ALA L 56 -24.13 14.32 2.44
C ALA L 56 -25.57 14.76 2.83
N GLY L 57 -26.49 13.80 2.85
CA GLY L 57 -27.88 14.00 3.27
C GLY L 57 -27.96 14.37 4.74
N VAL L 58 -27.19 13.67 5.59
CA VAL L 58 -27.12 13.93 7.04
C VAL L 58 -26.54 15.34 7.25
N VAL L 59 -25.54 15.73 6.43
CA VAL L 59 -24.92 17.05 6.48
C VAL L 59 -25.95 18.15 6.11
N LEU L 60 -26.76 17.92 5.05
CA LEU L 60 -27.82 18.84 4.61
C LEU L 60 -28.82 19.07 5.74
N GLU L 61 -29.32 17.98 6.38
CA GLU L 61 -30.25 18.07 7.52
C GLU L 61 -29.58 18.74 8.72
N MET L 62 -28.25 18.56 8.91
CA MET L 62 -27.47 19.22 9.97
C MET L 62 -27.43 20.73 9.71
N ILE L 63 -27.22 21.13 8.44
CA ILE L 63 -27.23 22.54 8.01
C ILE L 63 -28.64 23.14 8.19
N ARG L 64 -29.69 22.38 7.81
CA ARG L 64 -31.10 22.79 7.94
C ARG L 64 -31.54 22.88 9.41
N GLY L 70 -20.39 25.81 13.11
CA GLY L 70 -18.99 25.82 13.48
C GLY L 70 -18.16 24.68 12.92
N ARG L 71 -18.79 23.78 12.15
CA ARG L 71 -18.16 22.61 11.54
C ARG L 71 -18.08 22.75 10.02
N ALA L 72 -17.25 21.92 9.37
CA ALA L 72 -17.11 21.89 7.91
C ALA L 72 -17.10 20.42 7.44
N VAL L 73 -16.96 20.19 6.12
CA VAL L 73 -16.97 18.84 5.55
C VAL L 73 -15.64 18.56 4.84
N LEU L 74 -15.17 17.31 4.93
CA LEU L 74 -14.01 16.86 4.18
C LEU L 74 -14.43 15.63 3.40
N ILE L 75 -14.30 15.68 2.05
CA ILE L 75 -14.65 14.53 1.21
C ILE L 75 -13.33 13.91 0.77
N ALA L 76 -12.98 12.74 1.32
CA ALA L 76 -11.72 12.05 0.99
C ALA L 76 -12.00 10.94 -0.02
N GLY L 77 -11.34 11.02 -1.17
CA GLY L 77 -11.53 10.06 -2.24
C GLY L 77 -10.59 10.25 -3.41
N GLN L 78 -10.36 9.15 -4.16
CA GLN L 78 -9.47 9.13 -5.32
C GLN L 78 -10.03 10.09 -6.40
N PRO L 79 -9.19 10.62 -7.33
CA PRO L 79 -9.73 11.54 -8.35
C PRO L 79 -10.83 10.95 -9.24
N GLY L 80 -11.78 11.81 -9.58
CA GLY L 80 -12.92 11.44 -10.42
C GLY L 80 -13.92 10.51 -9.74
N THR L 81 -14.15 10.70 -8.42
CA THR L 81 -15.14 9.91 -7.67
C THR L 81 -16.37 10.74 -7.23
N GLY L 82 -16.67 11.82 -7.96
CA GLY L 82 -17.81 12.68 -7.66
C GLY L 82 -17.72 13.55 -6.41
N LYS L 83 -16.49 13.85 -5.93
CA LYS L 83 -16.29 14.71 -4.75
C LYS L 83 -16.88 16.10 -5.06
N THR L 84 -16.51 16.67 -6.24
CA THR L 84 -17.06 17.95 -6.71
C THR L 84 -18.56 17.84 -6.98
N ALA L 85 -19.01 16.70 -7.57
CA ALA L 85 -20.44 16.43 -7.88
C ALA L 85 -21.32 16.46 -6.62
N ILE L 86 -20.83 15.81 -5.52
CA ILE L 86 -21.52 15.81 -4.22
C ILE L 86 -21.58 17.23 -3.63
N ALA L 87 -20.48 18.00 -3.78
CA ALA L 87 -20.46 19.40 -3.33
C ALA L 87 -21.48 20.23 -4.13
N MET L 88 -21.56 20.01 -5.47
CA MET L 88 -22.49 20.68 -6.36
C MET L 88 -23.93 20.31 -6.00
N GLY L 89 -24.14 19.03 -5.68
CA GLY L 89 -25.43 18.49 -5.27
C GLY L 89 -25.91 19.09 -3.97
N MET L 90 -25.00 19.30 -3.01
CA MET L 90 -25.30 19.91 -1.71
C MET L 90 -25.78 21.35 -1.89
N ALA L 91 -25.13 22.10 -2.81
CA ALA L 91 -25.48 23.48 -3.14
C ALA L 91 -26.89 23.54 -3.70
N GLN L 92 -27.18 22.69 -4.73
CA GLN L 92 -28.48 22.58 -5.41
C GLN L 92 -29.59 22.21 -4.42
N ALA L 93 -29.31 21.28 -3.49
CA ALA L 93 -30.22 20.82 -2.44
C ALA L 93 -30.50 21.93 -1.42
N LEU L 94 -29.52 22.81 -1.13
CA LEU L 94 -29.69 23.91 -0.19
C LEU L 94 -30.59 25.01 -0.78
N THR L 101 -18.98 28.16 -5.24
CA THR L 101 -17.70 28.26 -5.93
C THR L 101 -16.78 27.12 -5.56
N ALA L 102 -16.15 26.54 -6.59
CA ALA L 102 -15.21 25.44 -6.46
C ALA L 102 -13.83 25.89 -6.90
N ILE L 103 -12.89 25.85 -5.95
CA ILE L 103 -11.50 26.25 -6.18
C ILE L 103 -10.59 25.12 -5.78
N ALA L 104 -9.33 25.20 -6.21
CA ALA L 104 -8.31 24.23 -5.84
C ALA L 104 -7.38 24.97 -4.88
N GLY L 105 -6.82 24.24 -3.91
CA GLY L 105 -5.90 24.79 -2.91
C GLY L 105 -4.79 25.61 -3.54
N SER L 106 -4.19 25.10 -4.65
CA SER L 106 -3.13 25.70 -5.45
C SER L 106 -3.46 27.11 -5.98
N GLU L 107 -4.75 27.39 -6.24
CA GLU L 107 -5.24 28.68 -6.74
C GLU L 107 -4.90 29.85 -5.79
N ILE L 108 -4.82 29.58 -4.46
CA ILE L 108 -4.51 30.58 -3.45
C ILE L 108 -3.09 31.19 -3.62
N PHE L 109 -2.14 30.38 -4.17
CA PHE L 109 -0.70 30.59 -4.44
C PHE L 109 -0.40 30.33 -5.91
N GLU L 112 -0.04 37.64 -8.81
CA GLU L 112 -1.29 38.30 -9.25
C GLU L 112 -2.19 38.80 -8.11
N MET L 113 -2.24 38.08 -6.97
CA MET L 113 -2.98 38.42 -5.74
C MET L 113 -2.52 37.62 -4.52
N SER L 114 -2.63 38.23 -3.33
CA SER L 114 -2.25 37.62 -2.06
C SER L 114 -3.14 36.42 -1.72
N LYS L 115 -2.69 35.56 -0.78
CA LYS L 115 -3.46 34.41 -0.34
C LYS L 115 -4.75 34.90 0.34
N THR L 116 -4.67 36.03 1.08
CA THR L 116 -5.81 36.66 1.75
C THR L 116 -6.84 37.06 0.70
N GLU L 117 -6.37 37.71 -0.39
CA GLU L 117 -7.25 38.13 -1.49
C GLU L 117 -7.88 36.91 -2.17
N ALA L 118 -7.06 35.91 -2.54
CA ALA L 118 -7.50 34.68 -3.18
C ALA L 118 -8.61 34.04 -2.34
N LEU L 119 -8.41 33.95 -1.01
CA LEU L 119 -9.38 33.39 -0.08
C LEU L 119 -10.60 34.28 0.14
N THR L 120 -10.41 35.61 0.36
CA THR L 120 -11.58 36.52 0.52
C THR L 120 -12.48 36.48 -0.72
N GLN L 121 -11.87 36.39 -1.94
CA GLN L 121 -12.60 36.29 -3.20
C GLN L 121 -13.38 34.98 -3.27
N ALA L 122 -12.76 33.84 -2.90
CA ALA L 122 -13.42 32.54 -2.88
C ALA L 122 -14.61 32.56 -1.91
N PHE L 123 -14.46 33.23 -0.75
CA PHE L 123 -15.56 33.36 0.22
C PHE L 123 -16.66 34.31 -0.30
N ARG L 124 -16.29 35.49 -0.88
CA ARG L 124 -17.26 36.46 -1.43
C ARG L 124 -17.98 35.94 -2.69
N ARG L 125 -17.40 34.95 -3.38
CA ARG L 125 -18.00 34.31 -4.54
C ARG L 125 -19.05 33.31 -4.02
CA VAL L 129 -26.96 38.42 -4.42
C VAL L 129 -28.27 38.01 -5.12
N ARG L 130 -29.40 38.04 -4.37
CA ARG L 130 -30.74 37.70 -4.88
C ARG L 130 -31.39 38.93 -5.51
N ILE L 131 -31.38 38.99 -6.86
CA ILE L 131 -31.94 40.08 -7.66
C ILE L 131 -33.46 40.15 -7.54
N SER L 140 -21.67 35.74 -4.94
CA SER L 140 -22.47 36.79 -5.56
C SER L 140 -21.91 38.15 -5.20
N LEU L 141 -21.40 38.29 -3.95
CA LEU L 141 -20.78 39.52 -3.44
C LEU L 141 -19.58 39.92 -4.30
N HIS L 142 -18.81 38.91 -4.76
CA HIS L 142 -17.65 39.09 -5.64
C HIS L 142 -18.06 39.63 -7.02
N GLU L 143 -19.20 39.14 -7.60
CA GLU L 143 -19.74 39.60 -8.88
C GLU L 143 -20.10 41.09 -8.77
N ILE L 144 -20.69 41.51 -7.63
CA ILE L 144 -21.03 42.89 -7.30
C ILE L 144 -19.74 43.73 -7.19
N ASP L 145 -18.66 43.14 -6.62
CA ASP L 145 -17.35 43.79 -6.47
C ASP L 145 -16.70 44.04 -7.84
N VAL L 146 -16.74 43.04 -8.74
CA VAL L 146 -16.18 43.12 -10.09
C VAL L 146 -16.91 44.17 -10.94
N ILE L 147 -18.27 44.13 -10.98
CA ILE L 147 -19.11 45.08 -11.74
C ILE L 147 -18.88 46.54 -11.35
N ASN L 148 -18.70 46.82 -10.04
CA ASN L 148 -18.44 48.17 -9.53
C ASN L 148 -16.93 48.49 -9.33
N SER L 149 -16.07 47.90 -10.19
CA SER L 149 -14.61 48.10 -10.20
C SER L 149 -14.12 48.53 -11.61
N ARG L 150 -13.00 49.31 -11.67
CA ARG L 150 -12.39 49.85 -12.89
C ARG L 150 -12.08 48.83 -14.00
N THR L 151 -12.88 48.88 -15.09
CA THR L 151 -12.81 48.00 -16.28
C THR L 151 -13.00 46.51 -15.95
N GLU L 164 -6.48 42.33 -4.99
CA GLU L 164 -7.06 42.52 -6.30
C GLU L 164 -8.23 43.47 -6.40
N ILE L 165 -9.24 43.38 -5.50
CA ILE L 165 -10.38 44.32 -5.50
C ILE L 165 -10.11 45.34 -4.40
N LYS L 166 -10.28 46.65 -4.71
CA LYS L 166 -10.04 47.74 -3.76
C LYS L 166 -10.88 47.61 -2.50
N SER L 167 -10.25 47.82 -1.33
CA SER L 167 -10.88 47.72 -0.01
C SER L 167 -12.08 48.64 0.12
N GLU L 168 -11.97 49.87 -0.45
CA GLU L 168 -13.01 50.89 -0.48
C GLU L 168 -14.26 50.38 -1.22
N VAL L 169 -14.06 49.72 -2.39
CA VAL L 169 -15.13 49.15 -3.23
C VAL L 169 -15.90 48.10 -2.43
N ARG L 170 -15.19 47.23 -1.69
CA ARG L 170 -15.76 46.18 -0.85
C ARG L 170 -16.49 46.74 0.37
N GLU L 171 -15.96 47.85 0.93
CA GLU L 171 -16.53 48.55 2.09
C GLU L 171 -17.88 49.15 1.71
N GLN L 172 -17.98 49.71 0.48
CA GLN L 172 -19.21 50.30 -0.06
C GLN L 172 -20.22 49.21 -0.38
N ILE L 173 -19.78 48.13 -1.06
CA ILE L 173 -20.63 47.00 -1.44
C ILE L 173 -21.23 46.32 -0.20
N ASN L 174 -20.40 46.12 0.84
CA ASN L 174 -20.83 45.50 2.11
C ASN L 174 -21.85 46.37 2.84
N ALA L 175 -21.68 47.70 2.76
CA ALA L 175 -22.57 48.68 3.38
C ALA L 175 -23.96 48.68 2.75
N LYS L 176 -24.02 48.77 1.39
CA LYS L 176 -25.26 48.77 0.61
C LYS L 176 -26.04 47.47 0.77
N VAL L 177 -25.33 46.32 0.80
CA VAL L 177 -25.92 44.99 0.99
C VAL L 177 -26.53 44.88 2.39
N ALA L 178 -25.86 45.47 3.42
CA ALA L 178 -26.34 45.51 4.80
C ALA L 178 -27.62 46.34 4.90
N GLU L 179 -27.65 47.48 4.17
CA GLU L 179 -28.78 48.42 4.11
C GLU L 179 -29.98 47.75 3.44
N TRP L 180 -29.77 47.13 2.26
CA TRP L 180 -30.80 46.43 1.49
C TRP L 180 -31.41 45.26 2.27
N ARG L 181 -30.56 44.43 2.93
CA ARG L 181 -30.95 43.23 3.69
C ARG L 181 -31.90 42.27 2.91
N GLU L 182 -31.62 42.09 1.60
CA GLU L 182 -32.39 41.23 0.68
C GLU L 182 -31.56 39.97 0.45
N ILE L 189 -28.02 35.04 1.44
CA ILE L 189 -28.05 33.58 1.29
C ILE L 189 -26.61 33.00 1.16
N PRO L 190 -26.02 32.49 2.28
CA PRO L 190 -24.67 31.92 2.20
C PRO L 190 -24.71 30.57 1.48
N GLY L 191 -23.86 30.42 0.47
CA GLY L 191 -23.80 29.24 -0.37
C GLY L 191 -22.85 28.15 0.11
N VAL L 192 -22.12 27.57 -0.86
CA VAL L 192 -21.17 26.47 -0.64
C VAL L 192 -19.79 26.86 -1.22
N LEU L 193 -18.72 26.64 -0.46
CA LEU L 193 -17.37 26.86 -0.94
C LEU L 193 -16.64 25.53 -0.96
N PHE L 194 -16.30 25.05 -2.17
CA PHE L 194 -15.60 23.80 -2.35
C PHE L 194 -14.11 24.05 -2.60
N ILE L 195 -13.26 23.49 -1.73
CA ILE L 195 -11.80 23.61 -1.87
C ILE L 195 -11.22 22.23 -2.13
N ASP L 196 -10.89 21.99 -3.39
CA ASP L 196 -10.26 20.75 -3.84
C ASP L 196 -8.74 20.84 -3.56
N GLU L 197 -8.01 19.69 -3.59
CA GLU L 197 -6.57 19.67 -3.35
C GLU L 197 -6.19 20.52 -2.11
N VAL L 198 -6.95 20.34 -1.01
CA VAL L 198 -6.80 21.08 0.26
C VAL L 198 -5.42 21.00 0.95
N HIS L 199 -4.70 19.89 0.69
CA HIS L 199 -3.37 19.63 1.20
C HIS L 199 -2.32 20.60 0.61
N MET L 200 -2.73 21.45 -0.35
CA MET L 200 -1.90 22.47 -0.98
C MET L 200 -1.89 23.73 -0.12
N LEU L 201 -2.91 23.91 0.73
CA LEU L 201 -2.97 25.08 1.61
C LEU L 201 -1.92 24.96 2.72
N ASP L 202 -1.39 26.10 3.16
CA ASP L 202 -0.42 26.12 4.26
C ASP L 202 -1.13 26.40 5.59
N ILE L 203 -0.40 26.30 6.70
CA ILE L 203 -0.90 26.53 8.06
C ILE L 203 -1.60 27.89 8.25
N GLU L 204 -1.09 28.96 7.62
CA GLU L 204 -1.70 30.30 7.72
C GLU L 204 -3.07 30.35 7.05
N SER L 205 -3.20 29.69 5.87
CA SER L 205 -4.45 29.59 5.11
C SER L 205 -5.48 28.79 5.92
N PHE L 206 -5.05 27.69 6.60
CA PHE L 206 -5.92 26.88 7.44
C PHE L 206 -6.47 27.68 8.61
N SER L 207 -5.65 28.58 9.18
CA SER L 207 -6.08 29.48 10.25
C SER L 207 -7.18 30.42 9.73
N PHE L 208 -7.06 30.89 8.45
CA PHE L 208 -8.07 31.73 7.79
C PHE L 208 -9.41 30.96 7.70
N LEU L 209 -9.39 29.69 7.23
CA LEU L 209 -10.59 28.85 7.13
C LEU L 209 -11.23 28.61 8.49
N ASN L 210 -10.41 28.40 9.52
CA ASN L 210 -10.83 28.19 10.91
C ASN L 210 -11.56 29.42 11.44
N ARG L 211 -10.98 30.63 11.23
CA ARG L 211 -11.60 31.89 11.66
C ARG L 211 -12.89 32.17 10.84
N ALA L 212 -12.94 31.73 9.57
CA ALA L 212 -14.10 31.88 8.70
C ALA L 212 -15.30 31.10 9.22
N LEU L 213 -15.05 29.89 9.77
CA LEU L 213 -16.08 29.01 10.37
C LEU L 213 -16.76 29.64 11.59
N GLU L 214 -16.15 30.68 12.20
CA GLU L 214 -16.70 31.39 13.36
C GLU L 214 -17.78 32.44 12.97
N SER L 215 -17.89 32.77 11.66
CA SER L 215 -18.88 33.74 11.16
C SER L 215 -20.23 33.09 10.88
N ASP L 216 -21.32 33.83 11.18
CA ASP L 216 -22.71 33.37 10.97
C ASP L 216 -23.10 33.39 9.48
N MET L 217 -22.63 34.42 8.74
CA MET L 217 -22.93 34.58 7.32
C MET L 217 -21.97 33.80 6.38
N ALA L 218 -21.09 32.97 6.97
CA ALA L 218 -20.12 32.13 6.24
C ALA L 218 -20.78 31.03 5.41
N PRO L 219 -20.23 30.66 4.23
CA PRO L 219 -20.83 29.56 3.45
C PRO L 219 -20.48 28.20 4.05
N VAL L 220 -21.08 27.12 3.53
CA VAL L 220 -20.74 25.77 3.99
C VAL L 220 -19.37 25.45 3.37
N LEU L 221 -18.37 25.15 4.22
CA LEU L 221 -17.04 24.80 3.71
C LEU L 221 -16.95 23.31 3.45
N ILE L 222 -16.68 22.94 2.20
CA ILE L 222 -16.51 21.55 1.80
C ILE L 222 -15.12 21.42 1.20
N MET L 223 -14.22 20.71 1.87
CA MET L 223 -12.87 20.50 1.38
C MET L 223 -12.75 19.09 0.83
N ALA L 224 -11.76 18.87 -0.05
CA ALA L 224 -11.54 17.54 -0.61
C ALA L 224 -10.09 17.25 -0.85
N THR L 225 -9.70 15.99 -0.68
CA THR L 225 -8.34 15.50 -0.90
C THR L 225 -8.39 14.03 -1.30
N ASN L 226 -7.28 13.54 -1.84
CA ASN L 226 -7.08 12.14 -2.19
C ASN L 226 -5.88 11.60 -1.39
N ARG L 227 -5.31 12.44 -0.50
CA ARG L 227 -4.14 12.14 0.32
C ARG L 227 -4.49 11.63 1.70
N GLY L 228 -3.69 10.70 2.20
CA GLY L 228 -3.80 10.17 3.56
C GLY L 228 -2.98 11.10 4.45
N ILE L 229 -1.95 10.57 5.12
CA ILE L 229 -1.08 11.41 5.94
C ILE L 229 -0.12 12.19 5.03
N THR L 230 0.05 13.51 5.27
CA THR L 230 0.96 14.38 4.51
C THR L 230 1.43 15.51 5.40
N ARG L 231 2.56 16.17 5.02
CA ARG L 231 3.05 17.30 5.78
C ARG L 231 2.10 18.46 5.62
N ILE L 232 1.91 19.25 6.68
CA ILE L 232 1.13 20.48 6.66
C ILE L 232 2.11 21.47 6.01
N ARG L 233 1.74 22.13 4.89
CA ARG L 233 2.63 23.09 4.25
C ARG L 233 2.96 24.23 5.23
N GLY L 234 4.22 24.61 5.28
CA GLY L 234 4.67 25.65 6.18
C GLY L 234 4.99 25.08 7.53
N THR L 235 5.19 23.76 7.57
CA THR L 235 5.39 22.99 8.78
C THR L 235 6.22 21.76 8.48
N SER L 236 6.87 21.22 9.51
CA SER L 236 7.70 20.02 9.45
C SER L 236 6.94 18.80 10.04
N TYR L 237 5.63 18.96 10.34
CA TYR L 237 4.76 17.93 10.91
C TYR L 237 3.85 17.31 9.88
N GLN L 238 3.64 15.99 10.00
CA GLN L 238 2.71 15.26 9.14
C GLN L 238 1.35 15.28 9.84
N SER L 239 0.28 15.06 9.09
CA SER L 239 -1.08 15.08 9.64
C SER L 239 -2.05 14.44 8.66
N PRO L 240 -3.19 13.84 9.13
CA PRO L 240 -4.19 13.30 8.19
C PRO L 240 -4.65 14.38 7.22
N HIS L 241 -4.54 14.08 5.91
CA HIS L 241 -4.96 14.93 4.79
C HIS L 241 -4.20 16.26 4.67
N GLY L 242 -3.15 16.42 5.48
CA GLY L 242 -2.33 17.63 5.51
C GLY L 242 -3.04 18.80 6.16
N ILE L 243 -4.04 18.50 7.03
CA ILE L 243 -4.87 19.47 7.75
C ILE L 243 -4.45 19.50 9.25
N PRO L 244 -4.28 20.68 9.87
CA PRO L 244 -3.94 20.72 11.31
C PRO L 244 -5.02 20.13 12.21
N ILE L 245 -4.62 19.60 13.39
CA ILE L 245 -5.56 18.97 14.37
C ILE L 245 -6.73 19.90 14.72
N ASP L 246 -6.45 21.24 14.91
CA ASP L 246 -7.47 22.25 15.24
C ASP L 246 -8.66 22.24 14.29
N LEU L 247 -8.40 22.18 12.96
CA LEU L 247 -9.44 22.14 11.93
C LEU L 247 -10.01 20.74 11.79
N LEU L 248 -9.14 19.70 11.78
CA LEU L 248 -9.57 18.31 11.65
C LEU L 248 -10.64 17.95 12.70
N ASP L 249 -10.46 18.41 13.95
CA ASP L 249 -11.39 18.20 15.06
C ASP L 249 -12.77 18.85 14.84
N ARG L 250 -12.88 19.76 13.85
CA ARG L 250 -14.12 20.46 13.49
C ARG L 250 -14.75 19.93 12.18
N LEU L 251 -14.14 18.90 11.56
CA LEU L 251 -14.59 18.33 10.28
C LEU L 251 -15.43 17.07 10.38
N LEU L 252 -16.37 16.89 9.41
CA LEU L 252 -17.16 15.68 9.23
C LEU L 252 -16.54 15.03 7.97
N ILE L 253 -15.76 13.95 8.16
CA ILE L 253 -15.06 13.27 7.06
C ILE L 253 -15.96 12.23 6.36
N VAL L 254 -16.17 12.43 5.03
CA VAL L 254 -16.98 11.61 4.14
C VAL L 254 -16.02 11.00 3.10
N SER L 255 -16.18 9.72 2.72
CA SER L 255 -15.32 9.10 1.72
C SER L 255 -16.08 8.65 0.48
N THR L 256 -15.46 8.82 -0.71
CA THR L 256 -16.04 8.41 -2.00
C THR L 256 -15.30 7.21 -2.55
N THR L 257 -16.05 6.17 -2.97
CA THR L 257 -15.55 4.92 -3.53
C THR L 257 -15.45 5.02 -5.06
N PRO L 258 -14.47 4.33 -5.72
CA PRO L 258 -14.37 4.42 -7.19
C PRO L 258 -15.52 3.68 -7.86
N TYR L 259 -15.90 4.11 -9.07
CA TYR L 259 -17.01 3.57 -9.84
C TYR L 259 -16.81 2.20 -10.48
N SER L 260 -17.90 1.43 -10.56
CA SER L 260 -17.94 0.10 -11.19
C SER L 260 -18.00 0.27 -12.71
N GLU L 261 -17.94 -0.84 -13.48
CA GLU L 261 -18.02 -0.81 -14.94
C GLU L 261 -19.38 -0.23 -15.37
N LYS L 262 -20.47 -0.70 -14.71
CA LYS L 262 -21.86 -0.28 -14.95
C LYS L 262 -22.07 1.21 -14.61
N ASP L 263 -21.47 1.70 -13.49
CA ASP L 263 -21.58 3.11 -13.06
C ASP L 263 -20.82 4.04 -13.99
N THR L 264 -19.59 3.66 -14.40
CA THR L 264 -18.71 4.40 -15.32
C THR L 264 -19.44 4.64 -16.65
N LYS L 265 -20.05 3.58 -17.21
CA LYS L 265 -20.80 3.62 -18.46
C LYS L 265 -21.98 4.60 -18.36
N GLN L 266 -22.74 4.54 -17.25
CA GLN L 266 -23.89 5.41 -17.01
C GLN L 266 -23.49 6.88 -16.93
N ILE L 267 -22.41 7.22 -16.18
CA ILE L 267 -21.90 8.58 -16.07
C ILE L 267 -21.48 9.08 -17.46
N LEU L 268 -20.79 8.23 -18.24
CA LEU L 268 -20.35 8.56 -19.59
C LEU L 268 -21.54 8.81 -20.53
N ARG L 269 -22.61 7.97 -20.43
CA ARG L 269 -23.83 8.15 -21.24
C ARG L 269 -24.54 9.47 -20.91
N ILE L 270 -24.53 9.87 -19.62
CA ILE L 270 -25.12 11.13 -19.14
C ILE L 270 -24.33 12.31 -19.69
N ARG L 271 -22.98 12.22 -19.72
CA ARG L 271 -22.11 13.29 -20.23
C ARG L 271 -22.31 13.50 -21.74
N CYS L 272 -22.48 12.40 -22.51
CA CYS L 272 -22.72 12.42 -23.95
C CYS L 272 -24.00 13.21 -24.25
N GLU L 273 -25.08 12.95 -23.47
CA GLU L 273 -26.35 13.65 -23.59
C GLU L 273 -26.18 15.15 -23.28
N GLU L 274 -25.46 15.46 -22.19
CA GLU L 274 -25.23 16.82 -21.73
C GLU L 274 -24.45 17.66 -22.73
N GLU L 278 -23.25 10.63 -29.77
CA GLU L 278 -23.93 9.34 -29.83
C GLU L 278 -22.92 8.24 -30.17
N MET L 279 -22.94 7.15 -29.37
CA MET L 279 -22.02 6.02 -29.53
C MET L 279 -22.73 4.69 -29.83
N SER L 280 -21.97 3.76 -30.44
CA SER L 280 -22.43 2.43 -30.83
C SER L 280 -22.77 1.57 -29.65
N THR L 288 -15.83 3.00 -21.54
CA THR L 288 -15.93 2.49 -20.17
C THR L 288 -14.68 1.70 -19.81
N ARG L 289 -14.14 0.89 -20.73
CA ARG L 289 -12.91 0.13 -20.49
C ARG L 289 -11.71 1.08 -20.35
N ILE L 290 -11.56 2.04 -21.32
CA ILE L 290 -10.50 3.06 -21.32
C ILE L 290 -10.57 3.90 -20.05
N GLY L 291 -11.78 4.21 -19.57
CA GLY L 291 -12.02 4.96 -18.35
C GLY L 291 -11.62 4.21 -17.09
N LEU L 292 -11.92 2.89 -17.04
CA LEU L 292 -11.57 2.03 -15.91
C LEU L 292 -10.07 1.77 -15.83
N GLU L 293 -9.38 1.71 -16.97
CA GLU L 293 -7.93 1.48 -17.04
C GLU L 293 -7.12 2.76 -16.80
N THR L 294 -7.69 3.94 -17.15
CA THR L 294 -7.02 5.24 -16.97
C THR L 294 -7.74 6.06 -15.87
N SER L 295 -8.67 6.96 -16.26
CA SER L 295 -9.48 7.82 -15.40
C SER L 295 -10.78 8.22 -16.10
N LEU L 296 -11.81 8.59 -15.31
CA LEU L 296 -13.11 9.05 -15.80
C LEU L 296 -12.93 10.34 -16.64
N ARG L 297 -12.02 11.23 -16.19
CA ARG L 297 -11.71 12.49 -16.86
C ARG L 297 -11.13 12.26 -18.24
N TYR L 298 -10.16 11.30 -18.37
CA TYR L 298 -9.53 10.98 -19.67
C TYR L 298 -10.54 10.38 -20.63
N ALA L 299 -11.41 9.48 -20.13
CA ALA L 299 -12.47 8.90 -20.94
C ALA L 299 -13.39 10.00 -21.47
N ILE L 300 -13.79 10.96 -20.59
CA ILE L 300 -14.65 12.10 -20.96
C ILE L 300 -13.95 13.06 -21.96
N GLN L 301 -12.64 13.22 -21.81
CA GLN L 301 -11.82 14.04 -22.73
C GLN L 301 -11.87 13.46 -24.17
N LEU L 302 -11.95 12.13 -24.30
CA LEU L 302 -11.98 11.43 -25.59
C LEU L 302 -13.32 11.59 -26.31
N SER L 307 -18.69 16.86 -34.53
CA SER L 307 -17.44 17.51 -34.16
C SER L 307 -16.33 16.49 -33.94
N LEU L 308 -16.67 15.36 -33.27
CA LEU L 308 -15.72 14.28 -33.01
C LEU L 308 -15.31 13.59 -34.32
N VAL L 309 -14.03 13.19 -34.39
CA VAL L 309 -13.42 12.48 -35.52
C VAL L 309 -14.10 11.10 -35.68
N GLU L 317 -23.09 7.95 -35.66
CA GLU L 317 -22.80 7.27 -34.41
C GLU L 317 -21.33 6.84 -34.32
N VAL L 318 -20.64 7.27 -33.23
CA VAL L 318 -19.25 6.97 -32.92
C VAL L 318 -19.05 5.47 -32.72
N GLN L 319 -18.20 4.85 -33.57
CA GLN L 319 -17.91 3.43 -33.51
C GLN L 319 -16.51 3.19 -32.87
N VAL L 320 -16.19 1.92 -32.50
CA VAL L 320 -14.94 1.53 -31.84
C VAL L 320 -13.67 2.09 -32.47
N ASP L 321 -13.60 2.09 -33.82
CA ASP L 321 -12.43 2.61 -34.56
C ASP L 321 -12.17 4.12 -34.34
N ASP L 322 -13.25 4.91 -34.09
CA ASP L 322 -13.15 6.34 -33.80
C ASP L 322 -12.50 6.55 -32.39
N ILE L 323 -13.02 5.83 -31.37
CA ILE L 323 -12.51 5.85 -30.00
C ILE L 323 -11.08 5.32 -29.99
N LYS L 324 -10.80 4.26 -30.79
CA LYS L 324 -9.48 3.64 -30.93
C LYS L 324 -8.43 4.61 -31.48
N ARG L 325 -8.74 5.35 -32.59
CA ARG L 325 -7.85 6.33 -33.22
C ARG L 325 -7.46 7.43 -32.21
N VAL L 326 -8.48 8.03 -31.59
CA VAL L 326 -8.37 9.11 -30.63
C VAL L 326 -7.57 8.73 -29.36
N TYR L 327 -7.67 7.46 -28.93
CA TYR L 327 -6.95 6.92 -27.78
C TYR L 327 -5.46 6.86 -28.10
N SER L 328 -5.11 6.40 -29.31
CA SER L 328 -3.71 6.28 -29.72
C SER L 328 -3.08 7.66 -30.01
N LEU L 329 -3.91 8.68 -30.40
CA LEU L 329 -3.44 10.03 -30.70
C LEU L 329 -3.16 10.86 -29.45
N PHE L 330 -4.16 10.95 -28.53
CA PHE L 330 -4.08 11.73 -27.30
C PHE L 330 -3.78 10.86 -26.13
N LEU L 331 -2.57 11.01 -25.55
CA LEU L 331 -2.13 10.20 -24.43
C LEU L 331 -2.69 10.64 -23.11
N ASP L 332 -2.73 9.69 -22.16
CA ASP L 332 -3.15 9.89 -20.77
C ASP L 332 -1.86 9.95 -19.94
N GLU L 333 -1.95 10.51 -18.71
CA GLU L 333 -0.83 10.67 -17.79
C GLU L 333 0.08 9.42 -17.68
N SER L 334 -0.51 8.22 -17.52
CA SER L 334 0.23 6.94 -17.41
C SER L 334 1.15 6.66 -18.59
N ARG L 335 0.62 6.74 -19.83
CA ARG L 335 1.39 6.50 -21.04
C ARG L 335 2.42 7.61 -21.31
N SER L 336 2.02 8.89 -21.21
CA SER L 336 2.95 10.01 -21.46
C SER L 336 4.17 10.02 -20.54
N THR L 337 3.96 9.75 -19.24
CA THR L 337 5.07 9.68 -18.27
C THR L 337 5.95 8.47 -18.50
N GLN L 338 5.35 7.30 -18.87
CA GLN L 338 6.13 6.08 -19.14
C GLN L 338 6.97 6.21 -20.42
N TYR L 339 6.42 6.86 -21.49
CA TYR L 339 7.13 7.09 -22.75
C TYR L 339 8.35 8.01 -22.54
N MET L 340 8.24 8.99 -21.62
CA MET L 340 9.32 9.92 -21.25
C MET L 340 10.45 9.25 -20.47
N LYS L 341 10.11 8.19 -19.70
CA LYS L 341 11.07 7.41 -18.91
C LYS L 341 11.56 6.21 -19.72
#